data_7KHV
#
_entry.id   7KHV
#
_cell.length_a   149.489
_cell.length_b   178.104
_cell.length_c   407.054
_cell.angle_alpha   90.000
_cell.angle_beta   90.000
_cell.angle_gamma   90.000
#
_symmetry.space_group_name_H-M   'C 2 2 21'
#
loop_
_entity.id
_entity.type
_entity.pdbx_description
1 polymer 'O-GlcNAcase NagJ'
2 non-polymer N-(5-{[6-(5-methyl[1,2,4]triazolo[1,5-a]pyrimidin-7-yl)-2,6-diazaspiro[3.4]octan-2-yl]methyl}-1,3-thiazol-2-yl)acetamide
3 non-polymer 'CALCIUM ION'
4 non-polymer 'SULFATE ION'
5 non-polymer 'CHLORIDE ION'
6 water water
#
_entity_poly.entity_id   1
_entity_poly.type   'polypeptide(L)'
_entity_poly.pdbx_seq_one_letter_code
;VGPKTGEENQVLVPNLNPTPENLEVVGDGFKITSSINLVGEEEADENAVNALREFLTANNIEINSENDPNSTTLIIGEVD
DDIPELDEALNGTTAENLKEEGYALVSNDGKIAIEGKDGDGTFYGVQTFKQLVKESNIPEVNITDYPTVSARGIVEGFYG
TPWTHQDRLDQIKFYGENKLNTYIYAPKDDPYHREKWREPYPESEMQRMQELINASAENKVDFVFGISPGIDIRFDGDAG
EEDFNHLITKAESLYDMGVRSFAIYWDNIQDKSAAKHAQVLNRFNEEFVKAKGDVKPLITCPTEYDTGAMVSNGQPRAYT
RIFAETVDPSIEVMWTGPGVVTNEIPLSDAQLISGIYDRNMAVWWNYPVTDYFKGKLALGPMHGLDKGLNQYVDFFTVNP
MEHAELSKISIHTAADYSWNMDNYDYDKAWNRAIDMLYGDLAEDMKVFANHSTRMDNKTWAKSGREDAPELRAKMDELWN
KLSSKEDASALIEELYGEFARMEEACNNLKANLPEVALEECSRQLDELITLAQGDKASLDMIVAQLNEDTEAYESAKEIA
QNKLNTALSSFAVISEKVAQSFIQEALSFDLTLI
;
_entity_poly.pdbx_strand_id   A,B,C,D,E,F
#
loop_
_chem_comp.id
_chem_comp.type
_chem_comp.name
_chem_comp.formula
CA non-polymer 'CALCIUM ION' 'Ca 2'
CL non-polymer 'CHLORIDE ION' 'Cl -1'
SO4 non-polymer 'SULFATE ION' 'O4 S -2'
X1A non-polymer N-(5-{[6-(5-methyl[1,2,4]triazolo[1,5-a]pyrimidin-7-yl)-2,6-diazaspiro[3.4]octan-2-yl]methyl}-1,3-thiazol-2-yl)acetamide 'C18 H22 N8 O S'
#
# COMPACT_ATOMS: atom_id res chain seq x y z
N ASN A 9 -7.46 26.50 -17.63
CA ASN A 9 -8.08 27.69 -18.31
C ASN A 9 -8.86 28.63 -17.38
N GLN A 10 -9.84 28.06 -16.67
CA GLN A 10 -10.79 28.84 -15.85
C GLN A 10 -10.10 29.48 -14.64
N VAL A 11 -10.37 30.78 -14.45
CA VAL A 11 -9.86 31.53 -13.28
C VAL A 11 -10.65 31.08 -12.06
N LEU A 12 -9.94 30.53 -11.08
CA LEU A 12 -10.55 29.97 -9.87
C LEU A 12 -10.79 31.06 -8.84
N VAL A 13 -11.75 30.80 -7.94
CA VAL A 13 -12.06 31.70 -6.83
C VAL A 13 -10.95 31.53 -5.78
N PRO A 14 -10.18 32.61 -5.50
CA PRO A 14 -9.13 32.49 -4.47
C PRO A 14 -9.68 32.44 -3.04
N ASN A 15 -8.78 32.39 -2.06
CA ASN A 15 -9.15 32.42 -0.64
C ASN A 15 -9.88 33.72 -0.32
N LEU A 16 -11.07 33.59 0.29
CA LEU A 16 -11.86 34.73 0.75
C LEU A 16 -12.08 34.64 2.25
N ASN A 17 -11.98 35.79 2.92
CA ASN A 17 -12.29 35.91 4.34
C ASN A 17 -12.94 37.28 4.63
N PRO A 18 -14.15 37.32 5.22
CA PRO A 18 -15.00 36.16 5.53
C PRO A 18 -15.51 35.43 4.30
N THR A 19 -16.02 34.22 4.51
CA THR A 19 -16.67 33.45 3.45
C THR A 19 -17.95 34.20 3.09
N PRO A 20 -18.12 34.62 1.82
CA PRO A 20 -19.39 35.25 1.46
C PRO A 20 -20.58 34.30 1.61
N GLU A 21 -21.73 34.87 1.96
CA GLU A 21 -22.94 34.10 2.20
C GLU A 21 -23.36 33.31 0.96
N ASN A 22 -23.47 34.03 -0.16
CA ASN A 22 -23.91 33.45 -1.44
C ASN A 22 -22.91 33.82 -2.50
N LEU A 23 -22.30 32.81 -3.11
CA LEU A 23 -21.31 32.99 -4.17
C LEU A 23 -21.58 31.93 -5.23
N GLU A 24 -21.85 32.37 -6.45
CA GLU A 24 -22.00 31.47 -7.60
C GLU A 24 -20.99 31.89 -8.65
N VAL A 25 -20.23 30.92 -9.16
CA VAL A 25 -19.33 31.13 -10.30
C VAL A 25 -20.21 30.98 -11.55
N VAL A 26 -20.11 31.96 -12.45
CA VAL A 26 -20.95 32.03 -13.68
C VAL A 26 -20.12 32.29 -14.96
N GLY A 27 -18.87 31.85 -14.98
CA GLY A 27 -17.97 32.11 -16.09
C GLY A 27 -16.54 31.69 -15.83
N ASP A 28 -15.73 31.76 -16.88
CA ASP A 28 -14.30 31.39 -16.83
C ASP A 28 -13.36 32.50 -16.32
N GLY A 29 -13.89 33.69 -16.03
CA GLY A 29 -13.09 34.81 -15.51
C GLY A 29 -12.49 35.64 -16.62
N PHE A 30 -11.82 36.72 -16.23
CA PHE A 30 -11.16 37.63 -17.18
C PHE A 30 -10.07 38.43 -16.53
N LYS A 31 -9.15 38.94 -17.37
CA LYS A 31 -8.06 39.81 -16.93
C LYS A 31 -8.58 41.25 -16.91
N ILE A 32 -8.32 41.94 -15.80
CA ILE A 32 -8.56 43.37 -15.66
C ILE A 32 -7.43 44.10 -16.39
N THR A 33 -7.80 45.11 -17.17
CA THR A 33 -6.86 45.88 -18.01
C THR A 33 -5.95 46.81 -17.20
N SER A 34 -4.90 47.30 -17.86
CA SER A 34 -3.86 48.17 -17.25
C SER A 34 -4.42 49.48 -16.68
N SER A 35 -5.46 49.99 -17.34
CA SER A 35 -6.28 51.09 -16.81
C SER A 35 -7.74 50.67 -16.85
N ILE A 36 -8.55 51.30 -15.98
CA ILE A 36 -9.97 50.97 -15.82
C ILE A 36 -10.86 52.22 -15.84
N ASN A 37 -12.11 52.01 -16.24
CA ASN A 37 -13.17 53.02 -16.12
C ASN A 37 -13.81 52.86 -14.74
N LEU A 38 -13.88 53.95 -13.98
CA LEU A 38 -14.50 53.95 -12.67
C LEU A 38 -15.77 54.80 -12.74
N VAL A 39 -16.92 54.16 -12.51
CA VAL A 39 -18.24 54.80 -12.56
C VAL A 39 -18.86 54.80 -11.15
N GLY A 40 -19.42 55.95 -10.76
CA GLY A 40 -20.03 56.13 -9.44
C GLY A 40 -19.09 56.59 -8.34
N GLU A 41 -17.90 57.07 -8.70
CA GLU A 41 -16.84 57.52 -7.76
C GLU A 41 -17.33 58.61 -6.79
N GLU A 42 -17.95 59.64 -7.36
CA GLU A 42 -18.43 60.82 -6.62
C GLU A 42 -19.67 60.54 -5.74
N GLU A 43 -20.54 59.63 -6.20
CA GLU A 43 -21.76 59.26 -5.45
C GLU A 43 -21.55 58.15 -4.40
N ALA A 44 -20.63 57.22 -4.63
CA ALA A 44 -20.39 56.10 -3.72
C ALA A 44 -19.71 56.50 -2.43
N ASP A 45 -19.80 55.60 -1.45
CA ASP A 45 -19.19 55.77 -0.12
C ASP A 45 -17.71 56.15 -0.23
N GLU A 46 -17.35 57.25 0.43
CA GLU A 46 -16.03 57.86 0.35
C GLU A 46 -14.92 56.91 0.80
N ASN A 47 -15.15 56.22 1.91
CA ASN A 47 -14.18 55.27 2.48
C ASN A 47 -13.98 54.06 1.56
N ALA A 48 -15.07 53.55 0.97
CA ALA A 48 -15.03 52.47 -0.02
C ALA A 48 -14.20 52.83 -1.26
N VAL A 49 -14.44 54.04 -1.77
CA VAL A 49 -13.68 54.58 -2.91
C VAL A 49 -12.18 54.78 -2.57
N ASN A 50 -11.87 55.33 -1.39
CA ASN A 50 -10.45 55.47 -0.95
C ASN A 50 -9.74 54.14 -0.87
N ALA A 51 -10.41 53.14 -0.30
CA ALA A 51 -9.87 51.77 -0.22
C ALA A 51 -9.65 51.16 -1.60
N LEU A 52 -10.58 51.40 -2.52
CA LEU A 52 -10.46 50.97 -3.92
C LEU A 52 -9.29 51.65 -4.65
N ARG A 53 -9.22 52.98 -4.55
CA ARG A 53 -8.10 53.77 -5.11
C ARG A 53 -6.72 53.28 -4.60
N GLU A 54 -6.60 53.09 -3.29
CA GLU A 54 -5.39 52.49 -2.66
C GLU A 54 -4.98 51.17 -3.31
N PHE A 55 -5.96 50.27 -3.47
CA PHE A 55 -5.73 48.94 -4.05
C PHE A 55 -5.28 48.98 -5.51
N LEU A 56 -6.00 49.75 -6.33
CA LEU A 56 -5.65 49.94 -7.75
C LEU A 56 -4.25 50.53 -7.91
N THR A 57 -3.98 51.65 -7.22
CA THR A 57 -2.64 52.29 -7.20
C THR A 57 -1.53 51.32 -6.80
N ALA A 58 -1.74 50.60 -5.70
CA ALA A 58 -0.79 49.58 -5.21
C ALA A 58 -0.55 48.42 -6.21
N ASN A 59 -1.55 48.08 -7.02
CA ASN A 59 -1.45 47.06 -8.08
C ASN A 59 -1.24 47.61 -9.51
N ASN A 60 -0.77 48.86 -9.64
CA ASN A 60 -0.44 49.49 -10.95
C ASN A 60 -1.61 49.44 -11.96
N ILE A 61 -2.79 49.86 -11.50
CA ILE A 61 -4.00 49.95 -12.32
C ILE A 61 -4.44 51.42 -12.29
N GLU A 62 -4.34 52.09 -13.44
CA GLU A 62 -4.64 53.51 -13.55
C GLU A 62 -6.15 53.70 -13.68
N ILE A 63 -6.64 54.85 -13.23
CA ILE A 63 -8.04 55.24 -13.44
C ILE A 63 -8.08 56.14 -14.68
N ASN A 64 -8.96 55.81 -15.63
CA ASN A 64 -9.17 56.61 -16.84
C ASN A 64 -9.87 57.93 -16.51
N SER A 65 -9.39 59.01 -17.14
CA SER A 65 -10.02 60.33 -17.06
C SER A 65 -11.33 60.34 -17.83
N GLU A 66 -11.28 59.85 -19.08
CA GLU A 66 -12.46 59.67 -19.95
C GLU A 66 -12.71 58.20 -20.18
N ASN A 67 -13.96 57.85 -20.49
CA ASN A 67 -14.34 56.44 -20.70
C ASN A 67 -13.66 55.83 -21.94
N ASP A 68 -12.95 54.71 -21.73
CA ASP A 68 -12.35 53.90 -22.77
C ASP A 68 -13.16 52.60 -22.85
N PRO A 69 -13.84 52.33 -23.99
CA PRO A 69 -14.61 51.07 -24.10
C PRO A 69 -13.78 49.78 -24.20
N ASN A 70 -12.47 49.89 -24.44
CA ASN A 70 -11.54 48.74 -24.39
C ASN A 70 -11.10 48.38 -22.96
N SER A 71 -11.15 49.34 -22.04
CA SER A 71 -10.78 49.13 -20.63
C SER A 71 -11.89 48.40 -19.87
N THR A 72 -11.49 47.70 -18.81
CA THR A 72 -12.43 47.13 -17.83
C THR A 72 -13.21 48.27 -17.14
N THR A 73 -14.49 48.02 -16.87
CA THR A 73 -15.34 48.99 -16.16
C THR A 73 -15.68 48.49 -14.74
N LEU A 74 -15.38 49.33 -13.75
CA LEU A 74 -15.79 49.09 -12.37
C LEU A 74 -16.88 50.11 -12.05
N ILE A 75 -18.05 49.63 -11.62
CA ILE A 75 -19.18 50.47 -11.23
C ILE A 75 -19.44 50.24 -9.73
N ILE A 76 -19.51 51.34 -8.97
CA ILE A 76 -19.61 51.29 -7.50
C ILE A 76 -20.68 52.25 -6.99
N GLY A 77 -21.40 51.83 -5.95
CA GLY A 77 -22.41 52.67 -5.33
C GLY A 77 -23.26 51.97 -4.30
N GLU A 78 -24.15 52.73 -3.70
CA GLU A 78 -25.15 52.23 -2.76
C GLU A 78 -26.49 52.08 -3.50
N VAL A 79 -27.37 51.25 -2.93
CA VAL A 79 -28.75 51.06 -3.46
C VAL A 79 -29.58 52.34 -3.64
N ASP A 80 -29.35 53.34 -2.80
CA ASP A 80 -30.04 54.65 -2.89
C ASP A 80 -29.41 55.65 -3.89
N ASP A 81 -28.25 55.33 -4.44
CA ASP A 81 -27.66 56.12 -5.54
C ASP A 81 -28.24 55.70 -6.87
N ASP A 82 -28.56 56.68 -7.72
CA ASP A 82 -29.13 56.43 -9.05
C ASP A 82 -27.97 56.33 -10.04
N ILE A 83 -27.61 55.09 -10.37
CA ILE A 83 -26.51 54.77 -11.28
C ILE A 83 -27.01 53.67 -12.23
N PRO A 84 -27.59 54.05 -13.39
CA PRO A 84 -28.11 53.06 -14.37
C PRO A 84 -27.10 52.00 -14.84
N GLU A 85 -25.85 52.42 -15.05
CA GLU A 85 -24.71 51.49 -15.33
C GLU A 85 -24.59 50.36 -14.30
N LEU A 86 -24.81 50.70 -13.03
CA LEU A 86 -24.77 49.74 -11.93
C LEU A 86 -25.90 48.73 -12.04
N ASP A 87 -27.11 49.22 -12.30
CA ASP A 87 -28.28 48.35 -12.49
C ASP A 87 -28.13 47.39 -13.68
N GLU A 88 -27.52 47.87 -14.76
CA GLU A 88 -27.28 47.05 -15.95
C GLU A 88 -26.24 45.95 -15.70
N ALA A 89 -25.12 46.32 -15.09
CA ALA A 89 -24.04 45.39 -14.76
C ALA A 89 -24.42 44.34 -13.71
N LEU A 90 -25.25 44.73 -12.74
CA LEU A 90 -25.78 43.81 -11.71
C LEU A 90 -26.69 42.74 -12.30
N ASN A 91 -27.50 43.12 -13.29
CA ASN A 91 -28.30 42.18 -14.11
C ASN A 91 -29.31 41.37 -13.28
N GLY A 92 -30.11 42.09 -12.50
CA GLY A 92 -31.10 41.49 -11.61
C GLY A 92 -30.68 41.18 -10.19
N THR A 93 -29.36 41.07 -9.91
CA THR A 93 -28.86 40.90 -8.54
C THR A 93 -29.09 42.21 -7.77
N THR A 94 -29.54 42.09 -6.52
CA THR A 94 -29.91 43.24 -5.69
C THR A 94 -29.34 43.17 -4.28
N ALA A 95 -29.06 44.35 -3.71
CA ALA A 95 -28.65 44.51 -2.32
C ALA A 95 -29.73 45.05 -1.37
N GLU A 96 -30.86 45.57 -1.91
CA GLU A 96 -31.90 46.23 -1.09
C GLU A 96 -32.56 45.31 -0.06
N ASN A 97 -32.72 44.03 -0.43
CA ASN A 97 -33.29 42.99 0.44
C ASN A 97 -32.32 42.41 1.50
N LEU A 98 -31.05 42.82 1.45
CA LEU A 98 -30.03 42.38 2.39
C LEU A 98 -30.03 43.25 3.62
N LYS A 99 -29.49 42.70 4.71
CA LYS A 99 -29.39 43.44 5.98
C LYS A 99 -28.29 44.50 5.94
N GLU A 100 -28.25 45.33 6.97
CA GLU A 100 -27.23 46.36 7.11
C GLU A 100 -25.82 45.76 7.07
N GLU A 101 -24.90 46.51 6.47
CA GLU A 101 -23.55 46.06 6.06
C GLU A 101 -23.50 45.08 4.86
N GLY A 102 -24.66 44.73 4.30
CA GLY A 102 -24.73 43.80 3.20
C GLY A 102 -24.38 44.47 1.88
N TYR A 103 -24.02 43.66 0.89
CA TYR A 103 -23.70 44.15 -0.44
C TYR A 103 -23.95 43.07 -1.49
N ALA A 104 -23.95 43.53 -2.74
CA ALA A 104 -23.96 42.67 -3.92
C ALA A 104 -22.71 42.96 -4.72
N LEU A 105 -22.10 41.91 -5.27
CA LEU A 105 -20.96 42.02 -6.17
C LEU A 105 -21.17 41.09 -7.37
N VAL A 106 -21.00 41.64 -8.58
CA VAL A 106 -21.15 40.90 -9.84
C VAL A 106 -19.96 41.26 -10.72
N SER A 107 -19.14 40.25 -11.05
CA SER A 107 -18.06 40.39 -12.04
C SER A 107 -18.48 39.56 -13.25
N ASN A 108 -18.52 40.21 -14.42
CA ASN A 108 -18.98 39.57 -15.65
C ASN A 108 -18.52 40.34 -16.89
N ASP A 109 -17.77 39.66 -17.76
CA ASP A 109 -17.42 40.13 -19.11
C ASP A 109 -16.85 41.57 -19.15
N GLY A 110 -15.73 41.76 -18.45
CA GLY A 110 -15.09 43.08 -18.34
C GLY A 110 -15.83 44.15 -17.57
N LYS A 111 -16.78 43.75 -16.71
CA LYS A 111 -17.53 44.66 -15.83
C LYS A 111 -17.60 44.10 -14.41
N ILE A 112 -17.21 44.91 -13.41
CA ILE A 112 -17.38 44.59 -11.99
C ILE A 112 -18.36 45.61 -11.39
N ALA A 113 -19.51 45.11 -10.91
CA ALA A 113 -20.50 45.89 -10.19
C ALA A 113 -20.39 45.63 -8.69
N ILE A 114 -20.34 46.69 -7.89
CA ILE A 114 -20.36 46.60 -6.41
C ILE A 114 -21.47 47.52 -5.90
N GLU A 115 -22.52 46.93 -5.32
CA GLU A 115 -23.65 47.68 -4.77
C GLU A 115 -23.86 47.39 -3.28
N GLY A 116 -23.60 48.37 -2.43
CA GLY A 116 -23.85 48.25 -1.01
C GLY A 116 -25.32 48.49 -0.66
N LYS A 117 -25.83 47.72 0.31
CA LYS A 117 -27.06 48.09 1.06
C LYS A 117 -26.90 49.45 1.73
N ASP A 118 -25.68 49.76 2.17
CA ASP A 118 -25.34 51.05 2.74
C ASP A 118 -23.84 51.30 2.51
N GLY A 119 -23.33 52.44 2.95
CA GLY A 119 -21.90 52.79 2.82
C GLY A 119 -20.91 51.76 3.36
N ASP A 120 -21.28 51.14 4.48
CA ASP A 120 -20.49 50.05 5.07
C ASP A 120 -20.46 48.82 4.17
N GLY A 121 -21.62 48.47 3.59
CA GLY A 121 -21.74 47.43 2.58
C GLY A 121 -20.86 47.62 1.35
N THR A 122 -20.88 48.84 0.82
CA THR A 122 -20.04 49.21 -0.34
C THR A 122 -18.55 49.04 0.00
N PHE A 123 -18.15 49.49 1.18
CA PHE A 123 -16.79 49.30 1.70
C PHE A 123 -16.41 47.82 1.77
N TYR A 124 -17.29 47.00 2.32
CA TYR A 124 -17.06 45.55 2.40
C TYR A 124 -17.07 44.87 1.03
N GLY A 125 -17.91 45.36 0.11
CA GLY A 125 -17.85 44.96 -1.31
C GLY A 125 -16.49 45.16 -1.95
N VAL A 126 -15.87 46.30 -1.67
CA VAL A 126 -14.49 46.59 -2.11
C VAL A 126 -13.48 45.61 -1.49
N GLN A 127 -13.66 45.26 -0.21
CA GLN A 127 -12.78 44.28 0.46
C GLN A 127 -12.82 42.89 -0.18
N THR A 128 -14.01 42.44 -0.57
CA THR A 128 -14.17 41.17 -1.29
C THR A 128 -13.50 41.24 -2.67
N PHE A 129 -13.78 42.31 -3.42
CA PHE A 129 -13.09 42.60 -4.69
C PHE A 129 -11.56 42.54 -4.57
N LYS A 130 -11.02 43.22 -3.57
CA LYS A 130 -9.57 43.18 -3.27
C LYS A 130 -9.02 41.75 -3.08
N GLN A 131 -9.79 40.90 -2.42
CA GLN A 131 -9.44 39.49 -2.25
C GLN A 131 -9.68 38.62 -3.50
N LEU A 132 -10.70 38.96 -4.30
CA LEU A 132 -10.98 38.26 -5.58
C LEU A 132 -9.94 38.39 -6.68
N VAL A 133 -9.22 39.53 -6.72
CA VAL A 133 -8.25 39.85 -7.79
C VAL A 133 -6.88 39.31 -7.45
N LYS A 134 -6.32 38.47 -8.32
CA LYS A 134 -4.95 37.93 -8.20
C LYS A 134 -4.24 38.03 -9.55
N GLU A 135 -3.15 38.81 -9.60
CA GLU A 135 -2.35 39.07 -10.82
C GLU A 135 -3.21 39.66 -11.95
N SER A 136 -4.02 40.66 -11.58
CA SER A 136 -5.04 41.29 -12.43
C SER A 136 -6.21 40.41 -12.92
N ASN A 137 -6.20 39.10 -12.63
CA ASN A 137 -7.28 38.19 -13.04
C ASN A 137 -8.33 38.14 -11.95
N ILE A 138 -9.59 38.03 -12.36
CA ILE A 138 -10.73 37.97 -11.47
C ILE A 138 -11.69 36.89 -11.98
N PRO A 139 -12.27 36.07 -11.08
CA PRO A 139 -13.31 35.15 -11.53
C PRO A 139 -14.61 35.86 -11.85
N GLU A 140 -15.46 35.19 -12.61
CA GLU A 140 -16.78 35.71 -12.99
C GLU A 140 -17.76 35.12 -12.00
N VAL A 141 -18.19 35.95 -11.04
CA VAL A 141 -19.01 35.52 -9.93
C VAL A 141 -20.23 36.42 -9.71
N ASN A 142 -21.23 35.84 -9.07
CA ASN A 142 -22.41 36.51 -8.60
C ASN A 142 -22.41 36.32 -7.07
N ILE A 143 -22.29 37.44 -6.34
CA ILE A 143 -22.25 37.44 -4.87
C ILE A 143 -23.36 38.33 -4.32
N THR A 144 -24.10 37.81 -3.34
CA THR A 144 -24.83 38.62 -2.36
C THR A 144 -24.33 38.16 -0.99
N ASP A 145 -24.14 39.12 -0.09
CA ASP A 145 -23.37 38.88 1.12
C ASP A 145 -23.75 39.86 2.23
N TYR A 146 -23.65 39.37 3.46
CA TYR A 146 -24.07 40.09 4.66
C TYR A 146 -23.66 39.31 5.93
N PRO A 147 -23.50 40.01 7.07
CA PRO A 147 -23.03 39.35 8.29
C PRO A 147 -24.12 38.57 9.04
N THR A 148 -23.72 37.50 9.71
CA THR A 148 -24.59 36.77 10.63
C THR A 148 -24.82 37.63 11.87
N VAL A 149 -23.72 38.15 12.43
CA VAL A 149 -23.72 38.89 13.68
C VAL A 149 -23.48 40.35 13.38
N SER A 150 -24.28 41.19 14.04
CA SER A 150 -24.32 42.63 13.78
C SER A 150 -23.02 43.33 14.13
N ALA A 151 -22.52 43.07 15.35
CA ALA A 151 -21.26 43.62 15.84
C ALA A 151 -20.20 42.52 15.99
N ARG A 152 -19.04 42.72 15.36
CA ARG A 152 -17.99 41.71 15.21
C ARG A 152 -16.65 42.39 15.42
N GLY A 153 -15.87 41.90 16.38
CA GLY A 153 -14.57 42.50 16.59
C GLY A 153 -13.70 42.07 17.74
N ILE A 154 -12.92 43.04 18.23
CA ILE A 154 -11.88 42.84 19.22
C ILE A 154 -12.20 43.72 20.42
N VAL A 155 -11.87 43.19 21.60
CA VAL A 155 -11.78 43.97 22.83
C VAL A 155 -10.34 43.88 23.31
N GLU A 156 -9.60 44.98 23.21
CA GLU A 156 -8.30 45.06 23.87
C GLU A 156 -8.57 45.25 25.36
N GLY A 157 -8.73 44.13 26.07
CA GLY A 157 -9.12 44.11 27.48
C GLY A 157 -8.28 43.25 28.39
N PHE A 158 -7.04 42.99 27.97
CA PHE A 158 -6.13 42.05 28.65
C PHE A 158 -5.28 42.83 29.65
N TYR A 159 -4.60 42.07 30.53
CA TYR A 159 -3.52 42.56 31.38
C TYR A 159 -2.20 42.34 30.66
N GLY A 160 -1.23 43.18 31.00
CA GLY A 160 0.09 43.19 30.39
C GLY A 160 0.28 44.43 29.54
N THR A 161 1.43 44.49 28.88
CA THR A 161 1.83 45.65 28.06
C THR A 161 0.77 45.90 26.99
N PRO A 162 0.09 47.08 27.06
CA PRO A 162 -0.94 47.35 26.05
C PRO A 162 -0.34 47.49 24.68
N TRP A 163 -1.17 47.27 23.66
CA TRP A 163 -0.76 47.43 22.27
C TRP A 163 -0.22 48.83 22.03
N THR A 164 0.79 48.91 21.15
CA THR A 164 1.35 50.20 20.77
C THR A 164 0.33 50.93 19.90
N HIS A 165 0.51 52.23 19.81
CA HIS A 165 -0.30 53.05 18.92
C HIS A 165 -0.24 52.53 17.47
N GLN A 166 0.95 52.17 17.03
CA GLN A 166 1.19 51.61 15.70
C GLN A 166 0.56 50.23 15.53
N ASP A 167 0.62 49.38 16.55
CA ASP A 167 -0.12 48.09 16.57
C ASP A 167 -1.60 48.30 16.31
N ARG A 168 -2.19 49.24 17.04
CA ARG A 168 -3.61 49.53 16.94
C ARG A 168 -4.04 50.04 15.56
N LEU A 169 -3.26 50.93 14.98
CA LEU A 169 -3.53 51.45 13.62
C LEU A 169 -3.48 50.33 12.58
N ASP A 170 -2.46 49.47 12.70
CA ASP A 170 -2.32 48.29 11.85
C ASP A 170 -3.49 47.30 12.04
N GLN A 171 -3.87 47.06 13.30
CA GLN A 171 -5.03 46.22 13.63
C GLN A 171 -6.34 46.75 13.03
N ILE A 172 -6.58 48.06 13.11
CA ILE A 172 -7.79 48.68 12.57
C ILE A 172 -7.91 48.48 11.05
N LYS A 173 -6.81 48.69 10.32
CA LYS A 173 -6.75 48.38 8.87
C LYS A 173 -7.11 46.90 8.61
N PHE A 174 -6.47 46.02 9.36
CA PHE A 174 -6.71 44.57 9.29
C PHE A 174 -8.18 44.20 9.53
N TYR A 175 -8.82 44.85 10.51
CA TYR A 175 -10.24 44.60 10.82
C TYR A 175 -11.14 44.98 9.64
N GLY A 176 -10.89 46.17 9.07
CA GLY A 176 -11.57 46.63 7.85
C GLY A 176 -11.44 45.66 6.69
N GLU A 177 -10.23 45.17 6.47
CA GLU A 177 -9.95 44.19 5.39
C GLU A 177 -10.69 42.86 5.54
N ASN A 178 -10.99 42.47 6.79
CA ASN A 178 -11.72 41.24 7.09
C ASN A 178 -13.14 41.44 7.62
N LYS A 179 -13.73 42.61 7.33
CA LYS A 179 -15.12 42.94 7.68
C LYS A 179 -15.48 42.91 9.18
N LEU A 180 -14.47 43.13 10.04
CA LEU A 180 -14.68 43.27 11.48
C LEU A 180 -14.93 44.75 11.74
N ASN A 181 -15.99 45.05 12.48
CA ASN A 181 -16.52 46.42 12.63
C ASN A 181 -16.50 47.01 14.06
N THR A 182 -15.88 46.31 15.01
CA THR A 182 -15.85 46.74 16.41
C THR A 182 -14.44 46.61 16.99
N TYR A 183 -13.93 47.69 17.57
CA TYR A 183 -12.70 47.68 18.34
C TYR A 183 -13.00 48.37 19.67
N ILE A 184 -12.88 47.63 20.78
CA ILE A 184 -13.12 48.17 22.12
C ILE A 184 -11.79 48.44 22.82
N TYR A 185 -11.55 49.73 23.10
CA TYR A 185 -10.39 50.16 23.85
C TYR A 185 -10.67 49.99 25.35
N ALA A 186 -10.04 48.99 25.96
CA ALA A 186 -10.13 48.80 27.41
C ALA A 186 -8.93 48.09 28.09
N PRO A 187 -7.68 48.47 27.71
CA PRO A 187 -6.52 47.77 28.27
C PRO A 187 -6.40 47.96 29.78
N LYS A 188 -6.33 46.85 30.51
CA LYS A 188 -6.35 46.86 31.99
C LYS A 188 -5.22 47.68 32.61
N ASP A 189 -4.04 47.67 31.98
CA ASP A 189 -2.85 48.39 32.49
C ASP A 189 -2.66 49.82 31.96
N ASP A 190 -3.65 50.35 31.22
CA ASP A 190 -3.73 51.79 30.97
C ASP A 190 -4.25 52.43 32.27
N PRO A 191 -3.41 53.24 32.97
CA PRO A 191 -3.89 53.86 34.21
C PRO A 191 -5.12 54.74 34.05
N TYR A 192 -5.20 55.44 32.92
CA TYR A 192 -6.31 56.35 32.65
C TYR A 192 -7.63 55.64 32.28
N HIS A 193 -7.56 54.34 31.96
CA HIS A 193 -8.73 53.49 31.76
C HIS A 193 -9.37 53.00 33.06
N ARG A 194 -8.56 52.74 34.08
CA ARG A 194 -8.98 51.89 35.21
C ARG A 194 -8.44 52.35 36.56
N GLU A 195 -7.14 52.25 36.78
CA GLU A 195 -6.51 52.61 38.07
C GLU A 195 -6.75 54.08 38.46
N LYS A 196 -6.53 54.97 37.50
CA LYS A 196 -6.69 56.42 37.65
C LYS A 196 -7.75 56.91 36.64
N TRP A 197 -8.90 56.23 36.64
CA TRP A 197 -9.97 56.43 35.65
C TRP A 197 -10.60 57.82 35.59
N ARG A 198 -10.60 58.53 36.71
CA ARG A 198 -11.07 59.93 36.77
C ARG A 198 -10.15 60.90 36.02
N GLU A 199 -8.84 60.64 36.03
CA GLU A 199 -7.87 61.57 35.48
C GLU A 199 -7.97 61.66 33.94
N PRO A 200 -7.92 62.90 33.40
CA PRO A 200 -7.93 63.07 31.95
C PRO A 200 -6.64 62.57 31.32
N TYR A 201 -6.75 62.07 30.09
CA TYR A 201 -5.57 61.66 29.31
C TYR A 201 -4.69 62.88 29.04
N PRO A 202 -3.34 62.71 29.03
CA PRO A 202 -2.46 63.77 28.50
C PRO A 202 -2.79 64.12 27.05
N GLU A 203 -2.49 65.35 26.66
CA GLU A 203 -2.72 65.83 25.29
C GLU A 203 -2.12 64.93 24.21
N SER A 204 -0.88 64.47 24.42
CA SER A 204 -0.20 63.56 23.50
C SER A 204 -0.99 62.27 23.26
N GLU A 205 -1.57 61.74 24.34
CA GLU A 205 -2.37 60.51 24.29
C GLU A 205 -3.73 60.75 23.64
N MET A 206 -4.34 61.90 23.93
CA MET A 206 -5.56 62.35 23.25
C MET A 206 -5.38 62.51 21.72
N GLN A 207 -4.23 63.02 21.29
CA GLN A 207 -3.90 63.11 19.86
C GLN A 207 -3.81 61.72 19.20
N ARG A 208 -3.19 60.77 19.91
CA ARG A 208 -3.16 59.36 19.47
C ARG A 208 -4.56 58.78 19.36
N MET A 209 -5.39 59.03 20.37
CA MET A 209 -6.82 58.61 20.35
C MET A 209 -7.57 59.12 19.11
N GLN A 210 -7.43 60.42 18.82
CA GLN A 210 -7.98 61.04 17.61
C GLN A 210 -7.55 60.30 16.32
N GLU A 211 -6.27 59.96 16.24
CA GLU A 211 -5.77 59.21 15.08
C GLU A 211 -6.45 57.82 14.95
N LEU A 212 -6.59 57.13 16.08
CA LEU A 212 -7.29 55.83 16.11
C LEU A 212 -8.74 55.94 15.68
N ILE A 213 -9.41 57.01 16.13
CA ILE A 213 -10.82 57.29 15.78
C ILE A 213 -10.96 57.55 14.28
N ASN A 214 -10.05 58.36 13.73
CA ASN A 214 -10.01 58.63 12.28
C ASN A 214 -9.79 57.36 11.46
N ALA A 215 -8.80 56.56 11.87
CA ALA A 215 -8.53 55.26 11.23
C ALA A 215 -9.72 54.28 11.33
N SER A 216 -10.40 54.29 12.48
CA SER A 216 -11.59 53.47 12.69
C SER A 216 -12.71 53.85 11.72
N ALA A 217 -13.00 55.15 11.62
CA ALA A 217 -13.99 55.69 10.67
C ALA A 217 -13.65 55.38 9.21
N GLU A 218 -12.38 55.60 8.85
CA GLU A 218 -11.83 55.23 7.53
C GLU A 218 -12.03 53.75 7.14
N ASN A 219 -12.03 52.84 8.13
CA ASN A 219 -12.20 51.40 7.92
C ASN A 219 -13.53 50.79 8.40
N LYS A 220 -14.56 51.63 8.59
CA LYS A 220 -15.90 51.22 9.07
C LYS A 220 -15.93 50.46 10.41
N VAL A 221 -14.99 50.79 11.28
CA VAL A 221 -14.87 50.21 12.60
C VAL A 221 -15.45 51.22 13.61
N ASP A 222 -16.35 50.73 14.46
CA ASP A 222 -16.77 51.44 15.65
C ASP A 222 -15.67 51.38 16.71
N PHE A 223 -14.99 52.50 16.91
CA PHE A 223 -14.13 52.68 18.07
C PHE A 223 -15.01 52.82 19.31
N VAL A 224 -14.95 51.82 20.19
CA VAL A 224 -15.70 51.83 21.45
C VAL A 224 -14.72 52.25 22.54
N PHE A 225 -14.98 53.40 23.16
CA PHE A 225 -14.17 53.87 24.28
C PHE A 225 -14.68 53.24 25.58
N GLY A 226 -13.83 52.41 26.18
CA GLY A 226 -14.12 51.77 27.45
C GLY A 226 -13.61 52.57 28.63
N ILE A 227 -14.34 52.49 29.74
CA ILE A 227 -13.91 53.00 31.05
C ILE A 227 -14.26 51.95 32.12
N SER A 228 -13.35 51.72 33.05
CA SER A 228 -13.50 50.71 34.10
C SER A 228 -13.33 51.38 35.48
N PRO A 229 -14.42 51.96 36.03
CA PRO A 229 -14.36 52.72 37.27
C PRO A 229 -14.62 51.95 38.58
N GLY A 230 -14.84 50.64 38.49
CA GLY A 230 -15.32 49.84 39.60
C GLY A 230 -14.42 49.64 40.81
N ILE A 231 -13.12 49.93 40.68
CA ILE A 231 -12.16 49.74 41.80
C ILE A 231 -12.53 50.62 42.99
N ASP A 232 -12.85 51.89 42.73
CA ASP A 232 -13.11 52.86 43.82
C ASP A 232 -14.21 53.90 43.58
N ILE A 233 -15.07 53.69 42.58
CA ILE A 233 -16.16 54.64 42.29
C ILE A 233 -17.12 54.73 43.48
N ARG A 234 -17.54 55.95 43.78
CA ARG A 234 -18.47 56.24 44.85
C ARG A 234 -19.82 56.53 44.19
N PHE A 235 -20.89 56.06 44.84
CA PHE A 235 -22.25 56.05 44.27
C PHE A 235 -23.21 57.10 44.88
N ASP A 236 -23.13 57.33 46.19
CA ASP A 236 -24.11 58.13 46.94
C ASP A 236 -23.61 59.54 47.26
N GLY A 237 -24.55 60.47 47.35
CA GLY A 237 -24.27 61.82 47.84
C GLY A 237 -23.47 62.68 46.88
N ASP A 238 -22.75 63.66 47.44
CA ASP A 238 -21.88 64.58 46.67
C ASP A 238 -20.71 63.88 45.99
N ALA A 239 -20.11 62.90 46.68
CA ALA A 239 -19.04 62.05 46.11
C ALA A 239 -19.54 61.29 44.88
N GLY A 240 -20.76 60.76 44.98
CA GLY A 240 -21.44 60.10 43.85
C GLY A 240 -21.68 60.98 42.64
N GLU A 241 -22.08 62.23 42.90
CA GLU A 241 -22.25 63.24 41.85
C GLU A 241 -20.94 63.66 41.21
N GLU A 242 -19.91 63.89 42.05
CA GLU A 242 -18.56 64.19 41.58
C GLU A 242 -18.00 63.08 40.66
N ASP A 243 -18.11 61.83 41.12
CA ASP A 243 -17.63 60.68 40.36
C ASP A 243 -18.38 60.41 39.09
N PHE A 244 -19.71 60.52 39.13
CA PHE A 244 -20.50 60.39 37.92
C PHE A 244 -20.14 61.45 36.88
N ASN A 245 -19.96 62.69 37.33
CA ASN A 245 -19.51 63.78 36.45
C ASN A 245 -18.12 63.55 35.86
N HIS A 246 -17.23 62.88 36.61
CA HIS A 246 -15.94 62.42 36.07
C HIS A 246 -16.11 61.44 34.88
N LEU A 247 -17.06 60.51 34.96
CA LEU A 247 -17.40 59.60 33.84
C LEU A 247 -17.87 60.36 32.61
N ILE A 248 -18.76 61.32 32.83
CA ILE A 248 -19.34 62.16 31.77
C ILE A 248 -18.26 63.01 31.11
N THR A 249 -17.47 63.70 31.92
CA THR A 249 -16.35 64.54 31.45
C THR A 249 -15.38 63.73 30.58
N LYS A 250 -14.98 62.57 31.09
CA LYS A 250 -14.08 61.64 30.38
C LYS A 250 -14.69 61.21 29.04
N ALA A 251 -15.94 60.74 29.08
CA ALA A 251 -16.68 60.34 27.86
C ALA A 251 -16.86 61.48 26.86
N GLU A 252 -17.19 62.67 27.38
CA GLU A 252 -17.31 63.90 26.58
C GLU A 252 -16.01 64.24 25.84
N SER A 253 -14.88 64.12 26.53
CA SER A 253 -13.56 64.39 25.92
C SER A 253 -13.30 63.54 24.66
N LEU A 254 -13.76 62.29 24.68
CA LEU A 254 -13.65 61.39 23.52
C LEU A 254 -14.78 61.50 22.52
N TYR A 255 -15.98 61.81 22.99
CA TYR A 255 -17.08 62.20 22.11
C TYR A 255 -16.70 63.35 21.19
N ASP A 256 -16.05 64.37 21.77
CA ASP A 256 -15.66 65.57 21.02
C ASP A 256 -14.65 65.28 19.91
N MET A 257 -13.86 64.22 20.06
CA MET A 257 -12.94 63.74 19.00
C MET A 257 -13.54 62.74 17.99
N GLY A 258 -14.82 62.38 18.13
CA GLY A 258 -15.53 61.52 17.18
C GLY A 258 -16.07 60.19 17.68
N VAL A 259 -15.87 59.85 18.96
CA VAL A 259 -16.31 58.56 19.50
C VAL A 259 -17.83 58.56 19.63
N ARG A 260 -18.47 57.53 19.08
CA ARG A 260 -19.92 57.34 19.15
C ARG A 260 -20.36 55.97 19.72
N SER A 261 -19.42 55.27 20.36
CA SER A 261 -19.70 54.01 21.06
C SER A 261 -18.91 54.00 22.35
N PHE A 262 -19.53 53.53 23.43
CA PHE A 262 -18.97 53.63 24.78
C PHE A 262 -19.23 52.34 25.54
N ALA A 263 -18.27 51.98 26.41
CA ALA A 263 -18.41 50.84 27.32
C ALA A 263 -18.03 51.23 28.74
N ILE A 264 -18.80 50.75 29.71
CA ILE A 264 -18.50 50.94 31.15
C ILE A 264 -18.48 49.54 31.76
N TYR A 265 -17.30 49.12 32.21
CA TYR A 265 -17.06 47.74 32.63
C TYR A 265 -16.93 47.61 34.15
N TRP A 266 -17.49 46.50 34.67
CA TRP A 266 -17.48 46.16 36.11
C TRP A 266 -16.78 44.81 36.39
N ASP A 267 -15.90 44.35 35.49
CA ASP A 267 -15.23 43.05 35.61
C ASP A 267 -13.98 43.13 36.49
N ASN A 268 -13.74 42.05 37.25
CA ASN A 268 -12.52 41.84 38.04
C ASN A 268 -12.32 42.90 39.13
N ILE A 269 -13.40 43.22 39.83
CA ILE A 269 -13.38 44.19 40.93
C ILE A 269 -13.90 43.54 42.21
N GLN A 270 -13.48 44.10 43.35
CA GLN A 270 -13.98 43.67 44.65
C GLN A 270 -15.48 43.95 44.81
N ASP A 271 -15.90 45.16 44.44
CA ASP A 271 -17.27 45.62 44.72
C ASP A 271 -18.30 44.88 43.88
N LYS A 272 -19.34 44.37 44.56
CA LYS A 272 -20.46 43.70 43.91
C LYS A 272 -21.78 44.37 44.30
N SER A 273 -21.82 45.70 44.14
CA SER A 273 -23.01 46.50 44.42
C SER A 273 -23.86 46.53 43.14
N ALA A 274 -24.60 45.44 42.93
CA ALA A 274 -25.35 45.18 41.67
C ALA A 274 -26.23 46.32 41.20
N ALA A 275 -27.13 46.75 42.08
CA ALA A 275 -28.07 47.84 41.81
C ALA A 275 -27.33 49.12 41.43
N LYS A 276 -26.32 49.46 42.23
CA LYS A 276 -25.49 50.65 42.01
C LYS A 276 -24.73 50.63 40.68
N HIS A 277 -24.20 49.47 40.29
CA HIS A 277 -23.54 49.32 38.98
C HIS A 277 -24.51 49.60 37.83
N ALA A 278 -25.64 48.91 37.87
CA ALA A 278 -26.72 49.12 36.90
C ALA A 278 -27.25 50.56 36.87
N GLN A 279 -27.34 51.20 38.03
CA GLN A 279 -27.84 52.59 38.15
C GLN A 279 -26.90 53.63 37.54
N VAL A 280 -25.59 53.43 37.74
CA VAL A 280 -24.56 54.21 37.01
C VAL A 280 -24.71 54.05 35.48
N LEU A 281 -24.92 52.81 35.02
CA LEU A 281 -25.15 52.54 33.58
C LEU A 281 -26.43 53.18 33.03
N ASN A 282 -27.53 53.02 33.76
CA ASN A 282 -28.81 53.62 33.38
C ASN A 282 -28.77 55.15 33.31
N ARG A 283 -28.08 55.76 34.28
CA ARG A 283 -27.92 57.22 34.32
C ARG A 283 -27.03 57.71 33.19
N PHE A 284 -25.94 57.01 32.93
CA PHE A 284 -25.09 57.30 31.76
C PHE A 284 -25.86 57.13 30.45
N ASN A 285 -26.66 56.07 30.35
CA ASN A 285 -27.56 55.85 29.21
C ASN A 285 -28.56 56.98 28.97
N GLU A 286 -29.15 57.47 30.05
CA GLU A 286 -30.13 58.56 30.01
C GLU A 286 -29.43 59.88 29.72
N GLU A 287 -28.47 60.24 30.57
CA GLU A 287 -27.82 61.55 30.54
C GLU A 287 -26.75 61.79 29.48
N PHE A 288 -26.23 60.71 28.88
CA PHE A 288 -25.20 60.81 27.85
C PHE A 288 -25.63 60.17 26.55
N VAL A 289 -25.91 58.86 26.56
CA VAL A 289 -26.22 58.13 25.31
C VAL A 289 -27.45 58.73 24.60
N LYS A 290 -28.61 58.70 25.26
CA LYS A 290 -29.87 59.29 24.73
C LYS A 290 -29.79 60.80 24.50
N ALA A 291 -29.05 61.49 25.39
CA ALA A 291 -28.77 62.93 25.31
C ALA A 291 -28.06 63.36 24.02
N LYS A 292 -27.00 62.64 23.67
CA LYS A 292 -26.27 62.93 22.44
C LYS A 292 -27.05 62.57 21.18
N GLY A 293 -27.84 61.49 21.22
CA GLY A 293 -28.74 61.12 20.12
C GLY A 293 -28.16 60.34 18.94
N ASP A 294 -26.83 60.46 18.72
CA ASP A 294 -26.08 59.73 17.67
C ASP A 294 -25.08 58.70 18.25
N VAL A 295 -25.32 58.27 19.50
CA VAL A 295 -24.44 57.34 20.19
C VAL A 295 -25.10 55.96 20.15
N LYS A 296 -24.29 54.95 19.86
CA LYS A 296 -24.74 53.54 19.77
C LYS A 296 -25.06 53.02 21.18
N PRO A 297 -25.74 51.86 21.28
CA PRO A 297 -26.07 51.33 22.60
C PRO A 297 -24.88 51.15 23.55
N LEU A 298 -25.08 51.53 24.81
CA LEU A 298 -24.06 51.43 25.84
C LEU A 298 -23.71 49.97 26.07
N ILE A 299 -22.42 49.70 26.23
CA ILE A 299 -21.88 48.35 26.41
C ILE A 299 -21.44 48.22 27.86
N THR A 300 -21.66 47.06 28.45
CA THR A 300 -21.16 46.77 29.79
C THR A 300 -20.77 45.32 29.93
N CYS A 301 -20.14 45.03 31.07
CA CYS A 301 -19.84 43.68 31.51
C CYS A 301 -20.04 43.67 33.03
N PRO A 302 -20.93 42.78 33.55
CA PRO A 302 -21.12 42.77 35.01
C PRO A 302 -19.96 42.11 35.76
N THR A 303 -19.93 42.28 37.08
CA THR A 303 -18.91 41.64 37.93
C THR A 303 -18.99 40.11 37.93
N GLU A 304 -20.21 39.58 37.85
CA GLU A 304 -20.45 38.19 37.51
C GLU A 304 -20.64 38.15 36.00
N TYR A 305 -19.66 37.59 35.30
CA TYR A 305 -19.65 37.55 33.82
C TYR A 305 -19.38 36.21 33.13
N ASP A 306 -19.09 35.15 33.90
CA ASP A 306 -19.08 33.79 33.38
C ASP A 306 -20.21 33.03 34.06
N THR A 307 -20.73 31.99 33.41
CA THR A 307 -21.90 31.26 33.89
C THR A 307 -21.72 30.65 35.28
N GLY A 308 -20.51 30.16 35.59
CA GLY A 308 -20.19 29.67 36.94
C GLY A 308 -20.35 30.75 38.00
N ALA A 309 -19.94 31.98 37.67
CA ALA A 309 -20.10 33.14 38.56
C ALA A 309 -21.51 33.72 38.63
N MET A 310 -22.28 33.55 37.55
CA MET A 310 -23.60 34.16 37.38
C MET A 310 -24.75 33.27 37.82
N VAL A 311 -24.60 31.96 37.65
CA VAL A 311 -25.67 30.98 37.86
C VAL A 311 -25.27 29.98 38.95
N SER A 312 -26.26 29.61 39.78
CA SER A 312 -26.16 28.56 40.79
C SER A 312 -27.48 27.77 40.80
N ASN A 313 -27.39 26.45 40.59
CA ASN A 313 -28.54 25.51 40.55
C ASN A 313 -29.58 25.89 39.48
N GLY A 314 -29.09 26.27 38.31
CA GLY A 314 -29.95 26.74 37.20
C GLY A 314 -30.64 28.09 37.34
N GLN A 315 -30.39 28.82 38.44
CA GLN A 315 -31.00 30.12 38.73
C GLN A 315 -29.89 31.16 38.84
N PRO A 316 -30.20 32.44 38.49
CA PRO A 316 -29.17 33.49 38.66
C PRO A 316 -28.82 33.72 40.13
N ARG A 317 -27.55 34.05 40.39
CA ARG A 317 -27.12 34.43 41.73
C ARG A 317 -27.62 35.85 42.05
N ALA A 318 -27.50 36.24 43.31
CA ALA A 318 -28.07 37.51 43.82
C ALA A 318 -27.68 38.74 42.99
N TYR A 319 -26.37 38.90 42.77
CA TYR A 319 -25.83 40.03 41.98
C TYR A 319 -26.43 40.06 40.56
N THR A 320 -26.31 38.93 39.86
CA THR A 320 -26.82 38.79 38.49
C THR A 320 -28.32 39.05 38.36
N ARG A 321 -29.09 38.54 39.32
CA ARG A 321 -30.54 38.76 39.34
C ARG A 321 -30.86 40.25 39.45
N ILE A 322 -30.23 40.93 40.41
CA ILE A 322 -30.41 42.36 40.65
C ILE A 322 -29.93 43.19 39.45
N PHE A 323 -28.74 42.87 38.94
CA PHE A 323 -28.18 43.55 37.74
C PHE A 323 -29.11 43.43 36.54
N ALA A 324 -29.53 42.19 36.25
CA ALA A 324 -30.46 41.91 35.14
C ALA A 324 -31.80 42.63 35.27
N GLU A 325 -32.41 42.58 36.46
CA GLU A 325 -33.70 43.30 36.71
C GLU A 325 -33.56 44.83 36.67
N THR A 326 -32.38 45.36 37.04
CA THR A 326 -32.16 46.82 37.07
C THR A 326 -31.70 47.42 35.73
N VAL A 327 -30.77 46.77 35.02
CA VAL A 327 -30.10 47.37 33.85
C VAL A 327 -31.07 47.60 32.69
N ASP A 328 -30.97 48.77 32.04
CA ASP A 328 -31.87 49.16 30.93
C ASP A 328 -31.80 48.16 29.75
N PRO A 329 -32.96 47.82 29.12
CA PRO A 329 -33.03 46.85 28.00
C PRO A 329 -32.12 47.12 26.78
N SER A 330 -31.91 48.39 26.47
CA SER A 330 -31.04 48.79 25.36
C SER A 330 -29.53 48.53 25.56
N ILE A 331 -29.09 48.38 26.81
CA ILE A 331 -27.66 48.21 27.13
C ILE A 331 -27.18 46.82 26.71
N GLU A 332 -26.03 46.77 26.02
CA GLU A 332 -25.39 45.50 25.62
C GLU A 332 -24.64 44.95 26.81
N VAL A 333 -24.99 43.73 27.24
CA VAL A 333 -24.35 43.06 28.37
C VAL A 333 -23.42 41.95 27.82
N MET A 334 -22.14 42.04 28.16
CA MET A 334 -21.14 41.04 27.80
C MET A 334 -21.06 39.92 28.83
N TRP A 335 -20.83 38.70 28.34
CA TRP A 335 -20.42 37.56 29.19
C TRP A 335 -19.40 36.72 28.41
N THR A 336 -18.65 35.87 29.13
CA THR A 336 -17.50 35.15 28.56
C THR A 336 -17.74 33.67 28.22
N GLY A 337 -18.96 33.19 28.46
CA GLY A 337 -19.32 31.77 28.38
C GLY A 337 -19.37 31.08 29.73
N PRO A 338 -19.35 29.73 29.74
CA PRO A 338 -19.39 28.91 30.97
C PRO A 338 -18.32 29.18 32.03
N GLY A 339 -17.17 29.69 31.60
CA GLY A 339 -16.08 30.12 32.46
C GLY A 339 -15.35 31.31 31.83
N VAL A 340 -14.36 31.84 32.54
CA VAL A 340 -13.57 32.99 32.09
C VAL A 340 -12.80 32.60 30.83
N VAL A 341 -12.06 31.50 30.94
CA VAL A 341 -11.40 30.83 29.81
C VAL A 341 -11.90 29.37 29.79
N THR A 342 -12.67 29.03 28.77
CA THR A 342 -13.43 27.78 28.72
C THR A 342 -13.41 27.17 27.32
N ASN A 343 -13.64 25.86 27.25
CA ASN A 343 -13.57 25.10 25.99
C ASN A 343 -14.62 25.51 24.97
N GLU A 344 -15.84 25.73 25.44
CA GLU A 344 -17.00 25.90 24.58
C GLU A 344 -17.97 26.93 25.11
N ILE A 345 -18.73 27.53 24.19
CA ILE A 345 -20.03 28.11 24.52
C ILE A 345 -21.03 27.24 23.74
N PRO A 346 -21.62 26.21 24.41
CA PRO A 346 -22.75 25.50 23.76
C PRO A 346 -23.98 26.39 23.72
N LEU A 347 -24.91 26.04 22.83
CA LEU A 347 -26.15 26.80 22.66
C LEU A 347 -26.98 26.95 23.93
N SER A 348 -27.00 25.89 24.76
CA SER A 348 -27.73 25.92 26.05
C SER A 348 -27.24 27.00 27.03
N ASP A 349 -25.93 27.27 27.03
CA ASP A 349 -25.35 28.34 27.86
C ASP A 349 -25.84 29.73 27.43
N ALA A 350 -25.75 29.98 26.13
CA ALA A 350 -26.26 31.21 25.53
C ALA A 350 -27.76 31.42 25.79
N GLN A 351 -28.55 30.35 25.62
CA GLN A 351 -29.98 30.32 25.97
C GLN A 351 -30.25 30.70 27.42
N LEU A 352 -29.52 30.06 28.35
CA LEU A 352 -29.62 30.32 29.79
C LEU A 352 -29.38 31.78 30.15
N ILE A 353 -28.26 32.32 29.70
CA ILE A 353 -27.82 33.67 30.07
C ILE A 353 -28.68 34.73 29.36
N SER A 354 -28.94 34.53 28.06
CA SER A 354 -29.89 35.37 27.31
C SER A 354 -31.28 35.43 27.97
N GLY A 355 -31.75 34.29 28.46
CA GLY A 355 -33.01 34.20 29.20
C GLY A 355 -33.03 34.99 30.50
N ILE A 356 -31.94 34.88 31.26
CA ILE A 356 -31.75 35.64 32.52
C ILE A 356 -31.80 37.14 32.28
N TYR A 357 -31.08 37.60 31.26
CA TYR A 357 -31.03 39.02 30.87
C TYR A 357 -32.17 39.49 29.95
N ASP A 358 -32.96 38.54 29.43
CA ASP A 358 -34.12 38.79 28.56
C ASP A 358 -33.75 39.64 27.33
N ARG A 359 -32.61 39.30 26.73
CA ARG A 359 -32.06 40.05 25.59
C ARG A 359 -31.00 39.22 24.88
N ASN A 360 -30.70 39.57 23.64
CA ASN A 360 -29.56 39.00 22.93
C ASN A 360 -28.27 39.51 23.59
N MET A 361 -27.34 38.57 23.81
CA MET A 361 -26.14 38.84 24.59
C MET A 361 -24.95 39.26 23.73
N ALA A 362 -23.96 39.83 24.41
CA ALA A 362 -22.67 40.14 23.82
C ALA A 362 -21.66 39.15 24.37
N VAL A 363 -20.72 38.71 23.52
CA VAL A 363 -19.66 37.78 23.91
C VAL A 363 -18.31 38.51 24.02
N TRP A 364 -17.64 38.29 25.15
CA TRP A 364 -16.24 38.62 25.38
C TRP A 364 -15.56 37.25 25.38
N TRP A 365 -15.05 36.82 24.23
CA TRP A 365 -14.40 35.51 24.13
C TRP A 365 -12.92 35.60 24.48
N ASN A 366 -12.50 34.90 25.53
CA ASN A 366 -11.09 34.93 25.99
C ASN A 366 -10.22 33.87 25.31
N TYR A 367 -10.05 34.11 24.02
CA TYR A 367 -9.11 33.42 23.16
C TYR A 367 -8.96 34.33 21.92
N PRO A 368 -7.75 34.73 21.51
CA PRO A 368 -6.49 34.09 21.86
C PRO A 368 -5.71 34.69 23.04
N VAL A 369 -6.32 35.51 23.89
CA VAL A 369 -5.62 36.11 25.03
C VAL A 369 -4.79 35.10 25.85
N THR A 370 -3.55 35.49 26.19
CA THR A 370 -2.62 34.62 26.93
C THR A 370 -2.06 35.26 28.22
N ASP A 371 -2.67 36.33 28.73
CA ASP A 371 -2.14 37.03 29.92
C ASP A 371 -2.01 36.18 31.20
N TYR A 372 -2.88 35.18 31.32
CA TYR A 372 -2.85 34.12 32.35
C TYR A 372 -1.77 33.01 32.17
N PHE A 373 -1.18 32.91 30.98
CA PHE A 373 -0.23 31.83 30.62
C PHE A 373 0.65 32.29 29.46
N LYS A 374 1.48 33.30 29.76
CA LYS A 374 2.17 34.11 28.74
C LYS A 374 3.24 33.38 27.95
N GLY A 375 3.77 32.29 28.51
CA GLY A 375 4.71 31.44 27.82
C GLY A 375 4.26 30.86 26.50
N LYS A 376 2.96 30.53 26.38
CA LYS A 376 2.40 29.95 25.16
C LYS A 376 1.69 30.98 24.30
N LEU A 377 1.83 30.81 22.97
CA LEU A 377 1.11 31.60 21.97
C LEU A 377 -0.16 30.87 21.54
N ALA A 378 -1.29 31.58 21.51
CA ALA A 378 -2.57 31.00 21.07
C ALA A 378 -2.79 31.33 19.59
N LEU A 379 -2.44 30.37 18.73
CA LEU A 379 -2.41 30.55 17.29
C LEU A 379 -3.44 29.69 16.57
N GLY A 380 -4.50 29.29 17.28
CA GLY A 380 -5.53 28.43 16.73
C GLY A 380 -6.77 29.18 16.31
N PRO A 381 -7.73 28.48 15.70
CA PRO A 381 -8.97 29.11 15.26
C PRO A 381 -9.96 29.29 16.41
N MET A 382 -11.06 29.98 16.11
CA MET A 382 -12.24 29.94 16.97
C MET A 382 -12.70 28.50 17.04
N HIS A 383 -12.81 27.99 18.27
CA HIS A 383 -13.07 26.58 18.54
C HIS A 383 -13.97 26.42 19.76
N GLY A 384 -14.97 25.56 19.65
CA GLY A 384 -15.97 25.32 20.70
C GLY A 384 -17.16 26.26 20.77
N LEU A 385 -17.21 27.29 19.92
CA LEU A 385 -18.32 28.24 19.88
C LEU A 385 -19.40 27.67 18.98
N ASP A 386 -20.60 27.49 19.54
CA ASP A 386 -21.72 26.86 18.82
C ASP A 386 -22.07 27.66 17.58
N LYS A 387 -22.35 26.94 16.48
CA LYS A 387 -22.67 27.57 15.19
C LYS A 387 -24.10 28.15 15.10
N GLY A 388 -24.97 27.87 16.08
CA GLY A 388 -26.26 28.56 16.23
C GLY A 388 -26.32 29.66 17.29
N LEU A 389 -25.16 30.17 17.71
CA LEU A 389 -25.07 31.13 18.84
C LEU A 389 -25.73 32.47 18.53
N ASN A 390 -25.72 32.85 17.27
CA ASN A 390 -26.46 34.00 16.71
C ASN A 390 -27.95 34.12 17.08
N GLN A 391 -28.58 32.99 17.37
CA GLN A 391 -29.92 32.97 17.97
C GLN A 391 -30.05 33.75 19.29
N TYR A 392 -29.00 33.75 20.11
CA TYR A 392 -29.00 34.45 21.40
C TYR A 392 -27.93 35.53 21.57
N VAL A 393 -27.12 35.77 20.52
CA VAL A 393 -25.95 36.66 20.57
C VAL A 393 -26.00 37.58 19.35
N ASP A 394 -25.89 38.88 19.58
CA ASP A 394 -25.89 39.91 18.51
C ASP A 394 -24.57 40.72 18.40
N PHE A 395 -23.57 40.32 19.20
CA PHE A 395 -22.36 41.12 19.44
C PHE A 395 -21.27 40.12 19.85
N PHE A 396 -20.25 39.97 19.00
CA PHE A 396 -19.20 38.97 19.22
C PHE A 396 -17.84 39.63 19.18
N THR A 397 -17.09 39.53 20.27
CA THR A 397 -15.72 40.03 20.34
C THR A 397 -14.77 39.00 20.91
N VAL A 398 -13.49 39.12 20.53
CA VAL A 398 -12.40 38.31 21.08
C VAL A 398 -11.44 39.20 21.86
N ASN A 399 -10.92 38.67 22.97
CA ASN A 399 -9.86 39.32 23.72
C ASN A 399 -8.56 38.71 23.18
N PRO A 400 -7.70 39.55 22.56
CA PRO A 400 -6.51 39.03 21.90
C PRO A 400 -5.31 38.94 22.83
N MET A 401 -4.19 38.46 22.28
CA MET A 401 -2.91 38.49 22.99
C MET A 401 -2.35 39.90 23.02
N GLU A 402 -1.50 40.18 24.01
CA GLU A 402 -0.60 41.36 23.97
C GLU A 402 0.28 41.39 22.72
N HIS A 403 0.53 40.21 22.15
CA HIS A 403 1.20 40.01 20.87
C HIS A 403 0.20 40.27 19.73
N ALA A 404 0.21 41.50 19.21
CA ALA A 404 -0.79 41.95 18.21
C ALA A 404 -0.68 41.23 16.86
N GLU A 405 0.54 41.13 16.34
CA GLU A 405 0.77 40.52 15.03
C GLU A 405 0.29 39.06 14.95
N LEU A 406 0.72 38.24 15.89
CA LEU A 406 0.34 36.82 15.93
C LEU A 406 -1.10 36.53 16.35
N SER A 407 -1.73 37.47 17.07
CA SER A 407 -3.18 37.45 17.30
C SER A 407 -4.03 37.44 16.02
N LYS A 408 -3.50 37.98 14.91
CA LYS A 408 -4.21 38.04 13.62
C LYS A 408 -4.70 36.69 13.10
N ILE A 409 -3.97 35.61 13.37
CA ILE A 409 -4.36 34.27 12.91
C ILE A 409 -5.72 33.89 13.48
N SER A 410 -5.84 33.97 14.80
CA SER A 410 -7.10 33.66 15.48
C SER A 410 -8.20 34.67 15.17
N ILE A 411 -7.85 35.96 15.11
CA ILE A 411 -8.79 37.03 14.75
C ILE A 411 -9.37 36.86 13.35
N HIS A 412 -8.52 36.47 12.39
CA HIS A 412 -8.92 36.15 11.01
C HIS A 412 -10.05 35.12 10.99
N THR A 413 -9.95 34.08 11.81
CA THR A 413 -10.98 33.05 11.91
C THR A 413 -12.26 33.55 12.58
N ALA A 414 -12.10 34.44 13.57
CA ALA A 414 -13.24 35.10 14.23
C ALA A 414 -14.07 35.94 13.28
N ALA A 415 -13.39 36.64 12.36
CA ALA A 415 -14.08 37.33 11.26
C ALA A 415 -14.97 36.40 10.45
N ASP A 416 -14.46 35.21 10.11
CA ASP A 416 -15.23 34.21 9.35
C ASP A 416 -16.41 33.66 10.15
N TYR A 417 -16.13 33.25 11.39
CA TYR A 417 -17.16 32.75 12.32
C TYR A 417 -18.30 33.75 12.54
N SER A 418 -17.95 35.01 12.83
CA SER A 418 -18.93 36.03 13.17
C SER A 418 -19.72 36.56 11.96
N TRP A 419 -19.09 36.56 10.77
CA TRP A 419 -19.72 37.01 9.53
C TRP A 419 -20.56 35.91 8.85
N ASN A 420 -20.01 34.70 8.77
CA ASN A 420 -20.70 33.54 8.18
C ASN A 420 -20.63 32.35 9.16
N MET A 421 -21.51 32.38 10.15
CA MET A 421 -21.49 31.42 11.25
C MET A 421 -21.88 30.02 10.83
N ASP A 422 -22.93 29.92 10.01
CA ASP A 422 -23.51 28.65 9.61
C ASP A 422 -22.56 27.75 8.78
N ASN A 423 -21.66 28.35 7.98
CA ASN A 423 -20.65 27.61 7.21
C ASN A 423 -19.24 27.56 7.82
N TYR A 424 -19.08 28.08 9.04
CA TYR A 424 -17.77 28.12 9.71
C TYR A 424 -17.18 26.72 9.95
N ASP A 425 -16.00 26.50 9.38
CA ASP A 425 -15.25 25.26 9.52
C ASP A 425 -13.91 25.68 10.12
N TYR A 426 -13.66 25.33 11.39
CA TYR A 426 -12.47 25.82 12.11
C TYR A 426 -11.15 25.43 11.47
N ASP A 427 -11.10 24.21 10.94
CA ASP A 427 -9.89 23.70 10.28
C ASP A 427 -9.59 24.45 8.99
N LYS A 428 -10.60 24.54 8.12
CA LYS A 428 -10.48 25.28 6.85
C LYS A 428 -10.18 26.76 7.07
N ALA A 429 -10.84 27.37 8.04
CA ALA A 429 -10.62 28.78 8.42
C ALA A 429 -9.20 29.04 8.93
N TRP A 430 -8.70 28.11 9.76
CA TRP A 430 -7.34 28.19 10.31
C TRP A 430 -6.27 28.16 9.21
N ASN A 431 -6.40 27.17 8.33
CA ASN A 431 -5.56 27.04 7.13
C ASN A 431 -5.63 28.27 6.24
N ARG A 432 -6.86 28.72 5.97
CA ARG A 432 -7.10 29.95 5.18
C ARG A 432 -6.44 31.20 5.80
N ALA A 433 -6.47 31.31 7.13
CA ALA A 433 -5.87 32.44 7.86
C ALA A 433 -4.36 32.50 7.71
N ILE A 434 -3.70 31.36 7.88
CA ILE A 434 -2.25 31.28 7.72
C ILE A 434 -1.85 31.46 6.23
N ASP A 435 -2.61 30.87 5.30
CA ASP A 435 -2.36 31.08 3.86
C ASP A 435 -2.43 32.54 3.42
N MET A 436 -3.49 33.23 3.84
CA MET A 436 -3.71 34.63 3.49
C MET A 436 -2.75 35.61 4.19
N LEU A 437 -2.32 35.29 5.42
CA LEU A 437 -1.43 36.17 6.22
C LEU A 437 0.07 36.00 5.97
N TYR A 438 0.52 34.77 5.73
CA TYR A 438 1.96 34.44 5.66
C TYR A 438 2.55 34.18 4.28
N GLY A 439 1.70 33.99 3.26
CA GLY A 439 2.13 33.92 1.86
C GLY A 439 3.07 32.77 1.57
N ASP A 440 4.31 33.08 1.21
CA ASP A 440 5.33 32.08 0.90
C ASP A 440 5.78 31.27 2.12
N LEU A 441 5.70 31.87 3.31
CA LEU A 441 6.00 31.16 4.57
C LEU A 441 4.81 30.42 5.19
N ALA A 442 3.67 30.34 4.48
CA ALA A 442 2.43 29.80 5.04
C ALA A 442 2.53 28.34 5.49
N GLU A 443 3.14 27.49 4.64
CA GLU A 443 3.29 26.06 4.96
C GLU A 443 4.18 25.80 6.18
N ASP A 444 5.28 26.52 6.28
CA ASP A 444 6.15 26.46 7.47
C ASP A 444 5.48 27.00 8.71
N MET A 445 4.75 28.12 8.58
CA MET A 445 4.02 28.68 9.72
C MET A 445 2.92 27.75 10.22
N LYS A 446 2.22 27.07 9.29
CA LYS A 446 1.27 26.01 9.64
C LYS A 446 1.93 24.90 10.48
N VAL A 447 3.13 24.46 10.11
CA VAL A 447 3.83 23.41 10.87
C VAL A 447 4.08 23.86 12.32
N PHE A 448 4.54 25.08 12.50
CA PHE A 448 4.78 25.69 13.82
C PHE A 448 3.47 25.94 14.61
N ALA A 449 2.58 26.70 14.02
CA ALA A 449 1.31 27.12 14.64
C ALA A 449 0.39 25.95 15.01
N ASN A 450 0.45 24.85 14.24
CA ASN A 450 -0.30 23.60 14.54
C ASN A 450 0.00 23.02 15.94
N HIS A 451 1.23 23.25 16.42
CA HIS A 451 1.67 22.86 17.76
C HIS A 451 1.34 23.85 18.88
N SER A 452 0.64 24.94 18.57
CA SER A 452 0.39 26.03 19.53
C SER A 452 -1.04 26.59 19.42
N THR A 453 -2.02 25.68 19.43
CA THR A 453 -3.44 26.02 19.41
C THR A 453 -4.16 25.86 20.77
N ARG A 454 -3.74 24.89 21.56
CA ARG A 454 -4.39 24.53 22.83
C ARG A 454 -3.86 25.37 23.98
N MET A 455 -4.75 26.05 24.70
CA MET A 455 -4.38 26.77 25.90
C MET A 455 -4.87 25.97 27.10
N ASP A 456 -3.96 25.75 28.06
CA ASP A 456 -4.22 24.93 29.25
C ASP A 456 -3.19 25.31 30.31
N ASN A 457 -3.66 26.01 31.35
CA ASN A 457 -2.79 26.39 32.48
C ASN A 457 -2.70 25.32 33.59
N LYS A 458 -3.29 24.13 33.38
CA LYS A 458 -3.29 22.96 34.28
C LYS A 458 -4.32 23.01 35.42
N THR A 459 -5.07 24.11 35.58
CA THR A 459 -6.11 24.23 36.59
C THR A 459 -7.44 24.68 35.96
N TRP A 460 -7.65 25.99 35.90
CA TRP A 460 -8.96 26.60 35.63
C TRP A 460 -9.16 27.12 34.20
N ALA A 461 -8.07 27.43 33.49
CA ALA A 461 -8.09 28.01 32.14
C ALA A 461 -7.79 26.92 31.12
N LYS A 462 -8.80 26.53 30.33
CA LYS A 462 -8.64 25.56 29.25
C LYS A 462 -9.49 26.01 28.05
N SER A 463 -8.85 26.22 26.90
CA SER A 463 -9.58 26.54 25.67
C SER A 463 -8.74 26.31 24.42
N GLY A 464 -9.42 26.11 23.30
CA GLY A 464 -8.81 25.98 21.98
C GLY A 464 -8.73 24.57 21.45
N ARG A 465 -8.51 24.49 20.13
CA ARG A 465 -8.30 23.21 19.44
C ARG A 465 -7.04 22.54 19.99
N GLU A 466 -7.08 21.21 20.07
CA GLU A 466 -5.94 20.43 20.56
C GLU A 466 -4.71 20.67 19.66
N ASP A 467 -3.53 20.63 20.26
CA ASP A 467 -2.28 20.76 19.49
C ASP A 467 -2.11 19.56 18.59
N ALA A 468 -1.57 19.82 17.40
CA ALA A 468 -1.11 18.81 16.42
C ALA A 468 -1.80 17.45 16.53
N PRO A 469 -3.14 17.41 16.29
CA PRO A 469 -3.92 16.20 16.54
C PRO A 469 -3.54 15.01 15.66
N GLU A 470 -3.12 15.28 14.42
CA GLU A 470 -2.73 14.22 13.48
C GLU A 470 -1.44 13.53 13.94
N LEU A 471 -0.47 14.33 14.37
CA LEU A 471 0.78 13.83 14.95
C LEU A 471 0.55 13.04 16.24
N ARG A 472 -0.29 13.56 17.12
CA ARG A 472 -0.68 12.88 18.35
C ARG A 472 -1.35 11.51 18.05
N ALA A 473 -2.20 11.45 17.05
CA ALA A 473 -2.79 10.17 16.62
C ALA A 473 -1.73 9.17 16.16
N LYS A 474 -0.71 9.65 15.43
CA LYS A 474 0.40 8.81 14.95
C LYS A 474 1.33 8.34 16.05
N MET A 475 1.58 9.21 17.03
CA MET A 475 2.27 8.84 18.27
C MET A 475 1.55 7.74 19.04
N ASP A 476 0.25 7.89 19.24
CA ASP A 476 -0.60 6.86 19.86
C ASP A 476 -0.54 5.53 19.09
N GLU A 477 -0.62 5.62 17.76
CA GLU A 477 -0.53 4.46 16.89
C GLU A 477 0.81 3.73 16.96
N LEU A 478 1.91 4.46 17.20
CA LEU A 478 3.21 3.85 17.43
C LEU A 478 3.21 2.94 18.65
N TRP A 479 2.73 3.45 19.79
CA TRP A 479 2.65 2.68 21.02
C TRP A 479 1.75 1.44 20.88
N ASN A 480 0.61 1.60 20.18
CA ASN A 480 -0.30 0.47 19.90
C ASN A 480 0.33 -0.62 19.03
N LYS A 481 1.04 -0.20 17.98
CA LYS A 481 1.76 -1.13 17.09
C LYS A 481 2.85 -1.93 17.82
N LEU A 482 3.60 -1.24 18.66
CA LEU A 482 4.63 -1.87 19.48
C LEU A 482 4.05 -2.90 20.45
N SER A 483 2.97 -2.54 21.15
CA SER A 483 2.23 -3.48 22.03
C SER A 483 1.63 -4.70 21.32
N SER A 484 1.12 -4.46 20.12
CA SER A 484 0.61 -5.52 19.25
C SER A 484 1.70 -6.36 18.53
N LYS A 485 2.97 -5.98 18.73
CA LYS A 485 4.15 -6.66 18.20
C LYS A 485 4.25 -6.58 16.67
N GLU A 486 3.65 -5.55 16.07
CA GLU A 486 3.70 -5.34 14.62
C GLU A 486 5.01 -4.66 14.27
N ASP A 487 5.36 -4.71 12.99
CA ASP A 487 6.51 -3.98 12.45
C ASP A 487 6.14 -2.51 12.42
N ALA A 488 6.84 -1.70 13.24
CA ALA A 488 6.61 -0.25 13.35
C ALA A 488 7.57 0.59 12.50
N SER A 489 8.36 -0.05 11.61
CA SER A 489 9.42 0.62 10.83
C SER A 489 8.90 1.79 10.01
N ALA A 490 7.82 1.54 9.26
CA ALA A 490 7.21 2.56 8.40
C ALA A 490 6.70 3.77 9.19
N LEU A 491 6.05 3.50 10.33
CA LEU A 491 5.56 4.57 11.21
C LEU A 491 6.68 5.36 11.91
N ILE A 492 7.72 4.65 12.35
CA ILE A 492 8.92 5.29 12.92
C ILE A 492 9.60 6.24 11.91
N GLU A 493 9.79 5.75 10.70
CA GLU A 493 10.35 6.54 9.59
C GLU A 493 9.50 7.80 9.31
N GLU A 494 8.20 7.61 9.22
CA GLU A 494 7.24 8.72 9.06
C GLU A 494 7.35 9.76 10.17
N LEU A 495 7.52 9.31 11.42
CA LEU A 495 7.68 10.21 12.57
C LEU A 495 9.03 10.95 12.58
N TYR A 496 10.11 10.28 12.18
CA TYR A 496 11.41 10.95 11.96
C TYR A 496 11.27 12.12 10.99
N GLY A 497 10.55 11.88 9.89
CA GLY A 497 10.23 12.93 8.91
C GLY A 497 9.43 14.08 9.48
N GLU A 498 8.40 13.76 10.27
CA GLU A 498 7.59 14.76 11.00
C GLU A 498 8.44 15.66 11.91
N PHE A 499 9.34 15.05 12.67
CA PHE A 499 10.17 15.77 13.63
C PHE A 499 11.24 16.61 12.93
N ALA A 500 11.82 16.06 11.86
CA ALA A 500 12.73 16.81 10.98
C ALA A 500 12.06 18.04 10.36
N ARG A 501 10.85 17.84 9.85
CA ARG A 501 10.02 18.92 9.28
C ARG A 501 9.72 20.06 10.28
N MET A 502 9.47 19.70 11.54
CA MET A 502 9.26 20.69 12.61
C MET A 502 10.46 21.59 12.81
N GLU A 503 11.64 20.98 12.89
CA GLU A 503 12.91 21.69 12.98
C GLU A 503 13.17 22.58 11.74
N GLU A 504 12.98 21.99 10.55
CA GLU A 504 13.24 22.67 9.27
C GLU A 504 12.34 23.90 9.11
N ALA A 505 11.04 23.70 9.34
CA ALA A 505 10.04 24.77 9.29
C ALA A 505 10.36 25.92 10.24
N CYS A 506 10.70 25.60 11.49
CA CYS A 506 11.03 26.62 12.50
C CYS A 506 12.31 27.40 12.20
N ASN A 507 13.33 26.70 11.70
CA ASN A 507 14.59 27.34 11.27
C ASN A 507 14.37 28.30 10.09
N ASN A 508 13.51 27.89 9.14
CA ASN A 508 13.14 28.74 8.02
C ASN A 508 12.35 29.99 8.47
N LEU A 509 11.44 29.80 9.42
CA LEU A 509 10.70 30.92 10.03
C LEU A 509 11.60 31.89 10.80
N LYS A 510 12.56 31.36 11.55
CA LYS A 510 13.58 32.20 12.20
C LYS A 510 14.39 33.05 11.21
N ALA A 511 14.75 32.44 10.08
CA ALA A 511 15.55 33.11 9.05
C ALA A 511 14.76 34.12 8.23
N ASN A 512 13.48 33.84 7.93
CA ASN A 512 12.70 34.59 6.93
C ASN A 512 11.44 35.32 7.38
N LEU A 513 10.94 35.09 8.61
CA LEU A 513 9.78 35.86 9.10
C LEU A 513 10.14 37.33 9.24
N PRO A 514 9.18 38.24 8.94
CA PRO A 514 9.43 39.65 9.23
C PRO A 514 9.53 39.89 10.73
N GLU A 515 10.35 40.87 11.11
CA GLU A 515 10.69 41.14 12.52
C GLU A 515 9.45 41.37 13.40
N VAL A 516 8.43 42.03 12.83
CA VAL A 516 7.14 42.26 13.52
C VAL A 516 6.49 40.97 14.06
N ALA A 517 6.56 39.90 13.27
CA ALA A 517 6.09 38.55 13.67
C ALA A 517 7.12 37.80 14.51
N LEU A 518 8.37 37.81 14.06
CA LEU A 518 9.47 37.11 14.74
C LEU A 518 9.73 37.55 16.18
N GLU A 519 9.63 38.86 16.46
CA GLU A 519 9.85 39.38 17.83
C GLU A 519 8.87 38.81 18.87
N GLU A 520 7.67 38.44 18.43
CA GLU A 520 6.63 37.86 19.28
C GLU A 520 6.83 36.36 19.53
N CYS A 521 7.35 35.60 18.54
CA CYS A 521 7.46 34.12 18.62
C CYS A 521 8.85 33.47 18.61
N SER A 522 9.94 34.25 18.70
CA SER A 522 11.30 33.69 18.57
C SER A 522 11.63 32.60 19.61
N ARG A 523 11.23 32.82 20.85
CA ARG A 523 11.45 31.84 21.94
C ARG A 523 10.62 30.57 21.78
N GLN A 524 9.40 30.71 21.24
CA GLN A 524 8.53 29.57 20.99
C GLN A 524 9.03 28.73 19.82
N LEU A 525 9.61 29.38 18.81
CA LEU A 525 10.27 28.68 17.69
C LEU A 525 11.44 27.80 18.16
N ASP A 526 12.29 28.38 19.00
CA ASP A 526 13.41 27.65 19.64
C ASP A 526 12.95 26.48 20.51
N GLU A 527 11.87 26.72 21.27
CA GLU A 527 11.23 25.70 22.09
C GLU A 527 10.79 24.48 21.25
N LEU A 528 10.10 24.72 20.15
CA LEU A 528 9.63 23.62 19.28
C LEU A 528 10.79 22.89 18.57
N ILE A 529 11.86 23.60 18.24
CA ILE A 529 13.11 23.00 17.71
C ILE A 529 13.73 22.04 18.73
N THR A 530 13.86 22.51 19.97
CA THR A 530 14.35 21.70 21.08
C THR A 530 13.50 20.44 21.32
N LEU A 531 12.18 20.62 21.34
CA LEU A 531 11.26 19.47 21.44
C LEU A 531 11.37 18.50 20.25
N ALA A 532 11.44 19.03 19.05
CA ALA A 532 11.65 18.22 17.83
C ALA A 532 12.92 17.38 17.86
N GLN A 533 14.01 17.97 18.38
CA GLN A 533 15.28 17.26 18.61
C GLN A 533 15.14 16.18 19.68
N GLY A 534 14.47 16.52 20.78
CA GLY A 534 14.13 15.56 21.82
C GLY A 534 13.25 14.41 21.33
N ASP A 535 12.30 14.73 20.46
CA ASP A 535 11.44 13.73 19.80
C ASP A 535 12.20 12.78 18.90
N LYS A 536 13.17 13.32 18.15
CA LYS A 536 14.04 12.51 17.31
C LYS A 536 14.85 11.54 18.16
N ALA A 537 15.47 12.03 19.22
CA ALA A 537 16.20 11.21 20.18
C ALA A 537 15.31 10.17 20.89
N SER A 538 14.04 10.51 21.07
CA SER A 538 13.03 9.59 21.59
C SER A 538 12.78 8.40 20.67
N LEU A 539 12.72 8.65 19.37
CA LEU A 539 12.68 7.59 18.37
C LEU A 539 13.96 6.75 18.37
N ASP A 540 15.11 7.40 18.51
CA ASP A 540 16.41 6.72 18.63
C ASP A 540 16.43 5.72 19.77
N MET A 541 15.91 6.15 20.93
CA MET A 541 15.70 5.27 22.10
C MET A 541 14.89 4.00 21.77
N ILE A 542 13.77 4.19 21.06
CA ILE A 542 12.88 3.07 20.67
C ILE A 542 13.58 2.12 19.71
N VAL A 543 14.17 2.68 18.65
CA VAL A 543 14.94 1.92 17.65
C VAL A 543 16.12 1.16 18.30
N ALA A 544 16.80 1.81 19.26
CA ALA A 544 17.89 1.18 20.02
C ALA A 544 17.43 -0.04 20.80
N GLN A 545 16.25 0.06 21.41
CA GLN A 545 15.66 -1.08 22.13
C GLN A 545 15.25 -2.22 21.18
N LEU A 546 14.70 -1.85 20.03
CA LEU A 546 14.37 -2.83 18.98
C LEU A 546 15.61 -3.58 18.43
N ASN A 547 16.73 -2.86 18.29
CA ASN A 547 18.02 -3.44 17.88
C ASN A 547 18.87 -4.03 19.03
N GLU A 548 18.39 -3.96 20.27
CA GLU A 548 19.12 -4.42 21.47
C GLU A 548 20.52 -3.82 21.60
N ASP A 549 20.57 -2.50 21.41
CA ASP A 549 21.80 -1.71 21.43
C ASP A 549 21.74 -0.80 22.67
N THR A 550 22.45 -1.21 23.72
CA THR A 550 22.53 -0.47 25.00
C THR A 550 23.27 0.86 24.87
N GLU A 551 24.40 0.85 24.15
CA GLU A 551 25.20 2.06 23.94
C GLU A 551 24.38 3.14 23.23
N ALA A 552 23.75 2.76 22.12
CA ALA A 552 22.88 3.64 21.33
C ALA A 552 21.65 4.13 22.11
N TYR A 553 21.10 3.28 22.97
CA TYR A 553 19.96 3.64 23.83
C TYR A 553 20.33 4.71 24.87
N GLU A 554 21.39 4.44 25.63
CA GLU A 554 21.88 5.37 26.67
C GLU A 554 22.31 6.73 26.11
N SER A 555 22.88 6.71 24.91
CA SER A 555 23.28 7.92 24.20
C SER A 555 22.05 8.76 23.77
N ALA A 556 21.06 8.10 23.19
CA ALA A 556 19.77 8.72 22.84
C ALA A 556 18.95 9.19 24.05
N LYS A 557 19.00 8.42 25.13
CA LYS A 557 18.36 8.78 26.40
C LYS A 557 18.86 10.09 27.02
N GLU A 558 20.18 10.28 27.06
CA GLU A 558 20.74 11.51 27.67
C GLU A 558 20.40 12.77 26.84
N ILE A 559 20.37 12.64 25.51
CA ILE A 559 19.94 13.75 24.62
C ILE A 559 18.45 14.08 24.84
N ALA A 560 17.60 13.05 24.80
CA ALA A 560 16.14 13.20 25.01
C ALA A 560 15.80 13.86 26.35
N GLN A 561 16.49 13.43 27.40
CA GLN A 561 16.40 14.00 28.73
C GLN A 561 16.83 15.47 28.79
N ASN A 562 18.00 15.77 28.21
CA ASN A 562 18.53 17.16 28.19
C ASN A 562 17.59 18.12 27.45
N LYS A 563 17.08 17.67 26.31
CA LYS A 563 16.16 18.48 25.49
C LYS A 563 14.83 18.72 26.21
N LEU A 564 14.30 17.68 26.85
CA LEU A 564 13.09 17.82 27.68
C LEU A 564 13.28 18.81 28.82
N ASN A 565 14.39 18.66 29.56
CA ASN A 565 14.73 19.56 30.68
C ASN A 565 14.86 21.03 30.28
N THR A 566 15.49 21.29 29.14
CA THR A 566 15.59 22.64 28.56
C THR A 566 14.20 23.20 28.20
N ALA A 567 13.41 22.39 27.51
CA ALA A 567 12.01 22.74 27.16
C ALA A 567 11.17 23.08 28.40
N LEU A 568 11.22 22.21 29.41
CA LEU A 568 10.53 22.45 30.69
C LEU A 568 11.00 23.69 31.47
N SER A 569 12.32 23.89 31.51
CA SER A 569 12.93 25.04 32.20
C SER A 569 12.69 26.41 31.56
N SER A 570 12.54 26.44 30.23
CA SER A 570 12.46 27.70 29.51
C SER A 570 11.06 28.37 29.67
N PHE A 571 11.03 29.68 29.43
CA PHE A 571 9.80 30.49 29.52
C PHE A 571 8.76 30.05 28.49
N ALA A 572 9.23 29.79 27.27
CA ALA A 572 8.36 29.37 26.17
C ALA A 572 7.68 28.03 26.46
N VAL A 573 6.42 27.93 26.04
CA VAL A 573 5.60 26.74 26.23
C VAL A 573 4.93 26.45 24.89
N ILE A 574 5.02 25.20 24.45
CA ILE A 574 4.40 24.76 23.20
C ILE A 574 4.22 23.24 23.20
N SER A 575 3.17 22.78 22.52
CA SER A 575 2.96 21.36 22.21
C SER A 575 3.08 20.41 23.41
N GLU A 576 2.48 20.81 24.54
CA GLU A 576 2.69 20.12 25.82
C GLU A 576 2.25 18.67 25.74
N LYS A 577 1.10 18.42 25.14
CA LYS A 577 0.52 17.07 25.09
C LYS A 577 0.95 16.25 23.87
N VAL A 578 1.81 16.80 23.00
CA VAL A 578 2.23 16.14 21.76
C VAL A 578 3.77 16.03 21.74
N ALA A 579 4.48 17.10 21.38
CA ALA A 579 5.93 17.04 21.22
C ALA A 579 6.63 16.85 22.55
N GLN A 580 6.17 17.57 23.58
CA GLN A 580 6.77 17.47 24.92
C GLN A 580 6.44 16.13 25.58
N SER A 581 5.15 15.81 25.64
CA SER A 581 4.67 14.53 26.20
C SER A 581 5.32 13.29 25.56
N PHE A 582 5.51 13.32 24.25
CA PHE A 582 6.13 12.18 23.55
C PHE A 582 7.52 11.79 24.11
N ILE A 583 8.31 12.81 24.48
CA ILE A 583 9.61 12.59 25.09
C ILE A 583 9.45 11.85 26.42
N GLN A 584 8.54 12.33 27.26
CA GLN A 584 8.23 11.70 28.56
C GLN A 584 7.73 10.26 28.40
N GLU A 585 6.86 10.06 27.42
CA GLU A 585 6.34 8.72 27.03
C GLU A 585 7.45 7.77 26.62
N ALA A 586 8.32 8.26 25.73
CA ALA A 586 9.48 7.50 25.26
C ALA A 586 10.53 7.18 26.33
N LEU A 587 10.76 8.10 27.27
CA LEU A 587 11.63 7.85 28.43
C LEU A 587 11.09 6.77 29.37
N SER A 588 9.78 6.70 29.51
CA SER A 588 9.13 5.65 30.32
C SER A 588 9.10 4.26 29.65
N PHE A 589 9.27 4.23 28.33
CA PHE A 589 8.99 3.03 27.52
C PHE A 589 10.05 1.96 27.69
N ASP A 590 9.60 0.75 28.02
CA ASP A 590 10.45 -0.42 28.17
C ASP A 590 9.92 -1.52 27.25
N LEU A 591 10.61 -1.73 26.13
CA LEU A 591 10.29 -2.80 25.15
C LEU A 591 10.32 -4.23 25.73
N THR A 592 11.14 -4.48 26.74
CA THR A 592 11.20 -5.82 27.38
C THR A 592 9.91 -6.19 28.15
N LEU A 593 9.06 -5.19 28.46
CA LEU A 593 7.74 -5.42 29.04
C LEU A 593 6.62 -5.62 28.01
N ILE A 594 6.96 -5.94 26.75
CA ILE A 594 6.00 -6.36 25.72
C ILE A 594 6.33 -7.79 25.30
N GLN B 10 -37.81 -5.94 58.73
CA GLN B 10 -36.71 -5.39 59.57
C GLN B 10 -35.30 -5.88 59.18
N VAL B 11 -35.09 -7.21 59.05
CA VAL B 11 -33.77 -7.77 58.64
C VAL B 11 -33.56 -7.53 57.14
N LEU B 12 -32.56 -6.72 56.80
CA LEU B 12 -32.25 -6.36 55.41
C LEU B 12 -31.41 -7.43 54.72
N VAL B 13 -31.44 -7.43 53.39
CA VAL B 13 -30.63 -8.34 52.57
C VAL B 13 -29.21 -7.77 52.60
N PRO B 14 -28.23 -8.52 53.17
CA PRO B 14 -26.88 -8.01 53.18
C PRO B 14 -26.22 -8.11 51.80
N ASN B 15 -24.95 -7.73 51.74
CA ASN B 15 -24.17 -7.80 50.51
C ASN B 15 -24.05 -9.24 50.02
N LEU B 16 -24.35 -9.44 48.74
CA LEU B 16 -24.26 -10.75 48.08
C LEU B 16 -23.34 -10.66 46.87
N ASN B 17 -22.61 -11.74 46.64
CA ASN B 17 -21.72 -11.85 45.51
C ASN B 17 -21.53 -13.31 45.10
N PRO B 18 -21.81 -13.67 43.84
CA PRO B 18 -22.45 -12.81 42.83
C PRO B 18 -23.89 -12.39 43.18
N THR B 19 -24.37 -11.34 42.50
CA THR B 19 -25.76 -10.91 42.60
C THR B 19 -26.63 -12.07 42.10
N PRO B 20 -27.55 -12.59 42.96
CA PRO B 20 -28.42 -13.65 42.46
C PRO B 20 -29.35 -13.16 41.34
N GLU B 21 -29.65 -14.05 40.40
CA GLU B 21 -30.51 -13.72 39.26
C GLU B 21 -31.89 -13.23 39.70
N ASN B 22 -32.56 -14.02 40.53
CA ASN B 22 -33.90 -13.69 41.02
C ASN B 22 -33.89 -13.75 42.54
N LEU B 23 -34.20 -12.61 43.18
CA LEU B 23 -34.29 -12.52 44.64
C LEU B 23 -35.53 -11.69 45.02
N GLU B 24 -36.42 -12.26 45.82
CA GLU B 24 -37.59 -11.58 46.35
C GLU B 24 -37.56 -11.67 47.86
N VAL B 25 -37.75 -10.53 48.54
CA VAL B 25 -37.92 -10.48 49.99
C VAL B 25 -39.40 -10.71 50.30
N VAL B 26 -39.71 -11.66 51.17
CA VAL B 26 -41.09 -12.10 51.47
C VAL B 26 -41.38 -12.14 52.99
N GLY B 27 -40.68 -11.33 53.76
CA GLY B 27 -40.83 -11.34 55.20
C GLY B 27 -39.83 -10.43 55.91
N ASP B 28 -40.01 -10.31 57.22
CA ASP B 28 -39.16 -9.47 58.08
C ASP B 28 -37.86 -10.14 58.56
N GLY B 29 -37.65 -11.43 58.24
CA GLY B 29 -36.46 -12.15 58.64
C GLY B 29 -36.60 -12.81 60.00
N PHE B 30 -35.56 -13.52 60.40
CA PHE B 30 -35.53 -14.18 61.71
C PHE B 30 -34.10 -14.46 62.17
N LYS B 31 -33.95 -14.71 63.47
CA LYS B 31 -32.66 -15.08 64.06
C LYS B 31 -32.50 -16.59 63.95
N ILE B 32 -31.33 -17.02 63.47
CA ILE B 32 -30.91 -18.41 63.51
C ILE B 32 -30.43 -18.70 64.93
N THR B 33 -30.85 -19.86 65.43
CA THR B 33 -30.60 -20.25 66.81
C THR B 33 -29.15 -20.71 67.02
N SER B 34 -28.78 -20.86 68.29
CA SER B 34 -27.46 -21.38 68.71
C SER B 34 -27.13 -22.77 68.19
N SER B 35 -28.15 -23.62 68.04
CA SER B 35 -28.05 -24.93 67.43
C SER B 35 -29.07 -25.01 66.30
N ILE B 36 -28.85 -25.93 65.36
CA ILE B 36 -29.74 -26.12 64.19
C ILE B 36 -30.01 -27.57 63.85
N ASN B 37 -31.13 -27.80 63.17
CA ASN B 37 -31.52 -29.10 62.63
C ASN B 37 -31.02 -29.14 61.20
N LEU B 38 -30.30 -30.19 60.83
CA LEU B 38 -29.78 -30.35 59.47
C LEU B 38 -30.36 -31.61 58.81
N VAL B 39 -31.09 -31.38 57.72
CA VAL B 39 -31.82 -32.44 57.02
C VAL B 39 -31.22 -32.57 55.64
N GLY B 40 -31.04 -33.81 55.20
CA GLY B 40 -30.49 -34.15 53.90
C GLY B 40 -28.98 -34.29 53.84
N GLU B 41 -28.31 -34.33 55.00
CA GLU B 41 -26.84 -34.51 55.10
C GLU B 41 -26.25 -35.63 54.26
N GLU B 42 -26.82 -36.82 54.42
CA GLU B 42 -26.31 -38.03 53.78
C GLU B 42 -26.67 -38.19 52.30
N GLU B 43 -27.75 -37.56 51.85
CA GLU B 43 -28.12 -37.54 50.42
C GLU B 43 -27.52 -36.37 49.61
N ALA B 44 -27.32 -35.21 50.24
CA ALA B 44 -26.88 -33.99 49.54
C ALA B 44 -25.41 -34.02 49.16
N ASP B 45 -25.04 -33.12 48.25
CA ASP B 45 -23.68 -32.98 47.73
C ASP B 45 -22.68 -32.87 48.87
N GLU B 46 -21.70 -33.78 48.86
CA GLU B 46 -20.71 -33.93 49.94
C GLU B 46 -19.93 -32.63 50.17
N ASN B 47 -19.48 -32.00 49.08
CA ASN B 47 -18.72 -30.73 49.15
C ASN B 47 -19.57 -29.56 49.69
N ALA B 48 -20.84 -29.51 49.29
CA ALA B 48 -21.81 -28.53 49.82
C ALA B 48 -22.01 -28.70 51.32
N VAL B 49 -22.19 -29.94 51.75
CA VAL B 49 -22.36 -30.27 53.17
C VAL B 49 -21.10 -29.91 53.98
N ASN B 50 -19.91 -30.25 53.47
CA ASN B 50 -18.63 -29.86 54.12
C ASN B 50 -18.49 -28.35 54.29
N ALA B 51 -18.76 -27.61 53.22
CA ALA B 51 -18.77 -26.13 53.24
C ALA B 51 -19.75 -25.54 54.26
N LEU B 52 -20.93 -26.15 54.37
CA LEU B 52 -21.92 -25.78 55.37
C LEU B 52 -21.46 -26.06 56.81
N ARG B 53 -20.98 -27.28 57.06
CA ARG B 53 -20.43 -27.67 58.38
C ARG B 53 -19.32 -26.73 58.85
N GLU B 54 -18.36 -26.45 57.95
CA GLU B 54 -17.28 -25.47 58.18
C GLU B 54 -17.79 -24.09 58.62
N PHE B 55 -18.81 -23.61 57.93
CA PHE B 55 -19.43 -22.31 58.25
C PHE B 55 -20.09 -22.30 59.64
N LEU B 56 -20.85 -23.36 59.92
CA LEU B 56 -21.57 -23.47 61.19
C LEU B 56 -20.60 -23.55 62.36
N THR B 57 -19.61 -24.45 62.24
CA THR B 57 -18.50 -24.60 63.22
C THR B 57 -17.78 -23.28 63.47
N ALA B 58 -17.41 -22.60 62.39
CA ALA B 58 -16.75 -21.30 62.45
C ALA B 58 -17.57 -20.18 63.11
N ASN B 59 -18.90 -20.27 63.02
CA ASN B 59 -19.83 -19.33 63.68
C ASN B 59 -20.50 -19.81 64.98
N ASN B 60 -19.94 -20.87 65.59
CA ASN B 60 -20.44 -21.44 66.87
C ASN B 60 -21.92 -21.86 66.81
N ILE B 61 -22.29 -22.58 65.74
CA ILE B 61 -23.64 -23.09 65.55
C ILE B 61 -23.52 -24.60 65.57
N GLU B 62 -24.06 -25.23 66.61
CA GLU B 62 -23.99 -26.69 66.77
C GLU B 62 -25.06 -27.36 65.88
N ILE B 63 -24.79 -28.58 65.44
CA ILE B 63 -25.76 -29.40 64.71
C ILE B 63 -26.41 -30.32 65.73
N ASN B 64 -27.74 -30.23 65.83
CA ASN B 64 -28.52 -31.10 66.71
C ASN B 64 -28.43 -32.58 66.29
N SER B 65 -28.32 -33.46 67.28
CA SER B 65 -28.41 -34.92 67.09
C SER B 65 -29.86 -35.33 66.81
N GLU B 66 -30.76 -34.83 67.65
CA GLU B 66 -32.20 -35.06 67.53
C GLU B 66 -32.89 -33.76 67.18
N ASN B 67 -33.97 -33.84 66.40
CA ASN B 67 -34.71 -32.64 65.98
C ASN B 67 -35.31 -31.89 67.19
N ASP B 68 -35.01 -30.59 67.24
CA ASP B 68 -35.54 -29.67 68.24
C ASP B 68 -36.45 -28.72 67.46
N PRO B 69 -37.77 -28.70 67.79
CA PRO B 69 -38.66 -27.78 67.06
C PRO B 69 -38.39 -26.27 67.33
N ASN B 70 -37.81 -25.92 68.49
CA ASN B 70 -37.35 -24.54 68.76
C ASN B 70 -36.06 -24.12 68.03
N SER B 71 -35.30 -25.06 67.48
CA SER B 71 -34.12 -24.73 66.65
C SER B 71 -34.50 -24.48 65.19
N THR B 72 -33.72 -23.61 64.55
CA THR B 72 -33.78 -23.36 63.11
C THR B 72 -33.43 -24.64 62.33
N THR B 73 -34.12 -24.83 61.22
CA THR B 73 -33.96 -26.03 60.40
C THR B 73 -33.33 -25.62 59.08
N LEU B 74 -32.37 -26.43 58.65
CA LEU B 74 -31.74 -26.25 57.37
C LEU B 74 -31.90 -27.54 56.58
N ILE B 75 -32.54 -27.45 55.42
CA ILE B 75 -32.81 -28.60 54.56
C ILE B 75 -32.02 -28.40 53.27
N ILE B 76 -31.27 -29.42 52.88
CA ILE B 76 -30.33 -29.35 51.77
C ILE B 76 -30.46 -30.59 50.86
N GLY B 77 -30.43 -30.36 49.56
CA GLY B 77 -30.42 -31.45 48.60
C GLY B 77 -30.36 -31.00 47.16
N GLU B 78 -30.40 -31.99 46.28
CA GLU B 78 -30.47 -31.81 44.83
C GLU B 78 -31.89 -32.03 44.36
N VAL B 79 -32.24 -31.44 43.21
CA VAL B 79 -33.60 -31.53 42.66
C VAL B 79 -34.00 -32.94 42.19
N ASP B 80 -33.06 -33.68 41.60
CA ASP B 80 -33.32 -35.08 41.18
C ASP B 80 -33.61 -36.05 42.35
N ASP B 81 -33.19 -35.71 43.57
CA ASP B 81 -33.58 -36.45 44.77
C ASP B 81 -35.04 -36.11 45.10
N ASP B 82 -35.80 -37.12 45.51
CA ASP B 82 -37.19 -36.97 45.94
C ASP B 82 -37.17 -36.79 47.45
N ILE B 83 -37.22 -35.53 47.90
CA ILE B 83 -37.10 -35.16 49.32
C ILE B 83 -38.32 -34.27 49.68
N PRO B 84 -39.37 -34.86 50.30
CA PRO B 84 -40.53 -34.06 50.72
C PRO B 84 -40.27 -32.93 51.72
N GLU B 85 -39.35 -33.12 52.67
CA GLU B 85 -39.05 -32.05 53.65
C GLU B 85 -38.49 -30.78 53.00
N LEU B 86 -37.71 -30.99 51.95
CA LEU B 86 -37.18 -29.91 51.12
C LEU B 86 -38.25 -29.27 50.24
N ASP B 87 -39.08 -30.09 49.59
CA ASP B 87 -40.22 -29.60 48.77
C ASP B 87 -41.17 -28.73 49.58
N GLU B 88 -41.46 -29.14 50.82
CA GLU B 88 -42.37 -28.40 51.71
C GLU B 88 -41.84 -27.02 52.11
N ALA B 89 -40.55 -26.97 52.45
CA ALA B 89 -39.87 -25.72 52.84
C ALA B 89 -39.64 -24.76 51.67
N LEU B 90 -39.39 -25.32 50.48
CA LEU B 90 -39.30 -24.54 49.24
C LEU B 90 -40.62 -23.84 48.86
N ASN B 91 -41.75 -24.52 49.08
CA ASN B 91 -43.10 -23.98 48.87
C ASN B 91 -43.30 -23.47 47.43
N GLY B 92 -43.14 -24.38 46.48
CA GLY B 92 -43.33 -24.08 45.04
C GLY B 92 -42.11 -23.61 44.24
N THR B 93 -41.12 -23.02 44.92
CA THR B 93 -39.85 -22.65 44.28
C THR B 93 -39.05 -23.92 43.96
N THR B 94 -38.52 -23.99 42.74
CA THR B 94 -37.82 -25.19 42.26
C THR B 94 -36.55 -24.78 41.50
N ALA B 95 -35.62 -25.72 41.45
CA ALA B 95 -34.40 -25.63 40.66
C ALA B 95 -34.40 -26.49 39.39
N GLU B 96 -35.46 -27.29 39.16
CA GLU B 96 -35.55 -28.25 38.02
C GLU B 96 -35.40 -27.63 36.64
N ASN B 97 -36.00 -26.46 36.43
CA ASN B 97 -35.92 -25.74 35.12
C ASN B 97 -34.70 -24.81 34.96
N LEU B 98 -33.83 -24.74 35.96
CA LEU B 98 -32.61 -23.93 35.90
C LEU B 98 -31.49 -24.68 35.18
N LYS B 99 -30.55 -23.91 34.63
CA LYS B 99 -29.36 -24.48 33.99
C LYS B 99 -28.41 -25.13 35.01
N GLU B 100 -27.42 -25.84 34.47
CA GLU B 100 -26.26 -26.33 35.24
C GLU B 100 -25.68 -25.26 36.16
N GLU B 101 -25.28 -25.69 37.36
CA GLU B 101 -24.83 -24.83 38.46
C GLU B 101 -25.91 -23.98 39.12
N GLY B 102 -27.17 -24.13 38.68
CA GLY B 102 -28.26 -23.35 39.22
C GLY B 102 -28.73 -23.93 40.53
N TYR B 103 -29.44 -23.11 41.30
CA TYR B 103 -30.04 -23.54 42.56
C TYR B 103 -31.25 -22.69 42.93
N ALA B 104 -32.00 -23.19 43.90
CA ALA B 104 -33.06 -22.49 44.57
C ALA B 104 -32.75 -22.42 46.06
N LEU B 105 -33.09 -21.29 46.67
CA LEU B 105 -32.93 -21.07 48.11
C LEU B 105 -34.17 -20.35 48.62
N VAL B 106 -34.72 -20.82 49.75
CA VAL B 106 -35.90 -20.22 50.38
C VAL B 106 -35.63 -20.17 51.88
N SER B 107 -35.67 -18.97 52.46
CA SER B 107 -35.60 -18.77 53.91
C SER B 107 -36.95 -18.23 54.36
N ASN B 108 -37.58 -18.93 55.30
CA ASN B 108 -38.93 -18.62 55.75
C ASN B 108 -39.24 -19.27 57.08
N ASP B 109 -39.58 -18.45 58.09
CA ASP B 109 -40.11 -18.88 59.39
C ASP B 109 -39.31 -20.02 60.06
N GLY B 110 -38.04 -19.73 60.31
CA GLY B 110 -37.10 -20.68 60.92
C GLY B 110 -36.65 -21.85 60.07
N LYS B 111 -36.87 -21.78 58.76
CA LYS B 111 -36.53 -22.86 57.82
C LYS B 111 -35.75 -22.25 56.65
N ILE B 112 -34.60 -22.85 56.35
CA ILE B 112 -33.81 -22.52 55.16
C ILE B 112 -33.70 -23.76 54.28
N ALA B 113 -34.24 -23.66 53.06
CA ALA B 113 -34.25 -24.74 52.08
C ALA B 113 -33.23 -24.41 51.00
N ILE B 114 -32.34 -25.35 50.67
CA ILE B 114 -31.35 -25.16 49.60
C ILE B 114 -31.47 -26.35 48.64
N GLU B 115 -31.89 -26.06 47.41
CA GLU B 115 -32.04 -27.09 46.38
C GLU B 115 -31.16 -26.74 45.19
N GLY B 116 -30.16 -27.59 44.91
CA GLY B 116 -29.37 -27.45 43.70
C GLY B 116 -30.00 -28.16 42.53
N LYS B 117 -29.86 -27.60 41.33
CA LYS B 117 -30.10 -28.30 40.08
C LYS B 117 -29.19 -29.52 39.97
N ASP B 118 -27.95 -29.33 40.41
CA ASP B 118 -26.94 -30.38 40.51
C ASP B 118 -26.09 -30.12 41.74
N GLY B 119 -25.15 -31.03 42.03
CA GLY B 119 -24.22 -30.90 43.15
C GLY B 119 -23.50 -29.55 43.27
N ASP B 120 -23.07 -29.02 42.12
CA ASP B 120 -22.46 -27.69 42.03
C ASP B 120 -23.42 -26.59 42.49
N GLY B 121 -24.68 -26.68 42.05
CA GLY B 121 -25.73 -25.77 42.48
C GLY B 121 -25.99 -25.76 43.97
N THR B 122 -26.04 -26.95 44.55
CA THR B 122 -26.21 -27.11 46.01
C THR B 122 -25.06 -26.44 46.76
N PHE B 123 -23.84 -26.72 46.30
CA PHE B 123 -22.64 -26.03 46.82
C PHE B 123 -22.80 -24.51 46.77
N TYR B 124 -23.18 -23.99 45.61
CA TYR B 124 -23.35 -22.54 45.42
C TYR B 124 -24.50 -21.96 46.26
N GLY B 125 -25.56 -22.73 46.42
CA GLY B 125 -26.63 -22.42 47.38
C GLY B 125 -26.12 -22.19 48.80
N VAL B 126 -25.23 -23.07 49.25
CA VAL B 126 -24.57 -22.91 50.56
C VAL B 126 -23.75 -21.62 50.61
N GLN B 127 -23.09 -21.27 49.52
CA GLN B 127 -22.31 -20.02 49.46
C GLN B 127 -23.18 -18.77 49.61
N THR B 128 -24.37 -18.80 49.00
CA THR B 128 -25.34 -17.69 49.14
C THR B 128 -25.86 -17.62 50.58
N PHE B 129 -26.24 -18.77 51.13
CA PHE B 129 -26.62 -18.88 52.56
C PHE B 129 -25.57 -18.25 53.49
N LYS B 130 -24.32 -18.65 53.29
CA LYS B 130 -23.18 -18.09 54.06
C LYS B 130 -23.14 -16.55 54.07
N GLN B 131 -23.44 -15.97 52.91
CA GLN B 131 -23.49 -14.51 52.75
C GLN B 131 -24.76 -13.85 53.32
N LEU B 132 -25.89 -14.55 53.23
CA LEU B 132 -27.18 -14.07 53.77
C LEU B 132 -27.22 -13.88 55.28
N VAL B 133 -26.46 -14.71 56.01
CA VAL B 133 -26.42 -14.67 57.47
C VAL B 133 -25.44 -13.57 57.93
N LYS B 134 -25.93 -12.66 58.77
CA LYS B 134 -25.11 -11.66 59.45
C LYS B 134 -25.55 -11.49 60.92
N GLU B 135 -24.66 -11.85 61.86
CA GLU B 135 -24.91 -11.88 63.32
C GLU B 135 -26.12 -12.76 63.67
N SER B 136 -26.09 -14.00 63.16
CA SER B 136 -27.18 -14.98 63.31
C SER B 136 -28.57 -14.60 62.73
N ASN B 137 -28.71 -13.42 62.11
CA ASN B 137 -29.96 -12.98 61.49
C ASN B 137 -29.88 -13.24 59.99
N ILE B 138 -31.01 -13.66 59.42
CA ILE B 138 -31.15 -13.95 58.00
C ILE B 138 -32.45 -13.29 57.52
N PRO B 139 -32.44 -12.68 56.32
CA PRO B 139 -33.70 -12.25 55.73
C PRO B 139 -34.54 -13.41 55.22
N GLU B 140 -35.84 -13.15 55.03
CA GLU B 140 -36.78 -14.13 54.51
C GLU B 140 -36.91 -13.86 53.04
N VAL B 141 -36.29 -14.73 52.23
CA VAL B 141 -36.19 -14.52 50.78
C VAL B 141 -36.51 -15.76 49.97
N ASN B 142 -36.92 -15.54 48.73
CA ASN B 142 -37.09 -16.57 47.72
C ASN B 142 -36.10 -16.28 46.59
N ILE B 143 -35.20 -17.24 46.34
CA ILE B 143 -34.14 -17.10 45.34
C ILE B 143 -34.17 -18.28 44.37
N THR B 144 -34.16 -17.97 43.07
CA THR B 144 -33.67 -18.88 42.03
C THR B 144 -32.49 -18.17 41.36
N ASP B 145 -31.47 -18.94 41.00
CA ASP B 145 -30.17 -18.37 40.63
C ASP B 145 -29.34 -19.32 39.76
N TYR B 146 -28.58 -18.73 38.85
CA TYR B 146 -27.77 -19.47 37.88
C TYR B 146 -26.81 -18.51 37.13
N PRO B 147 -25.71 -19.04 36.57
CA PRO B 147 -24.71 -18.18 35.93
C PRO B 147 -25.07 -17.73 34.50
N THR B 148 -24.62 -16.54 34.11
CA THR B 148 -24.67 -16.06 32.72
C THR B 148 -23.67 -16.85 31.88
N VAL B 149 -22.41 -16.80 32.30
CA VAL B 149 -21.28 -17.41 31.60
C VAL B 149 -20.96 -18.77 32.24
N SER B 150 -20.71 -19.76 31.39
CA SER B 150 -20.52 -21.15 31.81
C SER B 150 -19.21 -21.37 32.61
N ALA B 151 -18.10 -20.84 32.09
CA ALA B 151 -16.77 -20.96 32.74
C ALA B 151 -16.31 -19.58 33.19
N ARG B 152 -16.04 -19.46 34.49
CA ARG B 152 -15.80 -18.17 35.16
C ARG B 152 -14.60 -18.33 36.07
N GLY B 153 -13.54 -17.53 35.88
CA GLY B 153 -12.39 -17.66 36.76
C GLY B 153 -11.13 -16.86 36.54
N ILE B 154 -10.02 -17.49 36.93
CA ILE B 154 -8.69 -16.90 36.96
C ILE B 154 -7.76 -17.71 36.08
N VAL B 155 -6.87 -16.99 35.39
CA VAL B 155 -5.69 -17.57 34.78
C VAL B 155 -4.47 -16.97 35.49
N GLU B 156 -3.75 -17.78 36.27
CA GLU B 156 -2.45 -17.38 36.81
C GLU B 156 -1.48 -17.49 35.64
N GLY B 157 -1.37 -16.40 34.87
CA GLY B 157 -0.59 -16.34 33.63
C GLY B 157 0.35 -15.16 33.50
N PHE B 158 0.70 -14.55 34.63
CA PHE B 158 1.52 -13.32 34.68
C PHE B 158 3.00 -13.66 34.73
N TYR B 159 3.82 -12.65 34.49
CA TYR B 159 5.26 -12.67 34.80
C TYR B 159 5.48 -12.12 36.21
N GLY B 160 6.52 -12.61 36.86
CA GLY B 160 6.87 -12.27 38.23
C GLY B 160 6.79 -13.49 39.10
N THR B 161 7.13 -13.29 40.39
CA THR B 161 7.11 -14.36 41.39
C THR B 161 5.73 -15.05 41.38
N PRO B 162 5.68 -16.36 41.01
CA PRO B 162 4.38 -17.05 41.03
C PRO B 162 3.81 -17.14 42.41
N TRP B 163 2.48 -17.32 42.46
CA TRP B 163 1.77 -17.45 43.72
C TRP B 163 2.33 -18.62 44.53
N THR B 164 2.34 -18.46 45.85
CA THR B 164 2.77 -19.54 46.72
C THR B 164 1.71 -20.61 46.73
N HIS B 165 2.09 -21.80 47.16
CA HIS B 165 1.15 -22.91 47.30
C HIS B 165 0.01 -22.54 48.25
N GLN B 166 0.35 -21.88 49.35
CA GLN B 166 -0.62 -21.37 50.33
C GLN B 166 -1.53 -20.27 49.74
N ASP B 167 -0.96 -19.35 48.95
CA ASP B 167 -1.76 -18.38 48.16
C ASP B 167 -2.80 -19.09 47.28
N ARG B 168 -2.39 -20.13 46.57
CA ARG B 168 -3.28 -20.86 45.65
C ARG B 168 -4.43 -21.63 46.33
N LEU B 169 -4.10 -22.36 47.40
CA LEU B 169 -5.12 -23.01 48.25
C LEU B 169 -6.16 -22.02 48.78
N ASP B 170 -5.68 -20.87 49.28
CA ASP B 170 -6.57 -19.79 49.75
C ASP B 170 -7.44 -19.19 48.61
N GLN B 171 -6.82 -18.99 47.45
CA GLN B 171 -7.52 -18.50 46.25
C GLN B 171 -8.62 -19.46 45.79
N ILE B 172 -8.35 -20.76 45.81
CA ILE B 172 -9.32 -21.79 45.41
C ILE B 172 -10.57 -21.79 46.32
N LYS B 173 -10.36 -21.65 47.63
CA LYS B 173 -11.47 -21.45 48.59
C LYS B 173 -12.26 -20.20 48.26
N PHE B 174 -11.53 -19.11 48.05
CA PHE B 174 -12.09 -17.81 47.67
C PHE B 174 -12.95 -17.88 46.40
N TYR B 175 -12.51 -18.65 45.41
CA TYR B 175 -13.25 -18.85 44.15
C TYR B 175 -14.55 -19.60 44.38
N GLY B 176 -14.49 -20.67 45.18
CA GLY B 176 -15.66 -21.42 45.61
C GLY B 176 -16.69 -20.53 46.31
N GLU B 177 -16.22 -19.68 47.22
CA GLU B 177 -17.08 -18.75 47.95
C GLU B 177 -17.83 -17.72 47.10
N ASN B 178 -17.28 -17.39 45.93
CA ASN B 178 -17.86 -16.43 45.01
C ASN B 178 -18.32 -17.04 43.69
N LYS B 179 -18.50 -18.36 43.67
CA LYS B 179 -19.05 -19.09 42.53
C LYS B 179 -18.20 -19.01 41.26
N LEU B 180 -16.89 -18.85 41.43
CA LEU B 180 -15.93 -18.93 40.32
C LEU B 180 -15.53 -20.40 40.22
N ASN B 181 -15.53 -20.94 39.00
CA ASN B 181 -15.39 -22.39 38.75
C ASN B 181 -14.19 -22.80 37.90
N THR B 182 -13.28 -21.87 37.60
CA THR B 182 -12.12 -22.14 36.73
C THR B 182 -10.86 -21.50 37.34
N TYR B 183 -9.81 -22.31 37.48
CA TYR B 183 -8.49 -21.84 37.83
C TYR B 183 -7.50 -22.47 36.86
N ILE B 184 -6.88 -21.63 36.02
CA ILE B 184 -5.89 -22.05 35.04
C ILE B 184 -4.49 -21.80 35.58
N TYR B 185 -3.74 -22.90 35.73
CA TYR B 185 -2.36 -22.86 36.18
C TYR B 185 -1.48 -22.62 34.94
N ALA B 186 -0.91 -21.41 34.83
CA ALA B 186 0.04 -21.12 33.76
C ALA B 186 1.04 -19.99 34.07
N PRO B 187 1.68 -20.01 35.27
CA PRO B 187 2.59 -18.92 35.61
C PRO B 187 3.82 -18.93 34.71
N LYS B 188 4.10 -17.77 34.11
CA LYS B 188 5.19 -17.64 33.13
C LYS B 188 6.56 -18.03 33.70
N ASP B 189 6.81 -17.68 34.97
CA ASP B 189 8.10 -17.91 35.62
C ASP B 189 8.25 -19.24 36.37
N ASP B 190 7.24 -20.12 36.27
CA ASP B 190 7.42 -21.53 36.64
C ASP B 190 8.23 -22.18 35.50
N PRO B 191 9.51 -22.59 35.77
CA PRO B 191 10.30 -23.24 34.71
C PRO B 191 9.63 -24.47 34.08
N TYR B 192 8.96 -25.27 34.91
CA TYR B 192 8.31 -26.51 34.44
C TYR B 192 7.02 -26.26 33.63
N HIS B 193 6.47 -25.05 33.70
CA HIS B 193 5.38 -24.61 32.82
C HIS B 193 5.81 -24.20 31.42
N ARG B 194 6.98 -23.56 31.29
CA ARG B 194 7.35 -22.85 30.06
C ARG B 194 8.81 -23.04 29.64
N GLU B 195 9.75 -22.47 30.38
CA GLU B 195 11.19 -22.50 30.02
C GLU B 195 11.71 -23.94 29.83
N LYS B 196 11.42 -24.78 30.82
CA LYS B 196 11.79 -26.21 30.84
C LYS B 196 10.52 -27.06 30.85
N TRP B 197 9.65 -26.77 29.88
CA TRP B 197 8.31 -27.41 29.76
C TRP B 197 8.29 -28.93 29.56
N ARG B 198 9.33 -29.49 28.91
CA ARG B 198 9.48 -30.95 28.79
C ARG B 198 9.73 -31.64 30.14
N GLU B 199 10.43 -30.96 31.06
CA GLU B 199 10.92 -31.60 32.29
C GLU B 199 9.79 -31.90 33.28
N PRO B 200 9.84 -33.07 33.95
CA PRO B 200 8.81 -33.38 34.95
C PRO B 200 8.97 -32.56 36.22
N TYR B 201 7.84 -32.23 36.83
CA TYR B 201 7.83 -31.58 38.14
C TYR B 201 8.50 -32.48 39.18
N PRO B 202 9.26 -31.91 40.15
CA PRO B 202 9.74 -32.70 41.30
C PRO B 202 8.56 -33.27 42.11
N GLU B 203 8.77 -34.42 42.75
CA GLU B 203 7.79 -35.06 43.63
C GLU B 203 7.15 -34.10 44.63
N SER B 204 7.95 -33.25 45.27
CA SER B 204 7.45 -32.27 46.23
C SER B 204 6.43 -31.31 45.59
N GLU B 205 6.73 -30.88 44.37
CA GLU B 205 5.83 -30.04 43.58
C GLU B 205 4.61 -30.81 43.06
N MET B 206 4.80 -32.07 42.66
CA MET B 206 3.67 -32.96 42.30
C MET B 206 2.68 -33.21 43.43
N GLN B 207 3.19 -33.36 44.66
CA GLN B 207 2.36 -33.44 45.88
C GLN B 207 1.56 -32.16 46.11
N ARG B 208 2.18 -31.02 45.87
CA ARG B 208 1.50 -29.73 45.97
C ARG B 208 0.41 -29.60 44.89
N MET B 209 0.70 -30.07 43.67
CA MET B 209 -0.31 -30.12 42.60
C MET B 209 -1.53 -30.97 42.97
N GLN B 210 -1.27 -32.15 43.54
CA GLN B 210 -2.34 -33.03 44.05
C GLN B 210 -3.26 -32.30 45.04
N GLU B 211 -2.65 -31.55 45.96
CA GLU B 211 -3.36 -30.70 46.93
C GLU B 211 -4.23 -29.62 46.27
N LEU B 212 -3.69 -28.96 45.24
CA LEU B 212 -4.46 -28.01 44.44
C LEU B 212 -5.63 -28.62 43.68
N ILE B 213 -5.42 -29.82 43.14
CA ILE B 213 -6.46 -30.59 42.46
C ILE B 213 -7.59 -31.02 43.42
N ASN B 214 -7.21 -31.53 44.58
CA ASN B 214 -8.17 -31.93 45.62
C ASN B 214 -8.99 -30.75 46.12
N ALA B 215 -8.31 -29.65 46.43
CA ALA B 215 -8.96 -28.40 46.84
C ALA B 215 -9.90 -27.85 45.76
N SER B 216 -9.49 -27.96 44.48
CA SER B 216 -10.30 -27.49 43.36
C SER B 216 -11.61 -28.28 43.26
N ALA B 217 -11.51 -29.61 43.34
CA ALA B 217 -12.68 -30.50 43.41
C ALA B 217 -13.61 -30.19 44.61
N GLU B 218 -13.02 -30.02 45.78
CA GLU B 218 -13.73 -29.59 47.03
C GLU B 218 -14.55 -28.30 46.89
N ASN B 219 -14.08 -27.38 46.04
CA ASN B 219 -14.72 -26.08 45.82
C ASN B 219 -15.40 -25.90 44.47
N LYS B 220 -15.69 -27.02 43.79
CA LYS B 220 -16.34 -27.03 42.46
C LYS B 220 -15.60 -26.22 41.37
N VAL B 221 -14.27 -26.17 41.49
CA VAL B 221 -13.38 -25.45 40.56
C VAL B 221 -12.76 -26.49 39.63
N ASP B 222 -12.79 -26.20 38.33
CA ASP B 222 -11.98 -26.92 37.34
C ASP B 222 -10.53 -26.43 37.38
N PHE B 223 -9.63 -27.27 37.87
CA PHE B 223 -8.19 -27.04 37.75
C PHE B 223 -7.78 -27.31 36.30
N VAL B 224 -7.40 -26.25 35.59
CA VAL B 224 -6.90 -26.36 34.22
C VAL B 224 -5.37 -26.34 34.28
N PHE B 225 -4.74 -27.45 33.89
CA PHE B 225 -3.29 -27.53 33.81
C PHE B 225 -2.82 -26.95 32.48
N GLY B 226 -2.07 -25.85 32.54
CA GLY B 226 -1.53 -25.18 31.35
C GLY B 226 -0.11 -25.64 31.05
N ILE B 227 0.21 -25.79 29.76
CA ILE B 227 1.60 -25.97 29.28
C ILE B 227 1.83 -24.91 28.20
N SER B 228 3.02 -24.30 28.23
CA SER B 228 3.42 -23.27 27.27
C SER B 228 4.74 -23.68 26.58
N PRO B 229 4.64 -24.49 25.50
CA PRO B 229 5.84 -25.05 24.85
C PRO B 229 6.45 -24.25 23.72
N GLY B 230 5.88 -23.09 23.39
CA GLY B 230 6.18 -22.40 22.15
C GLY B 230 7.57 -21.82 21.94
N ILE B 231 8.32 -21.61 23.03
CA ILE B 231 9.67 -21.02 22.94
C ILE B 231 10.60 -21.87 22.08
N ASP B 232 10.60 -23.20 22.30
CA ASP B 232 11.52 -24.12 21.58
C ASP B 232 10.95 -25.47 21.10
N ILE B 233 9.63 -25.63 21.11
CA ILE B 233 9.01 -26.87 20.60
C ILE B 233 9.36 -27.07 19.12
N ARG B 234 9.66 -28.31 18.76
CA ARG B 234 9.94 -28.72 17.38
C ARG B 234 8.71 -29.43 16.83
N PHE B 235 8.42 -29.21 15.54
CA PHE B 235 7.19 -29.69 14.89
C PHE B 235 7.33 -30.83 13.88
N ASP B 236 8.44 -30.87 13.16
CA ASP B 236 8.65 -31.83 12.05
C ASP B 236 9.58 -32.98 12.40
N GLY B 237 9.40 -34.10 11.69
CA GLY B 237 10.29 -35.26 11.80
C GLY B 237 10.29 -35.93 13.16
N ASP B 238 11.40 -36.59 13.47
CA ASP B 238 11.59 -37.32 14.73
C ASP B 238 11.62 -36.39 15.95
N ALA B 239 12.19 -35.18 15.78
CA ALA B 239 12.18 -34.13 16.82
C ALA B 239 10.77 -33.65 17.17
N GLY B 240 9.95 -33.52 16.14
CA GLY B 240 8.51 -33.26 16.28
C GLY B 240 7.71 -34.32 17.02
N GLU B 241 8.01 -35.59 16.73
CA GLU B 241 7.40 -36.73 17.46
C GLU B 241 7.81 -36.77 18.92
N GLU B 242 9.11 -36.65 19.17
CA GLU B 242 9.69 -36.60 20.54
C GLU B 242 9.04 -35.50 21.39
N ASP B 243 9.00 -34.28 20.84
CA ASP B 243 8.39 -33.13 21.53
C ASP B 243 6.87 -33.25 21.74
N PHE B 244 6.15 -33.79 20.77
CA PHE B 244 4.72 -34.09 20.97
C PHE B 244 4.49 -35.10 22.10
N ASN B 245 5.32 -36.14 22.13
CA ASN B 245 5.26 -37.13 23.22
C ASN B 245 5.67 -36.58 24.59
N HIS B 246 6.56 -35.60 24.63
CA HIS B 246 6.82 -34.83 25.86
C HIS B 246 5.59 -34.09 26.40
N LEU B 247 4.80 -33.47 25.50
CA LEU B 247 3.51 -32.86 25.87
C LEU B 247 2.52 -33.84 26.44
N ILE B 248 2.38 -34.99 25.77
CA ILE B 248 1.48 -36.08 26.20
C ILE B 248 1.91 -36.59 27.57
N THR B 249 3.20 -36.88 27.73
CA THR B 249 3.79 -37.37 28.98
C THR B 249 3.52 -36.43 30.15
N LYS B 250 3.77 -35.14 29.92
CA LYS B 250 3.58 -34.09 30.93
C LYS B 250 2.11 -33.94 31.32
N ALA B 251 1.24 -33.88 30.32
CA ALA B 251 -0.21 -33.87 30.52
C ALA B 251 -0.71 -35.11 31.25
N GLU B 252 -0.18 -36.27 30.86
CA GLU B 252 -0.51 -37.56 31.48
C GLU B 252 -0.19 -37.58 32.97
N SER B 253 0.98 -37.05 33.34
CA SER B 253 1.41 -36.99 34.75
C SER B 253 0.40 -36.28 35.65
N LEU B 254 -0.21 -35.23 35.12
CA LEU B 254 -1.22 -34.42 35.83
C LEU B 254 -2.59 -35.07 35.76
N TYR B 255 -2.93 -35.66 34.60
CA TYR B 255 -4.14 -36.48 34.44
C TYR B 255 -4.23 -37.59 35.48
N ASP B 256 -3.11 -38.25 35.73
CA ASP B 256 -3.05 -39.35 36.71
C ASP B 256 -3.25 -38.94 38.16
N MET B 257 -3.11 -37.66 38.49
CA MET B 257 -3.51 -37.08 39.79
C MET B 257 -4.92 -36.46 39.84
N GLY B 258 -5.66 -36.52 38.73
CA GLY B 258 -7.06 -36.07 38.67
C GLY B 258 -7.40 -34.87 37.78
N VAL B 259 -6.41 -34.32 37.07
CA VAL B 259 -6.64 -33.16 36.19
C VAL B 259 -7.45 -33.60 34.97
N ARG B 260 -8.59 -32.94 34.73
CA ARG B 260 -9.46 -33.22 33.58
C ARG B 260 -9.73 -32.00 32.68
N SER B 261 -8.93 -30.94 32.84
CA SER B 261 -8.96 -29.78 31.96
C SER B 261 -7.53 -29.36 31.68
N PHE B 262 -7.24 -29.01 30.42
CA PHE B 262 -5.89 -28.74 29.96
C PHE B 262 -5.88 -27.54 29.03
N ALA B 263 -4.78 -26.79 29.11
CA ALA B 263 -4.51 -25.67 28.20
C ALA B 263 -3.11 -25.80 27.60
N ILE B 264 -3.00 -25.47 26.31
CA ILE B 264 -1.71 -25.39 25.60
C ILE B 264 -1.66 -24.00 24.97
N TYR B 265 -0.74 -23.17 25.44
CA TYR B 265 -0.71 -21.75 25.10
C TYR B 265 0.45 -21.40 24.19
N TRP B 266 0.19 -20.47 23.26
CA TRP B 266 1.14 -20.00 22.25
C TRP B 266 1.42 -18.48 22.33
N ASP B 267 1.17 -17.88 23.49
CA ASP B 267 1.34 -16.44 23.67
C ASP B 267 2.78 -16.05 23.96
N ASN B 268 3.18 -14.88 23.45
CA ASN B 268 4.46 -14.22 23.76
C ASN B 268 5.70 -15.05 23.36
N ILE B 269 5.66 -15.58 22.14
CA ILE B 269 6.75 -16.38 21.58
C ILE B 269 7.16 -15.83 20.22
N GLN B 270 8.42 -16.07 19.86
CA GLN B 270 8.96 -15.69 18.55
C GLN B 270 8.30 -16.43 17.39
N ASP B 271 8.13 -17.75 17.54
CA ASP B 271 7.60 -18.60 16.46
C ASP B 271 6.11 -18.32 16.18
N LYS B 272 5.79 -18.09 14.90
CA LYS B 272 4.43 -17.84 14.42
C LYS B 272 4.11 -18.83 13.28
N SER B 273 4.34 -20.11 13.56
CA SER B 273 4.01 -21.21 12.63
C SER B 273 2.57 -21.65 12.90
N ALA B 274 1.62 -20.91 12.30
CA ALA B 274 0.18 -20.98 12.61
C ALA B 274 -0.42 -22.36 12.44
N ALA B 275 -0.19 -22.94 11.26
CA ALA B 275 -0.64 -24.30 10.92
C ALA B 275 -0.11 -25.35 11.89
N LYS B 276 1.18 -25.22 12.21
CA LYS B 276 1.87 -26.12 13.13
C LYS B 276 1.39 -26.00 14.58
N HIS B 277 1.11 -24.77 15.04
CA HIS B 277 0.50 -24.57 16.39
C HIS B 277 -0.84 -25.26 16.50
N ALA B 278 -1.71 -25.00 15.54
CA ALA B 278 -3.04 -25.62 15.46
C ALA B 278 -3.00 -27.13 15.29
N GLN B 279 -2.02 -27.62 14.52
CA GLN B 279 -1.84 -29.07 14.32
C GLN B 279 -1.43 -29.80 15.59
N VAL B 280 -0.54 -29.19 16.39
CA VAL B 280 -0.22 -29.69 17.75
C VAL B 280 -1.48 -29.78 18.62
N LEU B 281 -2.32 -28.75 18.56
CA LEU B 281 -3.56 -28.71 19.34
C LEU B 281 -4.55 -29.77 18.89
N ASN B 282 -4.75 -29.88 17.58
CA ASN B 282 -5.65 -30.89 16.99
C ASN B 282 -5.22 -32.32 17.29
N ARG B 283 -3.91 -32.56 17.27
CA ARG B 283 -3.38 -33.89 17.59
C ARG B 283 -3.52 -34.21 19.07
N PHE B 284 -3.25 -33.23 19.93
CA PHE B 284 -3.53 -33.38 21.36
C PHE B 284 -5.02 -33.60 21.63
N ASN B 285 -5.87 -32.87 20.91
CA ASN B 285 -7.33 -33.02 21.01
C ASN B 285 -7.79 -34.45 20.65
N GLU B 286 -7.21 -34.99 19.57
CA GLU B 286 -7.51 -36.34 19.10
C GLU B 286 -6.93 -37.41 20.02
N GLU B 287 -5.61 -37.39 20.21
CA GLU B 287 -4.89 -38.47 20.88
C GLU B 287 -4.97 -38.45 22.41
N PHE B 288 -5.38 -37.32 23.01
CA PHE B 288 -5.45 -37.18 24.47
C PHE B 288 -6.88 -36.85 24.91
N VAL B 289 -7.40 -35.69 24.50
CA VAL B 289 -8.70 -35.20 24.99
C VAL B 289 -9.81 -36.19 24.66
N LYS B 290 -9.99 -36.46 23.37
CA LYS B 290 -10.97 -37.46 22.90
C LYS B 290 -10.68 -38.89 23.35
N ALA B 291 -9.39 -39.25 23.35
CA ALA B 291 -8.91 -40.57 23.81
C ALA B 291 -9.32 -40.89 25.25
N LYS B 292 -9.06 -39.96 26.17
CA LYS B 292 -9.41 -40.15 27.58
C LYS B 292 -10.91 -40.18 27.82
N GLY B 293 -11.67 -39.40 27.04
CA GLY B 293 -13.12 -39.42 27.10
C GLY B 293 -13.81 -38.64 28.22
N ASP B 294 -13.09 -38.33 29.31
CA ASP B 294 -13.62 -37.56 30.46
C ASP B 294 -12.86 -36.24 30.66
N VAL B 295 -12.26 -35.73 29.59
CA VAL B 295 -11.48 -34.49 29.60
C VAL B 295 -12.33 -33.39 28.96
N LYS B 296 -12.36 -32.23 29.61
CA LYS B 296 -13.13 -31.07 29.12
C LYS B 296 -12.45 -30.48 27.88
N PRO B 297 -13.14 -29.59 27.13
CA PRO B 297 -12.55 -29.08 25.88
C PRO B 297 -11.17 -28.44 26.06
N LEU B 298 -10.26 -28.72 25.12
CA LEU B 298 -8.91 -28.17 25.16
C LEU B 298 -8.95 -26.66 25.04
N ILE B 299 -8.14 -25.99 25.85
CA ILE B 299 -8.06 -24.51 25.86
C ILE B 299 -6.74 -24.10 25.20
N THR B 300 -6.79 -23.03 24.41
CA THR B 300 -5.58 -22.45 23.84
C THR B 300 -5.64 -20.94 23.78
N CYS B 301 -4.49 -20.37 23.44
CA CYS B 301 -4.35 -18.95 23.16
C CYS B 301 -3.36 -18.81 22.01
N PRO B 302 -3.78 -18.19 20.87
CA PRO B 302 -2.82 -18.06 19.77
C PRO B 302 -1.75 -16.99 20.04
N THR B 303 -0.70 -17.01 19.24
CA THR B 303 0.37 -16.02 19.33
C THR B 303 -0.13 -14.60 19.02
N GLU B 304 -1.03 -14.48 18.05
CA GLU B 304 -1.85 -13.28 17.85
C GLU B 304 -3.12 -13.48 18.70
N TYR B 305 -3.19 -12.76 19.82
CA TYR B 305 -4.29 -12.87 20.79
C TYR B 305 -5.01 -11.56 21.19
N ASP B 306 -4.57 -10.41 20.68
CA ASP B 306 -5.31 -9.16 20.79
C ASP B 306 -5.68 -8.70 19.39
N THR B 307 -6.75 -7.92 19.27
CA THR B 307 -7.31 -7.55 17.96
C THR B 307 -6.33 -6.75 17.10
N GLY B 308 -5.56 -5.85 17.73
CA GLY B 308 -4.46 -5.13 17.09
C GLY B 308 -3.44 -6.04 16.40
N ALA B 309 -3.13 -7.17 17.04
CA ALA B 309 -2.24 -8.21 16.49
C ALA B 309 -2.92 -9.20 15.54
N MET B 310 -4.22 -9.41 15.71
CA MET B 310 -4.99 -10.42 14.96
C MET B 310 -5.58 -9.88 13.67
N VAL B 311 -5.97 -8.61 13.66
CA VAL B 311 -6.77 -8.01 12.60
C VAL B 311 -6.02 -6.83 11.98
N SER B 312 -6.16 -6.70 10.66
CA SER B 312 -5.65 -5.57 9.89
C SER B 312 -6.69 -5.21 8.81
N ASN B 313 -7.16 -3.96 8.82
CA ASN B 313 -8.18 -3.43 7.89
C ASN B 313 -9.47 -4.26 7.90
N GLY B 314 -9.94 -4.59 9.11
CA GLY B 314 -11.13 -5.45 9.30
C GLY B 314 -11.04 -6.93 8.95
N GLN B 315 -9.88 -7.41 8.47
CA GLN B 315 -9.66 -8.77 8.02
C GLN B 315 -8.59 -9.42 8.91
N PRO B 316 -8.69 -10.76 9.13
CA PRO B 316 -7.66 -11.42 9.94
C PRO B 316 -6.30 -11.42 9.25
N ARG B 317 -5.26 -11.21 10.03
CA ARG B 317 -3.89 -11.35 9.55
C ARG B 317 -3.56 -12.81 9.27
N ALA B 318 -2.46 -13.01 8.54
CA ALA B 318 -2.07 -14.31 8.00
C ALA B 318 -2.06 -15.44 9.05
N TYR B 319 -1.41 -15.19 10.18
CA TYR B 319 -1.30 -16.19 11.26
C TYR B 319 -2.69 -16.56 11.79
N THR B 320 -3.47 -15.53 12.14
CA THR B 320 -4.83 -15.70 12.69
C THR B 320 -5.77 -16.42 11.72
N ARG B 321 -5.73 -16.04 10.43
CA ARG B 321 -6.52 -16.72 9.39
C ARG B 321 -6.21 -18.22 9.33
N ILE B 322 -4.91 -18.53 9.26
CA ILE B 322 -4.43 -19.92 9.19
C ILE B 322 -4.76 -20.71 10.46
N PHE B 323 -4.55 -20.09 11.62
CA PHE B 323 -4.88 -20.69 12.92
C PHE B 323 -6.37 -21.01 13.02
N ALA B 324 -7.20 -20.01 12.71
CA ALA B 324 -8.68 -20.14 12.75
C ALA B 324 -9.24 -21.20 11.81
N GLU B 325 -8.72 -21.25 10.57
CA GLU B 325 -9.14 -22.26 9.59
C GLU B 325 -8.68 -23.69 9.96
N THR B 326 -7.56 -23.79 10.68
CA THR B 326 -6.96 -25.09 11.02
C THR B 326 -7.50 -25.66 12.32
N VAL B 327 -7.60 -24.84 13.37
CA VAL B 327 -7.88 -25.33 14.73
C VAL B 327 -9.27 -25.96 14.86
N ASP B 328 -9.35 -27.10 15.58
CA ASP B 328 -10.62 -27.87 15.73
C ASP B 328 -11.72 -27.02 16.39
N PRO B 329 -12.99 -27.13 15.91
CA PRO B 329 -14.11 -26.35 16.47
C PRO B 329 -14.36 -26.47 17.99
N SER B 330 -14.12 -27.65 18.56
CA SER B 330 -14.30 -27.88 20.00
C SER B 330 -13.29 -27.18 20.91
N ILE B 331 -12.15 -26.73 20.36
CA ILE B 331 -11.09 -26.09 21.14
C ILE B 331 -11.51 -24.68 21.53
N GLU B 332 -11.35 -24.35 22.81
CA GLU B 332 -11.60 -22.99 23.33
C GLU B 332 -10.40 -22.12 23.01
N VAL B 333 -10.64 -21.01 22.32
CA VAL B 333 -9.60 -20.06 21.93
C VAL B 333 -9.78 -18.80 22.77
N MET B 334 -8.69 -18.40 23.45
CA MET B 334 -8.67 -17.19 24.26
C MET B 334 -8.17 -16.02 23.45
N TRP B 335 -8.74 -14.85 23.74
CA TRP B 335 -8.19 -13.56 23.29
C TRP B 335 -8.41 -12.51 24.40
N THR B 336 -7.69 -11.40 24.31
CA THR B 336 -7.58 -10.42 25.41
C THR B 336 -8.39 -9.14 25.25
N GLY B 337 -9.12 -9.04 24.14
CA GLY B 337 -9.77 -7.81 23.71
C GLY B 337 -8.99 -7.07 22.62
N PRO B 338 -9.35 -5.80 22.35
CA PRO B 338 -8.70 -4.93 21.35
C PRO B 338 -7.16 -4.75 21.46
N GLY B 339 -6.63 -4.93 22.66
CA GLY B 339 -5.19 -4.87 22.94
C GLY B 339 -4.87 -5.83 24.08
N VAL B 340 -3.60 -5.91 24.42
CA VAL B 340 -3.10 -6.80 25.49
C VAL B 340 -3.66 -6.31 26.82
N VAL B 341 -3.46 -5.03 27.08
CA VAL B 341 -4.05 -4.30 28.21
C VAL B 341 -4.78 -3.11 27.58
N THR B 342 -6.11 -3.12 27.66
CA THR B 342 -6.94 -2.14 26.97
C THR B 342 -8.16 -1.72 27.83
N ASN B 343 -8.67 -0.53 27.54
CA ASN B 343 -9.78 0.06 28.32
C ASN B 343 -11.04 -0.79 28.30
N GLU B 344 -11.37 -1.32 27.12
CA GLU B 344 -12.68 -1.94 26.88
C GLU B 344 -12.59 -3.18 26.04
N ILE B 345 -13.61 -4.04 26.16
CA ILE B 345 -13.97 -4.98 25.10
C ILE B 345 -15.41 -4.57 24.71
N PRO B 346 -15.57 -3.75 23.66
CA PRO B 346 -16.91 -3.48 23.17
C PRO B 346 -17.44 -4.68 22.41
N LEU B 347 -18.76 -4.76 22.31
CA LEU B 347 -19.43 -5.91 21.69
C LEU B 347 -18.95 -6.15 20.25
N SER B 348 -18.70 -5.06 19.51
CA SER B 348 -18.19 -5.14 18.13
C SER B 348 -16.87 -5.90 18.00
N ASP B 349 -16.00 -5.76 19.00
CA ASP B 349 -14.73 -6.51 19.05
C ASP B 349 -14.95 -8.01 19.23
N ALA B 350 -15.82 -8.36 20.16
CA ALA B 350 -16.25 -9.75 20.37
C ALA B 350 -16.88 -10.34 19.11
N GLN B 351 -17.76 -9.55 18.48
CA GLN B 351 -18.37 -9.87 17.16
C GLN B 351 -17.37 -10.20 16.06
N LEU B 352 -16.39 -9.32 15.93
CA LEU B 352 -15.30 -9.44 14.97
C LEU B 352 -14.49 -10.72 15.13
N ILE B 353 -14.02 -10.94 16.36
CA ILE B 353 -13.12 -12.05 16.67
C ILE B 353 -13.87 -13.38 16.70
N SER B 354 -15.04 -13.39 17.32
CA SER B 354 -15.95 -14.57 17.27
C SER B 354 -16.27 -14.99 15.84
N GLY B 355 -16.58 -14.02 14.99
CA GLY B 355 -16.81 -14.23 13.57
C GLY B 355 -15.64 -14.86 12.83
N ILE B 356 -14.44 -14.34 13.10
CA ILE B 356 -13.18 -14.90 12.54
C ILE B 356 -12.98 -16.37 12.92
N TYR B 357 -13.18 -16.69 14.19
CA TYR B 357 -13.02 -18.06 14.70
C TYR B 357 -14.27 -18.95 14.59
N ASP B 358 -15.40 -18.35 14.21
CA ASP B 358 -16.67 -19.04 13.99
C ASP B 358 -17.12 -19.84 15.24
N ARG B 359 -16.97 -19.21 16.40
CA ARG B 359 -17.25 -19.85 17.68
C ARG B 359 -17.36 -18.80 18.79
N ASN B 360 -18.01 -19.20 19.87
CA ASN B 360 -17.98 -18.41 21.11
C ASN B 360 -16.55 -18.43 21.63
N MET B 361 -16.07 -17.25 22.03
CA MET B 361 -14.68 -17.06 22.42
C MET B 361 -14.49 -17.20 23.92
N ALA B 362 -13.23 -17.34 24.31
CA ALA B 362 -12.80 -17.27 25.69
C ALA B 362 -12.05 -15.96 25.88
N VAL B 363 -12.19 -15.34 27.06
CA VAL B 363 -11.50 -14.08 27.39
C VAL B 363 -10.39 -14.33 28.40
N TRP B 364 -9.19 -13.84 28.07
CA TRP B 364 -8.07 -13.67 28.99
C TRP B 364 -8.03 -12.17 29.22
N TRP B 365 -8.61 -11.71 30.33
CA TRP B 365 -8.69 -10.26 30.62
C TRP B 365 -7.51 -9.83 31.50
N ASN B 366 -6.70 -8.91 31.00
CA ASN B 366 -5.50 -8.45 31.70
C ASN B 366 -5.73 -7.28 32.63
N TYR B 367 -6.53 -7.59 33.66
CA TYR B 367 -6.78 -6.74 34.81
C TYR B 367 -7.32 -7.67 35.89
N PRO B 368 -6.78 -7.68 37.12
CA PRO B 368 -5.90 -6.65 37.69
C PRO B 368 -4.39 -6.86 37.54
N VAL B 369 -3.92 -7.75 36.65
CA VAL B 369 -2.47 -8.01 36.48
C VAL B 369 -1.66 -6.70 36.35
N THR B 370 -0.54 -6.63 37.07
CA THR B 370 0.32 -5.43 37.12
C THR B 370 1.80 -5.68 36.74
N ASP B 371 2.11 -6.82 36.10
CA ASP B 371 3.52 -7.20 35.78
C ASP B 371 4.26 -6.21 34.87
N TYR B 372 3.49 -5.52 34.02
CA TYR B 372 3.94 -4.38 33.18
C TYR B 372 4.11 -3.03 33.89
N PHE B 373 3.61 -2.88 35.12
CA PHE B 373 3.65 -1.63 35.88
C PHE B 373 3.44 -1.96 37.37
N LYS B 374 4.44 -2.63 37.94
CA LYS B 374 4.33 -3.25 39.27
C LYS B 374 4.21 -2.29 40.43
N GLY B 375 4.64 -1.04 40.26
CA GLY B 375 4.53 -0.01 41.28
C GLY B 375 3.12 0.30 41.78
N LYS B 376 2.14 0.16 40.89
CA LYS B 376 0.73 0.37 41.24
C LYS B 376 -0.03 -0.92 41.43
N LEU B 377 -0.91 -0.92 42.43
CA LEU B 377 -1.87 -2.01 42.68
C LEU B 377 -3.19 -1.72 41.95
N ALA B 378 -3.70 -2.71 41.22
CA ALA B 378 -4.98 -2.60 40.50
C ALA B 378 -6.12 -3.15 41.38
N LEU B 379 -6.78 -2.23 42.08
CA LEU B 379 -7.77 -2.56 43.11
C LEU B 379 -9.19 -2.13 42.70
N GLY B 380 -9.41 -1.99 41.39
CA GLY B 380 -10.68 -1.56 40.84
C GLY B 380 -11.53 -2.72 40.33
N PRO B 381 -12.77 -2.41 39.92
CA PRO B 381 -13.69 -3.41 39.43
C PRO B 381 -13.45 -3.74 37.97
N MET B 382 -14.09 -4.81 37.51
CA MET B 382 -14.24 -5.05 36.07
C MET B 382 -14.87 -3.80 35.46
N HIS B 383 -14.22 -3.27 34.44
CA HIS B 383 -14.57 -1.97 33.87
C HIS B 383 -14.27 -1.98 32.38
N GLY B 384 -15.23 -1.52 31.59
CA GLY B 384 -15.11 -1.48 30.14
C GLY B 384 -15.49 -2.75 29.40
N LEU B 385 -15.90 -3.79 30.12
CA LEU B 385 -16.33 -5.05 29.50
C LEU B 385 -17.81 -4.94 29.21
N ASP B 386 -18.18 -5.06 27.93
CA ASP B 386 -19.58 -4.92 27.47
C ASP B 386 -20.48 -5.92 28.18
N LYS B 387 -21.64 -5.46 28.63
CA LYS B 387 -22.59 -6.32 29.35
C LYS B 387 -23.30 -7.31 28.41
N GLY B 388 -23.23 -7.08 27.10
CA GLY B 388 -23.65 -8.05 26.07
C GLY B 388 -22.63 -9.09 25.61
N LEU B 389 -21.47 -9.15 26.27
CA LEU B 389 -20.35 -9.97 25.83
C LEU B 389 -20.65 -11.46 25.86
N ASN B 390 -21.52 -11.89 26.78
CA ASN B 390 -22.02 -13.28 26.84
C ASN B 390 -22.65 -13.85 25.55
N GLN B 391 -23.09 -12.97 24.64
N GLN B 391 -23.09 -12.97 24.66
CA GLN B 391 -23.51 -13.35 23.28
CA GLN B 391 -23.51 -13.35 23.32
C GLN B 391 -22.44 -14.09 22.49
C GLN B 391 -22.46 -14.06 22.46
N TYR B 392 -21.19 -13.67 22.62
CA TYR B 392 -20.05 -14.21 21.86
C TYR B 392 -18.98 -14.88 22.71
N VAL B 393 -19.18 -14.95 24.04
CA VAL B 393 -18.18 -15.43 24.99
C VAL B 393 -18.86 -16.38 25.99
N ASP B 394 -18.35 -17.61 26.05
N ASP B 394 -18.41 -17.64 26.07
CA ASP B 394 -18.80 -18.66 26.98
CA ASP B 394 -18.89 -18.58 27.13
C ASP B 394 -17.79 -19.02 28.08
C ASP B 394 -17.79 -19.01 28.11
N PHE B 395 -16.69 -18.26 28.18
CA PHE B 395 -15.53 -18.59 29.02
C PHE B 395 -14.84 -17.26 29.36
N PHE B 396 -14.91 -16.84 30.63
CA PHE B 396 -14.35 -15.56 31.07
C PHE B 396 -13.37 -15.77 32.21
N THR B 397 -12.12 -15.33 32.00
CA THR B 397 -11.10 -15.32 33.03
C THR B 397 -10.36 -14.00 33.13
N VAL B 398 -9.80 -13.76 34.31
CA VAL B 398 -8.93 -12.62 34.58
C VAL B 398 -7.53 -13.11 34.89
N ASN B 399 -6.53 -12.35 34.43
CA ASN B 399 -5.14 -12.49 34.84
C ASN B 399 -4.94 -11.58 36.04
N PRO B 400 -4.61 -12.16 37.21
CA PRO B 400 -4.47 -11.36 38.43
C PRO B 400 -3.06 -10.79 38.61
N MET B 401 -2.88 -10.06 39.72
CA MET B 401 -1.56 -9.60 40.14
C MET B 401 -0.80 -10.76 40.77
N GLU B 402 0.54 -10.61 40.79
CA GLU B 402 1.40 -11.46 41.63
C GLU B 402 1.07 -11.37 43.14
N HIS B 403 0.46 -10.25 43.53
CA HIS B 403 -0.13 -10.01 44.83
C HIS B 403 -1.52 -10.70 44.92
N ALA B 404 -1.55 -11.91 45.47
CA ALA B 404 -2.76 -12.76 45.47
C ALA B 404 -3.89 -12.20 46.33
N GLU B 405 -3.55 -11.73 47.53
CA GLU B 405 -4.55 -11.24 48.49
C GLU B 405 -5.31 -10.03 47.97
N LEU B 406 -4.58 -9.02 47.51
CA LEU B 406 -5.19 -7.79 47.00
C LEU B 406 -5.85 -7.92 45.62
N SER B 407 -5.48 -8.95 44.85
CA SER B 407 -6.21 -9.32 43.64
C SER B 407 -7.67 -9.73 43.89
N LYS B 408 -8.00 -10.14 45.11
CA LYS B 408 -9.36 -10.55 45.47
C LYS B 408 -10.41 -9.48 45.22
N ILE B 409 -10.04 -8.20 45.38
CA ILE B 409 -10.99 -7.08 45.22
C ILE B 409 -11.54 -7.10 43.79
N SER B 410 -10.64 -7.05 42.82
CA SER B 410 -11.02 -7.09 41.42
C SER B 410 -11.66 -8.44 41.00
N ILE B 411 -11.12 -9.54 41.51
CA ILE B 411 -11.66 -10.89 41.23
C ILE B 411 -13.10 -11.04 41.72
N HIS B 412 -13.37 -10.52 42.92
CA HIS B 412 -14.71 -10.43 43.50
C HIS B 412 -15.72 -9.85 42.51
N THR B 413 -15.33 -8.76 41.85
CA THR B 413 -16.21 -8.10 40.87
C THR B 413 -16.37 -8.91 39.58
N ALA B 414 -15.30 -9.60 39.18
CA ALA B 414 -15.33 -10.53 38.03
C ALA B 414 -16.28 -11.70 38.25
N ALA B 415 -16.38 -12.18 39.48
CA ALA B 415 -17.42 -13.17 39.86
C ALA B 415 -18.84 -12.66 39.63
N ASP B 416 -19.09 -11.40 39.99
CA ASP B 416 -20.40 -10.75 39.74
C ASP B 416 -20.68 -10.55 38.27
N TYR B 417 -19.71 -9.96 37.58
CA TYR B 417 -19.81 -9.70 36.14
C TYR B 417 -20.06 -10.96 35.32
N SER B 418 -19.34 -12.02 35.62
CA SER B 418 -19.45 -13.28 34.88
C SER B 418 -20.69 -14.12 35.24
N TRP B 419 -21.15 -14.02 36.49
CA TRP B 419 -22.31 -14.79 36.95
C TRP B 419 -23.62 -14.06 36.60
N ASN B 420 -23.70 -12.76 36.86
CA ASN B 420 -24.87 -11.95 36.56
C ASN B 420 -24.46 -10.72 35.75
N MET B 421 -24.28 -10.94 34.44
CA MET B 421 -23.76 -9.91 33.54
C MET B 421 -24.71 -8.76 33.32
N ASP B 422 -25.98 -9.08 33.11
CA ASP B 422 -26.99 -8.06 32.82
C ASP B 422 -27.24 -7.02 33.90
N ASN B 423 -27.09 -7.40 35.17
N ASN B 423 -27.08 -7.44 35.17
CA ASN B 423 -27.23 -6.47 36.29
CA ASN B 423 -27.23 -6.58 36.35
C ASN B 423 -25.92 -5.98 36.89
C ASN B 423 -25.93 -5.94 36.86
N TYR B 424 -24.80 -6.17 36.17
CA TYR B 424 -23.46 -5.76 36.68
C TYR B 424 -23.32 -4.23 36.74
N ASP B 425 -23.12 -3.72 37.95
CA ASP B 425 -22.85 -2.30 38.21
C ASP B 425 -21.46 -2.25 38.85
N TYR B 426 -20.47 -1.77 38.09
CA TYR B 426 -19.07 -1.76 38.56
C TYR B 426 -18.84 -1.03 39.88
N ASP B 427 -19.54 0.09 40.09
CA ASP B 427 -19.40 0.90 41.30
C ASP B 427 -19.94 0.15 42.52
N LYS B 428 -21.16 -0.36 42.37
CA LYS B 428 -21.81 -1.13 43.43
C LYS B 428 -21.06 -2.40 43.74
N ALA B 429 -20.66 -3.12 42.69
CA ALA B 429 -19.79 -4.32 42.81
C ALA B 429 -18.46 -4.06 43.53
N TRP B 430 -17.81 -2.94 43.20
CA TRP B 430 -16.55 -2.54 43.84
C TRP B 430 -16.70 -2.29 45.34
N ASN B 431 -17.68 -1.46 45.70
CA ASN B 431 -18.02 -1.20 47.12
C ASN B 431 -18.35 -2.47 47.88
N ARG B 432 -19.16 -3.31 47.24
CA ARG B 432 -19.54 -4.61 47.78
C ARG B 432 -18.32 -5.54 48.02
N ALA B 433 -17.36 -5.52 47.10
CA ALA B 433 -16.13 -6.33 47.23
C ALA B 433 -15.30 -5.96 48.45
N ILE B 434 -15.13 -4.66 48.67
CA ILE B 434 -14.37 -4.17 49.82
C ILE B 434 -15.11 -4.38 51.13
N ASP B 435 -16.42 -4.10 51.14
CA ASP B 435 -17.27 -4.41 52.32
C ASP B 435 -17.18 -5.87 52.76
N MET B 436 -17.30 -6.77 51.78
CA MET B 436 -17.34 -8.21 52.05
C MET B 436 -15.99 -8.82 52.40
N LEU B 437 -14.91 -8.23 51.87
CA LEU B 437 -13.54 -8.72 52.13
C LEU B 437 -12.88 -8.15 53.37
N TYR B 438 -13.11 -6.87 53.67
CA TYR B 438 -12.34 -6.17 54.71
C TYR B 438 -13.03 -5.94 56.05
N GLY B 439 -14.32 -6.26 56.16
CA GLY B 439 -15.05 -6.24 57.41
C GLY B 439 -15.02 -4.88 58.10
N ASP B 440 -14.39 -4.85 59.28
CA ASP B 440 -14.29 -3.63 60.10
C ASP B 440 -13.38 -2.57 59.49
N LEU B 441 -12.41 -2.99 58.68
CA LEU B 441 -11.53 -2.07 57.93
C LEU B 441 -12.04 -1.66 56.55
N ALA B 442 -13.26 -2.05 56.17
CA ALA B 442 -13.83 -1.79 54.84
C ALA B 442 -13.86 -0.33 54.45
N GLU B 443 -14.32 0.50 55.37
CA GLU B 443 -14.46 1.94 55.15
C GLU B 443 -13.10 2.61 54.88
N ASP B 444 -12.10 2.26 55.67
CA ASP B 444 -10.73 2.74 55.45
C ASP B 444 -10.10 2.18 54.18
N MET B 445 -10.32 0.90 53.91
CA MET B 445 -9.81 0.27 52.69
C MET B 445 -10.44 0.84 51.42
N LYS B 446 -11.73 1.19 51.46
CA LYS B 446 -12.37 1.97 50.38
C LYS B 446 -11.66 3.29 50.11
N VAL B 447 -11.32 4.02 51.16
CA VAL B 447 -10.61 5.31 51.02
C VAL B 447 -9.30 5.11 50.24
N PHE B 448 -8.52 4.14 50.65
CA PHE B 448 -7.24 3.79 50.01
C PHE B 448 -7.41 3.26 48.58
N ALA B 449 -8.21 2.21 48.45
CA ALA B 449 -8.37 1.49 47.18
C ALA B 449 -9.02 2.30 46.07
N ASN B 450 -9.86 3.27 46.45
CA ASN B 450 -10.49 4.25 45.53
C ASN B 450 -9.46 5.05 44.71
N HIS B 451 -8.28 5.28 45.29
CA HIS B 451 -7.16 5.97 44.62
C HIS B 451 -6.28 5.05 43.73
N SER B 452 -6.61 3.76 43.60
CA SER B 452 -5.74 2.76 42.99
C SER B 452 -6.52 1.79 42.09
N THR B 453 -7.34 2.35 41.21
CA THR B 453 -8.14 1.60 40.24
C THR B 453 -7.66 1.72 38.77
N ARG B 454 -7.11 2.87 38.40
CA ARG B 454 -6.69 3.16 37.03
C ARG B 454 -5.26 2.70 36.76
N MET B 455 -5.09 1.82 35.76
CA MET B 455 -3.77 1.36 35.33
C MET B 455 -3.43 2.09 34.05
N ASP B 456 -2.24 2.69 34.03
CA ASP B 456 -1.75 3.51 32.92
C ASP B 456 -0.22 3.56 32.98
N ASN B 457 0.45 2.87 32.05
CA ASN B 457 1.91 2.88 31.97
C ASN B 457 2.50 4.04 31.15
N LYS B 458 1.66 4.98 30.72
CA LYS B 458 2.01 6.20 29.96
C LYS B 458 2.14 6.01 28.45
N THR B 459 2.13 4.77 27.95
CA THR B 459 2.20 4.50 26.52
C THR B 459 1.04 3.58 26.10
N TRP B 460 1.27 2.28 26.13
CA TRP B 460 0.42 1.27 25.45
C TRP B 460 -0.60 0.56 26.33
N ALA B 461 -0.30 0.44 27.63
CA ALA B 461 -1.13 -0.29 28.60
C ALA B 461 -1.98 0.71 29.41
N LYS B 462 -3.28 0.73 29.12
CA LYS B 462 -4.26 1.55 29.82
C LYS B 462 -5.53 0.73 30.06
N SER B 463 -5.96 0.63 31.31
CA SER B 463 -7.24 -0.04 31.65
C SER B 463 -7.69 0.31 33.06
N GLY B 464 -9.00 0.19 33.27
CA GLY B 464 -9.60 0.32 34.61
C GLY B 464 -10.37 1.61 34.79
N ARG B 465 -11.21 1.61 35.84
CA ARG B 465 -11.94 2.80 36.27
C ARG B 465 -10.94 3.87 36.70
N GLU B 466 -11.29 5.13 36.44
CA GLU B 466 -10.48 6.27 36.86
C GLU B 466 -10.35 6.28 38.37
N ASP B 467 -9.23 6.79 38.85
CA ASP B 467 -9.00 6.94 40.28
C ASP B 467 -9.92 7.99 40.85
N ALA B 468 -10.36 7.76 42.09
CA ALA B 468 -11.08 8.71 42.95
C ALA B 468 -11.85 9.80 42.18
N PRO B 469 -12.84 9.39 41.35
CA PRO B 469 -13.54 10.34 40.45
C PRO B 469 -14.30 11.45 41.17
N GLU B 470 -14.86 11.16 42.34
CA GLU B 470 -15.63 12.14 43.13
C GLU B 470 -14.69 13.22 43.65
N LEU B 471 -13.54 12.81 44.17
CA LEU B 471 -12.52 13.76 44.62
C LEU B 471 -11.96 14.62 43.48
N ARG B 472 -11.71 13.98 42.33
CA ARG B 472 -11.24 14.66 41.12
C ARG B 472 -12.24 15.71 40.64
N ALA B 473 -13.53 15.37 40.68
CA ALA B 473 -14.60 16.35 40.41
C ALA B 473 -14.58 17.55 41.38
N LYS B 474 -14.38 17.28 42.68
CA LYS B 474 -14.25 18.36 43.68
C LYS B 474 -13.02 19.25 43.51
N MET B 475 -11.90 18.65 43.13
CA MET B 475 -10.68 19.40 42.80
C MET B 475 -10.89 20.31 41.60
N ASP B 476 -11.54 19.77 40.56
CA ASP B 476 -11.94 20.54 39.38
C ASP B 476 -12.86 21.70 39.77
N GLU B 477 -13.83 21.40 40.63
CA GLU B 477 -14.77 22.41 41.13
C GLU B 477 -14.07 23.52 41.92
N LEU B 478 -13.02 23.19 42.67
CA LEU B 478 -12.21 24.21 43.35
C LEU B 478 -11.59 25.20 42.38
N TRP B 479 -10.93 24.70 41.33
CA TRP B 479 -10.29 25.58 40.34
C TRP B 479 -11.31 26.45 39.61
N ASN B 480 -12.47 25.87 39.29
CA ASN B 480 -13.56 26.61 38.65
C ASN B 480 -14.13 27.69 39.53
N LYS B 481 -14.34 27.38 40.80
CA LYS B 481 -14.85 28.35 41.78
C LYS B 481 -13.93 29.54 41.94
N LEU B 482 -12.63 29.25 42.10
CA LEU B 482 -11.60 30.30 42.21
C LEU B 482 -11.57 31.22 40.98
N SER B 483 -11.64 30.64 39.78
CA SER B 483 -11.71 31.40 38.50
C SER B 483 -12.98 32.25 38.36
N SER B 484 -14.11 31.65 38.73
CA SER B 484 -15.40 32.37 38.83
C SER B 484 -15.53 33.36 40.02
N LYS B 485 -14.52 33.42 40.90
CA LYS B 485 -14.42 34.39 42.00
C LYS B 485 -15.50 34.18 43.07
N GLU B 486 -15.95 32.92 43.18
CA GLU B 486 -16.89 32.50 44.21
C GLU B 486 -16.10 32.22 45.48
N ASP B 487 -16.82 32.23 46.60
CA ASP B 487 -16.27 31.87 47.90
C ASP B 487 -16.03 30.36 47.86
N ALA B 488 -14.76 29.97 47.95
CA ALA B 488 -14.37 28.56 47.95
C ALA B 488 -14.13 27.97 49.36
N SER B 489 -14.52 28.71 50.42
CA SER B 489 -14.23 28.34 51.82
C SER B 489 -14.76 26.98 52.21
N ALA B 490 -16.03 26.74 51.89
CA ALA B 490 -16.69 25.47 52.19
C ALA B 490 -16.00 24.30 51.48
N LEU B 491 -15.69 24.48 50.19
CA LEU B 491 -15.05 23.43 49.40
C LEU B 491 -13.61 23.13 49.82
N ILE B 492 -12.86 24.17 50.18
CA ILE B 492 -11.51 24.02 50.75
C ILE B 492 -11.54 23.20 52.05
N GLU B 493 -12.44 23.58 52.95
CA GLU B 493 -12.65 22.85 54.21
C GLU B 493 -13.02 21.38 54.00
N GLU B 494 -13.89 21.14 53.02
CA GLU B 494 -14.28 19.77 52.61
C GLU B 494 -13.08 18.96 52.09
N LEU B 495 -12.21 19.60 51.29
CA LEU B 495 -11.01 18.96 50.76
C LEU B 495 -9.95 18.69 51.84
N TYR B 496 -9.78 19.61 52.79
CA TYR B 496 -8.97 19.36 53.99
C TYR B 496 -9.40 18.08 54.71
N GLY B 497 -10.73 17.94 54.88
CA GLY B 497 -11.32 16.74 55.47
C GLY B 497 -11.02 15.48 54.68
N GLU B 498 -11.17 15.57 53.35
CA GLU B 498 -10.85 14.46 52.42
C GLU B 498 -9.39 14.01 52.52
N PHE B 499 -8.46 14.96 52.54
CA PHE B 499 -7.02 14.67 52.62
C PHE B 499 -6.60 14.12 53.97
N ALA B 500 -7.17 14.69 55.05
CA ALA B 500 -6.98 14.18 56.39
C ALA B 500 -7.46 12.74 56.55
N ARG B 501 -8.64 12.48 55.99
CA ARG B 501 -9.24 11.15 55.94
C ARG B 501 -8.39 10.12 55.18
N MET B 502 -7.74 10.52 54.09
CA MET B 502 -6.80 9.66 53.35
C MET B 502 -5.62 9.21 54.23
N GLU B 503 -5.06 10.17 54.97
CA GLU B 503 -3.97 9.90 55.91
C GLU B 503 -4.42 9.02 57.09
N GLU B 504 -5.55 9.37 57.70
CA GLU B 504 -6.14 8.61 58.82
C GLU B 504 -6.44 7.15 58.44
N ALA B 505 -7.10 6.97 57.30
CA ALA B 505 -7.47 5.65 56.77
C ALA B 505 -6.26 4.77 56.50
N CYS B 506 -5.26 5.33 55.82
CA CYS B 506 -4.00 4.62 55.53
C CYS B 506 -3.16 4.25 56.75
N ASN B 507 -3.06 5.15 57.72
CA ASN B 507 -2.37 4.84 59.00
C ASN B 507 -3.07 3.72 59.76
N ASN B 508 -4.40 3.77 59.80
CA ASN B 508 -5.19 2.71 60.44
C ASN B 508 -5.01 1.36 59.75
N LEU B 509 -4.98 1.38 58.41
CA LEU B 509 -4.70 0.18 57.61
C LEU B 509 -3.29 -0.37 57.86
N LYS B 510 -2.30 0.51 57.96
CA LYS B 510 -0.93 0.10 58.35
C LYS B 510 -0.89 -0.59 59.73
N ALA B 511 -1.64 -0.05 60.68
CA ALA B 511 -1.69 -0.56 62.05
C ALA B 511 -2.48 -1.86 62.17
N ASN B 512 -3.59 -1.99 61.43
CA ASN B 512 -4.58 -3.07 61.66
C ASN B 512 -4.85 -4.07 60.55
N LEU B 513 -4.35 -3.85 59.33
CA LEU B 513 -4.51 -4.85 58.27
C LEU B 513 -3.76 -6.12 58.65
N PRO B 514 -4.32 -7.31 58.31
CA PRO B 514 -3.54 -8.53 58.52
C PRO B 514 -2.31 -8.56 57.62
N GLU B 515 -1.24 -9.15 58.12
CA GLU B 515 0.06 -9.21 57.43
C GLU B 515 -0.02 -9.66 55.97
N VAL B 516 -0.87 -10.66 55.71
CA VAL B 516 -1.09 -11.21 54.36
C VAL B 516 -1.46 -10.13 53.31
N ALA B 517 -2.30 -9.17 53.72
CA ALA B 517 -2.66 -8.00 52.89
C ALA B 517 -1.58 -6.92 52.95
N LEU B 518 -1.16 -6.57 54.16
CA LEU B 518 -0.21 -5.48 54.42
C LEU B 518 1.13 -5.63 53.72
N GLU B 519 1.64 -6.87 53.66
CA GLU B 519 2.91 -7.14 52.95
C GLU B 519 2.87 -6.84 51.44
N GLU B 520 1.67 -6.87 50.85
CA GLU B 520 1.46 -6.53 49.43
C GLU B 520 1.31 -5.03 49.15
N CYS B 521 0.76 -4.25 50.10
CA CYS B 521 0.41 -2.84 49.87
C CYS B 521 1.01 -1.77 50.77
N SER B 522 1.94 -2.13 51.68
CA SER B 522 2.46 -1.15 52.65
C SER B 522 3.14 0.06 51.99
N ARG B 523 3.85 -0.15 50.87
CA ARG B 523 4.51 0.98 50.17
C ARG B 523 3.51 1.93 49.54
N GLN B 524 2.44 1.38 48.99
CA GLN B 524 1.36 2.14 48.36
C GLN B 524 0.53 2.92 49.38
N LEU B 525 0.35 2.35 50.57
CA LEU B 525 -0.25 3.06 51.70
C LEU B 525 0.56 4.30 52.08
N ASP B 526 1.87 4.13 52.25
CA ASP B 526 2.79 5.26 52.52
C ASP B 526 2.77 6.34 51.42
N GLU B 527 2.73 5.88 50.18
CA GLU B 527 2.65 6.74 49.01
C GLU B 527 1.44 7.65 49.07
N LEU B 528 0.28 7.07 49.36
CA LEU B 528 -0.96 7.85 49.47
C LEU B 528 -0.94 8.80 50.66
N ILE B 529 -0.29 8.40 51.77
CA ILE B 529 -0.09 9.27 52.95
C ILE B 529 0.75 10.49 52.57
N THR B 530 1.87 10.24 51.90
CA THR B 530 2.76 11.31 51.40
C THR B 530 2.04 12.28 50.46
N LEU B 531 1.23 11.72 49.56
CA LEU B 531 0.43 12.53 48.63
C LEU B 531 -0.62 13.34 49.36
N ALA B 532 -1.28 12.72 50.34
CA ALA B 532 -2.28 13.38 51.19
C ALA B 532 -1.68 14.56 51.97
N GLN B 533 -0.46 14.37 52.48
CA GLN B 533 0.28 15.45 53.14
C GLN B 533 0.65 16.57 52.17
N GLY B 534 1.05 16.20 50.96
CA GLY B 534 1.27 17.15 49.87
C GLY B 534 0.03 17.89 49.42
N ASP B 535 -1.10 17.18 49.40
CA ASP B 535 -2.40 17.76 49.08
C ASP B 535 -2.86 18.76 50.12
N LYS B 536 -2.62 18.47 51.39
CA LYS B 536 -2.93 19.38 52.50
C LYS B 536 -2.11 20.66 52.38
N ALA B 537 -0.81 20.50 52.19
CA ALA B 537 0.10 21.62 51.93
C ALA B 537 -0.27 22.42 50.67
N SER B 538 -0.79 21.73 49.65
CA SER B 538 -1.35 22.36 48.46
C SER B 538 -2.53 23.28 48.76
N LEU B 539 -3.44 22.85 49.64
CA LEU B 539 -4.53 23.72 50.12
C LEU B 539 -4.01 24.90 50.94
N ASP B 540 -3.03 24.64 51.81
CA ASP B 540 -2.34 25.71 52.56
C ASP B 540 -1.76 26.79 51.65
N MET B 541 -1.16 26.39 50.52
CA MET B 541 -0.70 27.33 49.48
C MET B 541 -1.83 28.23 48.97
N ILE B 542 -2.97 27.62 48.65
CA ILE B 542 -4.12 28.33 48.11
C ILE B 542 -4.67 29.33 49.14
N VAL B 543 -4.87 28.84 50.37
CA VAL B 543 -5.34 29.66 51.50
C VAL B 543 -4.37 30.82 51.80
N ALA B 544 -3.07 30.54 51.75
CA ALA B 544 -2.04 31.57 51.93
C ALA B 544 -2.14 32.69 50.90
N GLN B 545 -2.40 32.32 49.64
CA GLN B 545 -2.61 33.31 48.55
C GLN B 545 -3.89 34.13 48.75
N LEU B 546 -4.97 33.46 49.17
CA LEU B 546 -6.23 34.13 49.52
C LEU B 546 -6.10 35.13 50.68
N ASN B 547 -5.29 34.78 51.68
CA ASN B 547 -4.95 35.66 52.82
C ASN B 547 -3.74 36.59 52.59
N GLU B 548 -3.11 36.53 51.41
CA GLU B 548 -1.95 37.37 51.05
C GLU B 548 -0.80 37.23 52.05
N ASP B 549 -0.52 35.98 52.41
CA ASP B 549 0.47 35.62 53.42
C ASP B 549 1.62 34.95 52.66
N THR B 550 2.69 35.71 52.43
CA THR B 550 3.87 35.22 51.72
C THR B 550 4.67 34.18 52.50
N GLU B 551 4.85 34.42 53.80
CA GLU B 551 5.56 33.50 54.71
C GLU B 551 4.87 32.12 54.72
N ALA B 552 3.56 32.12 54.95
CA ALA B 552 2.73 30.90 54.95
C ALA B 552 2.69 30.18 53.59
N TYR B 553 2.67 30.95 52.50
CA TYR B 553 2.70 30.38 51.15
C TYR B 553 3.99 29.60 50.89
N GLU B 554 5.12 30.28 51.10
CA GLU B 554 6.46 29.70 50.87
C GLU B 554 6.73 28.49 51.76
N SER B 555 6.23 28.54 52.99
CA SER B 555 6.33 27.41 53.91
C SER B 555 5.57 26.18 53.39
N ALA B 556 4.32 26.41 53.00
CA ALA B 556 3.47 25.37 52.40
C ALA B 556 4.02 24.84 51.07
N LYS B 557 4.59 25.73 50.26
CA LYS B 557 5.18 25.39 48.97
C LYS B 557 6.31 24.37 49.09
N GLU B 558 7.24 24.64 50.01
CA GLU B 558 8.39 23.75 50.26
C GLU B 558 7.92 22.34 50.65
N ILE B 559 6.97 22.27 51.60
CA ILE B 559 6.36 20.98 52.01
C ILE B 559 5.69 20.25 50.83
N ALA B 560 4.86 20.97 50.07
CA ALA B 560 4.21 20.41 48.89
C ALA B 560 5.21 19.86 47.85
N GLN B 561 6.26 20.64 47.61
CA GLN B 561 7.37 20.25 46.72
C GLN B 561 8.10 18.98 47.16
N ASN B 562 8.41 18.91 48.45
CA ASN B 562 9.14 17.76 49.01
C ASN B 562 8.31 16.49 49.01
N LYS B 563 7.05 16.61 49.39
CA LYS B 563 6.13 15.46 49.35
C LYS B 563 5.91 14.94 47.94
N LEU B 564 5.74 15.85 46.98
CA LEU B 564 5.60 15.50 45.57
C LEU B 564 6.80 14.74 45.04
N ASN B 565 8.01 15.25 45.31
N ASN B 565 8.00 15.26 45.31
CA ASN B 565 9.25 14.60 44.89
CA ASN B 565 9.25 14.64 44.87
C ASN B 565 9.43 13.19 45.45
C ASN B 565 9.48 13.23 45.46
N THR B 566 9.18 13.05 46.74
CA THR B 566 9.18 11.73 47.40
C THR B 566 8.19 10.77 46.71
N ALA B 567 6.99 11.26 46.44
CA ALA B 567 5.95 10.46 45.78
C ALA B 567 6.36 10.04 44.39
N LEU B 568 6.87 10.98 43.61
CA LEU B 568 7.38 10.71 42.27
C LEU B 568 8.59 9.75 42.22
N SER B 569 9.55 9.95 43.13
CA SER B 569 10.77 9.13 43.18
C SER B 569 10.54 7.68 43.58
N SER B 570 9.55 7.45 44.46
CA SER B 570 9.27 6.12 45.00
C SER B 570 8.84 5.12 43.93
N PHE B 571 9.14 3.86 44.19
CA PHE B 571 8.60 2.74 43.42
C PHE B 571 7.08 2.71 43.41
N ALA B 572 6.46 2.95 44.57
CA ALA B 572 5.00 2.92 44.72
C ALA B 572 4.35 4.02 43.87
N VAL B 573 3.25 3.66 43.22
CA VAL B 573 2.52 4.54 42.30
C VAL B 573 1.05 4.46 42.68
N ILE B 574 0.43 5.61 42.87
CA ILE B 574 -0.99 5.67 43.20
C ILE B 574 -1.55 7.04 42.86
N SER B 575 -2.83 7.06 42.47
CA SER B 575 -3.59 8.30 42.35
C SER B 575 -2.92 9.37 41.48
N GLU B 576 -2.35 8.95 40.35
CA GLU B 576 -1.51 9.84 39.50
C GLU B 576 -2.28 11.08 39.06
N LYS B 577 -3.50 10.87 38.57
CA LYS B 577 -4.35 11.97 38.04
C LYS B 577 -5.20 12.70 39.08
N VAL B 578 -5.12 12.32 40.36
CA VAL B 578 -5.94 12.92 41.42
C VAL B 578 -5.05 13.50 42.52
N ALA B 579 -4.58 12.68 43.46
CA ALA B 579 -3.81 13.17 44.61
C ALA B 579 -2.44 13.71 44.20
N GLN B 580 -1.81 13.06 43.24
CA GLN B 580 -0.50 13.50 42.72
C GLN B 580 -0.63 14.74 41.87
N SER B 581 -1.47 14.67 40.84
CA SER B 581 -1.72 15.80 39.92
C SER B 581 -2.16 17.09 40.64
N PHE B 582 -2.96 16.97 41.69
CA PHE B 582 -3.44 18.12 42.47
C PHE B 582 -2.32 18.97 43.04
N ILE B 583 -1.24 18.32 43.48
CA ILE B 583 -0.06 19.00 44.01
C ILE B 583 0.60 19.81 42.89
N GLN B 584 0.77 19.18 41.73
CA GLN B 584 1.34 19.84 40.54
C GLN B 584 0.48 21.02 40.08
N GLU B 585 -0.84 20.81 40.12
CA GLU B 585 -1.83 21.87 39.81
C GLU B 585 -1.72 23.05 40.78
N ALA B 586 -1.67 22.73 42.07
CA ALA B 586 -1.54 23.76 43.11
C ALA B 586 -0.23 24.54 43.08
N LEU B 587 0.87 23.87 42.76
CA LEU B 587 2.17 24.52 42.54
C LEU B 587 2.19 25.48 41.35
N SER B 588 1.42 25.15 40.30
CA SER B 588 1.25 26.02 39.12
C SER B 588 0.31 27.21 39.34
N PHE B 589 -0.53 27.12 40.36
CA PHE B 589 -1.62 28.08 40.59
C PHE B 589 -1.08 29.42 41.08
N ASP B 590 -1.50 30.49 40.41
CA ASP B 590 -1.24 31.87 40.80
C ASP B 590 -2.59 32.62 40.91
N LEU B 591 -3.00 32.93 42.13
CA LEU B 591 -4.24 33.67 42.40
C LEU B 591 -4.26 35.09 41.81
N THR B 592 -3.09 35.73 41.68
CA THR B 592 -2.97 37.08 41.12
C THR B 592 -3.29 37.14 39.61
N LEU B 593 -3.28 35.98 38.94
CA LEU B 593 -3.77 35.85 37.56
C LEU B 593 -5.27 35.49 37.49
N ILE B 594 -6.05 35.78 38.54
CA ILE B 594 -7.51 35.77 38.50
C ILE B 594 -8.02 37.18 38.86
N GLN C 10 33.78 -22.55 60.43
CA GLN C 10 34.52 -23.87 60.48
C GLN C 10 33.56 -25.08 60.43
N VAL C 11 34.13 -26.29 60.40
CA VAL C 11 33.47 -27.62 60.22
C VAL C 11 32.37 -27.68 59.15
N LEU C 12 32.80 -28.13 57.97
CA LEU C 12 31.95 -28.24 56.80
C LEU C 12 31.19 -29.55 56.85
N VAL C 13 30.07 -29.58 56.12
CA VAL C 13 29.29 -30.79 55.96
C VAL C 13 30.08 -31.71 55.01
N PRO C 14 30.50 -32.91 55.48
CA PRO C 14 31.18 -33.83 54.58
C PRO C 14 30.22 -34.47 53.57
N ASN C 15 30.78 -35.31 52.70
CA ASN C 15 29.98 -36.03 51.71
C ASN C 15 28.97 -36.95 52.39
N LEU C 16 27.73 -36.87 51.94
CA LEU C 16 26.64 -37.69 52.47
C LEU C 16 26.03 -38.48 51.34
N ASN C 17 25.60 -39.69 51.66
CA ASN C 17 24.89 -40.55 50.72
C ASN C 17 23.93 -41.48 51.45
N PRO C 18 22.64 -41.52 51.09
CA PRO C 18 21.99 -40.60 50.15
C PRO C 18 21.97 -39.15 50.62
N THR C 19 21.73 -38.25 49.68
CA THR C 19 21.60 -36.82 49.97
C THR C 19 20.35 -36.70 50.85
N PRO C 20 20.49 -36.12 52.06
CA PRO C 20 19.29 -35.92 52.86
C PRO C 20 18.33 -34.93 52.19
N GLU C 21 17.04 -35.19 52.35
CA GLU C 21 15.98 -34.36 51.76
C GLU C 21 16.09 -32.89 52.21
N ASN C 22 16.20 -32.68 53.52
CA ASN C 22 16.28 -31.34 54.11
C ASN C 22 17.47 -31.29 55.05
N LEU C 23 18.42 -30.40 54.77
CA LEU C 23 19.63 -30.19 55.58
C LEU C 23 19.92 -28.70 55.65
N GLU C 24 19.95 -28.16 56.87
CA GLU C 24 20.32 -26.77 57.12
C GLU C 24 21.51 -26.78 58.06
N VAL C 25 22.55 -25.99 57.73
CA VAL C 25 23.69 -25.75 58.64
C VAL C 25 23.29 -24.59 59.54
N VAL C 26 23.43 -24.78 60.86
CA VAL C 26 22.98 -23.80 61.89
C VAL C 26 24.05 -23.46 62.94
N GLY C 27 25.31 -23.66 62.59
CA GLY C 27 26.42 -23.42 63.52
C GLY C 27 27.76 -23.79 62.93
N ASP C 28 28.82 -23.45 63.66
CA ASP C 28 30.20 -23.70 63.24
C ASP C 28 30.72 -25.13 63.50
N GLY C 29 29.89 -25.99 64.10
CA GLY C 29 30.30 -27.38 64.41
C GLY C 29 31.00 -27.46 65.76
N PHE C 30 31.35 -28.69 66.13
CA PHE C 30 32.06 -28.98 67.38
C PHE C 30 32.76 -30.33 67.33
N LYS C 31 33.72 -30.51 68.25
CA LYS C 31 34.43 -31.76 68.40
C LYS C 31 33.70 -32.64 69.40
N ILE C 32 33.45 -33.89 68.99
CA ILE C 32 32.92 -34.94 69.86
C ILE C 32 34.07 -35.39 70.79
N THR C 33 33.74 -35.58 72.06
CA THR C 33 34.72 -35.93 73.08
C THR C 33 35.12 -37.41 73.00
N SER C 34 36.22 -37.74 73.70
CA SER C 34 36.79 -39.11 73.78
C SER C 34 35.79 -40.16 74.26
N SER C 35 34.95 -39.77 75.22
CA SER C 35 33.82 -40.58 75.64
C SER C 35 32.55 -39.76 75.48
N ILE C 36 31.43 -40.45 75.35
CA ILE C 36 30.11 -39.83 75.14
C ILE C 36 29.02 -40.41 76.04
N ASN C 37 28.01 -39.59 76.30
CA ASN C 37 26.80 -40.00 77.02
C ASN C 37 25.81 -40.50 76.02
N LEU C 38 25.28 -41.70 76.24
CA LEU C 38 24.28 -42.28 75.37
C LEU C 38 22.94 -42.42 76.11
N VAL C 39 21.92 -41.75 75.59
CA VAL C 39 20.61 -41.66 76.24
C VAL C 39 19.56 -42.28 75.30
N GLY C 40 18.72 -43.15 75.87
CA GLY C 40 17.69 -43.89 75.13
C GLY C 40 18.12 -45.20 74.51
N GLU C 41 19.29 -45.72 74.93
CA GLU C 41 19.91 -46.96 74.40
C GLU C 41 18.95 -48.14 74.37
N GLU C 42 18.28 -48.36 75.50
CA GLU C 42 17.46 -49.55 75.68
C GLU C 42 16.06 -49.44 75.12
N GLU C 43 15.57 -48.22 74.89
CA GLU C 43 14.25 -47.97 74.28
C GLU C 43 14.29 -47.83 72.77
N ALA C 44 15.40 -47.32 72.24
CA ALA C 44 15.59 -47.15 70.80
C ALA C 44 15.72 -48.49 70.07
N ASP C 45 15.56 -48.42 68.75
CA ASP C 45 15.68 -49.56 67.83
C ASP C 45 17.00 -50.30 68.03
N GLU C 46 16.89 -51.61 68.29
CA GLU C 46 18.04 -52.46 68.66
C GLU C 46 19.15 -52.45 67.59
N ASN C 47 18.73 -52.53 66.33
CA ASN C 47 19.66 -52.55 65.20
C ASN C 47 20.38 -51.21 64.99
N ALA C 48 19.64 -50.10 65.16
CA ALA C 48 20.24 -48.76 65.18
C ALA C 48 21.30 -48.59 66.25
N VAL C 49 21.00 -49.06 67.47
CA VAL C 49 21.93 -48.97 68.61
C VAL C 49 23.18 -49.83 68.38
N ASN C 50 23.00 -51.06 67.90
CA ASN C 50 24.14 -51.93 67.51
C ASN C 50 25.05 -51.32 66.45
N ALA C 51 24.43 -50.71 65.43
CA ALA C 51 25.17 -49.93 64.42
C ALA C 51 25.94 -48.75 65.00
N LEU C 52 25.32 -48.05 65.95
CA LEU C 52 25.96 -46.92 66.64
C LEU C 52 27.15 -47.39 67.48
N ARG C 53 26.91 -48.39 68.34
CA ARG C 53 27.96 -49.01 69.17
C ARG C 53 29.19 -49.44 68.35
N GLU C 54 28.95 -50.17 67.27
CA GLU C 54 30.00 -50.58 66.31
C GLU C 54 30.86 -49.42 65.78
N PHE C 55 30.20 -48.34 65.41
CA PHE C 55 30.86 -47.10 64.95
C PHE C 55 31.72 -46.46 66.04
N LEU C 56 31.14 -46.32 67.23
CA LEU C 56 31.84 -45.68 68.36
C LEU C 56 33.07 -46.48 68.79
N THR C 57 32.90 -47.79 68.91
CA THR C 57 33.99 -48.74 69.18
C THR C 57 35.10 -48.63 68.14
N ALA C 58 34.70 -48.74 66.87
CA ALA C 58 35.64 -48.61 65.73
C ALA C 58 36.38 -47.28 65.65
N ASN C 59 35.78 -46.20 66.18
CA ASN C 59 36.42 -44.88 66.26
C ASN C 59 36.94 -44.46 67.64
N ASN C 60 37.16 -45.43 68.54
CA ASN C 60 37.75 -45.18 69.88
C ASN C 60 36.99 -44.11 70.68
N ILE C 61 35.66 -44.26 70.70
CA ILE C 61 34.78 -43.40 71.48
C ILE C 61 34.09 -44.29 72.52
N GLU C 62 34.45 -44.10 73.78
CA GLU C 62 33.88 -44.91 74.86
C GLU C 62 32.46 -44.40 75.20
N ILE C 63 31.60 -45.32 75.68
CA ILE C 63 30.28 -44.97 76.19
C ILE C 63 30.44 -44.87 77.70
N ASN C 64 30.04 -43.73 78.23
CA ASN C 64 30.06 -43.47 79.67
C ASN C 64 29.07 -44.36 80.41
N SER C 65 29.50 -44.88 81.57
CA SER C 65 28.61 -45.58 82.51
C SER C 65 27.67 -44.60 83.23
N GLU C 66 28.25 -43.56 83.82
N GLU C 66 28.27 -43.57 83.82
CA GLU C 66 27.50 -42.48 84.47
CA GLU C 66 27.56 -42.46 84.49
C GLU C 66 27.62 -41.23 83.61
C GLU C 66 27.63 -41.23 83.60
N ASN C 67 26.56 -40.41 83.60
CA ASN C 67 26.54 -39.17 82.79
C ASN C 67 27.62 -38.18 83.23
N ASP C 68 28.41 -37.73 82.25
CA ASP C 68 29.47 -36.75 82.43
C ASP C 68 28.99 -35.48 81.70
N PRO C 69 28.81 -34.36 82.42
CA PRO C 69 28.39 -33.12 81.72
C PRO C 69 29.45 -32.50 80.79
N ASN C 70 30.71 -32.87 80.94
CA ASN C 70 31.78 -32.43 80.02
C ASN C 70 31.87 -33.25 78.73
N SER C 71 31.21 -34.41 78.68
CA SER C 71 31.16 -35.26 77.50
C SER C 71 30.02 -34.86 76.57
N THR C 72 30.22 -35.12 75.28
CA THR C 72 29.18 -35.01 74.26
C THR C 72 28.06 -35.99 74.58
N THR C 73 26.83 -35.56 74.33
CA THR C 73 25.65 -36.39 74.55
C THR C 73 25.05 -36.79 73.21
N LEU C 74 24.66 -38.05 73.12
CA LEU C 74 23.93 -38.56 71.98
C LEU C 74 22.61 -39.15 72.49
N ILE C 75 21.51 -38.62 71.96
CA ILE C 75 20.16 -39.03 72.38
C ILE C 75 19.48 -39.67 71.19
N ILE C 76 18.93 -40.86 71.41
CA ILE C 76 18.41 -41.70 70.32
C ILE C 76 17.03 -42.25 70.70
N GLY C 77 16.13 -42.29 69.72
CA GLY C 77 14.82 -42.89 69.91
C GLY C 77 13.89 -42.79 68.74
N GLU C 78 12.70 -43.35 68.91
CA GLU C 78 11.61 -43.24 67.94
C GLU C 78 10.60 -42.18 68.42
N VAL C 79 9.79 -41.69 67.48
CA VAL C 79 8.72 -40.70 67.80
C VAL C 79 7.64 -41.15 68.80
N ASP C 80 7.41 -42.46 68.92
CA ASP C 80 6.52 -43.04 69.94
C ASP C 80 7.16 -43.23 71.33
N ASP C 81 8.50 -43.31 71.39
CA ASP C 81 9.22 -43.29 72.68
C ASP C 81 9.18 -41.84 73.20
N ASP C 82 9.07 -41.68 74.51
CA ASP C 82 9.25 -40.37 75.17
C ASP C 82 10.52 -40.41 75.99
N ILE C 83 11.60 -39.88 75.40
CA ILE C 83 12.97 -39.99 75.92
C ILE C 83 13.37 -38.70 76.61
N PRO C 84 13.95 -38.78 77.83
CA PRO C 84 14.56 -37.60 78.44
C PRO C 84 15.66 -37.07 77.55
N GLU C 85 15.58 -35.78 77.23
CA GLU C 85 16.55 -35.02 76.41
C GLU C 85 16.31 -34.99 74.89
N LEU C 86 15.53 -35.91 74.32
CA LEU C 86 15.38 -35.98 72.87
C LEU C 86 14.61 -34.79 72.28
N ASP C 87 13.39 -34.54 72.78
CA ASP C 87 12.58 -33.39 72.31
C ASP C 87 13.33 -32.06 72.45
N GLU C 88 14.07 -31.88 73.53
CA GLU C 88 14.71 -30.58 73.84
C GLU C 88 15.95 -30.38 72.95
N ALA C 89 16.73 -31.44 72.73
CA ALA C 89 17.84 -31.40 71.77
C ALA C 89 17.37 -31.19 70.33
N LEU C 90 16.29 -31.86 69.95
CA LEU C 90 15.67 -31.67 68.64
C LEU C 90 15.22 -30.23 68.37
N ASN C 91 14.66 -29.59 69.39
CA ASN C 91 14.32 -28.16 69.39
C ASN C 91 13.41 -27.79 68.21
N GLY C 92 12.26 -28.45 68.14
CA GLY C 92 11.28 -28.20 67.07
C GLY C 92 11.36 -29.10 65.84
N THR C 93 12.55 -29.58 65.48
CA THR C 93 12.71 -30.60 64.43
C THR C 93 12.08 -31.91 64.93
N THR C 94 11.37 -32.58 64.03
CA THR C 94 10.67 -33.82 64.37
C THR C 94 10.50 -34.70 63.15
N ALA C 95 10.31 -35.99 63.40
CA ALA C 95 10.04 -36.99 62.39
C ALA C 95 8.58 -37.46 62.32
N GLU C 96 7.70 -36.92 63.18
CA GLU C 96 6.29 -37.35 63.33
C GLU C 96 5.48 -37.31 62.03
N ASN C 97 5.65 -36.25 61.23
CA ASN C 97 4.93 -36.09 59.94
C ASN C 97 5.63 -36.72 58.72
N LEU C 98 6.79 -37.37 58.93
CA LEU C 98 7.55 -37.98 57.84
C LEU C 98 6.99 -39.36 57.52
N LYS C 99 7.21 -39.81 56.28
CA LYS C 99 6.84 -41.16 55.86
C LYS C 99 7.65 -42.25 56.56
N GLU C 100 7.26 -43.51 56.32
CA GLU C 100 8.06 -44.71 56.72
C GLU C 100 9.53 -44.61 56.29
N GLU C 101 10.41 -45.10 57.18
CA GLU C 101 11.88 -44.97 57.07
C GLU C 101 12.44 -43.55 57.28
N GLY C 102 11.58 -42.58 57.57
CA GLY C 102 11.99 -41.20 57.77
C GLY C 102 12.58 -40.98 59.14
N TYR C 103 13.38 -39.94 59.27
CA TYR C 103 14.01 -39.59 60.54
C TYR C 103 14.32 -38.09 60.61
N ALA C 104 14.64 -37.66 61.83
CA ALA C 104 15.15 -36.34 62.12
C ALA C 104 16.48 -36.49 62.82
N LEU C 105 17.42 -35.60 62.49
CA LEU C 105 18.73 -35.53 63.13
C LEU C 105 19.06 -34.08 63.38
N VAL C 106 19.51 -33.78 64.60
CA VAL C 106 19.95 -32.44 64.98
C VAL C 106 21.25 -32.61 65.73
N SER C 107 22.29 -31.89 65.28
CA SER C 107 23.55 -31.75 66.02
C SER C 107 23.71 -30.28 66.41
N ASN C 108 23.92 -30.02 67.70
CA ASN C 108 23.96 -28.65 68.24
C ASN C 108 24.58 -28.60 69.64
N ASP C 109 25.68 -27.85 69.77
CA ASP C 109 26.33 -27.52 71.06
C ASP C 109 26.58 -28.73 71.98
N GLY C 110 27.35 -29.68 71.48
CA GLY C 110 27.70 -30.91 72.21
C GLY C 110 26.59 -31.93 72.40
N LYS C 111 25.53 -31.84 71.58
CA LYS C 111 24.39 -32.75 71.62
C LYS C 111 24.08 -33.21 70.21
N ILE C 112 23.85 -34.51 70.04
CA ILE C 112 23.35 -35.09 68.79
C ILE C 112 22.04 -35.85 69.09
N ALA C 113 20.94 -35.39 68.51
CA ALA C 113 19.62 -36.02 68.64
C ALA C 113 19.30 -36.78 67.37
N ILE C 114 18.85 -38.03 67.51
CA ILE C 114 18.41 -38.85 66.37
C ILE C 114 17.04 -39.40 66.70
N GLU C 115 16.02 -38.98 65.93
CA GLU C 115 14.65 -39.43 66.11
C GLU C 115 14.13 -40.08 64.83
N GLY C 116 13.86 -41.38 64.88
CA GLY C 116 13.24 -42.09 63.77
C GLY C 116 11.72 -42.00 63.83
N LYS C 117 11.09 -41.88 62.67
CA LYS C 117 9.64 -42.11 62.51
C LYS C 117 9.27 -43.55 62.92
N ASP C 118 10.16 -44.47 62.59
CA ASP C 118 10.09 -45.86 63.02
C ASP C 118 11.51 -46.38 63.23
N GLY C 119 11.63 -47.63 63.68
CA GLY C 119 12.92 -48.29 63.91
C GLY C 119 13.91 -48.22 62.75
N ASP C 120 13.39 -48.39 61.54
CA ASP C 120 14.18 -48.25 60.31
C ASP C 120 14.73 -46.83 60.16
N GLY C 121 13.89 -45.84 60.43
CA GLY C 121 14.29 -44.44 60.41
C GLY C 121 15.40 -44.12 61.38
N THR C 122 15.30 -44.65 62.60
CA THR C 122 16.34 -44.49 63.61
C THR C 122 17.66 -45.08 63.13
N PHE C 123 17.60 -46.29 62.56
CA PHE C 123 18.76 -46.95 61.93
C PHE C 123 19.39 -46.04 60.87
N TYR C 124 18.57 -45.52 59.98
CA TYR C 124 19.05 -44.59 58.93
C TYR C 124 19.60 -43.28 59.47
N GLY C 125 19.01 -42.78 60.55
CA GLY C 125 19.57 -41.65 61.32
C GLY C 125 20.99 -41.86 61.78
N VAL C 126 21.26 -43.05 62.32
CA VAL C 126 22.62 -43.45 62.75
C VAL C 126 23.59 -43.50 61.55
N GLN C 127 23.11 -43.97 60.40
CA GLN C 127 23.92 -43.99 59.18
C GLN C 127 24.35 -42.62 58.69
N THR C 128 23.44 -41.65 58.81
CA THR C 128 23.74 -40.24 58.49
C THR C 128 24.75 -39.67 59.48
N PHE C 129 24.49 -39.89 60.78
CA PHE C 129 25.44 -39.54 61.86
C PHE C 129 26.86 -40.07 61.60
N LYS C 130 26.96 -41.36 61.26
CA LYS C 130 28.23 -42.00 60.89
C LYS C 130 28.97 -41.25 59.77
N GLN C 131 28.23 -40.81 58.75
CA GLN C 131 28.81 -40.03 57.65
C GLN C 131 29.15 -38.59 58.00
N LEU C 132 28.38 -37.98 58.90
CA LEU C 132 28.63 -36.59 59.36
C LEU C 132 29.93 -36.38 60.14
N VAL C 133 30.39 -37.42 60.86
CA VAL C 133 31.57 -37.33 61.73
C VAL C 133 32.85 -37.59 60.92
N LYS C 134 33.80 -36.66 60.99
CA LYS C 134 35.14 -36.81 60.40
C LYS C 134 36.20 -36.30 61.39
N GLU C 135 37.07 -37.21 61.86
CA GLU C 135 38.12 -36.94 62.86
C GLU C 135 37.56 -36.36 64.17
N SER C 136 36.51 -37.02 64.67
CA SER C 136 35.71 -36.56 65.83
C SER C 136 34.92 -35.24 65.68
N ASN C 137 35.06 -34.52 64.56
CA ASN C 137 34.37 -33.25 64.34
C ASN C 137 33.04 -33.51 63.63
N ILE C 138 32.03 -32.73 64.00
CA ILE C 138 30.70 -32.84 63.39
C ILE C 138 30.17 -31.44 63.12
N PRO C 139 29.52 -31.22 61.95
CA PRO C 139 28.85 -29.94 61.75
C PRO C 139 27.58 -29.82 62.56
N GLU C 140 27.16 -28.58 62.80
CA GLU C 140 25.93 -28.27 63.51
C GLU C 140 24.83 -28.13 62.48
N VAL C 141 23.97 -29.15 62.38
CA VAL C 141 22.95 -29.22 61.34
C VAL C 141 21.59 -29.59 61.88
N ASN C 142 20.55 -29.20 61.13
CA ASN C 142 19.18 -29.66 61.30
C ASN C 142 18.79 -30.46 60.06
N ILE C 143 18.42 -31.73 60.27
CA ILE C 143 18.02 -32.62 59.17
C ILE C 143 16.66 -33.22 59.45
N THR C 144 15.78 -33.18 58.44
CA THR C 144 14.68 -34.13 58.32
C THR C 144 14.86 -34.83 56.98
N ASP C 145 14.52 -36.12 56.93
CA ASP C 145 14.93 -36.97 55.80
C ASP C 145 14.05 -38.20 55.65
N TYR C 146 13.87 -38.62 54.40
CA TYR C 146 12.98 -39.75 54.05
C TYR C 146 13.17 -40.13 52.57
N PRO C 147 12.85 -41.39 52.19
CA PRO C 147 13.09 -41.85 50.83
C PRO C 147 12.00 -41.44 49.81
N THR C 148 12.41 -41.28 48.56
CA THR C 148 11.50 -41.07 47.44
C THR C 148 10.79 -42.40 47.13
N VAL C 149 11.58 -43.45 46.92
CA VAL C 149 11.10 -44.77 46.54
C VAL C 149 11.12 -45.69 47.75
N SER C 150 10.06 -46.48 47.91
CA SER C 150 9.85 -47.29 49.13
C SER C 150 10.80 -48.48 49.25
N ALA C 151 10.98 -49.21 48.13
CA ALA C 151 11.91 -50.34 48.05
C ALA C 151 13.09 -49.99 47.13
N ARG C 152 14.30 -50.05 47.69
CA ARG C 152 15.52 -49.57 47.04
C ARG C 152 16.60 -50.61 47.24
N GLY C 153 17.18 -51.14 46.15
CA GLY C 153 18.22 -52.12 46.33
C GLY C 153 18.83 -52.84 45.15
N ILE C 154 19.24 -54.08 45.41
CA ILE C 154 20.03 -54.89 44.49
C ILE C 154 19.28 -56.18 44.23
N VAL C 155 19.35 -56.63 42.99
CA VAL C 155 18.96 -57.98 42.59
C VAL C 155 20.21 -58.69 42.08
N GLU C 156 20.72 -59.64 42.86
CA GLU C 156 21.79 -60.53 42.38
C GLU C 156 21.12 -61.51 41.41
N GLY C 157 21.02 -61.10 40.14
CA GLY C 157 20.29 -61.82 39.10
C GLY C 157 21.04 -62.09 37.81
N PHE C 158 22.37 -62.00 37.88
CA PHE C 158 23.25 -62.10 36.71
C PHE C 158 23.66 -63.54 36.44
N TYR C 159 24.23 -63.76 35.25
CA TYR C 159 24.94 -65.00 34.89
C TYR C 159 26.45 -64.84 35.15
N GLY C 160 27.09 -65.96 35.42
CA GLY C 160 28.49 -66.03 35.87
C GLY C 160 28.60 -66.45 37.32
N THR C 161 29.83 -66.43 37.82
CA THR C 161 30.16 -66.84 39.18
C THR C 161 29.32 -66.02 40.18
N PRO C 162 28.41 -66.69 40.93
CA PRO C 162 27.68 -65.94 41.95
C PRO C 162 28.58 -65.37 43.03
N TRP C 163 28.12 -64.31 43.67
CA TRP C 163 28.84 -63.69 44.77
C TRP C 163 29.14 -64.68 45.87
N THR C 164 30.32 -64.54 46.48
CA THR C 164 30.70 -65.41 47.60
C THR C 164 29.84 -65.03 48.80
N HIS C 165 29.75 -65.95 49.76
CA HIS C 165 29.03 -65.70 51.02
C HIS C 165 29.57 -64.44 51.73
N GLN C 166 30.89 -64.30 51.71
CA GLN C 166 31.58 -63.14 52.28
C GLN C 166 31.30 -61.85 51.49
N ASP C 167 31.26 -61.95 50.15
CA ASP C 167 30.82 -60.81 49.30
C ASP C 167 29.44 -60.30 49.69
N ARG C 168 28.50 -61.23 49.83
CA ARG C 168 27.12 -60.92 50.19
C ARG C 168 26.96 -60.28 51.56
N LEU C 169 27.69 -60.81 52.57
CA LEU C 169 27.66 -60.25 53.94
C LEU C 169 28.18 -58.82 53.93
N ASP C 170 29.29 -58.60 53.23
CA ASP C 170 29.86 -57.26 53.05
C ASP C 170 28.90 -56.31 52.30
N GLN C 171 28.24 -56.84 51.26
CA GLN C 171 27.24 -56.10 50.49
C GLN C 171 26.05 -55.66 51.33
N ILE C 172 25.56 -56.53 52.20
CA ILE C 172 24.42 -56.25 53.07
C ILE C 172 24.73 -55.10 54.04
N LYS C 173 25.91 -55.13 54.67
CA LYS C 173 26.42 -54.02 55.51
C LYS C 173 26.44 -52.71 54.72
N PHE C 174 27.04 -52.79 53.53
CA PHE C 174 27.12 -51.66 52.59
C PHE C 174 25.74 -51.08 52.21
N TYR C 175 24.74 -51.93 52.04
CA TYR C 175 23.37 -51.48 51.71
C TYR C 175 22.74 -50.70 52.87
N GLY C 176 22.88 -51.25 54.07
CA GLY C 176 22.45 -50.58 55.29
C GLY C 176 23.08 -49.23 55.45
N GLU C 177 24.40 -49.15 55.26
CA GLU C 177 25.15 -47.89 55.37
C GLU C 177 24.72 -46.79 54.39
N ASN C 178 24.16 -47.19 53.25
CA ASN C 178 23.66 -46.26 52.24
C ASN C 178 22.14 -46.28 52.09
N LYS C 179 21.43 -46.73 53.12
CA LYS C 179 19.97 -46.69 53.16
C LYS C 179 19.25 -47.49 52.04
N LEU C 180 19.90 -48.53 51.54
CA LEU C 180 19.30 -49.47 50.60
C LEU C 180 18.66 -50.58 51.42
N ASN C 181 17.38 -50.88 51.14
CA ASN C 181 16.57 -51.78 51.99
C ASN C 181 16.13 -53.11 51.34
N THR C 182 16.61 -53.42 50.14
CA THR C 182 16.19 -54.61 49.39
C THR C 182 17.39 -55.34 48.79
N TYR C 183 17.49 -56.64 49.09
CA TYR C 183 18.48 -57.53 48.46
C TYR C 183 17.73 -58.76 47.96
N ILE C 184 17.68 -58.92 46.63
CA ILE C 184 17.00 -60.07 46.02
C ILE C 184 18.02 -61.13 45.64
N TYR C 185 17.94 -62.28 46.29
CA TYR C 185 18.77 -63.46 45.98
C TYR C 185 18.16 -64.15 44.76
N ALA C 186 18.82 -64.07 43.61
CA ALA C 186 18.40 -64.82 42.42
C ALA C 186 19.49 -65.14 41.40
N PRO C 187 20.68 -65.61 41.87
CA PRO C 187 21.78 -65.80 40.92
C PRO C 187 21.45 -66.91 39.91
N LYS C 188 21.61 -66.60 38.62
CA LYS C 188 21.22 -67.52 37.53
C LYS C 188 21.92 -68.88 37.62
N ASP C 189 23.22 -68.85 37.95
CA ASP C 189 24.08 -70.05 38.01
C ASP C 189 24.09 -70.80 39.37
N ASP C 190 23.25 -70.38 40.32
CA ASP C 190 22.96 -71.21 41.51
C ASP C 190 22.02 -72.30 41.02
N PRO C 191 22.47 -73.58 40.99
CA PRO C 191 21.57 -74.66 40.52
C PRO C 191 20.26 -74.77 41.32
N TYR C 192 20.33 -74.57 42.64
CA TYR C 192 19.18 -74.68 43.52
C TYR C 192 18.17 -73.51 43.37
N HIS C 193 18.60 -72.40 42.75
CA HIS C 193 17.71 -71.29 42.39
C HIS C 193 16.91 -71.56 41.11
N ARG C 194 17.52 -72.22 40.13
CA ARG C 194 16.98 -72.24 38.77
C ARG C 194 17.03 -73.62 38.09
N GLU C 195 18.23 -74.10 37.81
CA GLU C 195 18.44 -75.35 37.04
C GLU C 195 17.81 -76.56 37.72
N LYS C 196 18.09 -76.68 39.02
CA LYS C 196 17.58 -77.74 39.89
C LYS C 196 16.73 -77.10 41.01
N TRP C 197 15.77 -76.28 40.59
CA TRP C 197 14.96 -75.45 41.50
C TRP C 197 14.08 -76.20 42.52
N ARG C 198 13.65 -77.41 42.18
CA ARG C 198 12.91 -78.28 43.11
C ARG C 198 13.77 -78.80 44.27
N GLU C 199 15.06 -79.03 44.02
CA GLU C 199 15.95 -79.65 45.00
C GLU C 199 16.26 -78.75 46.19
N PRO C 200 16.26 -79.31 47.42
CA PRO C 200 16.55 -78.53 48.62
C PRO C 200 18.03 -78.18 48.72
N TYR C 201 18.32 -77.01 49.29
CA TYR C 201 19.70 -76.59 49.55
C TYR C 201 20.35 -77.57 50.55
N PRO C 202 21.64 -77.89 50.37
CA PRO C 202 22.39 -78.60 51.43
C PRO C 202 22.38 -77.82 52.77
N GLU C 203 22.53 -78.54 53.87
CA GLU C 203 22.57 -77.93 55.22
C GLU C 203 23.63 -76.84 55.37
N SER C 204 24.80 -77.08 54.79
CA SER C 204 25.91 -76.11 54.76
C SER C 204 25.52 -74.78 54.10
N GLU C 205 24.77 -74.87 53.00
CA GLU C 205 24.23 -73.69 52.30
C GLU C 205 23.07 -73.04 53.06
N MET C 206 22.20 -73.86 53.67
CA MET C 206 21.12 -73.35 54.52
C MET C 206 21.62 -72.58 55.76
N GLN C 207 22.74 -73.01 56.34
CA GLN C 207 23.42 -72.27 57.42
C GLN C 207 23.95 -70.90 56.95
N ARG C 208 24.49 -70.85 55.73
CA ARG C 208 24.91 -69.60 55.09
C ARG C 208 23.71 -68.67 54.84
N MET C 209 22.62 -69.21 54.31
CA MET C 209 21.35 -68.46 54.13
C MET C 209 20.85 -67.79 55.41
N GLN C 210 20.86 -68.56 56.51
CA GLN C 210 20.53 -68.05 57.86
C GLN C 210 21.38 -66.83 58.24
N GLU C 211 22.68 -66.94 57.95
CA GLU C 211 23.62 -65.83 58.17
C GLU C 211 23.34 -64.57 57.35
N LEU C 212 22.95 -64.76 56.10
CA LEU C 212 22.50 -63.66 55.23
C LEU C 212 21.19 -63.03 55.69
N ILE C 213 20.26 -63.87 56.15
CA ILE C 213 18.99 -63.41 56.69
C ILE C 213 19.19 -62.59 57.96
N ASN C 214 20.03 -63.08 58.88
CA ASN C 214 20.35 -62.36 60.13
C ASN C 214 21.03 -61.01 59.88
N ALA C 215 22.02 -61.02 58.99
CA ALA C 215 22.70 -59.81 58.53
C ALA C 215 21.75 -58.79 57.86
N SER C 216 20.80 -59.30 57.08
CA SER C 216 19.80 -58.48 56.40
C SER C 216 18.90 -57.74 57.40
N ALA C 217 18.36 -58.49 58.36
CA ALA C 217 17.59 -57.97 59.48
C ALA C 217 18.36 -56.95 60.31
N GLU C 218 19.61 -57.27 60.64
CA GLU C 218 20.53 -56.37 61.34
C GLU C 218 20.73 -55.00 60.65
N ASN C 219 20.65 -54.97 59.32
CA ASN C 219 20.87 -53.77 58.52
C ASN C 219 19.60 -53.19 57.86
N LYS C 220 18.44 -53.57 58.36
CA LYS C 220 17.13 -53.14 57.81
C LYS C 220 16.92 -53.44 56.31
N VAL C 221 17.51 -54.55 55.86
CA VAL C 221 17.39 -55.04 54.50
C VAL C 221 16.35 -56.16 54.46
N ASP C 222 15.40 -56.05 53.53
CA ASP C 222 14.53 -57.17 53.19
C ASP C 222 15.29 -58.15 52.30
N PHE C 223 15.59 -59.32 52.87
CA PHE C 223 16.15 -60.44 52.10
C PHE C 223 14.99 -61.02 51.31
N VAL C 224 15.07 -60.93 49.98
CA VAL C 224 14.03 -61.47 49.09
C VAL C 224 14.56 -62.76 48.53
N PHE C 225 13.88 -63.87 48.83
CA PHE C 225 14.28 -65.17 48.32
C PHE C 225 13.64 -65.38 46.96
N GLY C 226 14.47 -65.36 45.92
CA GLY C 226 14.03 -65.61 44.56
C GLY C 226 14.01 -67.09 44.23
N ILE C 227 13.06 -67.49 43.39
CA ILE C 227 13.03 -68.82 42.76
C ILE C 227 12.65 -68.64 41.29
N SER C 228 13.32 -69.37 40.40
CA SER C 228 13.14 -69.26 38.95
C SER C 228 12.82 -70.65 38.38
N PRO C 229 11.54 -71.08 38.46
CA PRO C 229 11.14 -72.42 38.05
C PRO C 229 10.76 -72.60 36.57
N GLY C 230 10.88 -71.55 35.75
CA GLY C 230 10.27 -71.53 34.41
C GLY C 230 10.81 -72.45 33.34
N ILE C 231 12.03 -72.97 33.52
CA ILE C 231 12.69 -73.85 32.52
C ILE C 231 11.89 -75.14 32.30
N ASP C 232 11.44 -75.78 33.38
CA ASP C 232 10.73 -77.07 33.30
C ASP C 232 9.55 -77.29 34.27
N ILE C 233 9.03 -76.22 34.88
CA ILE C 233 7.84 -76.34 35.74
C ILE C 233 6.66 -76.87 34.91
N ARG C 234 5.89 -77.75 35.53
CA ARG C 234 4.67 -78.31 34.97
C ARG C 234 3.50 -77.66 35.70
N PHE C 235 2.43 -77.37 34.95
CA PHE C 235 1.28 -76.60 35.43
C PHE C 235 0.00 -77.41 35.70
N ASP C 236 -0.26 -78.41 34.87
CA ASP C 236 -1.54 -79.14 34.87
C ASP C 236 -1.46 -80.51 35.55
N GLY C 237 -2.60 -80.98 36.07
CA GLY C 237 -2.74 -82.32 36.64
C GLY C 237 -1.90 -82.58 37.88
N ASP C 238 -1.59 -83.86 38.11
CA ASP C 238 -0.79 -84.30 39.27
C ASP C 238 0.64 -83.76 39.26
N ALA C 239 1.22 -83.67 38.08
CA ALA C 239 2.54 -83.03 37.89
C ALA C 239 2.53 -81.55 38.32
N GLY C 240 1.46 -80.85 37.94
CA GLY C 240 1.20 -79.46 38.36
C GLY C 240 1.13 -79.25 39.85
N GLU C 241 0.41 -80.16 40.52
CA GLU C 241 0.29 -80.14 41.98
C GLU C 241 1.62 -80.41 42.67
N GLU C 242 2.34 -81.43 42.19
CA GLU C 242 3.66 -81.82 42.70
C GLU C 242 4.64 -80.66 42.60
N ASP C 243 4.74 -80.05 41.42
CA ASP C 243 5.62 -78.90 41.18
C ASP C 243 5.25 -77.63 41.95
N PHE C 244 3.95 -77.33 42.06
CA PHE C 244 3.51 -76.23 42.93
C PHE C 244 3.90 -76.45 44.39
N ASN C 245 3.72 -77.69 44.88
CA ASN C 245 4.14 -78.06 46.25
C ASN C 245 5.66 -77.95 46.47
N HIS C 246 6.44 -78.26 45.42
CA HIS C 246 7.90 -78.02 45.43
C HIS C 246 8.27 -76.53 45.66
N LEU C 247 7.53 -75.61 45.02
CA LEU C 247 7.66 -74.16 45.29
C LEU C 247 7.35 -73.78 46.73
N ILE C 248 6.24 -74.31 47.23
CA ILE C 248 5.81 -74.10 48.62
C ILE C 248 6.86 -74.63 49.59
N THR C 249 7.24 -75.90 49.43
CA THR C 249 8.23 -76.54 50.35
C THR C 249 9.56 -75.79 50.38
N LYS C 250 10.02 -75.37 49.19
CA LYS C 250 11.25 -74.57 49.04
C LYS C 250 11.14 -73.20 49.73
N ALA C 251 10.05 -72.49 49.46
CA ALA C 251 9.75 -71.21 50.12
C ALA C 251 9.60 -71.34 51.64
N GLU C 252 8.89 -72.39 52.07
CA GLU C 252 8.76 -72.77 53.49
C GLU C 252 10.11 -72.96 54.20
N SER C 253 11.06 -73.61 53.51
CA SER C 253 12.40 -73.86 54.08
C SER C 253 13.17 -72.58 54.43
N LEU C 254 12.97 -71.54 53.62
CA LEU C 254 13.54 -70.22 53.91
C LEU C 254 12.68 -69.33 54.79
N TYR C 255 11.35 -69.47 54.69
CA TYR C 255 10.45 -68.84 55.67
C TYR C 255 10.79 -69.21 57.10
N ASP C 256 11.06 -70.49 57.36
CA ASP C 256 11.35 -70.99 58.71
C ASP C 256 12.66 -70.47 59.31
N MET C 257 13.59 -70.02 58.46
CA MET C 257 14.81 -69.30 58.90
C MET C 257 14.68 -67.77 59.03
N GLY C 258 13.50 -67.22 58.72
CA GLY C 258 13.18 -65.79 58.88
C GLY C 258 12.87 -64.96 57.63
N VAL C 259 12.82 -65.58 56.46
CA VAL C 259 12.54 -64.86 55.19
C VAL C 259 11.07 -64.47 55.15
N ARG C 260 10.81 -63.18 54.91
CA ARG C 260 9.43 -62.64 54.78
C ARG C 260 9.16 -61.90 53.46
N SER C 261 10.06 -62.05 52.47
CA SER C 261 9.87 -61.51 51.13
C SER C 261 10.32 -62.57 50.13
N PHE C 262 9.52 -62.75 49.07
CA PHE C 262 9.70 -63.81 48.09
C PHE C 262 9.51 -63.30 46.67
N ALA C 263 10.27 -63.86 45.74
CA ALA C 263 10.15 -63.58 44.31
C ALA C 263 10.08 -64.87 43.50
N ILE C 264 9.15 -64.92 42.54
CA ILE C 264 9.06 -66.03 41.59
C ILE C 264 9.22 -65.42 40.20
N TYR C 265 10.32 -65.75 39.53
CA TYR C 265 10.69 -65.10 38.26
C TYR C 265 10.45 -66.00 37.04
N TRP C 266 10.06 -65.36 35.93
CA TRP C 266 9.77 -66.02 34.64
C TRP C 266 10.62 -65.49 33.49
N ASP C 267 11.78 -64.91 33.79
CA ASP C 267 12.64 -64.30 32.77
C ASP C 267 13.56 -65.32 32.09
N ASN C 268 13.84 -65.09 30.80
CA ASN C 268 14.83 -65.83 30.00
C ASN C 268 14.52 -67.34 29.88
N ILE C 269 13.25 -67.65 29.59
CA ILE C 269 12.78 -69.03 29.44
C ILE C 269 12.07 -69.22 28.11
N GLN C 270 12.03 -70.47 27.64
CA GLN C 270 11.32 -70.86 26.42
C GLN C 270 9.80 -70.73 26.55
N ASP C 271 9.25 -71.21 27.67
CA ASP C 271 7.79 -71.24 27.88
C ASP C 271 7.21 -69.84 28.09
N LYS C 272 6.15 -69.52 27.33
CA LYS C 272 5.41 -68.27 27.42
C LYS C 272 3.91 -68.57 27.62
N SER C 273 3.63 -69.35 28.66
CA SER C 273 2.25 -69.71 29.05
C SER C 273 1.77 -68.69 30.07
N ALA C 274 1.40 -67.52 29.52
CA ALA C 274 1.09 -66.29 30.30
C ALA C 274 0.14 -66.52 31.47
N ALA C 275 -1.03 -67.09 31.15
CA ALA C 275 -2.06 -67.41 32.15
C ALA C 275 -1.54 -68.32 33.25
N LYS C 276 -0.85 -69.37 32.83
CA LYS C 276 -0.27 -70.36 33.75
C LYS C 276 0.81 -69.80 34.66
N HIS C 277 1.66 -68.92 34.14
CA HIS C 277 2.65 -68.17 34.96
C HIS C 277 1.95 -67.35 36.03
N ALA C 278 0.96 -66.57 35.62
CA ALA C 278 0.19 -65.72 36.53
C ALA C 278 -0.63 -66.52 37.55
N GLN C 279 -1.15 -67.68 37.15
CA GLN C 279 -1.92 -68.58 38.04
C GLN C 279 -1.06 -69.24 39.11
N VAL C 280 0.17 -69.61 38.76
CA VAL C 280 1.18 -70.03 39.75
C VAL C 280 1.43 -68.92 40.78
N LEU C 281 1.58 -67.68 40.31
CA LEU C 281 1.80 -66.52 41.20
C LEU C 281 0.61 -66.22 42.09
N ASN C 282 -0.59 -66.21 41.50
CA ASN C 282 -1.85 -65.98 42.25
C ASN C 282 -2.14 -67.05 43.31
N ARG C 283 -1.86 -68.31 42.98
CA ARG C 283 -2.00 -69.41 43.92
C ARG C 283 -0.99 -69.32 45.06
N PHE C 284 0.27 -69.02 44.72
CA PHE C 284 1.32 -68.75 45.74
C PHE C 284 0.94 -67.57 46.64
N ASN C 285 0.42 -66.51 46.04
CA ASN C 285 -0.06 -65.33 46.76
C ASN C 285 -1.19 -65.67 47.76
N GLU C 286 -2.11 -66.51 47.31
CA GLU C 286 -3.24 -66.97 48.14
C GLU C 286 -2.80 -67.96 49.23
N GLU C 287 -2.18 -69.06 48.82
CA GLU C 287 -1.85 -70.18 49.71
C GLU C 287 -0.59 -70.03 50.56
N PHE C 288 0.28 -69.06 50.23
CA PHE C 288 1.50 -68.80 51.01
C PHE C 288 1.54 -67.37 51.57
N VAL C 289 1.55 -66.35 50.70
CA VAL C 289 1.75 -64.96 51.13
C VAL C 289 0.63 -64.53 52.09
N LYS C 290 -0.61 -64.59 51.62
CA LYS C 290 -1.79 -64.26 52.46
C LYS C 290 -1.98 -65.21 53.65
N ALA C 291 -1.71 -66.50 53.43
CA ALA C 291 -1.76 -67.55 54.48
C ALA C 291 -0.86 -67.26 55.68
N LYS C 292 0.41 -66.94 55.41
CA LYS C 292 1.37 -66.63 56.48
C LYS C 292 1.03 -65.33 57.19
N GLY C 293 0.52 -64.33 56.46
CA GLY C 293 0.05 -63.07 57.04
C GLY C 293 1.09 -62.00 57.36
N ASP C 294 2.36 -62.39 57.53
CA ASP C 294 3.47 -61.46 57.80
C ASP C 294 4.51 -61.42 56.64
N VAL C 295 4.06 -61.78 55.43
CA VAL C 295 4.90 -61.84 54.23
C VAL C 295 4.58 -60.62 53.36
N LYS C 296 5.64 -59.95 52.92
CA LYS C 296 5.54 -58.75 52.07
C LYS C 296 5.02 -59.13 50.68
N PRO C 297 4.55 -58.15 49.88
CA PRO C 297 4.01 -58.47 48.56
C PRO C 297 4.91 -59.34 47.68
N LEU C 298 4.31 -60.34 47.02
CA LEU C 298 5.04 -61.23 46.12
C LEU C 298 5.63 -60.42 44.96
N ILE C 299 6.86 -60.74 44.57
CA ILE C 299 7.59 -60.07 43.49
C ILE C 299 7.66 -61.05 42.31
N THR C 300 7.56 -60.50 41.11
CA THR C 300 7.73 -61.30 39.88
C THR C 300 8.36 -60.51 38.77
N CYS C 301 8.73 -61.23 37.72
CA CYS C 301 9.20 -60.67 36.47
C CYS C 301 8.62 -61.53 35.35
N PRO C 302 7.84 -60.94 34.42
CA PRO C 302 7.29 -61.76 33.35
C PRO C 302 8.35 -62.12 32.28
N THR C 303 8.02 -63.10 31.45
CA THR C 303 8.92 -63.53 30.35
C THR C 303 9.15 -62.41 29.33
N GLU C 304 8.11 -61.64 29.05
CA GLU C 304 8.21 -60.35 28.39
C GLU C 304 8.40 -59.29 29.48
N TYR C 305 9.63 -58.79 29.60
CA TYR C 305 10.02 -57.82 30.65
C TYR C 305 10.72 -56.53 30.21
N ASP C 306 11.02 -56.37 28.93
CA ASP C 306 11.42 -55.07 28.37
C ASP C 306 10.34 -54.61 27.40
N THR C 307 10.26 -53.30 27.19
CA THR C 307 9.17 -52.71 26.38
C THR C 307 9.14 -53.22 24.93
N GLY C 308 10.32 -53.41 24.33
CA GLY C 308 10.42 -54.03 23.00
C GLY C 308 9.79 -55.42 22.92
N ALA C 309 9.95 -56.21 23.99
CA ALA C 309 9.33 -57.52 24.14
C ALA C 309 7.87 -57.49 24.57
N MET C 310 7.48 -56.48 25.34
CA MET C 310 6.14 -56.37 25.93
C MET C 310 5.10 -55.69 25.01
N VAL C 311 5.56 -54.72 24.22
CA VAL C 311 4.68 -53.80 23.49
C VAL C 311 4.98 -53.88 21.99
N SER C 312 3.91 -53.82 21.19
CA SER C 312 3.96 -53.72 19.74
C SER C 312 2.87 -52.75 19.28
N ASN C 313 3.28 -51.73 18.50
CA ASN C 313 2.38 -50.67 18.00
C ASN C 313 1.61 -49.94 19.10
N GLY C 314 2.31 -49.62 20.20
CA GLY C 314 1.70 -48.98 21.37
C GLY C 314 0.75 -49.81 22.24
N GLN C 315 0.52 -51.09 21.89
CA GLN C 315 -0.41 -51.99 22.60
C GLN C 315 0.38 -53.19 23.14
N PRO C 316 -0.10 -53.78 24.27
CA PRO C 316 0.61 -54.94 24.82
C PRO C 316 0.48 -56.17 23.91
N ARG C 317 1.57 -56.93 23.82
CA ARG C 317 1.58 -58.20 23.08
C ARG C 317 0.79 -59.25 23.89
N ALA C 318 0.46 -60.34 23.21
CA ALA C 318 -0.46 -61.38 23.72
C ALA C 318 -0.10 -61.89 25.12
N TYR C 319 1.16 -62.26 25.31
CA TYR C 319 1.65 -62.73 26.60
C TYR C 319 1.46 -61.67 27.70
N THR C 320 1.93 -60.45 27.43
CA THR C 320 1.86 -59.33 28.39
C THR C 320 0.41 -58.97 28.74
N ARG C 321 -0.46 -58.94 27.74
CA ARG C 321 -1.90 -58.65 27.95
C ARG C 321 -2.57 -59.66 28.87
N ILE C 322 -2.31 -60.94 28.61
CA ILE C 322 -2.85 -62.05 29.40
C ILE C 322 -2.26 -62.06 30.82
N PHE C 323 -0.95 -61.83 30.93
CA PHE C 323 -0.24 -61.79 32.23
C PHE C 323 -0.80 -60.66 33.09
N ALA C 324 -0.85 -59.46 32.51
CA ALA C 324 -1.40 -58.26 33.16
C ALA C 324 -2.86 -58.42 33.62
N GLU C 325 -3.72 -58.95 32.76
CA GLU C 325 -5.13 -59.17 33.09
C GLU C 325 -5.37 -60.30 34.11
N THR C 326 -4.43 -61.24 34.23
CA THR C 326 -4.54 -62.39 35.15
C THR C 326 -3.90 -62.12 36.51
N VAL C 327 -2.70 -61.52 36.53
CA VAL C 327 -1.88 -61.43 37.77
C VAL C 327 -2.53 -60.53 38.82
N ASP C 328 -2.49 -60.97 40.09
CA ASP C 328 -3.15 -60.27 41.21
C ASP C 328 -2.58 -58.85 41.39
N PRO C 329 -3.45 -57.84 41.68
CA PRO C 329 -3.01 -56.43 41.84
C PRO C 329 -1.91 -56.15 42.86
N SER C 330 -1.87 -56.94 43.95
CA SER C 330 -0.86 -56.78 45.00
C SER C 330 0.56 -57.20 44.61
N ILE C 331 0.70 -58.01 43.55
CA ILE C 331 2.00 -58.57 43.15
C ILE C 331 2.85 -57.48 42.48
N GLU C 332 4.10 -57.35 42.93
CA GLU C 332 5.08 -56.44 42.33
C GLU C 332 5.60 -57.06 41.04
N VAL C 333 5.47 -56.34 39.94
CA VAL C 333 5.90 -56.80 38.62
C VAL C 333 7.11 -55.98 38.20
N MET C 334 8.21 -56.66 37.89
CA MET C 334 9.45 -56.05 37.45
C MET C 334 9.52 -55.94 35.93
N TRP C 335 10.13 -54.85 35.45
CA TRP C 335 10.50 -54.69 34.03
C TRP C 335 11.82 -53.89 33.96
N THR C 336 12.55 -54.02 32.86
CA THR C 336 13.92 -53.50 32.74
C THR C 336 14.10 -52.16 32.01
N GLY C 337 12.99 -51.62 31.50
CA GLY C 337 12.99 -50.43 30.67
C GLY C 337 12.67 -50.76 29.23
N PRO C 338 12.99 -49.83 28.30
CA PRO C 338 12.76 -50.02 26.85
C PRO C 338 13.41 -51.25 26.21
N GLY C 339 14.54 -51.69 26.76
CA GLY C 339 15.24 -52.92 26.36
C GLY C 339 15.81 -53.60 27.60
N VAL C 340 16.53 -54.70 27.36
CA VAL C 340 17.16 -55.49 28.45
C VAL C 340 18.28 -54.66 29.07
N VAL C 341 19.17 -54.17 28.21
CA VAL C 341 20.23 -53.23 28.57
C VAL C 341 20.04 -52.06 27.61
N THR C 342 19.67 -50.89 28.16
CA THR C 342 19.25 -49.73 27.38
C THR C 342 19.76 -48.44 28.04
N ASN C 343 19.86 -47.39 27.22
CA ASN C 343 20.41 -46.09 27.62
C ASN C 343 19.59 -45.39 28.69
N GLU C 344 18.26 -45.48 28.56
CA GLU C 344 17.33 -44.66 29.35
C GLU C 344 16.08 -45.41 29.73
N ILE C 345 15.45 -44.98 30.82
CA ILE C 345 14.03 -45.20 31.07
C ILE C 345 13.41 -43.79 31.11
N PRO C 346 12.88 -43.30 29.96
CA PRO C 346 12.13 -42.04 30.01
C PRO C 346 10.78 -42.23 30.69
N LEU C 347 10.22 -41.13 31.18
CA LEU C 347 8.94 -41.18 31.89
C LEU C 347 7.80 -41.83 31.10
N SER C 348 7.76 -41.55 29.79
CA SER C 348 6.76 -42.11 28.87
C SER C 348 6.75 -43.63 28.82
N ASP C 349 7.93 -44.25 28.96
CA ASP C 349 8.04 -45.70 29.03
C ASP C 349 7.38 -46.23 30.31
N ALA C 350 7.75 -45.66 31.46
CA ALA C 350 7.14 -45.99 32.76
C ALA C 350 5.61 -45.80 32.73
N GLN C 351 5.16 -44.69 32.13
CA GLN C 351 3.71 -44.44 31.86
C GLN C 351 3.02 -45.56 31.11
N LEU C 352 3.63 -45.93 29.98
CA LEU C 352 3.14 -47.00 29.12
C LEU C 352 2.98 -48.34 29.84
N ILE C 353 4.04 -48.76 30.52
CA ILE C 353 4.08 -50.07 31.19
C ILE C 353 3.23 -50.09 32.45
N SER C 354 3.35 -49.04 33.28
CA SER C 354 2.47 -48.86 34.46
C SER C 354 0.98 -48.88 34.10
N GLY C 355 0.64 -48.24 32.98
CA GLY C 355 -0.72 -48.23 32.43
C GLY C 355 -1.23 -49.59 32.03
N ILE C 356 -0.38 -50.36 31.33
CA ILE C 356 -0.71 -51.75 30.92
C ILE C 356 -1.02 -52.65 32.12
N TYR C 357 -0.16 -52.59 33.13
CA TYR C 357 -0.32 -53.37 34.39
C TYR C 357 -1.21 -52.73 35.45
N ASP C 358 -1.62 -51.47 35.24
CA ASP C 358 -2.54 -50.74 36.11
C ASP C 358 -2.04 -50.69 37.58
N ARG C 359 -0.74 -50.43 37.72
CA ARG C 359 -0.08 -50.42 39.03
C ARG C 359 1.26 -49.72 38.93
N ASN C 360 1.78 -49.30 40.08
CA ASN C 360 3.17 -48.84 40.18
C ASN C 360 4.07 -50.03 39.94
N MET C 361 5.10 -49.83 39.12
CA MET C 361 5.99 -50.89 38.65
C MET C 361 7.23 -51.04 39.51
N ALA C 362 7.92 -52.17 39.31
CA ALA C 362 9.24 -52.40 39.85
C ALA C 362 10.27 -52.37 38.72
N VAL C 363 11.46 -51.83 39.00
CA VAL C 363 12.56 -51.73 38.02
C VAL C 363 13.65 -52.76 38.36
N TRP C 364 14.00 -53.57 37.36
CA TRP C 364 15.19 -54.39 37.34
C TRP C 364 16.11 -53.63 36.37
N TRP C 365 17.02 -52.82 36.91
CA TRP C 365 17.92 -52.03 36.06
C TRP C 365 19.22 -52.79 35.79
N ASN C 366 19.49 -53.09 34.52
CA ASN C 366 20.70 -53.84 34.13
C ASN C 366 21.92 -52.95 33.88
N TYR C 367 22.36 -52.33 34.98
CA TYR C 367 23.61 -51.60 35.08
C TYR C 367 23.88 -51.52 36.59
N PRO C 368 25.06 -51.89 37.10
CA PRO C 368 26.30 -52.07 36.36
C PRO C 368 26.61 -53.49 35.83
N VAL C 369 25.63 -54.40 35.77
CA VAL C 369 25.88 -55.79 35.34
C VAL C 369 26.67 -55.87 34.01
N THR C 370 27.67 -56.76 33.97
CA THR C 370 28.56 -56.90 32.79
C THR C 370 28.62 -58.32 32.21
N ASP C 371 27.69 -59.21 32.58
CA ASP C 371 27.72 -60.63 32.16
C ASP C 371 27.69 -60.89 30.63
N TYR C 372 27.11 -59.93 29.92
CA TYR C 372 27.11 -59.82 28.46
C TYR C 372 28.40 -59.24 27.82
N PHE C 373 29.28 -58.65 28.62
CA PHE C 373 30.47 -57.94 28.12
C PHE C 373 31.50 -57.85 29.26
N LYS C 374 31.96 -59.01 29.71
CA LYS C 374 32.72 -59.15 30.96
C LYS C 374 34.09 -58.50 31.02
N GLY C 375 34.68 -58.20 29.85
CA GLY C 375 35.97 -57.53 29.77
C GLY C 375 36.03 -56.16 30.42
N LYS C 376 34.91 -55.44 30.34
CA LYS C 376 34.80 -54.09 30.89
C LYS C 376 34.13 -54.05 32.25
N LEU C 377 34.59 -53.14 33.09
CA LEU C 377 33.99 -52.84 34.39
C LEU C 377 33.06 -51.63 34.25
N ALA C 378 31.83 -51.76 34.74
CA ALA C 378 30.85 -50.65 34.72
C ALA C 378 30.97 -49.88 36.04
N LEU C 379 31.74 -48.79 35.99
CA LEU C 379 32.07 -47.98 37.17
C LEU C 379 31.42 -46.58 37.15
N GLY C 380 30.32 -46.44 36.40
CA GLY C 380 29.61 -45.17 36.24
C GLY C 380 28.39 -45.04 37.13
N PRO C 381 27.80 -43.84 37.17
CA PRO C 381 26.62 -43.60 37.98
C PRO C 381 25.34 -44.11 37.30
N MET C 382 24.24 -44.08 38.04
CA MET C 382 22.91 -44.23 37.44
C MET C 382 22.76 -43.10 36.41
N HIS C 383 22.40 -43.49 35.18
CA HIS C 383 22.40 -42.57 34.04
C HIS C 383 21.27 -42.93 33.08
N GLY C 384 20.52 -41.91 32.65
CA GLY C 384 19.38 -42.09 31.75
C GLY C 384 18.05 -42.43 32.40
N LEU C 385 18.03 -42.61 33.72
CA LEU C 385 16.80 -42.90 34.46
C LEU C 385 16.14 -41.57 34.77
N ASP C 386 14.91 -41.40 34.27
CA ASP C 386 14.12 -40.16 34.45
C ASP C 386 13.90 -39.85 35.93
N LYS C 387 14.15 -38.60 36.31
CA LYS C 387 13.99 -38.15 37.72
C LYS C 387 12.53 -38.09 38.19
N GLY C 388 11.57 -38.12 37.27
CA GLY C 388 10.15 -38.30 37.57
C GLY C 388 9.62 -39.73 37.62
N LEU C 389 10.52 -40.72 37.66
CA LEU C 389 10.14 -42.14 37.55
C LEU C 389 9.35 -42.65 38.77
N ASN C 390 9.60 -42.04 39.93
CA ASN C 390 8.84 -42.33 41.17
C ASN C 390 7.31 -42.19 41.09
N GLN C 391 6.83 -41.42 40.13
CA GLN C 391 5.39 -41.34 39.78
C GLN C 391 4.78 -42.69 39.45
N TYR C 392 5.53 -43.52 38.71
CA TYR C 392 5.07 -44.82 38.23
C TYR C 392 5.84 -46.04 38.79
N VAL C 393 6.83 -45.80 39.66
CA VAL C 393 7.75 -46.83 40.16
C VAL C 393 7.87 -46.69 41.67
N ASP C 394 7.57 -47.76 42.39
CA ASP C 394 7.62 -47.84 43.86
C ASP C 394 8.70 -48.79 44.40
N PHE C 395 9.53 -49.31 43.50
CA PHE C 395 10.42 -50.44 43.78
C PHE C 395 11.55 -50.35 42.75
N PHE C 396 12.76 -49.98 43.19
CA PHE C 396 13.89 -49.77 42.28
C PHE C 396 15.07 -50.64 42.69
N THR C 397 15.51 -51.52 41.77
CA THR C 397 16.69 -52.34 41.98
C THR C 397 17.64 -52.30 40.78
N VAL C 398 18.92 -52.56 41.07
CA VAL C 398 19.98 -52.69 40.08
C VAL C 398 20.51 -54.13 40.07
N ASN C 399 20.84 -54.62 38.87
CA ASN C 399 21.52 -55.90 38.70
C ASN C 399 23.01 -55.55 38.63
N PRO C 400 23.82 -55.97 39.63
CA PRO C 400 25.23 -55.60 39.70
C PRO C 400 26.15 -56.51 38.87
N MET C 401 27.44 -56.21 38.89
CA MET C 401 28.46 -57.11 38.34
C MET C 401 28.69 -58.31 39.24
N GLU C 402 29.21 -59.39 38.67
CA GLU C 402 29.82 -60.48 39.45
C GLU C 402 30.98 -60.03 40.35
N HIS C 403 31.59 -58.91 39.98
CA HIS C 403 32.57 -58.18 40.77
C HIS C 403 31.85 -57.32 41.82
N ALA C 404 31.73 -57.86 43.04
CA ALA C 404 30.92 -57.26 44.11
C ALA C 404 31.49 -55.94 44.61
N GLU C 405 32.80 -55.90 44.87
CA GLU C 405 33.45 -54.72 45.43
C GLU C 405 33.31 -53.48 44.53
N LEU C 406 33.66 -53.65 43.27
CA LEU C 406 33.64 -52.51 42.32
C LEU C 406 32.23 -52.13 41.85
N SER C 407 31.25 -53.03 41.99
CA SER C 407 29.84 -52.68 41.84
C SER C 407 29.36 -51.58 42.81
N LYS C 408 30.04 -51.42 43.96
CA LYS C 408 29.70 -50.41 44.96
C LYS C 408 29.64 -48.98 44.45
N ILE C 409 30.47 -48.63 43.47
CA ILE C 409 30.50 -47.26 42.93
C ILE C 409 29.15 -46.92 42.30
N SER C 410 28.69 -47.76 41.39
N SER C 410 28.68 -47.77 41.40
CA SER C 410 27.38 -47.61 40.73
CA SER C 410 27.40 -47.60 40.73
C SER C 410 26.21 -47.77 41.70
C SER C 410 26.21 -47.77 41.69
N ILE C 411 26.30 -48.75 42.59
CA ILE C 411 25.26 -48.98 43.64
C ILE C 411 25.09 -47.77 44.56
N HIS C 412 26.22 -47.19 44.99
CA HIS C 412 26.26 -45.97 45.80
C HIS C 412 25.39 -44.87 45.19
N THR C 413 25.50 -44.68 43.88
CA THR C 413 24.72 -43.65 43.18
C THR C 413 23.26 -44.04 43.06
N ALA C 414 22.98 -45.34 42.89
CA ALA C 414 21.62 -45.86 42.94
C ALA C 414 20.90 -45.60 44.27
N ALA C 415 21.65 -45.69 45.37
CA ALA C 415 21.12 -45.30 46.69
C ALA C 415 20.70 -43.83 46.74
N ASP C 416 21.51 -42.94 46.14
CA ASP C 416 21.19 -41.52 46.04
C ASP C 416 19.97 -41.26 45.16
N TYR C 417 19.97 -41.85 43.97
CA TYR C 417 18.88 -41.73 43.01
C TYR C 417 17.54 -42.21 43.57
N SER C 418 17.55 -43.39 44.19
CA SER C 418 16.32 -44.00 44.71
C SER C 418 15.81 -43.33 46.00
N TRP C 419 16.70 -42.79 46.83
CA TRP C 419 16.33 -42.13 48.10
C TRP C 419 15.94 -40.65 47.89
N ASN C 420 16.75 -39.92 47.11
CA ASN C 420 16.51 -38.51 46.82
C ASN C 420 16.55 -38.29 45.31
N MET C 421 15.45 -38.66 44.65
CA MET C 421 15.38 -38.66 43.19
C MET C 421 15.40 -37.27 42.59
N ASP C 422 14.72 -36.33 43.25
CA ASP C 422 14.59 -34.96 42.73
C ASP C 422 15.88 -34.17 42.65
N ASN C 423 16.81 -34.43 43.57
CA ASN C 423 18.12 -33.77 43.57
C ASN C 423 19.26 -34.59 42.98
N TYR C 424 18.93 -35.76 42.40
CA TYR C 424 19.94 -36.65 41.82
C TYR C 424 20.69 -35.97 40.67
N ASP C 425 22.00 -35.84 40.85
CA ASP C 425 22.92 -35.29 39.86
C ASP C 425 23.98 -36.38 39.62
N TYR C 426 23.92 -37.04 38.46
CA TYR C 426 24.77 -38.22 38.18
C TYR C 426 26.26 -37.95 38.34
N ASP C 427 26.71 -36.78 37.87
CA ASP C 427 28.10 -36.38 37.98
C ASP C 427 28.55 -36.17 39.42
N LYS C 428 27.76 -35.40 40.19
CA LYS C 428 28.07 -35.17 41.60
C LYS C 428 28.00 -36.45 42.44
N ALA C 429 26.96 -37.25 42.21
CA ALA C 429 26.78 -38.57 42.83
C ALA C 429 27.96 -39.51 42.57
N TRP C 430 28.43 -39.53 41.32
CA TRP C 430 29.56 -40.34 40.90
C TRP C 430 30.86 -39.96 41.64
N ASN C 431 31.18 -38.67 41.60
CA ASN C 431 32.32 -38.11 42.36
C ASN C 431 32.25 -38.43 43.84
N ARG C 432 31.06 -38.26 44.40
CA ARG C 432 30.78 -38.53 45.81
C ARG C 432 31.00 -39.99 46.17
N ALA C 433 30.60 -40.89 45.26
CA ALA C 433 30.74 -42.33 45.46
C ALA C 433 32.18 -42.77 45.60
N ILE C 434 33.03 -42.26 44.70
CA ILE C 434 34.45 -42.59 44.72
C ILE C 434 35.15 -41.92 45.92
N ASP C 435 34.84 -40.65 46.18
CA ASP C 435 35.34 -39.95 47.40
C ASP C 435 35.07 -40.71 48.70
N MET C 436 33.83 -41.16 48.85
CA MET C 436 33.39 -41.86 50.06
C MET C 436 33.90 -43.30 50.17
N LEU C 437 34.04 -43.99 49.04
CA LEU C 437 34.54 -45.39 49.02
C LEU C 437 36.06 -45.55 49.04
N TYR C 438 36.79 -44.62 48.41
CA TYR C 438 38.24 -44.78 48.17
C TYR C 438 39.18 -43.89 48.98
N GLY C 439 38.65 -42.90 49.69
CA GLY C 439 39.42 -42.12 50.65
C GLY C 439 40.61 -41.37 50.06
N ASP C 440 41.81 -41.72 50.52
CA ASP C 440 43.06 -41.13 50.02
C ASP C 440 43.35 -41.46 48.55
N LEU C 441 42.88 -42.62 48.07
CA LEU C 441 43.01 -43.02 46.66
C LEU C 441 41.88 -42.52 45.74
N ALA C 442 40.97 -41.67 46.25
CA ALA C 442 39.78 -41.21 45.51
C ALA C 442 40.09 -40.48 44.21
N GLU C 443 41.01 -39.53 44.25
CA GLU C 443 41.37 -38.75 43.05
C GLU C 443 41.99 -39.62 41.95
N ASP C 444 42.88 -40.54 42.32
CA ASP C 444 43.44 -41.52 41.39
C ASP C 444 42.39 -42.49 40.85
N MET C 445 41.50 -42.97 41.72
CA MET C 445 40.41 -43.88 41.29
C MET C 445 39.41 -43.21 40.35
N LYS C 446 39.18 -41.92 40.55
CA LYS C 446 38.38 -41.09 39.61
C LYS C 446 39.00 -41.05 38.23
N VAL C 447 40.31 -40.83 38.16
CA VAL C 447 41.03 -40.84 36.88
C VAL C 447 40.79 -42.16 36.13
N PHE C 448 40.94 -43.28 36.82
CA PHE C 448 40.73 -44.61 36.23
C PHE C 448 39.28 -44.86 35.87
N ALA C 449 38.40 -44.75 36.86
CA ALA C 449 36.97 -45.05 36.71
C ALA C 449 36.25 -44.18 35.68
N ASN C 450 36.70 -42.94 35.52
CA ASN C 450 36.18 -42.02 34.47
C ASN C 450 36.25 -42.58 33.04
N HIS C 451 37.24 -43.44 32.79
CA HIS C 451 37.39 -44.15 31.50
C HIS C 451 36.57 -45.43 31.33
N SER C 452 35.77 -45.80 32.33
CA SER C 452 35.11 -47.10 32.40
C SER C 452 33.66 -46.99 32.89
N THR C 453 32.92 -46.07 32.29
CA THR C 453 31.49 -45.84 32.59
C THR C 453 30.51 -46.34 31.52
N ARG C 454 30.92 -46.26 30.24
CA ARG C 454 30.06 -46.63 29.11
C ARG C 454 30.10 -48.12 28.82
N MET C 455 28.94 -48.76 28.80
CA MET C 455 28.79 -50.15 28.38
C MET C 455 28.19 -50.18 27.00
N ASP C 456 28.85 -50.90 26.08
CA ASP C 456 28.46 -50.98 24.67
C ASP C 456 29.09 -52.25 24.07
N ASN C 457 28.23 -53.23 23.77
CA ASN C 457 28.68 -54.47 23.12
C ASN C 457 28.71 -54.42 21.58
N LYS C 458 28.43 -53.24 21.01
CA LYS C 458 28.47 -52.95 19.55
C LYS C 458 27.19 -53.33 18.80
N THR C 459 26.24 -54.04 19.44
CA THR C 459 24.97 -54.40 18.82
C THR C 459 23.79 -53.92 19.70
N TRP C 460 23.32 -54.79 20.59
CA TRP C 460 22.02 -54.63 21.26
C TRP C 460 22.07 -54.05 22.68
N ALA C 461 23.20 -54.23 23.37
CA ALA C 461 23.42 -53.74 24.73
C ALA C 461 24.18 -52.44 24.66
N LYS C 462 23.56 -51.36 25.11
CA LYS C 462 24.24 -50.08 25.32
C LYS C 462 23.60 -49.32 26.49
N SER C 463 24.42 -48.91 27.45
CA SER C 463 23.95 -48.13 28.60
C SER C 463 25.11 -47.47 29.33
N GLY C 464 24.80 -46.39 30.04
CA GLY C 464 25.76 -45.68 30.90
C GLY C 464 26.23 -44.37 30.33
N ARG C 465 26.75 -43.55 31.24
CA ARG C 465 27.42 -42.29 30.88
C ARG C 465 28.62 -42.60 29.97
N GLU C 466 28.86 -41.72 29.00
CA GLU C 466 30.01 -41.85 28.08
C GLU C 466 31.33 -41.83 28.87
N ASP C 467 32.34 -42.53 28.35
CA ASP C 467 33.66 -42.54 28.96
C ASP C 467 34.32 -41.18 28.79
N ALA C 468 35.09 -40.78 29.80
CA ALA C 468 35.94 -39.59 29.83
C ALA C 468 35.54 -38.46 28.86
N PRO C 469 34.32 -37.89 29.03
CA PRO C 469 33.78 -36.94 28.06
C PRO C 469 34.59 -35.65 27.89
N GLU C 470 35.22 -35.18 28.96
CA GLU C 470 36.04 -33.95 28.92
C GLU C 470 37.29 -34.20 28.08
N LEU C 471 37.95 -35.34 28.30
CA LEU C 471 39.10 -35.74 27.50
C LEU C 471 38.77 -35.95 26.02
N ARG C 472 37.64 -36.62 25.75
CA ARG C 472 37.16 -36.81 24.38
C ARG C 472 36.94 -35.46 23.69
N ALA C 473 36.33 -34.50 24.39
CA ALA C 473 36.16 -33.14 23.85
C ALA C 473 37.49 -32.47 23.50
N LYS C 474 38.49 -32.62 24.37
CA LYS C 474 39.84 -32.10 24.12
C LYS C 474 40.53 -32.77 22.92
N MET C 475 40.36 -34.09 22.80
CA MET C 475 40.83 -34.84 21.61
C MET C 475 40.19 -34.35 20.30
N ASP C 476 38.87 -34.15 20.33
CA ASP C 476 38.15 -33.56 19.20
C ASP C 476 38.64 -32.15 18.87
N GLU C 477 38.84 -31.34 19.90
CA GLU C 477 39.40 -30.00 19.74
C GLU C 477 40.80 -29.99 19.11
N LEU C 478 41.64 -30.99 19.43
CA LEU C 478 42.97 -31.13 18.80
C LEU C 478 42.88 -31.30 17.29
N TRP C 479 42.00 -32.20 16.84
CA TRP C 479 41.83 -32.46 15.41
C TRP C 479 41.28 -31.25 14.68
N ASN C 480 40.34 -30.55 15.32
CA ASN C 480 39.78 -29.30 14.78
C ASN C 480 40.82 -28.19 14.66
N LYS C 481 41.63 -28.02 15.69
CA LYS C 481 42.73 -27.03 15.70
C LYS C 481 43.74 -27.28 14.59
N LEU C 482 44.13 -28.55 14.43
CA LEU C 482 45.06 -28.94 13.37
C LEU C 482 44.52 -28.67 11.96
N SER C 483 43.26 -29.01 11.72
CA SER C 483 42.56 -28.67 10.46
C SER C 483 42.43 -27.18 10.18
N SER C 484 42.10 -26.41 11.22
CA SER C 484 42.06 -24.94 11.15
C SER C 484 43.45 -24.26 11.13
N LYS C 485 44.53 -25.03 11.25
CA LYS C 485 45.93 -24.57 11.19
C LYS C 485 46.30 -23.64 12.34
N GLU C 486 45.61 -23.80 13.48
CA GLU C 486 45.92 -23.04 14.68
C GLU C 486 47.13 -23.69 15.36
N ASP C 487 47.76 -22.93 16.25
CA ASP C 487 48.85 -23.43 17.07
C ASP C 487 48.23 -24.34 18.14
N ALA C 488 48.48 -25.64 18.01
CA ALA C 488 47.98 -26.69 18.93
C ALA C 488 48.93 -27.04 20.10
N SER C 489 50.02 -26.28 20.27
CA SER C 489 51.07 -26.56 21.26
C SER C 489 50.56 -26.66 22.69
N ALA C 490 49.76 -25.68 23.10
CA ALA C 490 49.15 -25.65 24.44
C ALA C 490 48.27 -26.86 24.72
N LEU C 491 47.42 -27.21 23.75
CA LEU C 491 46.51 -28.35 23.86
C LEU C 491 47.23 -29.71 23.84
N ILE C 492 48.26 -29.82 23.00
CA ILE C 492 49.12 -31.01 22.97
C ILE C 492 49.81 -31.23 24.31
N GLU C 493 50.34 -30.15 24.90
CA GLU C 493 50.99 -30.19 26.23
C GLU C 493 50.01 -30.59 27.33
N GLU C 494 48.80 -30.05 27.25
CA GLU C 494 47.70 -30.41 28.17
C GLU C 494 47.32 -31.89 28.08
N LEU C 495 47.28 -32.43 26.85
CA LEU C 495 47.00 -33.84 26.61
C LEU C 495 48.11 -34.78 27.07
N TYR C 496 49.38 -34.39 26.88
CA TYR C 496 50.52 -35.11 27.47
C TYR C 496 50.38 -35.27 28.98
N GLY C 497 49.97 -34.18 29.64
CA GLY C 497 49.68 -34.18 31.09
C GLY C 497 48.56 -35.12 31.48
N GLU C 498 47.46 -35.08 30.71
CA GLU C 498 46.32 -36.00 30.86
C GLU C 498 46.71 -37.48 30.76
N PHE C 499 47.51 -37.80 29.74
CA PHE C 499 47.94 -39.19 29.51
C PHE C 499 48.94 -39.67 30.56
N ALA C 500 49.85 -38.78 30.95
CA ALA C 500 50.79 -39.05 32.05
C ALA C 500 50.07 -39.29 33.38
N ARG C 501 49.05 -38.47 33.64
CA ARG C 501 48.19 -38.60 34.83
C ARG C 501 47.43 -39.94 34.88
N MET C 502 46.99 -40.43 33.72
CA MET C 502 46.32 -41.75 33.62
C MET C 502 47.23 -42.89 34.05
N GLU C 503 48.47 -42.84 33.57
CA GLU C 503 49.50 -43.83 33.92
C GLU C 503 49.89 -43.73 35.41
N GLU C 504 50.14 -42.51 35.88
CA GLU C 504 50.52 -42.24 37.27
C GLU C 504 49.44 -42.73 38.25
N ALA C 505 48.19 -42.37 37.97
CA ALA C 505 47.02 -42.78 38.78
C ALA C 505 46.87 -44.28 38.88
N CYS C 506 46.93 -44.97 37.73
CA CYS C 506 46.76 -46.41 37.68
C CYS C 506 47.88 -47.19 38.39
N ASN C 507 49.13 -46.72 38.24
CA ASN C 507 50.27 -47.28 38.96
C ASN C 507 50.16 -47.15 40.47
N ASN C 508 49.70 -45.98 40.93
CA ASN C 508 49.43 -45.75 42.35
C ASN C 508 48.30 -46.65 42.89
N LEU C 509 47.25 -46.83 42.08
CA LEU C 509 46.16 -47.78 42.40
C LEU C 509 46.63 -49.22 42.45
N LYS C 510 47.48 -49.62 41.51
CA LYS C 510 48.10 -50.96 41.53
C LYS C 510 48.91 -51.22 42.82
N ALA C 511 49.64 -50.19 43.25
CA ALA C 511 50.50 -50.27 44.42
C ALA C 511 49.73 -50.24 45.75
N ASN C 512 48.68 -49.41 45.83
CA ASN C 512 48.01 -49.07 47.11
C ASN C 512 46.55 -49.48 47.31
N LEU C 513 45.84 -49.92 46.26
CA LEU C 513 44.46 -50.41 46.44
C LEU C 513 44.44 -51.66 47.33
N PRO C 514 43.40 -51.81 48.18
CA PRO C 514 43.27 -53.08 48.91
C PRO C 514 42.97 -54.23 47.95
N GLU C 515 43.42 -55.42 48.33
CA GLU C 515 43.39 -56.62 47.46
C GLU C 515 41.96 -56.96 47.00
N VAL C 516 40.97 -56.71 47.87
CA VAL C 516 39.54 -56.92 47.56
C VAL C 516 39.07 -56.13 46.32
N ALA C 517 39.52 -54.88 46.19
CA ALA C 517 39.29 -54.05 44.99
C ALA C 517 40.21 -54.43 43.85
N LEU C 518 41.51 -54.51 44.14
CA LEU C 518 42.55 -54.78 43.14
C LEU C 518 42.37 -56.08 42.37
N GLU C 519 41.95 -57.15 43.06
CA GLU C 519 41.70 -58.44 42.39
C GLU C 519 40.62 -58.40 41.29
N GLU C 520 39.68 -57.45 41.40
CA GLU C 520 38.60 -57.26 40.41
C GLU C 520 38.99 -56.39 39.20
N CYS C 521 39.90 -55.43 39.39
CA CYS C 521 40.31 -54.47 38.34
C CYS C 521 41.78 -54.43 37.90
N SER C 522 42.61 -55.39 38.35
CA SER C 522 44.06 -55.37 38.02
C SER C 522 44.34 -55.31 36.51
N ARG C 523 43.60 -56.12 35.74
CA ARG C 523 43.78 -56.18 34.28
C ARG C 523 43.33 -54.88 33.59
N GLN C 524 42.25 -54.30 34.10
CA GLN C 524 41.68 -53.05 33.54
C GLN C 524 42.58 -51.86 33.83
N LEU C 525 43.22 -51.84 35.01
CA LEU C 525 44.25 -50.85 35.31
C LEU C 525 45.43 -50.89 34.35
N ASP C 526 45.95 -52.09 34.08
CA ASP C 526 47.04 -52.28 33.08
C ASP C 526 46.63 -51.88 31.68
N GLU C 527 45.42 -52.28 31.28
CA GLU C 527 44.83 -51.89 30.01
C GLU C 527 44.86 -50.37 29.80
N LEU C 528 44.42 -49.62 30.81
CA LEU C 528 44.44 -48.15 30.72
C LEU C 528 45.85 -47.54 30.71
N ILE C 529 46.80 -48.15 31.44
CA ILE C 529 48.22 -47.76 31.38
C ILE C 529 48.76 -47.94 29.94
N THR C 530 48.53 -49.13 29.37
CA THR C 530 48.89 -49.44 27.98
C THR C 530 48.32 -48.41 27.00
N LEU C 531 47.02 -48.15 27.12
CA LEU C 531 46.33 -47.13 26.31
C LEU C 531 46.89 -45.72 26.51
N ALA C 532 47.16 -45.35 27.75
CA ALA C 532 47.82 -44.06 28.07
C ALA C 532 49.21 -43.91 27.44
N GLN C 533 50.00 -44.98 27.47
CA GLN C 533 51.29 -45.04 26.79
C GLN C 533 51.15 -44.92 25.26
N GLY C 534 50.17 -45.62 24.70
CA GLY C 534 49.80 -45.51 23.28
C GLY C 534 49.31 -44.13 22.87
N ASP C 535 48.55 -43.48 23.75
CA ASP C 535 48.12 -42.08 23.58
C ASP C 535 49.29 -41.09 23.58
N LYS C 536 50.25 -41.29 24.47
CA LYS C 536 51.46 -40.47 24.53
C LYS C 536 52.25 -40.59 23.21
N ALA C 537 52.48 -41.83 22.77
CA ALA C 537 53.10 -42.12 21.46
C ALA C 537 52.30 -41.53 20.28
N SER C 538 50.98 -41.57 20.39
CA SER C 538 50.09 -40.90 19.43
C SER C 538 50.32 -39.37 19.32
N LEU C 539 50.57 -38.70 20.45
CA LEU C 539 50.99 -37.27 20.43
C LEU C 539 52.38 -37.09 19.83
N ASP C 540 53.32 -37.97 20.20
CA ASP C 540 54.66 -37.99 19.59
C ASP C 540 54.61 -38.07 18.06
N MET C 541 53.72 -38.91 17.52
CA MET C 541 53.45 -38.99 16.07
C MET C 541 53.02 -37.64 15.47
N ILE C 542 52.09 -36.97 16.13
CA ILE C 542 51.55 -35.69 15.67
C ILE C 542 52.61 -34.60 15.70
N VAL C 543 53.32 -34.52 16.82
CA VAL C 543 54.45 -33.59 17.01
C VAL C 543 55.56 -33.84 15.99
N ALA C 544 55.86 -35.12 15.71
CA ALA C 544 56.86 -35.52 14.71
C ALA C 544 56.49 -35.03 13.30
N GLN C 545 55.21 -35.14 12.94
CA GLN C 545 54.71 -34.61 11.65
C GLN C 545 54.78 -33.09 11.58
N LEU C 546 54.42 -32.40 12.66
CA LEU C 546 54.58 -30.93 12.79
C LEU C 546 56.03 -30.44 12.62
N ASN C 547 56.98 -31.19 13.19
CA ASN C 547 58.43 -30.91 13.06
C ASN C 547 59.10 -31.48 11.80
N GLU C 548 58.35 -32.26 10.99
CA GLU C 548 58.84 -32.95 9.78
C GLU C 548 60.02 -33.89 10.07
N ASP C 549 59.86 -34.67 11.14
CA ASP C 549 60.85 -35.62 11.62
C ASP C 549 60.31 -37.03 11.34
N THR C 550 60.81 -37.63 10.26
CA THR C 550 60.42 -38.99 9.84
C THR C 550 60.91 -40.07 10.81
N GLU C 551 62.14 -39.94 11.30
CA GLU C 551 62.74 -40.89 12.26
C GLU C 551 61.90 -40.97 13.55
N ALA C 552 61.62 -39.79 14.11
CA ALA C 552 60.78 -39.65 15.33
C ALA C 552 59.33 -40.13 15.12
N TYR C 553 58.77 -39.85 13.94
CA TYR C 553 57.43 -40.32 13.57
C TYR C 553 57.32 -41.86 13.57
N GLU C 554 58.22 -42.50 12.81
CA GLU C 554 58.26 -43.97 12.69
C GLU C 554 58.54 -44.67 14.01
N SER C 555 59.38 -44.05 14.86
CA SER C 555 59.65 -44.52 16.22
C SER C 555 58.39 -44.50 17.11
N ALA C 556 57.72 -43.36 17.10
CA ALA C 556 56.43 -43.18 17.79
C ALA C 556 55.31 -44.07 17.24
N LYS C 557 55.26 -44.24 15.91
CA LYS C 557 54.27 -45.10 15.25
C LYS C 557 54.34 -46.56 15.69
N GLU C 558 55.55 -47.10 15.76
CA GLU C 558 55.77 -48.51 16.14
C GLU C 558 55.31 -48.77 17.58
N ILE C 559 55.61 -47.83 18.48
CA ILE C 559 55.18 -47.89 19.89
C ILE C 559 53.64 -47.85 19.98
N ALA C 560 53.03 -46.85 19.33
CA ALA C 560 51.56 -46.67 19.30
C ALA C 560 50.81 -47.90 18.78
N GLN C 561 51.32 -48.45 17.68
CA GLN C 561 50.84 -49.73 17.10
C GLN C 561 50.92 -50.91 18.08
N ASN C 562 52.05 -51.05 18.76
CA ASN C 562 52.28 -52.15 19.70
C ASN C 562 51.40 -52.05 20.95
N LYS C 563 51.26 -50.83 21.47
CA LYS C 563 50.35 -50.55 22.61
C LYS C 563 48.89 -50.79 22.24
N LEU C 564 48.50 -50.39 21.03
CA LEU C 564 47.14 -50.64 20.54
C LEU C 564 46.85 -52.13 20.41
N ASN C 565 47.78 -52.88 19.82
CA ASN C 565 47.61 -54.33 19.66
C ASN C 565 47.47 -55.09 20.97
N THR C 566 48.28 -54.70 21.95
CA THR C 566 48.21 -55.25 23.31
C THR C 566 46.86 -54.94 23.97
N ALA C 567 46.42 -53.69 23.84
CA ALA C 567 45.09 -53.27 24.32
C ALA C 567 43.93 -54.03 23.65
N LEU C 568 44.00 -54.15 22.32
CA LEU C 568 42.99 -54.91 21.58
C LEU C 568 42.99 -56.41 21.86
N SER C 569 44.18 -57.00 22.02
CA SER C 569 44.33 -58.45 22.26
C SER C 569 43.88 -58.89 23.65
N SER C 570 44.06 -58.01 24.63
CA SER C 570 43.72 -58.29 26.03
C SER C 570 42.23 -58.55 26.28
N PHE C 571 41.97 -59.36 27.29
CA PHE C 571 40.63 -59.59 27.84
C PHE C 571 39.98 -58.29 28.33
N ALA C 572 40.77 -57.48 29.03
CA ALA C 572 40.34 -56.19 29.57
C ALA C 572 39.91 -55.22 28.48
N VAL C 573 38.82 -54.50 28.76
CA VAL C 573 38.23 -53.52 27.83
C VAL C 573 37.99 -52.25 28.63
N ILE C 574 38.44 -51.13 28.09
CA ILE C 574 38.27 -49.83 28.75
C ILE C 574 38.44 -48.72 27.72
N SER C 575 37.70 -47.63 27.93
CA SER C 575 37.90 -46.37 27.21
C SER C 575 37.92 -46.51 25.67
N GLU C 576 37.02 -47.34 25.15
CA GLU C 576 37.05 -47.76 23.73
C GLU C 576 36.96 -46.56 22.77
N LYS C 577 36.04 -45.65 23.05
CA LYS C 577 35.82 -44.45 22.22
C LYS C 577 36.73 -43.25 22.53
N VAL C 578 37.58 -43.33 23.58
CA VAL C 578 38.43 -42.20 24.02
C VAL C 578 39.91 -42.58 23.93
N ALA C 579 40.46 -43.29 24.92
CA ALA C 579 41.89 -43.61 24.95
C ALA C 579 42.28 -44.57 23.82
N GLN C 580 41.45 -45.58 23.55
CA GLN C 580 41.70 -46.55 22.48
C GLN C 580 41.53 -45.94 21.09
N SER C 581 40.37 -45.32 20.87
CA SER C 581 40.05 -44.67 19.61
C SER C 581 41.05 -43.60 19.20
N PHE C 582 41.55 -42.82 20.16
CA PHE C 582 42.55 -41.79 19.89
C PHE C 582 43.80 -42.32 19.22
N ILE C 583 44.23 -43.52 19.59
CA ILE C 583 45.40 -44.18 18.99
C ILE C 583 45.10 -44.48 17.52
N GLN C 584 43.93 -45.07 17.26
CA GLN C 584 43.45 -45.38 15.90
C GLN C 584 43.28 -44.14 15.03
N GLU C 585 42.74 -43.08 15.64
CA GLU C 585 42.67 -41.75 15.03
C GLU C 585 44.04 -41.18 14.65
N ALA C 586 44.98 -41.24 15.59
CA ALA C 586 46.33 -40.72 15.39
C ALA C 586 47.15 -41.51 14.35
N LEU C 587 46.94 -42.82 14.29
CA LEU C 587 47.52 -43.68 13.26
C LEU C 587 47.01 -43.40 11.85
N SER C 588 45.75 -42.97 11.74
CA SER C 588 45.15 -42.55 10.47
C SER C 588 45.55 -41.15 10.02
N PHE C 589 46.00 -40.31 10.96
CA PHE C 589 46.24 -38.88 10.72
C PHE C 589 47.44 -38.62 9.82
N ASP C 590 47.21 -37.81 8.78
CA ASP C 590 48.24 -37.35 7.86
C ASP C 590 48.18 -35.81 7.80
N LEU C 591 49.18 -35.16 8.41
CA LEU C 591 49.31 -33.70 8.41
C LEU C 591 49.49 -33.09 7.00
N THR C 592 50.09 -33.85 6.08
CA THR C 592 50.29 -33.39 4.69
C THR C 592 48.99 -33.24 3.88
N LEU C 593 47.90 -33.85 4.36
CA LEU C 593 46.54 -33.59 3.86
C LEU C 593 45.79 -32.41 4.52
N ILE C 594 46.51 -31.51 5.21
CA ILE C 594 45.96 -30.24 5.72
C ILE C 594 46.76 -29.10 5.07
N GLN D 10 -4.10 -36.14 -18.92
CA GLN D 10 -3.59 -35.01 -18.06
C GLN D 10 -2.05 -35.07 -17.95
N VAL D 11 -1.38 -34.12 -18.62
CA VAL D 11 0.10 -34.07 -18.68
C VAL D 11 0.65 -33.50 -17.37
N LEU D 12 1.43 -34.32 -16.65
CA LEU D 12 2.00 -33.96 -15.35
C LEU D 12 3.26 -33.12 -15.51
N VAL D 13 3.58 -32.34 -14.47
CA VAL D 13 4.81 -31.53 -14.44
C VAL D 13 5.96 -32.51 -14.16
N PRO D 14 6.93 -32.64 -15.09
CA PRO D 14 8.07 -33.53 -14.83
C PRO D 14 9.04 -32.94 -13.81
N ASN D 15 10.11 -33.70 -13.52
CA ASN D 15 11.19 -33.22 -12.63
C ASN D 15 11.82 -31.95 -13.17
N LEU D 16 11.91 -30.93 -12.33
CA LEU D 16 12.54 -29.66 -12.66
C LEU D 16 13.70 -29.41 -11.71
N ASN D 17 14.77 -28.82 -12.22
CA ASN D 17 15.92 -28.39 -11.45
C ASN D 17 16.55 -27.15 -12.08
N PRO D 18 16.72 -26.04 -11.34
CA PRO D 18 16.20 -25.84 -9.98
C PRO D 18 14.66 -25.81 -9.93
N THR D 19 14.13 -25.99 -8.72
CA THR D 19 12.70 -25.87 -8.47
C THR D 19 12.32 -24.41 -8.75
N PRO D 20 11.38 -24.16 -9.70
CA PRO D 20 10.98 -22.76 -9.92
C PRO D 20 10.28 -22.15 -8.69
N GLU D 21 10.47 -20.85 -8.50
CA GLU D 21 9.96 -20.14 -7.34
C GLU D 21 8.44 -20.24 -7.26
N ASN D 22 7.78 -19.87 -8.35
CA ASN D 22 6.32 -19.88 -8.47
C ASN D 22 5.94 -20.70 -9.69
N LEU D 23 5.20 -21.79 -9.48
CA LEU D 23 4.66 -22.61 -10.56
C LEU D 23 3.22 -22.97 -10.23
N GLU D 24 2.30 -22.60 -11.13
CA GLU D 24 0.89 -23.00 -11.05
C GLU D 24 0.53 -23.78 -12.30
N VAL D 25 -0.06 -24.96 -12.13
CA VAL D 25 -0.64 -25.75 -13.22
C VAL D 25 -2.02 -25.14 -13.48
N VAL D 26 -2.30 -24.83 -14.75
CA VAL D 26 -3.56 -24.15 -15.19
C VAL D 26 -4.23 -24.83 -16.41
N GLY D 27 -4.03 -26.13 -16.56
CA GLY D 27 -4.57 -26.87 -17.70
C GLY D 27 -4.08 -28.29 -17.75
N ASP D 28 -4.68 -29.08 -18.63
CA ASP D 28 -4.36 -30.50 -18.81
C ASP D 28 -3.12 -30.77 -19.68
N GLY D 29 -2.55 -29.74 -20.30
CA GLY D 29 -1.37 -29.86 -21.16
C GLY D 29 -1.76 -30.04 -22.62
N PHE D 30 -0.75 -30.10 -23.48
CA PHE D 30 -0.92 -30.32 -24.91
C PHE D 30 0.36 -30.83 -25.57
N LYS D 31 0.19 -31.46 -26.72
CA LYS D 31 1.32 -31.98 -27.51
C LYS D 31 1.85 -30.86 -28.42
N ILE D 32 3.16 -30.66 -28.39
CA ILE D 32 3.85 -29.76 -29.31
C ILE D 32 3.92 -30.45 -30.68
N THR D 33 3.60 -29.70 -31.73
CA THR D 33 3.53 -30.24 -33.10
C THR D 33 4.92 -30.52 -33.70
N SER D 34 4.91 -31.27 -34.81
CA SER D 34 6.13 -31.70 -35.54
C SER D 34 7.03 -30.55 -36.00
N SER D 35 6.41 -29.43 -36.36
CA SER D 35 7.10 -28.15 -36.57
C SER D 35 6.44 -27.07 -35.72
N ILE D 36 7.15 -25.97 -35.50
CA ILE D 36 6.68 -24.87 -34.64
C ILE D 36 6.92 -23.49 -35.27
N ASN D 37 6.12 -22.51 -34.83
CA ASN D 37 6.31 -21.09 -35.14
C ASN D 37 7.18 -20.49 -34.06
N LEU D 38 8.27 -19.85 -34.44
CA LEU D 38 9.17 -19.19 -33.50
C LEU D 38 9.06 -17.70 -33.70
N VAL D 39 8.59 -16.99 -32.68
CA VAL D 39 8.43 -15.54 -32.72
C VAL D 39 9.43 -14.91 -31.74
N GLY D 40 10.07 -13.83 -32.17
CA GLY D 40 11.07 -13.10 -31.38
C GLY D 40 12.53 -13.57 -31.48
N GLU D 41 12.82 -14.39 -32.50
CA GLU D 41 14.14 -15.01 -32.72
C GLU D 41 15.29 -13.99 -32.85
N GLU D 42 15.09 -12.97 -33.69
CA GLU D 42 16.10 -11.92 -33.96
C GLU D 42 16.23 -10.85 -32.85
N GLU D 43 15.19 -10.65 -32.05
CA GLU D 43 15.21 -9.71 -30.91
C GLU D 43 15.65 -10.34 -29.58
N ALA D 44 15.36 -11.63 -29.38
CA ALA D 44 15.69 -12.34 -28.13
C ALA D 44 17.19 -12.58 -27.94
N ASP D 45 17.55 -12.93 -26.70
CA ASP D 45 18.92 -13.26 -26.31
C ASP D 45 19.50 -14.35 -27.21
N GLU D 46 20.67 -14.07 -27.79
CA GLU D 46 21.33 -14.93 -28.78
C GLU D 46 21.61 -16.33 -28.22
N ASN D 47 22.12 -16.38 -26.99
CA ASN D 47 22.47 -17.64 -26.33
C ASN D 47 21.24 -18.47 -25.99
N ALA D 48 20.18 -17.80 -25.53
CA ALA D 48 18.89 -18.46 -25.30
C ALA D 48 18.34 -19.10 -26.57
N VAL D 49 18.43 -18.37 -27.68
CA VAL D 49 17.93 -18.84 -28.97
C VAL D 49 18.76 -20.03 -29.46
N ASN D 50 20.08 -19.91 -29.36
CA ASN D 50 21.00 -21.03 -29.71
C ASN D 50 20.69 -22.29 -28.92
N ALA D 51 20.47 -22.12 -27.61
CA ALA D 51 20.07 -23.22 -26.72
C ALA D 51 18.71 -23.83 -27.11
N LEU D 52 17.76 -22.97 -27.47
CA LEU D 52 16.43 -23.43 -27.92
C LEU D 52 16.51 -24.19 -29.24
N ARG D 53 17.20 -23.59 -30.22
CA ARG D 53 17.41 -24.23 -31.55
C ARG D 53 18.06 -25.61 -31.42
N GLU D 54 19.12 -25.70 -30.63
CA GLU D 54 19.79 -27.00 -30.32
C GLU D 54 18.83 -28.05 -29.75
N PHE D 55 17.97 -27.64 -28.82
CA PHE D 55 16.97 -28.53 -28.25
C PHE D 55 15.96 -29.03 -29.28
N LEU D 56 15.41 -28.09 -30.07
CA LEU D 56 14.40 -28.41 -31.09
C LEU D 56 14.94 -29.34 -32.18
N THR D 57 16.12 -29.00 -32.72
CA THR D 57 16.80 -29.84 -33.73
C THR D 57 17.12 -31.25 -33.20
N ALA D 58 17.63 -31.34 -31.96
CA ALA D 58 17.91 -32.62 -31.29
C ALA D 58 16.67 -33.50 -31.07
N ASN D 59 15.52 -32.85 -30.84
CA ASN D 59 14.22 -33.54 -30.65
C ASN D 59 13.31 -33.60 -31.90
N ASN D 60 13.88 -33.40 -33.11
CA ASN D 60 13.14 -33.48 -34.38
C ASN D 60 11.89 -32.59 -34.44
N ILE D 61 12.09 -31.31 -34.08
CA ILE D 61 11.06 -30.27 -34.17
C ILE D 61 11.62 -29.20 -35.10
N GLU D 62 11.03 -29.08 -36.29
CA GLU D 62 11.47 -28.09 -37.30
C GLU D 62 10.88 -26.70 -37.00
N ILE D 63 11.61 -25.66 -37.40
CA ILE D 63 11.16 -24.27 -37.26
C ILE D 63 10.53 -23.86 -38.59
N ASN D 64 9.29 -23.37 -38.54
CA ASN D 64 8.58 -22.90 -39.73
C ASN D 64 9.21 -21.64 -40.30
N SER D 65 9.31 -21.61 -41.64
CA SER D 65 9.76 -20.42 -42.38
C SER D 65 8.69 -19.33 -42.34
N GLU D 66 7.46 -19.71 -42.68
CA GLU D 66 6.28 -18.83 -42.62
C GLU D 66 5.30 -19.39 -41.59
N ASN D 67 4.51 -18.51 -40.97
CA ASN D 67 3.60 -18.87 -39.87
C ASN D 67 2.51 -19.85 -40.32
N ASP D 68 2.35 -20.95 -39.58
CA ASP D 68 1.32 -21.95 -39.79
C ASP D 68 0.44 -21.91 -38.54
N PRO D 69 -0.86 -21.58 -38.68
CA PRO D 69 -1.74 -21.54 -37.51
C PRO D 69 -2.09 -22.91 -36.89
N ASN D 70 -1.86 -24.01 -37.62
CA ASN D 70 -1.99 -25.38 -37.07
C ASN D 70 -0.81 -25.83 -36.21
N SER D 71 0.36 -25.19 -36.35
CA SER D 71 1.55 -25.51 -35.56
C SER D 71 1.59 -24.75 -34.24
N THR D 72 2.21 -25.36 -33.22
CA THR D 72 2.46 -24.72 -31.92
C THR D 72 3.32 -23.47 -32.11
N THR D 73 3.02 -22.42 -31.32
CA THR D 73 3.76 -21.15 -31.37
C THR D 73 4.62 -20.97 -30.12
N LEU D 74 5.90 -20.69 -30.32
CA LEU D 74 6.82 -20.35 -29.24
C LEU D 74 7.19 -18.89 -29.42
N ILE D 75 6.99 -18.09 -28.39
CA ILE D 75 7.33 -16.67 -28.39
C ILE D 75 8.39 -16.45 -27.31
N ILE D 76 9.49 -15.78 -27.68
CA ILE D 76 10.65 -15.61 -26.82
C ILE D 76 11.17 -14.16 -26.88
N GLY D 77 11.60 -13.64 -25.75
CA GLY D 77 12.16 -12.29 -25.69
C GLY D 77 12.45 -11.82 -24.28
N GLU D 78 13.03 -10.63 -24.20
CA GLU D 78 13.25 -9.91 -22.93
C GLU D 78 12.12 -8.89 -22.72
N VAL D 79 11.92 -8.49 -21.47
CA VAL D 79 10.96 -7.41 -21.11
C VAL D 79 11.12 -6.09 -21.88
N ASP D 80 12.36 -5.73 -22.23
CA ASP D 80 12.64 -4.50 -23.03
C ASP D 80 12.45 -4.64 -24.56
N ASP D 81 12.16 -5.85 -25.04
CA ASP D 81 11.80 -6.08 -26.45
C ASP D 81 10.31 -5.90 -26.65
N ASP D 82 9.95 -5.19 -27.72
CA ASP D 82 8.54 -4.95 -28.08
C ASP D 82 8.04 -6.08 -29.00
N ILE D 83 7.33 -7.03 -28.38
CA ILE D 83 6.82 -8.23 -29.05
C ILE D 83 5.37 -8.38 -28.55
N PRO D 84 4.38 -7.82 -29.28
CA PRO D 84 2.96 -7.91 -28.87
C PRO D 84 2.41 -9.32 -28.73
N GLU D 85 2.86 -10.24 -29.58
CA GLU D 85 2.58 -11.69 -29.43
C GLU D 85 2.96 -12.26 -28.06
N LEU D 86 4.09 -11.79 -27.53
CA LEU D 86 4.60 -12.20 -26.22
C LEU D 86 3.70 -11.70 -25.09
N ASP D 87 3.33 -10.43 -25.15
CA ASP D 87 2.40 -9.83 -24.16
C ASP D 87 1.03 -10.55 -24.11
N GLU D 88 0.53 -10.90 -25.30
CA GLU D 88 -0.74 -11.63 -25.44
C GLU D 88 -0.70 -13.04 -24.88
N ALA D 89 0.35 -13.79 -25.22
CA ALA D 89 0.52 -15.17 -24.73
C ALA D 89 0.82 -15.28 -23.22
N LEU D 90 1.54 -14.29 -22.68
CA LEU D 90 1.81 -14.18 -21.23
C LEU D 90 0.54 -13.95 -20.39
N ASN D 91 -0.37 -13.12 -20.91
CA ASN D 91 -1.73 -12.94 -20.39
C ASN D 91 -1.73 -12.39 -18.94
N GLY D 92 -1.02 -11.27 -18.78
CA GLY D 92 -0.88 -10.61 -17.48
C GLY D 92 0.31 -11.02 -16.63
N THR D 93 0.89 -12.21 -16.85
CA THR D 93 2.14 -12.61 -16.19
C THR D 93 3.28 -11.72 -16.68
N THR D 94 4.15 -11.31 -15.76
CA THR D 94 5.22 -10.36 -16.04
C THR D 94 6.55 -10.80 -15.44
N ALA D 95 7.64 -10.38 -16.08
CA ALA D 95 9.00 -10.57 -15.58
C ALA D 95 9.69 -9.27 -15.12
N GLU D 96 9.10 -8.10 -15.38
CA GLU D 96 9.75 -6.81 -15.07
C GLU D 96 9.99 -6.58 -13.57
N ASN D 97 9.07 -7.08 -12.75
CA ASN D 97 9.16 -6.98 -11.28
C ASN D 97 10.09 -8.02 -10.61
N LEU D 98 10.64 -8.95 -11.40
CA LEU D 98 11.57 -9.98 -10.92
C LEU D 98 12.99 -9.46 -10.88
N LYS D 99 13.81 -10.10 -10.05
CA LYS D 99 15.23 -9.76 -9.96
C LYS D 99 16.00 -10.23 -11.20
N GLU D 100 17.25 -9.76 -11.29
CA GLU D 100 18.22 -10.12 -12.33
C GLU D 100 18.31 -11.64 -12.44
N GLU D 101 18.42 -12.11 -13.68
CA GLU D 101 18.33 -13.55 -14.06
C GLU D 101 16.91 -14.14 -13.99
N GLY D 102 15.91 -13.34 -13.62
CA GLY D 102 14.56 -13.82 -13.47
C GLY D 102 13.86 -13.93 -14.82
N TYR D 103 12.81 -14.75 -14.87
CA TYR D 103 12.01 -14.90 -16.08
C TYR D 103 10.58 -15.27 -15.76
N ALA D 104 9.75 -15.12 -16.79
CA ALA D 104 8.38 -15.62 -16.81
C ALA D 104 8.22 -16.62 -17.94
N LEU D 105 7.50 -17.70 -17.66
CA LEU D 105 7.16 -18.73 -18.65
C LEU D 105 5.69 -19.09 -18.51
N VAL D 106 4.97 -19.09 -19.63
CA VAL D 106 3.54 -19.43 -19.70
C VAL D 106 3.33 -20.37 -20.87
N SER D 107 2.88 -21.60 -20.58
CA SER D 107 2.45 -22.56 -21.60
C SER D 107 0.94 -22.65 -21.51
N ASN D 108 0.26 -22.43 -22.64
CA ASN D 108 -1.21 -22.43 -22.69
C ASN D 108 -1.78 -22.55 -24.12
N ASP D 109 -2.51 -23.64 -24.39
CA ASP D 109 -3.33 -23.83 -25.60
C ASP D 109 -2.54 -23.66 -26.91
N GLY D 110 -1.50 -24.48 -27.08
CA GLY D 110 -0.60 -24.40 -28.23
C GLY D 110 0.30 -23.16 -28.33
N LYS D 111 0.52 -22.45 -27.22
CA LYS D 111 1.39 -21.27 -27.17
C LYS D 111 2.30 -21.35 -25.93
N ILE D 112 3.61 -21.22 -26.13
CA ILE D 112 4.61 -21.12 -25.06
C ILE D 112 5.25 -19.73 -25.14
N ALA D 113 5.08 -18.95 -24.07
CA ALA D 113 5.70 -17.62 -23.91
C ALA D 113 6.86 -17.71 -22.93
N ILE D 114 8.02 -17.16 -23.30
CA ILE D 114 9.21 -17.11 -22.43
C ILE D 114 9.69 -15.66 -22.43
N GLU D 115 9.56 -14.99 -21.29
CA GLU D 115 10.00 -13.59 -21.14
C GLU D 115 11.03 -13.46 -20.02
N GLY D 116 12.26 -13.09 -20.39
CA GLY D 116 13.32 -12.85 -19.42
C GLY D 116 13.29 -11.44 -18.91
N LYS D 117 13.55 -11.26 -17.62
CA LYS D 117 13.94 -9.96 -17.04
C LYS D 117 15.16 -9.39 -17.77
N ASP D 118 16.07 -10.27 -18.16
CA ASP D 118 17.23 -9.91 -18.99
C ASP D 118 17.59 -11.12 -19.88
N GLY D 119 18.63 -10.96 -20.70
CA GLY D 119 19.15 -12.05 -21.51
C GLY D 119 19.40 -13.37 -20.78
N ASP D 120 20.01 -13.27 -19.59
CA ASP D 120 20.27 -14.42 -18.73
C ASP D 120 18.98 -15.12 -18.32
N GLY D 121 17.96 -14.33 -17.98
CA GLY D 121 16.64 -14.83 -17.65
C GLY D 121 15.95 -15.57 -18.78
N THR D 122 16.02 -15.00 -19.97
CA THR D 122 15.50 -15.65 -21.18
C THR D 122 16.19 -17.01 -21.40
N PHE D 123 17.53 -17.04 -21.30
CA PHE D 123 18.31 -18.29 -21.35
C PHE D 123 17.80 -19.32 -20.34
N TYR D 124 17.62 -18.91 -19.09
CA TYR D 124 17.14 -19.82 -18.04
C TYR D 124 15.69 -20.26 -18.27
N GLY D 125 14.87 -19.36 -18.83
CA GLY D 125 13.53 -19.71 -19.33
C GLY D 125 13.53 -20.86 -20.33
N VAL D 126 14.45 -20.82 -21.28
CA VAL D 126 14.64 -21.93 -22.24
C VAL D 126 15.04 -23.24 -21.52
N GLN D 127 15.89 -23.14 -20.50
CA GLN D 127 16.31 -24.32 -19.72
C GLN D 127 15.18 -24.99 -18.99
N THR D 128 14.28 -24.19 -18.42
CA THR D 128 13.05 -24.71 -17.81
C THR D 128 12.17 -25.37 -18.88
N PHE D 129 11.96 -24.68 -20.00
CA PHE D 129 11.23 -25.22 -21.15
C PHE D 129 11.76 -26.58 -21.61
N LYS D 130 13.08 -26.66 -21.77
CA LYS D 130 13.76 -27.93 -22.09
C LYS D 130 13.44 -29.08 -21.12
N GLN D 131 13.37 -28.76 -19.82
CA GLN D 131 12.97 -29.72 -18.78
C GLN D 131 11.46 -30.04 -18.75
N LEU D 132 10.62 -29.07 -19.09
CA LEU D 132 9.15 -29.25 -19.12
C LEU D 132 8.63 -30.21 -20.21
N VAL D 133 9.32 -30.27 -21.35
CA VAL D 133 8.88 -31.08 -22.50
C VAL D 133 9.39 -32.51 -22.34
N LYS D 134 8.46 -33.48 -22.42
CA LYS D 134 8.76 -34.91 -22.43
C LYS D 134 7.91 -35.59 -23.53
N GLU D 135 8.57 -36.19 -24.53
CA GLU D 135 7.93 -36.86 -25.69
C GLU D 135 6.97 -35.94 -26.46
N SER D 136 7.45 -34.72 -26.74
CA SER D 136 6.67 -33.61 -27.31
C SER D 136 5.50 -33.03 -26.48
N ASN D 137 5.18 -33.62 -25.31
CA ASN D 137 4.09 -33.15 -24.45
C ASN D 137 4.62 -32.16 -23.43
N ILE D 138 3.86 -31.11 -23.15
CA ILE D 138 4.21 -30.07 -22.19
C ILE D 138 2.99 -29.77 -21.30
N PRO D 139 3.19 -29.60 -19.96
CA PRO D 139 2.06 -29.15 -19.14
C PRO D 139 1.71 -27.70 -19.38
N GLU D 140 0.46 -27.35 -19.08
CA GLU D 140 -0.02 -25.97 -19.18
C GLU D 140 0.23 -25.31 -17.83
N VAL D 141 1.25 -24.45 -17.77
CA VAL D 141 1.72 -23.85 -16.50
C VAL D 141 1.92 -22.35 -16.59
N ASN D 142 1.93 -21.72 -15.42
CA ASN D 142 2.22 -20.31 -15.23
C ASN D 142 3.40 -20.25 -14.27
N ILE D 143 4.56 -19.77 -14.77
CA ILE D 143 5.80 -19.68 -13.98
C ILE D 143 6.31 -18.26 -13.96
N THR D 144 6.61 -17.76 -12.76
CA THR D 144 7.58 -16.68 -12.56
C THR D 144 8.68 -17.27 -11.69
N ASP D 145 9.92 -16.90 -11.99
CA ASP D 145 11.07 -17.60 -11.41
C ASP D 145 12.31 -16.70 -11.39
N TYR D 146 13.15 -16.92 -10.38
CA TYR D 146 14.34 -16.12 -10.14
C TYR D 146 15.19 -16.81 -9.04
N PRO D 147 16.51 -16.49 -8.97
CA PRO D 147 17.38 -17.12 -7.97
C PRO D 147 17.28 -16.49 -6.58
N THR D 148 17.48 -17.30 -5.54
CA THR D 148 17.68 -16.80 -4.18
C THR D 148 19.04 -16.10 -4.08
N VAL D 149 20.09 -16.80 -4.50
CA VAL D 149 21.47 -16.33 -4.41
C VAL D 149 21.96 -15.85 -5.78
N SER D 150 22.66 -14.71 -5.78
CA SER D 150 23.08 -14.00 -7.00
C SER D 150 24.10 -14.80 -7.83
N ALA D 151 25.17 -15.26 -7.18
CA ALA D 151 26.22 -16.07 -7.79
C ALA D 151 26.14 -17.50 -7.25
N ARG D 152 26.05 -18.47 -8.15
CA ARG D 152 25.80 -19.88 -7.85
C ARG D 152 26.70 -20.73 -8.73
N GLY D 153 27.49 -21.64 -8.13
CA GLY D 153 28.40 -22.43 -8.94
C GLY D 153 29.46 -23.30 -8.31
N ILE D 154 30.53 -23.52 -9.08
CA ILE D 154 31.61 -24.44 -8.74
C ILE D 154 32.92 -23.67 -8.63
N VAL D 155 33.77 -24.10 -7.70
CA VAL D 155 35.17 -23.69 -7.64
C VAL D 155 35.97 -24.98 -7.82
N GLU D 156 36.62 -25.13 -8.98
CA GLU D 156 37.60 -26.20 -9.17
C GLU D 156 38.83 -25.77 -8.40
N GLY D 157 38.88 -26.14 -7.12
CA GLY D 157 39.91 -25.70 -6.17
C GLY D 157 40.61 -26.80 -5.38
N PHE D 158 40.47 -28.03 -5.85
CA PHE D 158 40.92 -29.22 -5.12
C PHE D 158 42.37 -29.53 -5.46
N TYR D 159 42.96 -30.43 -4.66
CA TYR D 159 44.24 -31.08 -4.94
C TYR D 159 43.96 -32.42 -5.65
N GLY D 160 44.97 -32.89 -6.38
CA GLY D 160 44.87 -34.05 -7.26
C GLY D 160 44.75 -33.67 -8.72
N THR D 161 44.55 -34.68 -9.56
CA THR D 161 44.50 -34.54 -11.01
C THR D 161 43.41 -33.52 -11.38
N PRO D 162 43.81 -32.35 -11.95
CA PRO D 162 42.76 -31.41 -12.36
C PRO D 162 41.84 -31.99 -13.45
N TRP D 163 40.65 -31.41 -13.54
CA TRP D 163 39.69 -31.80 -14.56
C TRP D 163 40.28 -31.62 -15.95
N THR D 164 39.90 -32.53 -16.85
CA THR D 164 40.36 -32.44 -18.23
C THR D 164 39.65 -31.27 -18.90
N HIS D 165 40.21 -30.83 -20.02
CA HIS D 165 39.58 -29.79 -20.82
C HIS D 165 38.16 -30.19 -21.26
N GLN D 166 38.02 -31.44 -21.69
CA GLN D 166 36.73 -32.02 -22.05
C GLN D 166 35.76 -32.14 -20.85
N ASP D 167 36.27 -32.50 -19.66
CA ASP D 167 35.47 -32.47 -18.41
C ASP D 167 34.87 -31.09 -18.15
N ARG D 168 35.70 -30.06 -18.28
CA ARG D 168 35.29 -28.68 -18.03
C ARG D 168 34.24 -28.15 -19.00
N LEU D 169 34.41 -28.44 -20.30
CA LEU D 169 33.42 -28.06 -21.33
C LEU D 169 32.06 -28.70 -21.08
N ASP D 170 32.08 -29.99 -20.74
CA ASP D 170 30.88 -30.73 -20.36
C ASP D 170 30.24 -30.17 -19.07
N GLN D 171 31.06 -29.86 -18.07
CA GLN D 171 30.59 -29.21 -16.84
C GLN D 171 29.91 -27.84 -17.09
N ILE D 172 30.50 -27.03 -17.96
CA ILE D 172 29.96 -25.68 -18.27
C ILE D 172 28.56 -25.73 -18.89
N LYS D 173 28.36 -26.68 -19.80
CA LYS D 173 27.05 -26.96 -20.39
C LYS D 173 26.05 -27.41 -19.34
N PHE D 174 26.47 -28.37 -18.51
CA PHE D 174 25.70 -28.85 -17.34
C PHE D 174 25.27 -27.69 -16.41
N TYR D 175 26.19 -26.77 -16.12
CA TYR D 175 25.93 -25.60 -15.25
C TYR D 175 24.84 -24.68 -15.83
N GLY D 176 24.95 -24.40 -17.13
CA GLY D 176 23.94 -23.65 -17.87
C GLY D 176 22.56 -24.29 -17.84
N GLU D 177 22.51 -25.61 -18.05
CA GLU D 177 21.26 -26.38 -17.99
C GLU D 177 20.54 -26.37 -16.62
N ASN D 178 21.32 -26.24 -15.55
CA ASN D 178 20.81 -26.19 -14.17
C ASN D 178 20.90 -24.80 -13.52
N LYS D 179 20.99 -23.75 -14.34
CA LYS D 179 21.00 -22.36 -13.89
C LYS D 179 22.13 -21.95 -12.90
N LEU D 180 23.26 -22.65 -12.97
CA LEU D 180 24.47 -22.30 -12.23
C LEU D 180 25.25 -21.34 -13.13
N ASN D 181 25.67 -20.22 -12.58
CA ASN D 181 26.25 -19.09 -13.35
C ASN D 181 27.71 -18.77 -13.06
N THR D 182 28.39 -19.60 -12.26
CA THR D 182 29.76 -19.29 -11.80
C THR D 182 30.63 -20.54 -11.89
N TYR D 183 31.77 -20.41 -12.55
CA TYR D 183 32.81 -21.44 -12.58
C TYR D 183 34.13 -20.76 -12.28
N ILE D 184 34.76 -21.16 -11.16
CA ILE D 184 36.05 -20.61 -10.74
C ILE D 184 37.15 -21.61 -11.07
N TYR D 185 38.05 -21.19 -11.97
CA TYR D 185 39.24 -21.95 -12.30
C TYR D 185 40.30 -21.67 -11.24
N ALA D 186 40.58 -22.68 -10.41
CA ALA D 186 41.67 -22.59 -9.42
C ALA D 186 42.22 -23.95 -8.96
N PRO D 187 42.53 -24.88 -9.90
CA PRO D 187 43.08 -26.17 -9.48
C PRO D 187 44.45 -26.04 -8.83
N LYS D 188 44.60 -26.59 -7.63
CA LYS D 188 45.83 -26.51 -6.85
C LYS D 188 47.06 -27.01 -7.60
N ASP D 189 46.89 -28.14 -8.31
CA ASP D 189 47.99 -28.82 -9.02
C ASP D 189 48.28 -28.34 -10.44
N ASP D 190 47.57 -27.32 -10.92
CA ASP D 190 48.01 -26.58 -12.11
C ASP D 190 49.20 -25.72 -11.70
N PRO D 191 50.43 -26.05 -12.20
CA PRO D 191 51.61 -25.25 -11.83
C PRO D 191 51.48 -23.75 -12.15
N TYR D 192 50.84 -23.43 -13.27
CA TYR D 192 50.67 -22.03 -13.71
C TYR D 192 49.62 -21.24 -12.89
N HIS D 193 48.77 -21.95 -12.12
CA HIS D 193 47.84 -21.33 -11.17
C HIS D 193 48.50 -20.91 -9.84
N ARG D 194 49.50 -21.68 -9.37
CA ARG D 194 49.94 -21.62 -7.97
C ARG D 194 51.44 -21.80 -7.77
N GLU D 195 51.98 -22.99 -8.07
CA GLU D 195 53.42 -23.29 -7.85
C GLU D 195 54.34 -22.34 -8.63
N LYS D 196 54.03 -22.20 -9.92
CA LYS D 196 54.74 -21.36 -10.89
C LYS D 196 53.78 -20.29 -11.42
N TRP D 197 53.18 -19.56 -10.49
CA TRP D 197 52.10 -18.59 -10.77
C TRP D 197 52.50 -17.38 -11.65
N ARG D 198 53.77 -16.98 -11.58
CA ARG D 198 54.31 -15.91 -12.43
C ARG D 198 54.41 -16.30 -13.91
N GLU D 199 54.66 -17.59 -14.17
CA GLU D 199 54.91 -18.08 -15.53
C GLU D 199 53.65 -18.04 -16.41
N PRO D 200 53.80 -17.57 -17.69
CA PRO D 200 52.64 -17.54 -18.59
C PRO D 200 52.26 -18.94 -19.02
N TYR D 201 50.96 -19.13 -19.30
CA TYR D 201 50.48 -20.41 -19.82
C TYR D 201 51.08 -20.64 -21.22
N PRO D 202 51.38 -21.91 -21.56
CA PRO D 202 51.70 -22.22 -22.98
C PRO D 202 50.54 -21.89 -23.93
N GLU D 203 50.87 -21.60 -25.19
CA GLU D 203 49.89 -21.23 -26.21
C GLU D 203 48.77 -22.25 -26.35
N SER D 204 49.11 -23.54 -26.33
CA SER D 204 48.13 -24.64 -26.38
C SER D 204 47.11 -24.56 -25.23
N GLU D 205 47.62 -24.27 -24.03
CA GLU D 205 46.77 -24.10 -22.85
C GLU D 205 45.93 -22.81 -22.92
N MET D 206 46.51 -21.73 -23.44
CA MET D 206 45.77 -20.48 -23.69
C MET D 206 44.61 -20.66 -24.69
N GLN D 207 44.83 -21.47 -25.74
CA GLN D 207 43.76 -21.85 -26.67
C GLN D 207 42.62 -22.64 -26.01
N ARG D 208 42.97 -23.55 -25.10
CA ARG D 208 41.97 -24.26 -24.29
C ARG D 208 41.19 -23.31 -23.37
N MET D 209 41.89 -22.35 -22.75
CA MET D 209 41.25 -21.32 -21.91
C MET D 209 40.22 -20.50 -22.68
N GLN D 210 40.60 -20.05 -23.89
CA GLN D 210 39.69 -19.35 -24.84
C GLN D 210 38.42 -20.14 -25.11
N GLU D 211 38.56 -21.45 -25.35
CA GLU D 211 37.39 -22.33 -25.58
C GLU D 211 36.48 -22.43 -24.35
N LEU D 212 37.07 -22.51 -23.15
CA LEU D 212 36.30 -22.50 -21.89
C LEU D 212 35.56 -21.17 -21.72
N ILE D 213 36.23 -20.08 -22.07
CA ILE D 213 35.64 -18.74 -21.97
C ILE D 213 34.46 -18.60 -22.91
N ASN D 214 34.61 -19.11 -24.14
CA ASN D 214 33.53 -19.10 -25.14
C ASN D 214 32.33 -19.95 -24.71
N ALA D 215 32.60 -21.17 -24.25
CA ALA D 215 31.57 -22.05 -23.69
C ALA D 215 30.86 -21.44 -22.47
N SER D 216 31.62 -20.72 -21.64
CA SER D 216 31.07 -20.06 -20.45
C SER D 216 30.09 -18.94 -20.81
N ALA D 217 30.50 -18.08 -21.73
CA ALA D 217 29.63 -17.02 -22.29
C ALA D 217 28.35 -17.56 -22.95
N GLU D 218 28.52 -18.61 -23.75
CA GLU D 218 27.42 -19.34 -24.39
C GLU D 218 26.35 -19.89 -23.43
N ASN D 219 26.75 -20.26 -22.22
CA ASN D 219 25.86 -20.83 -21.20
C ASN D 219 25.59 -19.94 -19.98
N LYS D 220 25.81 -18.62 -20.13
CA LYS D 220 25.61 -17.61 -19.07
C LYS D 220 26.37 -17.89 -17.78
N VAL D 221 27.56 -18.48 -17.92
CA VAL D 221 28.47 -18.78 -16.82
C VAL D 221 29.54 -17.72 -16.83
N ASP D 222 29.82 -17.16 -15.65
CA ASP D 222 30.98 -16.32 -15.41
C ASP D 222 32.18 -17.23 -15.18
N PHE D 223 33.09 -17.23 -16.15
CA PHE D 223 34.40 -17.85 -15.99
C PHE D 223 35.22 -16.94 -15.08
N VAL D 224 35.51 -17.42 -13.87
CA VAL D 224 36.37 -16.70 -12.92
C VAL D 224 37.78 -17.27 -13.03
N PHE D 225 38.73 -16.44 -13.45
CA PHE D 225 40.13 -16.83 -13.50
C PHE D 225 40.77 -16.60 -12.14
N GLY D 226 41.18 -17.69 -11.49
CA GLY D 226 41.86 -17.65 -10.20
C GLY D 226 43.39 -17.64 -10.34
N ILE D 227 44.06 -16.89 -9.47
CA ILE D 227 45.51 -16.97 -9.25
C ILE D 227 45.72 -17.17 -7.75
N SER D 228 46.70 -18.01 -7.40
CA SER D 228 47.08 -18.30 -6.02
C SER D 228 48.58 -18.05 -5.81
N PRO D 229 48.99 -16.78 -5.60
CA PRO D 229 50.41 -16.41 -5.52
C PRO D 229 51.07 -16.52 -4.13
N GLY D 230 50.33 -16.93 -3.10
CA GLY D 230 50.75 -16.79 -1.71
C GLY D 230 51.93 -17.60 -1.19
N ILE D 231 52.37 -18.62 -1.94
CA ILE D 231 53.52 -19.46 -1.54
C ILE D 231 54.81 -18.65 -1.47
N ASP D 232 55.06 -17.81 -2.47
CA ASP D 232 56.32 -17.05 -2.56
C ASP D 232 56.23 -15.61 -3.10
N ILE D 233 55.03 -15.03 -3.16
CA ILE D 233 54.89 -13.63 -3.57
C ILE D 233 55.67 -12.71 -2.61
N ARG D 234 56.34 -11.72 -3.20
CA ARG D 234 57.06 -10.70 -2.46
C ARG D 234 56.22 -9.42 -2.51
N PHE D 235 56.20 -8.67 -1.42
CA PHE D 235 55.33 -7.50 -1.23
C PHE D 235 56.02 -6.13 -1.28
N ASP D 236 57.25 -6.03 -0.80
CA ASP D 236 57.95 -4.74 -0.59
C ASP D 236 59.00 -4.48 -1.66
N GLY D 237 59.25 -3.19 -1.92
CA GLY D 237 60.35 -2.75 -2.78
C GLY D 237 60.19 -3.10 -4.24
N ASP D 238 61.32 -3.20 -4.95
CA ASP D 238 61.35 -3.55 -6.38
C ASP D 238 60.83 -4.95 -6.69
N ALA D 239 61.17 -5.91 -5.82
CA ALA D 239 60.62 -7.27 -5.89
C ALA D 239 59.08 -7.28 -5.81
N GLY D 240 58.54 -6.48 -4.89
CA GLY D 240 57.09 -6.27 -4.74
C GLY D 240 56.40 -5.71 -5.97
N GLU D 241 57.05 -4.75 -6.62
CA GLU D 241 56.56 -4.18 -7.89
C GLU D 241 56.61 -5.19 -9.03
N GLU D 242 57.72 -5.93 -9.11
CA GLU D 242 57.90 -6.99 -10.11
C GLU D 242 56.80 -8.05 -10.00
N ASP D 243 56.58 -8.53 -8.78
CA ASP D 243 55.56 -9.56 -8.51
C ASP D 243 54.13 -9.09 -8.70
N PHE D 244 53.82 -7.85 -8.30
CA PHE D 244 52.51 -7.27 -8.59
C PHE D 244 52.24 -7.15 -10.10
N ASN D 245 53.25 -6.71 -10.85
CA ASN D 245 53.16 -6.64 -12.32
C ASN D 245 53.01 -8.01 -12.98
N HIS D 246 53.60 -9.05 -12.39
CA HIS D 246 53.33 -10.45 -12.79
C HIS D 246 51.86 -10.84 -12.66
N LEU D 247 51.21 -10.44 -11.55
CA LEU D 247 49.75 -10.63 -11.38
C LEU D 247 48.92 -9.91 -12.43
N ILE D 248 49.28 -8.65 -12.70
CA ILE D 248 48.61 -7.82 -13.72
C ILE D 248 48.75 -8.42 -15.11
N THR D 249 49.99 -8.73 -15.48
CA THR D 249 50.32 -9.39 -16.76
C THR D 249 49.52 -10.67 -16.99
N LYS D 250 49.52 -11.53 -15.97
CA LYS D 250 48.81 -12.83 -15.99
C LYS D 250 47.29 -12.66 -16.14
N ALA D 251 46.72 -11.79 -15.31
CA ALA D 251 45.31 -11.38 -15.41
C ALA D 251 44.94 -10.76 -16.76
N GLU D 252 45.82 -9.87 -17.26
CA GLU D 252 45.66 -9.23 -18.59
C GLU D 252 45.59 -10.26 -19.71
N SER D 253 46.47 -11.27 -19.67
CA SER D 253 46.50 -12.33 -20.70
C SER D 253 45.15 -13.07 -20.86
N LEU D 254 44.44 -13.24 -19.74
CA LEU D 254 43.10 -13.83 -19.76
C LEU D 254 41.98 -12.84 -20.01
N TYR D 255 42.14 -11.61 -19.53
CA TYR D 255 41.24 -10.50 -19.90
C TYR D 255 41.11 -10.32 -21.41
N ASP D 256 42.25 -10.39 -22.11
CA ASP D 256 42.29 -10.19 -23.56
C ASP D 256 41.55 -11.30 -24.34
N MET D 257 41.42 -12.49 -23.76
CA MET D 257 40.60 -13.59 -24.30
C MET D 257 39.11 -13.58 -23.90
N GLY D 258 38.69 -12.63 -23.06
CA GLY D 258 37.28 -12.44 -22.68
C GLY D 258 36.90 -12.65 -21.21
N VAL D 259 37.89 -12.90 -20.33
CA VAL D 259 37.61 -13.09 -18.90
C VAL D 259 37.24 -11.74 -18.28
N ARG D 260 36.12 -11.70 -17.56
CA ARG D 260 35.67 -10.50 -16.83
C ARG D 260 35.39 -10.73 -15.33
N SER D 261 35.85 -11.87 -14.79
CA SER D 261 35.77 -12.17 -13.35
C SER D 261 37.09 -12.79 -12.92
N PHE D 262 37.60 -12.32 -11.78
CA PHE D 262 38.94 -12.69 -11.30
C PHE D 262 38.92 -13.02 -9.82
N ALA D 263 39.78 -13.97 -9.41
CA ALA D 263 39.98 -14.32 -8.01
C ALA D 263 41.46 -14.37 -7.69
N ILE D 264 41.85 -13.81 -6.55
CA ILE D 264 43.19 -13.94 -6.00
C ILE D 264 43.04 -14.58 -4.62
N TYR D 265 43.59 -15.79 -4.46
CA TYR D 265 43.41 -16.61 -3.26
C TYR D 265 44.67 -16.69 -2.38
N TRP D 266 44.44 -16.72 -1.06
CA TRP D 266 45.51 -16.78 -0.03
C TRP D 266 45.38 -18.02 0.87
N ASP D 267 44.69 -19.05 0.39
CA ASP D 267 44.41 -20.24 1.20
C ASP D 267 45.58 -21.25 1.18
N ASN D 268 45.80 -21.89 2.33
CA ASN D 268 46.75 -23.01 2.51
C ASN D 268 48.19 -22.62 2.21
N ILE D 269 48.60 -21.49 2.78
CA ILE D 269 49.97 -20.95 2.64
C ILE D 269 50.58 -20.70 4.03
N GLN D 270 51.91 -20.71 4.07
CA GLN D 270 52.65 -20.39 5.31
C GLN D 270 52.47 -18.91 5.70
N ASP D 271 52.62 -18.01 4.72
CA ASP D 271 52.61 -16.55 4.98
C ASP D 271 51.23 -16.05 5.44
N LYS D 272 51.22 -15.31 6.56
CA LYS D 272 50.01 -14.70 7.13
C LYS D 272 50.20 -13.19 7.34
N SER D 273 50.68 -12.54 6.29
CA SER D 273 50.88 -11.09 6.26
C SER D 273 49.56 -10.47 5.82
N ALA D 274 48.64 -10.35 6.78
CA ALA D 274 47.24 -9.93 6.56
C ALA D 274 47.09 -8.62 5.78
N ALA D 275 47.78 -7.58 6.28
CA ALA D 275 47.76 -6.25 5.67
C ALA D 275 48.27 -6.26 4.24
N LYS D 276 49.36 -6.99 4.04
CA LYS D 276 49.98 -7.15 2.72
C LYS D 276 49.12 -7.93 1.73
N HIS D 277 48.44 -8.99 2.18
CA HIS D 277 47.47 -9.74 1.33
C HIS D 277 46.35 -8.82 0.84
N ALA D 278 45.74 -8.11 1.78
CA ALA D 278 44.67 -7.16 1.49
C ALA D 278 45.13 -5.99 0.60
N GLN D 279 46.36 -5.53 0.81
CA GLN D 279 46.95 -4.44 -0.02
C GLN D 279 47.19 -4.83 -1.48
N VAL D 280 47.63 -6.07 -1.69
CA VAL D 280 47.69 -6.67 -3.03
C VAL D 280 46.29 -6.71 -3.69
N LEU D 281 45.28 -7.11 -2.92
CA LEU D 281 43.90 -7.17 -3.43
C LEU D 281 43.32 -5.80 -3.74
N ASN D 282 43.54 -4.84 -2.83
CA ASN D 282 43.09 -3.45 -3.01
C ASN D 282 43.75 -2.74 -4.19
N ARG D 283 45.04 -3.00 -4.38
CA ARG D 283 45.79 -2.44 -5.52
C ARG D 283 45.33 -3.04 -6.84
N PHE D 284 45.13 -4.35 -6.86
CA PHE D 284 44.55 -5.06 -8.02
C PHE D 284 43.12 -4.57 -8.31
N ASN D 285 42.34 -4.36 -7.25
CA ASN D 285 41.00 -3.79 -7.37
C ASN D 285 41.01 -2.39 -8.00
N GLU D 286 41.98 -1.57 -7.59
CA GLU D 286 42.13 -0.19 -8.08
C GLU D 286 42.69 -0.17 -9.51
N GLU D 287 43.86 -0.76 -9.69
CA GLU D 287 44.62 -0.67 -10.95
C GLU D 287 44.17 -1.59 -12.08
N PHE D 288 43.34 -2.61 -11.78
CA PHE D 288 42.85 -3.57 -12.79
C PHE D 288 41.32 -3.63 -12.86
N VAL D 289 40.65 -3.96 -11.76
CA VAL D 289 39.18 -4.15 -11.78
C VAL D 289 38.47 -2.85 -12.14
N LYS D 290 38.67 -1.80 -11.33
CA LYS D 290 38.11 -0.46 -11.61
C LYS D 290 38.64 0.16 -12.91
N ALA D 291 39.92 -0.05 -13.18
CA ALA D 291 40.60 0.46 -14.39
C ALA D 291 39.98 -0.03 -15.70
N LYS D 292 39.68 -1.32 -15.77
CA LYS D 292 39.03 -1.93 -16.93
C LYS D 292 37.57 -1.49 -17.06
N GLY D 293 36.86 -1.35 -15.94
CA GLY D 293 35.49 -0.83 -15.93
C GLY D 293 34.37 -1.81 -16.20
N ASP D 294 34.64 -2.92 -16.91
CA ASP D 294 33.67 -4.00 -17.20
C ASP D 294 33.99 -5.35 -16.47
N VAL D 295 34.76 -5.28 -15.38
CA VAL D 295 35.18 -6.44 -14.60
C VAL D 295 34.29 -6.53 -13.36
N LYS D 296 33.82 -7.75 -13.07
CA LYS D 296 32.98 -8.05 -11.91
C LYS D 296 33.80 -7.93 -10.61
N PRO D 297 33.12 -7.90 -9.44
CA PRO D 297 33.88 -7.72 -8.20
C PRO D 297 34.95 -8.77 -7.96
N LEU D 298 36.12 -8.34 -7.48
CA LEU D 298 37.25 -9.21 -7.21
C LEU D 298 36.86 -10.19 -6.12
N ILE D 299 37.26 -11.44 -6.29
CA ILE D 299 36.97 -12.52 -5.36
C ILE D 299 38.28 -12.86 -4.64
N THR D 300 38.18 -13.16 -3.35
CA THR D 300 39.35 -13.66 -2.59
C THR D 300 38.95 -14.70 -1.57
N CYS D 301 39.98 -15.26 -0.96
CA CYS D 301 39.84 -16.15 0.18
C CYS D 301 41.02 -15.88 1.11
N PRO D 302 40.75 -15.52 2.40
CA PRO D 302 41.89 -15.26 3.28
C PRO D 302 42.58 -16.56 3.74
N THR D 303 43.81 -16.43 4.24
CA THR D 303 44.53 -17.56 4.84
C THR D 303 43.77 -18.22 6.00
N GLU D 304 43.16 -17.39 6.85
CA GLU D 304 42.17 -17.84 7.83
C GLU D 304 40.81 -17.78 7.13
N TYR D 305 40.28 -18.94 6.76
CA TYR D 305 39.02 -19.07 5.99
C TYR D 305 37.93 -19.99 6.55
N ASP D 306 38.18 -20.66 7.67
CA ASP D 306 37.13 -21.37 8.44
C ASP D 306 37.03 -20.72 9.81
N THR D 307 35.86 -20.81 10.43
CA THR D 307 35.57 -20.10 11.69
C THR D 307 36.52 -20.47 12.83
N GLY D 308 36.89 -21.75 12.92
CA GLY D 308 37.91 -22.21 13.86
C GLY D 308 39.23 -21.46 13.71
N ALA D 309 39.64 -21.22 12.46
CA ALA D 309 40.84 -20.46 12.12
C ALA D 309 40.71 -18.94 12.23
N MET D 310 39.50 -18.43 12.04
CA MET D 310 39.22 -16.99 11.97
C MET D 310 38.83 -16.35 13.29
N VAL D 311 38.17 -17.12 14.15
CA VAL D 311 37.57 -16.63 15.40
C VAL D 311 38.17 -17.37 16.59
N SER D 312 38.40 -16.62 17.68
CA SER D 312 38.84 -17.15 18.97
C SER D 312 38.11 -16.36 20.08
N ASN D 313 37.36 -17.08 20.92
CA ASN D 313 36.55 -16.53 22.03
C ASN D 313 35.51 -15.50 21.55
N GLY D 314 34.83 -15.83 20.44
CA GLY D 314 33.85 -14.94 19.81
C GLY D 314 34.35 -13.71 19.06
N GLN D 315 35.66 -13.47 19.07
CA GLN D 315 36.30 -12.31 18.46
C GLN D 315 37.23 -12.77 17.34
N PRO D 316 37.39 -11.93 16.29
CA PRO D 316 38.29 -12.31 15.19
C PRO D 316 39.76 -12.35 15.63
N ARG D 317 40.50 -13.34 15.12
CA ARG D 317 41.94 -13.44 15.37
C ARG D 317 42.70 -12.34 14.62
N ALA D 318 43.96 -12.14 14.99
CA ALA D 318 44.78 -11.00 14.53
C ALA D 318 44.80 -10.82 13.01
N TYR D 319 45.08 -11.92 12.30
CA TYR D 319 45.07 -11.93 10.82
C TYR D 319 43.69 -11.53 10.27
N THR D 320 42.64 -12.20 10.74
CA THR D 320 41.26 -11.95 10.27
C THR D 320 40.81 -10.50 10.52
N ARG D 321 41.10 -9.98 11.72
CA ARG D 321 40.81 -8.57 12.08
C ARG D 321 41.48 -7.56 11.14
N ILE D 322 42.77 -7.76 10.90
CA ILE D 322 43.57 -6.89 10.03
C ILE D 322 43.10 -7.02 8.56
N PHE D 323 42.83 -8.24 8.11
CA PHE D 323 42.33 -8.49 6.75
C PHE D 323 40.97 -7.83 6.51
N ALA D 324 40.04 -8.04 7.43
CA ALA D 324 38.70 -7.45 7.38
C ALA D 324 38.68 -5.91 7.40
N GLU D 325 39.51 -5.31 8.26
CA GLU D 325 39.63 -3.84 8.35
C GLU D 325 40.33 -3.21 7.14
N THR D 326 41.25 -3.95 6.49
CA THR D 326 42.02 -3.46 5.35
C THR D 326 41.33 -3.67 4.00
N VAL D 327 40.76 -4.86 3.77
CA VAL D 327 40.25 -5.25 2.45
C VAL D 327 39.07 -4.38 2.00
N ASP D 328 39.06 -4.00 0.71
CA ASP D 328 38.05 -3.10 0.14
C ASP D 328 36.63 -3.69 0.24
N PRO D 329 35.59 -2.86 0.55
CA PRO D 329 34.20 -3.35 0.69
C PRO D 329 33.60 -4.11 -0.51
N SER D 330 33.98 -3.73 -1.73
CA SER D 330 33.49 -4.39 -2.96
C SER D 330 34.00 -5.81 -3.20
N ILE D 331 35.12 -6.18 -2.57
CA ILE D 331 35.76 -7.49 -2.76
C ILE D 331 34.90 -8.59 -2.11
N GLU D 332 34.67 -9.68 -2.86
CA GLU D 332 33.95 -10.86 -2.35
C GLU D 332 34.94 -11.73 -1.59
N VAL D 333 34.66 -11.94 -0.30
CA VAL D 333 35.51 -12.75 0.58
C VAL D 333 34.82 -14.09 0.75
N MET D 334 35.57 -15.17 0.49
CA MET D 334 35.10 -16.53 0.66
C MET D 334 35.50 -17.07 2.04
N TRP D 335 34.64 -17.93 2.60
CA TRP D 335 34.94 -18.74 3.78
C TRP D 335 34.15 -20.07 3.66
N THR D 336 34.62 -21.11 4.37
CA THR D 336 34.15 -22.50 4.16
C THR D 336 33.13 -23.04 5.17
N GLY D 337 32.77 -22.21 6.14
CA GLY D 337 31.94 -22.60 7.28
C GLY D 337 32.77 -22.71 8.56
N PRO D 338 32.18 -23.33 9.61
CA PRO D 338 32.86 -23.61 10.90
C PRO D 338 34.23 -24.28 10.85
N GLY D 339 34.44 -25.14 9.84
CA GLY D 339 35.70 -25.84 9.60
C GLY D 339 35.95 -25.96 8.10
N VAL D 340 37.09 -26.54 7.75
CA VAL D 340 37.47 -26.71 6.33
C VAL D 340 36.47 -27.68 5.67
N VAL D 341 36.32 -28.85 6.29
CA VAL D 341 35.27 -29.82 5.94
C VAL D 341 34.48 -30.04 7.21
N THR D 342 33.20 -29.66 7.18
CA THR D 342 32.36 -29.62 8.36
C THR D 342 30.92 -30.02 8.02
N ASN D 343 30.18 -30.45 9.05
CA ASN D 343 28.81 -30.97 8.91
C ASN D 343 27.80 -29.93 8.45
N GLU D 344 27.94 -28.71 8.95
CA GLU D 344 26.93 -27.67 8.82
C GLU D 344 27.52 -26.28 8.68
N ILE D 345 26.76 -25.40 8.05
CA ILE D 345 26.88 -23.96 8.25
C ILE D 345 25.55 -23.53 8.87
N PRO D 346 25.48 -23.44 10.23
CA PRO D 346 24.28 -22.82 10.82
C PRO D 346 24.26 -21.32 10.57
N LEU D 347 23.06 -20.74 10.60
CA LEU D 347 22.87 -19.30 10.40
C LEU D 347 23.78 -18.42 11.29
N SER D 348 23.95 -18.82 12.55
CA SER D 348 24.81 -18.11 13.50
C SER D 348 26.26 -17.93 13.03
N ASP D 349 26.79 -18.96 12.36
CA ASP D 349 28.15 -18.92 11.80
C ASP D 349 28.27 -17.88 10.68
N ALA D 350 27.31 -17.89 9.76
CA ALA D 350 27.19 -16.89 8.69
C ALA D 350 27.05 -15.48 9.27
N GLN D 351 26.18 -15.33 10.27
CA GLN D 351 26.00 -14.06 11.02
C GLN D 351 27.32 -13.53 11.60
N LEU D 352 28.04 -14.41 12.30
CA LEU D 352 29.33 -14.11 12.94
C LEU D 352 30.36 -13.59 11.95
N ILE D 353 30.56 -14.35 10.88
CA ILE D 353 31.60 -14.06 9.89
C ILE D 353 31.22 -12.85 9.01
N SER D 354 29.97 -12.81 8.57
CA SER D 354 29.41 -11.63 7.87
C SER D 354 29.54 -10.33 8.68
N GLY D 355 29.30 -10.43 9.99
CA GLY D 355 29.47 -9.32 10.92
C GLY D 355 30.89 -8.82 11.03
N ILE D 356 31.83 -9.77 11.11
CA ILE D 356 33.28 -9.45 11.17
C ILE D 356 33.75 -8.69 9.93
N TYR D 357 33.38 -9.21 8.76
CA TYR D 357 33.73 -8.59 7.47
C TYR D 357 32.82 -7.43 7.05
N ASP D 358 31.68 -7.27 7.72
CA ASP D 358 30.72 -6.18 7.49
C ASP D 358 30.19 -6.19 6.04
N ARG D 359 29.87 -7.40 5.58
CA ARG D 359 29.41 -7.62 4.21
C ARG D 359 28.75 -8.99 4.08
N ASN D 360 27.94 -9.15 3.03
CA ASN D 360 27.47 -10.47 2.64
C ASN D 360 28.66 -11.28 2.14
N MET D 361 28.76 -12.53 2.62
CA MET D 361 29.91 -13.40 2.39
C MET D 361 29.72 -14.31 1.18
N ALA D 362 30.84 -14.88 0.75
CA ALA D 362 30.87 -15.94 -0.27
C ALA D 362 31.20 -17.29 0.38
N VAL D 363 30.56 -18.36 -0.08
CA VAL D 363 30.81 -19.70 0.45
C VAL D 363 31.67 -20.52 -0.52
N TRP D 364 32.75 -21.11 0.02
CA TRP D 364 33.51 -22.19 -0.61
C TRP D 364 33.13 -23.43 0.17
N TRP D 365 32.16 -24.20 -0.33
CA TRP D 365 31.65 -25.38 0.38
C TRP D 365 32.41 -26.63 -0.02
N ASN D 366 33.15 -27.24 0.92
CA ASN D 366 33.99 -28.42 0.64
C ASN D 366 33.24 -29.75 0.70
N TYR D 367 32.34 -29.88 -0.26
CA TYR D 367 31.60 -31.09 -0.54
C TYR D 367 30.99 -30.88 -1.93
N PRO D 368 31.15 -31.81 -2.89
CA PRO D 368 31.56 -33.20 -2.69
C PRO D 368 33.06 -33.50 -2.74
N VAL D 369 33.95 -32.50 -2.68
CA VAL D 369 35.41 -32.75 -2.79
C VAL D 369 35.91 -33.89 -1.89
N THR D 370 36.74 -34.78 -2.47
CA THR D 370 37.25 -35.97 -1.78
C THR D 370 38.77 -36.10 -1.75
N ASP D 371 39.51 -35.02 -2.07
CA ASP D 371 41.00 -35.04 -2.10
C ASP D 371 41.71 -35.47 -0.79
N TYR D 372 41.07 -35.18 0.33
CA TYR D 372 41.48 -35.63 1.69
C TYR D 372 41.21 -37.12 1.99
N PHE D 373 40.31 -37.75 1.23
CA PHE D 373 39.83 -39.11 1.49
C PHE D 373 39.37 -39.75 0.17
N LYS D 374 40.33 -39.93 -0.73
CA LYS D 374 40.04 -40.23 -2.16
C LYS D 374 39.35 -41.56 -2.45
N GLY D 375 39.51 -42.53 -1.55
CA GLY D 375 38.84 -43.83 -1.66
C GLY D 375 37.33 -43.80 -1.79
N LYS D 376 36.70 -42.82 -1.12
CA LYS D 376 35.24 -42.68 -1.14
C LYS D 376 34.77 -41.62 -2.12
N LEU D 377 33.63 -41.91 -2.76
CA LEU D 377 32.92 -40.95 -3.62
C LEU D 377 31.82 -40.24 -2.82
N ALA D 378 31.77 -38.91 -2.92
CA ALA D 378 30.73 -38.13 -2.25
C ALA D 378 29.57 -37.89 -3.24
N LEU D 379 28.55 -38.74 -3.12
CA LEU D 379 27.39 -38.77 -4.02
C LEU D 379 26.09 -38.33 -3.35
N GLY D 380 26.19 -37.51 -2.30
CA GLY D 380 25.04 -37.04 -1.54
C GLY D 380 24.61 -35.64 -1.95
N PRO D 381 23.45 -35.19 -1.42
CA PRO D 381 22.98 -33.83 -1.65
C PRO D 381 23.70 -32.81 -0.78
N MET D 382 23.43 -31.53 -1.05
CA MET D 382 23.78 -30.47 -0.10
C MET D 382 23.09 -30.76 1.23
N HIS D 383 23.87 -30.79 2.30
CA HIS D 383 23.40 -31.21 3.61
C HIS D 383 24.06 -30.40 4.72
N GLY D 384 23.24 -29.89 5.64
CA GLY D 384 23.71 -29.10 6.77
C GLY D 384 23.81 -27.60 6.57
N LEU D 385 23.52 -27.14 5.35
CA LEU D 385 23.58 -25.72 5.02
C LEU D 385 22.23 -25.10 5.39
N ASP D 386 22.28 -24.08 6.24
CA ASP D 386 21.08 -23.41 6.73
C ASP D 386 20.28 -22.84 5.56
N LYS D 387 18.96 -23.03 5.61
CA LYS D 387 18.07 -22.53 4.55
C LYS D 387 17.81 -21.01 4.60
N GLY D 388 18.23 -20.32 5.66
CA GLY D 388 18.24 -18.85 5.71
C GLY D 388 19.58 -18.18 5.41
N LEU D 389 20.51 -18.95 4.85
CA LEU D 389 21.92 -18.51 4.69
C LEU D 389 22.06 -17.32 3.73
N ASN D 390 21.14 -17.23 2.78
CA ASN D 390 21.02 -16.09 1.87
C ASN D 390 20.90 -14.70 2.51
N GLN D 391 20.47 -14.66 3.77
CA GLN D 391 20.50 -13.45 4.59
C GLN D 391 21.91 -12.83 4.71
N TYR D 392 22.92 -13.68 4.86
CA TYR D 392 24.32 -13.26 5.01
C TYR D 392 25.27 -13.71 3.89
N VAL D 393 24.76 -14.43 2.88
CA VAL D 393 25.56 -14.99 1.78
C VAL D 393 24.94 -14.60 0.44
N ASP D 394 25.74 -13.98 -0.43
CA ASP D 394 25.30 -13.57 -1.82
C ASP D 394 26.02 -14.34 -2.96
N PHE D 395 26.80 -15.36 -2.61
CA PHE D 395 27.74 -16.02 -3.49
C PHE D 395 27.95 -17.42 -2.92
N PHE D 396 27.45 -18.45 -3.61
CA PHE D 396 27.57 -19.83 -3.14
C PHE D 396 28.28 -20.71 -4.17
N THR D 397 29.40 -21.33 -3.78
CA THR D 397 30.10 -22.32 -4.60
C THR D 397 30.42 -23.59 -3.83
N VAL D 398 30.54 -24.69 -4.59
CA VAL D 398 30.97 -26.01 -4.09
C VAL D 398 32.30 -26.38 -4.71
N ASN D 399 33.19 -26.98 -3.90
CA ASN D 399 34.44 -27.57 -4.37
C ASN D 399 34.11 -29.04 -4.69
N PRO D 400 34.20 -29.44 -5.98
CA PRO D 400 33.81 -30.80 -6.38
C PRO D 400 34.93 -31.82 -6.25
N MET D 401 34.62 -33.06 -6.60
CA MET D 401 35.63 -34.12 -6.70
C MET D 401 36.46 -33.93 -7.97
N GLU D 402 37.67 -34.51 -7.97
CA GLU D 402 38.44 -34.74 -9.21
C GLU D 402 37.68 -35.58 -10.27
N HIS D 403 36.74 -36.38 -9.79
CA HIS D 403 35.79 -37.14 -10.60
C HIS D 403 34.65 -36.21 -11.05
N ALA D 404 34.77 -35.66 -12.25
CA ALA D 404 33.86 -34.61 -12.74
C ALA D 404 32.43 -35.11 -12.97
N GLU D 405 32.29 -36.28 -13.59
CA GLU D 405 30.98 -36.85 -13.93
C GLU D 405 30.11 -37.15 -12.72
N LEU D 406 30.67 -37.85 -11.74
CA LEU D 406 29.93 -38.22 -10.54
C LEU D 406 29.70 -37.06 -9.56
N SER D 407 30.53 -36.01 -9.63
CA SER D 407 30.27 -34.74 -8.92
C SER D 407 28.96 -34.07 -9.29
N LYS D 408 28.42 -34.35 -10.49
CA LYS D 408 27.13 -33.82 -10.97
C LYS D 408 25.94 -34.08 -10.05
N ILE D 409 25.93 -35.22 -9.36
CA ILE D 409 24.81 -35.56 -8.46
C ILE D 409 24.69 -34.51 -7.36
N SER D 410 25.79 -34.26 -6.66
CA SER D 410 25.83 -33.26 -5.60
C SER D 410 25.65 -31.82 -6.13
N ILE D 411 26.30 -31.52 -7.26
CA ILE D 411 26.19 -30.19 -7.90
C ILE D 411 24.74 -29.86 -8.29
N HIS D 412 24.06 -30.84 -8.90
CA HIS D 412 22.62 -30.78 -9.21
C HIS D 412 21.77 -30.28 -8.04
N THR D 413 22.03 -30.82 -6.84
CA THR D 413 21.33 -30.40 -5.62
C THR D 413 21.76 -29.01 -5.18
N ALA D 414 23.05 -28.68 -5.32
CA ALA D 414 23.55 -27.32 -5.09
C ALA D 414 22.88 -26.25 -5.96
N ALA D 415 22.58 -26.60 -7.21
CA ALA D 415 21.78 -25.71 -8.09
C ALA D 415 20.38 -25.42 -7.54
N ASP D 416 19.72 -26.45 -7.01
CA ASP D 416 18.41 -26.31 -6.37
C ASP D 416 18.47 -25.47 -5.09
N TYR D 417 19.40 -25.83 -4.21
CA TYR D 417 19.63 -25.11 -2.94
C TYR D 417 19.93 -23.62 -3.16
N SER D 418 20.83 -23.31 -4.08
CA SER D 418 21.27 -21.92 -4.30
C SER D 418 20.23 -21.08 -5.05
N TRP D 419 19.48 -21.71 -5.95
CA TRP D 419 18.43 -21.01 -6.72
C TRP D 419 17.13 -20.85 -5.93
N ASN D 420 16.68 -21.93 -5.28
CA ASN D 420 15.46 -21.92 -4.46
C ASN D 420 15.79 -22.49 -3.08
N MET D 421 16.37 -21.64 -2.25
CA MET D 421 16.84 -22.03 -0.91
C MET D 421 15.73 -22.37 0.06
N ASP D 422 14.68 -21.54 0.06
CA ASP D 422 13.57 -21.67 1.01
C ASP D 422 12.79 -23.00 0.93
N ASN D 423 12.68 -23.56 -0.28
CA ASN D 423 11.99 -24.86 -0.50
C ASN D 423 12.91 -26.07 -0.68
N TYR D 424 14.21 -25.89 -0.40
CA TYR D 424 15.20 -26.95 -0.60
C TYR D 424 14.95 -28.13 0.36
N ASP D 425 14.73 -29.31 -0.22
CA ASP D 425 14.55 -30.56 0.51
C ASP D 425 15.67 -31.46 -0.01
N TYR D 426 16.65 -31.76 0.86
CA TYR D 426 17.84 -32.53 0.45
C TYR D 426 17.53 -33.92 -0.10
N ASP D 427 16.55 -34.59 0.51
CA ASP D 427 16.16 -35.95 0.10
C ASP D 427 15.49 -35.96 -1.28
N LYS D 428 14.51 -35.08 -1.46
CA LYS D 428 13.80 -34.92 -2.75
C LYS D 428 14.74 -34.45 -3.85
N ALA D 429 15.59 -33.46 -3.53
CA ALA D 429 16.64 -32.97 -4.46
C ALA D 429 17.62 -34.05 -4.90
N TRP D 430 18.05 -34.89 -3.96
CA TRP D 430 18.97 -36.01 -4.21
C TRP D 430 18.34 -37.02 -5.16
N ASN D 431 17.12 -37.44 -4.85
CA ASN D 431 16.33 -38.36 -5.72
C ASN D 431 16.12 -37.78 -7.12
N ARG D 432 15.75 -36.50 -7.17
CA ARG D 432 15.56 -35.75 -8.42
C ARG D 432 16.85 -35.70 -9.26
N ALA D 433 17.99 -35.48 -8.60
CA ALA D 433 19.30 -35.43 -9.26
C ALA D 433 19.66 -36.71 -9.97
N ILE D 434 19.46 -37.84 -9.30
CA ILE D 434 19.77 -39.16 -9.88
C ILE D 434 18.76 -39.50 -10.96
N ASP D 435 17.48 -39.20 -10.75
CA ASP D 435 16.44 -39.42 -11.77
C ASP D 435 16.74 -38.68 -13.08
N MET D 436 17.06 -37.40 -12.97
CA MET D 436 17.33 -36.55 -14.14
C MET D 436 18.66 -36.87 -14.84
N LEU D 437 19.67 -37.31 -14.09
CA LEU D 437 20.99 -37.64 -14.64
C LEU D 437 21.13 -39.05 -15.20
N TYR D 438 20.49 -40.04 -14.57
CA TYR D 438 20.74 -41.47 -14.89
C TYR D 438 19.63 -42.18 -15.66
N GLY D 439 18.49 -41.53 -15.88
CA GLY D 439 17.42 -42.06 -16.72
C GLY D 439 16.95 -43.46 -16.31
N ASP D 440 17.16 -44.44 -17.21
CA ASP D 440 16.77 -45.85 -16.99
C ASP D 440 17.52 -46.54 -15.86
N LEU D 441 18.78 -46.13 -15.63
CA LEU D 441 19.59 -46.66 -14.53
C LEU D 441 19.43 -45.90 -13.20
N ALA D 442 18.47 -44.97 -13.10
CA ALA D 442 18.26 -44.13 -11.92
C ALA D 442 18.05 -44.92 -10.63
N GLU D 443 17.13 -45.89 -10.67
CA GLU D 443 16.79 -46.70 -9.49
C GLU D 443 17.96 -47.53 -8.97
N ASP D 444 18.73 -48.12 -9.87
CA ASP D 444 19.95 -48.85 -9.51
C ASP D 444 21.04 -47.92 -8.99
N MET D 445 21.18 -46.75 -9.60
CA MET D 445 22.15 -45.74 -9.15
C MET D 445 21.81 -45.15 -7.79
N LYS D 446 20.51 -44.99 -7.52
CA LYS D 446 20.04 -44.65 -6.17
C LYS D 446 20.50 -45.66 -5.12
N VAL D 447 20.34 -46.96 -5.41
CA VAL D 447 20.74 -48.03 -4.48
C VAL D 447 22.22 -47.89 -4.12
N PHE D 448 23.06 -47.74 -5.13
CA PHE D 448 24.50 -47.58 -4.98
C PHE D 448 24.89 -46.29 -4.25
N ALA D 449 24.44 -45.16 -4.79
CA ALA D 449 24.80 -43.83 -4.30
C ALA D 449 24.31 -43.54 -2.88
N ASN D 450 23.18 -44.14 -2.50
CA ASN D 450 22.64 -44.08 -1.11
C ASN D 450 23.64 -44.55 -0.04
N HIS D 451 24.53 -45.47 -0.41
CA HIS D 451 25.61 -45.96 0.44
C HIS D 451 26.90 -45.10 0.45
N SER D 452 26.91 -43.98 -0.25
CA SER D 452 28.13 -43.19 -0.49
C SER D 452 27.85 -41.68 -0.45
N THR D 453 27.20 -41.25 0.63
CA THR D 453 26.88 -39.83 0.89
C THR D 453 27.69 -39.19 2.03
N ARG D 454 28.07 -39.98 3.04
CA ARG D 454 28.75 -39.49 4.24
C ARG D 454 30.25 -39.49 4.03
N MET D 455 30.89 -38.32 4.23
CA MET D 455 32.34 -38.20 4.22
C MET D 455 32.85 -38.06 5.64
N ASP D 456 33.81 -38.91 6.01
CA ASP D 456 34.37 -38.97 7.35
C ASP D 456 35.75 -39.61 7.25
N ASN D 457 36.78 -38.81 7.49
CA ASN D 457 38.17 -39.32 7.54
C ASN D 457 38.64 -39.86 8.91
N LYS D 458 37.73 -39.91 9.89
CA LYS D 458 37.96 -40.43 11.27
C LYS D 458 38.57 -39.42 12.25
N THR D 459 39.01 -38.24 11.78
CA THR D 459 39.57 -37.20 12.65
C THR D 459 38.84 -35.87 12.42
N TRP D 460 39.35 -35.05 11.51
CA TRP D 460 38.99 -33.63 11.38
C TRP D 460 37.97 -33.29 10.27
N ALA D 461 37.90 -34.14 9.24
CA ALA D 461 37.00 -33.94 8.09
C ALA D 461 35.79 -34.81 8.26
N LYS D 462 34.63 -34.19 8.40
CA LYS D 462 33.36 -34.91 8.42
C LYS D 462 32.26 -34.01 7.86
N SER D 463 31.51 -34.53 6.88
CA SER D 463 30.40 -33.80 6.24
C SER D 463 29.53 -34.73 5.40
N GLY D 464 28.29 -34.32 5.19
CA GLY D 464 27.32 -35.02 4.33
C GLY D 464 26.23 -35.75 5.09
N ARG D 465 25.17 -36.08 4.35
CA ARG D 465 24.09 -36.92 4.83
C ARG D 465 24.63 -38.31 5.16
N GLU D 466 24.08 -38.92 6.21
CA GLU D 466 24.49 -40.27 6.64
C GLU D 466 24.25 -41.28 5.50
N ASP D 467 25.09 -42.30 5.44
CA ASP D 467 24.90 -43.39 4.47
C ASP D 467 23.65 -44.18 4.81
N ALA D 468 22.94 -44.63 3.77
CA ALA D 468 21.78 -45.54 3.82
C ALA D 468 21.05 -45.56 5.18
N PRO D 469 20.41 -44.43 5.55
CA PRO D 469 19.82 -44.30 6.89
C PRO D 469 18.64 -45.25 7.18
N GLU D 470 17.86 -45.57 6.15
CA GLU D 470 16.72 -46.49 6.27
C GLU D 470 17.20 -47.91 6.53
N LEU D 471 18.24 -48.33 5.82
CA LEU D 471 18.88 -49.63 6.04
C LEU D 471 19.55 -49.72 7.41
N ARG D 472 20.27 -48.67 7.79
CA ARG D 472 20.92 -48.58 9.11
C ARG D 472 19.91 -48.73 10.27
N ALA D 473 18.76 -48.06 10.14
CA ALA D 473 17.63 -48.20 11.07
C ALA D 473 17.09 -49.63 11.16
N LYS D 474 16.97 -50.31 10.01
CA LYS D 474 16.55 -51.73 9.96
C LYS D 474 17.55 -52.68 10.61
N MET D 475 18.85 -52.42 10.39
CA MET D 475 19.92 -53.14 11.08
C MET D 475 19.84 -52.98 12.60
N ASP D 476 19.64 -51.73 13.06
CA ASP D 476 19.44 -51.44 14.49
C ASP D 476 18.23 -52.17 15.07
N GLU D 477 17.14 -52.17 14.30
CA GLU D 477 15.91 -52.88 14.68
C GLU D 477 16.08 -54.40 14.79
N LEU D 478 16.94 -54.99 13.95
CA LEU D 478 17.27 -56.41 14.03
C LEU D 478 17.93 -56.77 15.35
N TRP D 479 18.92 -55.99 15.76
CA TRP D 479 19.60 -56.19 17.05
C TRP D 479 18.66 -56.02 18.26
N ASN D 480 17.80 -55.01 18.19
CA ASN D 480 16.78 -54.76 19.22
C ASN D 480 15.77 -55.89 19.35
N LYS D 481 15.25 -56.36 18.21
CA LYS D 481 14.33 -57.51 18.16
C LYS D 481 14.91 -58.79 18.75
N LEU D 482 16.16 -59.10 18.37
CA LEU D 482 16.89 -60.26 18.91
C LEU D 482 17.07 -60.18 20.44
N SER D 483 17.44 -59.00 20.93
CA SER D 483 17.55 -58.74 22.39
C SER D 483 16.23 -58.89 23.15
N SER D 484 15.17 -58.35 22.56
CA SER D 484 13.80 -58.51 23.06
C SER D 484 13.14 -59.91 22.83
N LYS D 485 13.85 -60.78 22.11
CA LYS D 485 13.48 -62.19 21.87
C LYS D 485 12.23 -62.32 20.99
N GLU D 486 12.03 -61.31 20.14
CA GLU D 486 10.92 -61.29 19.18
C GLU D 486 11.31 -62.14 17.98
N ASP D 487 10.30 -62.51 17.20
CA ASP D 487 10.50 -63.24 15.96
C ASP D 487 11.04 -62.25 14.94
N ALA D 488 12.33 -62.40 14.61
CA ALA D 488 13.03 -61.54 13.65
C ALA D 488 13.03 -62.07 12.19
N SER D 489 12.23 -63.12 11.89
CA SER D 489 12.20 -63.80 10.58
C SER D 489 11.85 -62.90 9.40
N ALA D 490 10.79 -62.12 9.57
CA ALA D 490 10.32 -61.15 8.56
C ALA D 490 11.36 -60.06 8.28
N LEU D 491 11.98 -59.53 9.34
CA LEU D 491 13.03 -58.51 9.19
C LEU D 491 14.31 -59.09 8.57
N ILE D 492 14.70 -60.30 8.96
CA ILE D 492 15.86 -61.02 8.37
C ILE D 492 15.67 -61.25 6.86
N GLU D 493 14.48 -61.69 6.49
CA GLU D 493 14.11 -61.88 5.07
C GLU D 493 14.13 -60.57 4.28
N GLU D 494 13.65 -59.50 4.91
CA GLU D 494 13.68 -58.15 4.34
C GLU D 494 15.13 -57.67 4.09
N LEU D 495 16.00 -57.91 5.07
CA LEU D 495 17.43 -57.58 4.95
C LEU D 495 18.17 -58.42 3.89
N TYR D 496 17.82 -59.71 3.75
CA TYR D 496 18.33 -60.55 2.63
C TYR D 496 17.99 -59.95 1.26
N GLY D 497 16.74 -59.51 1.12
CA GLY D 497 16.27 -58.76 -0.03
C GLY D 497 17.02 -57.46 -0.32
N GLU D 498 17.29 -56.68 0.73
CA GLU D 498 18.09 -55.43 0.58
C GLU D 498 19.53 -55.69 0.12
N PHE D 499 20.19 -56.69 0.73
CA PHE D 499 21.58 -57.04 0.38
C PHE D 499 21.70 -57.65 -1.02
N ALA D 500 20.70 -58.45 -1.41
CA ALA D 500 20.61 -58.99 -2.78
C ALA D 500 20.44 -57.88 -3.81
N ARG D 501 19.54 -56.95 -3.52
CA ARG D 501 19.29 -55.75 -4.32
C ARG D 501 20.55 -54.88 -4.54
N MET D 502 21.36 -54.71 -3.48
CA MET D 502 22.64 -53.98 -3.57
C MET D 502 23.58 -54.60 -4.61
N GLU D 503 23.70 -55.93 -4.55
CA GLU D 503 24.53 -56.69 -5.49
C GLU D 503 23.97 -56.64 -6.92
N GLU D 504 22.66 -56.86 -7.05
CA GLU D 504 21.95 -56.78 -8.34
C GLU D 504 22.11 -55.41 -8.99
N ALA D 505 21.83 -54.35 -8.23
CA ALA D 505 21.95 -52.96 -8.70
C ALA D 505 23.36 -52.61 -9.19
N CYS D 506 24.37 -52.97 -8.41
CA CYS D 506 25.78 -52.68 -8.74
C CYS D 506 26.28 -53.44 -9.96
N ASN D 507 25.89 -54.71 -10.09
CA ASN D 507 26.20 -55.52 -11.29
C ASN D 507 25.59 -54.95 -12.57
N ASN D 508 24.32 -54.54 -12.49
CA ASN D 508 23.65 -53.86 -13.58
C ASN D 508 24.32 -52.53 -13.96
N LEU D 509 24.76 -51.76 -12.97
CA LEU D 509 25.51 -50.51 -13.19
C LEU D 509 26.88 -50.76 -13.84
N LYS D 510 27.58 -51.80 -13.39
CA LYS D 510 28.83 -52.24 -14.05
C LYS D 510 28.63 -52.58 -15.54
N ALA D 511 27.53 -53.26 -15.84
CA ALA D 511 27.20 -53.72 -17.18
C ALA D 511 26.72 -52.61 -18.12
N ASN D 512 25.94 -51.66 -17.60
CA ASN D 512 25.21 -50.68 -18.42
C ASN D 512 25.54 -49.19 -18.22
N LEU D 513 26.31 -48.80 -17.19
CA LEU D 513 26.71 -47.38 -17.06
C LEU D 513 27.57 -46.95 -18.25
N PRO D 514 27.40 -45.70 -18.73
CA PRO D 514 28.34 -45.20 -19.73
C PRO D 514 29.73 -45.06 -19.13
N GLU D 515 30.74 -45.30 -19.94
CA GLU D 515 32.14 -45.37 -19.51
C GLU D 515 32.60 -44.13 -18.72
N VAL D 516 32.10 -42.96 -19.13
CA VAL D 516 32.41 -41.67 -18.47
C VAL D 516 32.10 -41.68 -16.96
N ALA D 517 30.97 -42.30 -16.58
CA ALA D 517 30.59 -42.52 -15.19
C ALA D 517 31.28 -43.72 -14.56
N LEU D 518 31.30 -44.84 -15.29
CA LEU D 518 31.86 -46.12 -14.81
C LEU D 518 33.35 -46.08 -14.48
N GLU D 519 34.14 -45.34 -15.28
CA GLU D 519 35.57 -45.13 -15.02
C GLU D 519 35.85 -44.53 -13.62
N GLU D 520 34.96 -43.65 -13.17
CA GLU D 520 35.11 -42.96 -11.90
C GLU D 520 34.72 -43.82 -10.68
N CYS D 521 33.73 -44.72 -10.82
CA CYS D 521 33.16 -45.53 -9.71
C CYS D 521 33.29 -47.07 -9.74
N SER D 522 34.06 -47.64 -10.69
CA SER D 522 34.13 -49.12 -10.86
C SER D 522 34.60 -49.87 -9.61
N ARG D 523 35.64 -49.33 -8.96
CA ARG D 523 36.17 -49.92 -7.73
C ARG D 523 35.18 -49.86 -6.56
N GLN D 524 34.43 -48.75 -6.48
CA GLN D 524 33.45 -48.54 -5.41
C GLN D 524 32.22 -49.45 -5.59
N LEU D 525 31.83 -49.71 -6.85
CA LEU D 525 30.77 -50.69 -7.16
C LEU D 525 31.15 -52.11 -6.70
N ASP D 526 32.38 -52.51 -7.00
CA ASP D 526 32.94 -53.80 -6.53
C ASP D 526 32.98 -53.88 -5.00
N GLU D 527 33.41 -52.79 -4.37
CA GLU D 527 33.45 -52.64 -2.92
C GLU D 527 32.08 -52.90 -2.28
N LEU D 528 31.04 -52.25 -2.80
CA LEU D 528 29.66 -52.44 -2.28
C LEU D 528 29.10 -53.85 -2.54
N ILE D 529 29.52 -54.47 -3.65
CA ILE D 529 29.17 -55.88 -3.97
C ILE D 529 29.79 -56.82 -2.93
N THR D 530 31.08 -56.64 -2.67
CA THR D 530 31.80 -57.38 -1.62
C THR D 530 31.14 -57.22 -0.24
N LEU D 531 30.81 -55.99 0.14
CA LEU D 531 30.13 -55.72 1.41
C LEU D 531 28.73 -56.35 1.46
N ALA D 532 27.97 -56.26 0.36
CA ALA D 532 26.64 -56.89 0.23
C ALA D 532 26.68 -58.42 0.40
N GLN D 533 27.74 -59.04 -0.14
CA GLN D 533 28.03 -60.47 0.06
C GLN D 533 28.39 -60.79 1.51
N GLY D 534 29.23 -59.94 2.11
CA GLY D 534 29.55 -60.03 3.55
C GLY D 534 28.33 -59.85 4.46
N ASP D 535 27.46 -58.93 4.09
CA ASP D 535 26.18 -58.69 4.78
C ASP D 535 25.22 -59.88 4.71
N LYS D 536 25.17 -60.54 3.55
CA LYS D 536 24.38 -61.76 3.37
C LYS D 536 24.90 -62.90 4.26
N ALA D 537 26.23 -63.11 4.23
CA ALA D 537 26.90 -64.08 5.11
C ALA D 537 26.74 -63.73 6.60
N SER D 538 26.68 -62.44 6.92
CA SER D 538 26.39 -61.96 8.28
C SER D 538 24.99 -62.38 8.76
N LEU D 539 23.98 -62.28 7.89
CA LEU D 539 22.65 -62.83 8.18
C LEU D 539 22.66 -64.35 8.34
N ASP D 540 23.39 -65.04 7.46
CA ASP D 540 23.59 -66.50 7.56
C ASP D 540 24.15 -66.92 8.93
N MET D 541 25.16 -66.19 9.41
CA MET D 541 25.68 -66.34 10.80
C MET D 541 24.59 -66.26 11.88
N ILE D 542 23.74 -65.24 11.78
CA ILE D 542 22.64 -65.00 12.74
C ILE D 542 21.59 -66.11 12.69
N VAL D 543 21.18 -66.48 11.47
CA VAL D 543 20.24 -67.59 11.23
C VAL D 543 20.79 -68.94 11.71
N ALA D 544 22.07 -69.18 11.47
CA ALA D 544 22.79 -70.36 11.96
C ALA D 544 22.77 -70.48 13.49
N GLN D 545 22.95 -69.34 14.18
CA GLN D 545 22.87 -69.29 15.65
C GLN D 545 21.45 -69.54 16.18
N LEU D 546 20.46 -68.94 15.53
CA LEU D 546 19.03 -69.21 15.81
C LEU D 546 18.62 -70.69 15.63
N ASN D 547 19.16 -71.33 14.59
CA ASN D 547 18.95 -72.78 14.33
C ASN D 547 19.90 -73.73 15.07
N GLU D 548 20.90 -73.17 15.79
CA GLU D 548 21.92 -73.92 16.56
C GLU D 548 22.76 -74.84 15.66
N ASP D 549 23.15 -74.30 14.50
CA ASP D 549 23.89 -75.00 13.47
C ASP D 549 25.31 -74.45 13.49
N THR D 550 26.23 -75.19 14.11
CA THR D 550 27.64 -74.81 14.21
C THR D 550 28.37 -74.85 12.85
N GLU D 551 28.11 -75.90 12.07
CA GLU D 551 28.71 -76.07 10.73
C GLU D 551 28.34 -74.92 9.79
N ALA D 552 27.05 -74.60 9.75
CA ALA D 552 26.52 -73.46 8.97
C ALA D 552 27.00 -72.09 9.47
N TYR D 553 27.15 -71.94 10.79
CA TYR D 553 27.69 -70.72 11.41
C TYR D 553 29.14 -70.46 10.99
N GLU D 554 30.01 -71.45 11.24
CA GLU D 554 31.45 -71.33 10.93
C GLU D 554 31.74 -71.14 9.43
N SER D 555 30.91 -71.74 8.57
CA SER D 555 30.97 -71.55 7.12
C SER D 555 30.60 -70.11 6.71
N ALA D 556 29.50 -69.61 7.26
CA ALA D 556 29.07 -68.21 7.08
C ALA D 556 30.04 -67.20 7.69
N LYS D 557 30.64 -67.55 8.84
CA LYS D 557 31.66 -66.73 9.50
C LYS D 557 32.93 -66.49 8.66
N GLU D 558 33.46 -67.54 8.04
CA GLU D 558 34.69 -67.40 7.22
C GLU D 558 34.46 -66.56 5.96
N ILE D 559 33.29 -66.71 5.34
CA ILE D 559 32.88 -65.86 4.18
C ILE D 559 32.76 -64.39 4.59
N ALA D 560 32.00 -64.12 5.66
CA ALA D 560 31.83 -62.76 6.22
C ALA D 560 33.17 -62.08 6.56
N GLN D 561 34.07 -62.83 7.18
CA GLN D 561 35.43 -62.39 7.50
C GLN D 561 36.24 -62.03 6.25
N ASN D 562 36.21 -62.92 5.25
CA ASN D 562 36.97 -62.72 4.00
C ASN D 562 36.49 -61.52 3.19
N LYS D 563 35.16 -61.36 3.10
CA LYS D 563 34.55 -60.20 2.44
C LYS D 563 34.85 -58.88 3.15
N LEU D 564 34.81 -58.88 4.49
CA LEU D 564 35.21 -57.70 5.27
C LEU D 564 36.68 -57.32 5.02
N ASN D 565 37.57 -58.30 5.16
CA ASN D 565 39.01 -58.10 4.97
C ASN D 565 39.37 -57.54 3.59
N THR D 566 38.70 -58.05 2.55
CA THR D 566 38.84 -57.53 1.18
C THR D 566 38.40 -56.08 1.09
N ALA D 567 37.21 -55.80 1.63
CA ALA D 567 36.68 -54.43 1.70
C ALA D 567 37.61 -53.46 2.45
N LEU D 568 38.09 -53.86 3.62
CA LEU D 568 39.02 -53.04 4.42
C LEU D 568 40.38 -52.82 3.73
N SER D 569 40.89 -53.86 3.09
CA SER D 569 42.20 -53.81 2.41
C SER D 569 42.20 -52.97 1.14
N SER D 570 41.09 -52.99 0.39
CA SER D 570 41.02 -52.30 -0.89
C SER D 570 41.03 -50.76 -0.76
N PHE D 571 41.35 -50.10 -1.87
CA PHE D 571 41.41 -48.63 -1.94
C PHE D 571 40.03 -47.99 -1.79
N ALA D 572 39.05 -48.57 -2.49
CA ALA D 572 37.67 -48.12 -2.43
C ALA D 572 37.10 -48.18 -1.00
N VAL D 573 36.33 -47.14 -0.65
CA VAL D 573 35.70 -46.99 0.67
C VAL D 573 34.24 -46.61 0.41
N ILE D 574 33.32 -47.33 1.05
CA ILE D 574 31.90 -47.06 0.93
C ILE D 574 31.15 -47.64 2.14
N SER D 575 30.08 -46.97 2.55
CA SER D 575 29.12 -47.52 3.51
C SER D 575 29.76 -48.00 4.81
N GLU D 576 30.66 -47.18 5.35
CA GLU D 576 31.49 -47.57 6.52
C GLU D 576 30.66 -47.89 7.76
N LYS D 577 29.69 -47.04 8.05
CA LYS D 577 28.82 -47.18 9.23
C LYS D 577 27.57 -48.05 9.00
N VAL D 578 27.34 -48.55 7.78
CA VAL D 578 26.13 -49.34 7.45
C VAL D 578 26.54 -50.75 6.96
N ALA D 579 26.89 -50.88 5.67
CA ALA D 579 27.20 -52.21 5.08
C ALA D 579 28.47 -52.83 5.65
N GLN D 580 29.50 -52.02 5.86
CA GLN D 580 30.76 -52.49 6.47
C GLN D 580 30.59 -52.80 7.95
N SER D 581 30.11 -51.81 8.71
CA SER D 581 29.88 -51.95 10.15
C SER D 581 28.99 -53.15 10.52
N PHE D 582 27.94 -53.40 9.73
CA PHE D 582 27.03 -54.55 9.94
C PHE D 582 27.74 -55.90 9.99
N ILE D 583 28.80 -56.07 9.19
CA ILE D 583 29.61 -57.30 9.19
C ILE D 583 30.35 -57.42 10.51
N GLN D 584 31.01 -56.33 10.93
CA GLN D 584 31.72 -56.26 12.23
C GLN D 584 30.80 -56.51 13.44
N GLU D 585 29.60 -55.94 13.37
CA GLU D 585 28.53 -56.15 14.33
C GLU D 585 28.12 -57.63 14.42
N ALA D 586 27.81 -58.21 13.26
CA ALA D 586 27.43 -59.63 13.16
C ALA D 586 28.52 -60.62 13.57
N LEU D 587 29.79 -60.29 13.28
CA LEU D 587 30.94 -61.06 13.78
C LEU D 587 31.09 -61.04 15.30
N SER D 588 30.75 -59.91 15.94
CA SER D 588 30.74 -59.78 17.41
C SER D 588 29.56 -60.48 18.11
N PHE D 589 28.47 -60.73 17.37
CA PHE D 589 27.19 -61.13 17.94
C PHE D 589 27.20 -62.56 18.46
N ASP D 590 26.81 -62.72 19.73
CA ASP D 590 26.66 -64.02 20.39
C ASP D 590 25.21 -64.14 20.90
N LEU D 591 24.42 -64.98 20.24
CA LEU D 591 23.02 -65.26 20.62
C LEU D 591 22.86 -65.92 21.98
N THR D 592 23.87 -66.69 22.41
CA THR D 592 23.86 -67.34 23.74
C THR D 592 23.94 -66.36 24.91
N LEU D 593 24.40 -65.13 24.65
CA LEU D 593 24.33 -64.02 25.61
C LEU D 593 23.00 -63.20 25.56
N ILE D 594 21.93 -63.77 24.99
CA ILE D 594 20.56 -63.24 25.08
C ILE D 594 19.66 -64.30 25.74
N ASN E 9 -6.50 23.39 -2.31
CA ASN E 9 -5.02 23.55 -2.62
C ASN E 9 -4.36 22.34 -3.32
N GLN E 10 -5.11 21.64 -4.18
CA GLN E 10 -4.56 20.48 -4.91
C GLN E 10 -3.68 21.00 -6.07
N VAL E 11 -2.51 20.36 -6.25
CA VAL E 11 -1.58 20.69 -7.34
C VAL E 11 -2.15 20.12 -8.64
N LEU E 12 -2.45 21.01 -9.59
CA LEU E 12 -3.10 20.66 -10.84
C LEU E 12 -2.08 20.17 -11.87
N VAL E 13 -2.56 19.34 -12.80
CA VAL E 13 -1.74 18.80 -13.89
C VAL E 13 -1.50 19.95 -14.90
N PRO E 14 -0.23 20.39 -15.09
CA PRO E 14 0.03 21.46 -16.06
C PRO E 14 -0.13 21.03 -17.52
N ASN E 15 0.16 21.95 -18.44
CA ASN E 15 0.15 21.65 -19.88
C ASN E 15 1.19 20.57 -20.21
N LEU E 16 0.73 19.46 -20.81
CA LEU E 16 1.60 18.40 -21.31
C LEU E 16 1.53 18.30 -22.82
N ASN E 17 2.69 18.07 -23.43
CA ASN E 17 2.81 17.79 -24.87
C ASN E 17 3.95 16.77 -25.13
N PRO E 18 3.67 15.60 -25.74
CA PRO E 18 2.33 15.15 -26.16
C PRO E 18 1.43 14.83 -25.00
N THR E 19 0.14 14.71 -25.30
CA THR E 19 -0.85 14.32 -24.32
C THR E 19 -0.51 12.87 -24.03
N PRO E 20 -0.23 12.52 -22.74
CA PRO E 20 -0.02 11.11 -22.45
C PRO E 20 -1.27 10.27 -22.71
N GLU E 21 -1.06 9.00 -23.06
CA GLU E 21 -2.15 8.08 -23.40
C GLU E 21 -3.08 7.85 -22.22
N ASN E 22 -2.48 7.47 -21.08
CA ASN E 22 -3.21 7.19 -19.84
C ASN E 22 -2.61 8.03 -18.73
N LEU E 23 -3.43 8.91 -18.13
CA LEU E 23 -3.04 9.73 -16.98
C LEU E 23 -4.21 9.73 -15.99
N GLU E 24 -3.95 9.31 -14.76
CA GLU E 24 -4.90 9.38 -13.65
C GLU E 24 -4.26 10.21 -12.55
N VAL E 25 -5.00 11.21 -12.05
CA VAL E 25 -4.61 11.95 -10.84
C VAL E 25 -5.04 11.09 -9.64
N VAL E 26 -4.12 10.84 -8.71
CA VAL E 26 -4.37 9.98 -7.53
C VAL E 26 -3.94 10.64 -6.19
N GLY E 27 -4.00 11.97 -6.13
CA GLY E 27 -3.52 12.70 -4.96
C GLY E 27 -3.41 14.19 -5.17
N ASP E 28 -3.30 14.92 -4.06
CA ASP E 28 -3.23 16.37 -4.06
C ASP E 28 -1.90 16.97 -4.53
N GLY E 29 -0.86 16.14 -4.69
CA GLY E 29 0.46 16.59 -5.13
C GLY E 29 1.38 16.82 -3.95
N PHE E 30 2.62 17.17 -4.26
CA PHE E 30 3.63 17.51 -3.24
C PHE E 30 4.76 18.36 -3.81
N LYS E 31 5.45 19.07 -2.91
CA LYS E 31 6.61 19.89 -3.27
C LYS E 31 7.85 18.99 -3.26
N ILE E 32 8.64 19.09 -4.33
CA ILE E 32 9.96 18.45 -4.42
C ILE E 32 10.96 19.29 -3.60
N THR E 33 11.79 18.60 -2.83
CA THR E 33 12.71 19.24 -1.88
C THR E 33 13.93 19.85 -2.57
N SER E 34 14.63 20.72 -1.84
CA SER E 34 15.80 21.47 -2.33
C SER E 34 16.93 20.61 -2.88
N SER E 35 17.09 19.42 -2.29
CA SER E 35 17.89 18.32 -2.83
C SER E 35 17.08 17.03 -2.88
N ILE E 36 17.51 16.11 -3.74
CA ILE E 36 16.78 14.84 -4.02
C ILE E 36 17.70 13.61 -4.00
N ASN E 37 17.10 12.46 -3.72
CA ASN E 37 17.76 11.15 -3.81
C ASN E 37 17.54 10.58 -5.20
N LEU E 38 18.62 10.32 -5.93
CA LEU E 38 18.53 9.73 -7.27
C LEU E 38 18.97 8.28 -7.19
N VAL E 39 18.05 7.37 -7.52
CA VAL E 39 18.28 5.92 -7.54
C VAL E 39 18.17 5.43 -8.98
N GLY E 40 19.11 4.57 -9.36
CA GLY E 40 19.18 3.99 -10.71
C GLY E 40 19.98 4.78 -11.73
N GLU E 41 20.72 5.81 -11.29
CA GLU E 41 21.54 6.67 -12.16
C GLU E 41 22.52 5.93 -13.09
N GLU E 42 23.25 4.95 -12.54
CA GLU E 42 24.27 4.19 -13.31
C GLU E 42 23.68 3.12 -14.23
N GLU E 43 22.55 2.52 -13.84
CA GLU E 43 21.86 1.49 -14.65
C GLU E 43 20.89 2.06 -15.71
N ALA E 44 20.27 3.21 -15.43
CA ALA E 44 19.29 3.81 -16.36
C ALA E 44 19.95 4.42 -17.59
N ASP E 45 19.13 4.62 -18.62
CA ASP E 45 19.54 5.17 -19.91
C ASP E 45 20.34 6.46 -19.75
N GLU E 46 21.53 6.47 -20.34
CA GLU E 46 22.50 7.58 -20.18
C GLU E 46 21.95 8.94 -20.62
N ASN E 47 21.24 8.95 -21.76
CA ASN E 47 20.68 10.19 -22.33
C ASN E 47 19.53 10.74 -21.47
N ALA E 48 18.65 9.84 -21.01
CA ALA E 48 17.60 10.14 -20.03
C ALA E 48 18.16 10.80 -18.77
N VAL E 49 19.19 10.18 -18.19
CA VAL E 49 19.86 10.67 -16.98
C VAL E 49 20.49 12.06 -17.19
N ASN E 50 21.18 12.24 -18.33
CA ASN E 50 21.76 13.55 -18.72
C ASN E 50 20.69 14.64 -18.81
N ALA E 51 19.57 14.31 -19.45
CA ALA E 51 18.40 15.21 -19.57
C ALA E 51 17.81 15.56 -18.20
N LEU E 52 17.75 14.57 -17.30
CA LEU E 52 17.29 14.78 -15.92
C LEU E 52 18.22 15.70 -15.13
N ARG E 53 19.51 15.35 -15.11
CA ARG E 53 20.58 16.17 -14.50
C ARG E 53 20.57 17.64 -14.95
N GLU E 54 20.46 17.84 -16.27
CA GLU E 54 20.35 19.19 -16.87
C GLU E 54 19.16 19.98 -16.32
N PHE E 55 18.02 19.31 -16.18
CA PHE E 55 16.80 19.91 -15.64
C PHE E 55 16.93 20.28 -14.16
N LEU E 56 17.42 19.34 -13.36
CA LEU E 56 17.59 19.55 -11.92
C LEU E 56 18.58 20.66 -11.60
N THR E 57 19.71 20.67 -12.31
CA THR E 57 20.73 21.73 -12.23
C THR E 57 20.14 23.10 -12.60
N ALA E 58 19.45 23.15 -13.75
CA ALA E 58 18.79 24.38 -14.23
C ALA E 58 17.71 24.95 -13.27
N ASN E 59 17.06 24.06 -12.51
CA ASN E 59 16.05 24.43 -11.49
C ASN E 59 16.54 24.44 -10.02
N ASN E 60 17.87 24.50 -9.81
CA ASN E 60 18.48 24.55 -8.47
C ASN E 60 17.99 23.43 -7.53
N ILE E 61 18.09 22.20 -8.03
CA ILE E 61 17.78 20.98 -7.26
C ILE E 61 19.05 20.12 -7.22
N GLU E 62 19.66 20.02 -6.04
CA GLU E 62 20.91 19.27 -5.87
C GLU E 62 20.63 17.76 -5.78
N ILE E 63 21.58 16.95 -6.23
CA ILE E 63 21.51 15.50 -6.09
C ILE E 63 22.29 15.16 -4.81
N ASN E 64 21.68 14.35 -3.94
CA ASN E 64 22.31 13.90 -2.70
C ASN E 64 23.40 12.86 -2.95
N SER E 65 24.52 12.97 -2.23
CA SER E 65 25.60 11.97 -2.24
C SER E 65 25.17 10.69 -1.51
N GLU E 66 24.71 10.86 -0.29
CA GLU E 66 24.16 9.77 0.54
C GLU E 66 22.65 9.95 0.67
N ASN E 67 21.91 8.84 0.81
CA ASN E 67 20.45 8.88 0.90
C ASN E 67 19.96 9.66 2.14
N ASP E 68 19.12 10.68 1.90
CA ASP E 68 18.45 11.45 2.94
C ASP E 68 16.96 11.03 2.91
N PRO E 69 16.43 10.45 4.00
CA PRO E 69 15.00 10.08 4.01
C PRO E 69 14.00 11.25 4.09
N ASN E 70 14.48 12.47 4.40
CA ASN E 70 13.65 13.69 4.33
C ASN E 70 13.54 14.26 2.91
N SER E 71 14.52 13.97 2.05
CA SER E 71 14.48 14.40 0.66
C SER E 71 13.49 13.59 -0.16
N THR E 72 12.97 14.23 -1.22
CA THR E 72 12.22 13.55 -2.27
C THR E 72 13.14 12.50 -2.94
N THR E 73 12.56 11.35 -3.31
CA THR E 73 13.29 10.29 -4.03
C THR E 73 12.82 10.19 -5.48
N LEU E 74 13.76 10.22 -6.42
CA LEU E 74 13.49 9.94 -7.83
C LEU E 74 14.16 8.60 -8.17
N ILE E 75 13.38 7.67 -8.72
CA ILE E 75 13.87 6.34 -9.14
C ILE E 75 13.66 6.20 -10.64
N ILE E 76 14.74 5.87 -11.35
CA ILE E 76 14.76 5.84 -12.83
C ILE E 76 15.39 4.54 -13.35
N GLY E 77 14.79 3.98 -14.41
CA GLY E 77 15.34 2.79 -15.03
C GLY E 77 14.50 2.24 -16.18
N GLU E 78 15.01 1.17 -16.77
CA GLU E 78 14.30 0.41 -17.80
C GLU E 78 13.73 -0.85 -17.17
N VAL E 79 12.74 -1.43 -17.84
CA VAL E 79 12.10 -2.69 -17.40
C VAL E 79 13.05 -3.89 -17.21
N ASP E 80 14.12 -3.93 -18.00
CA ASP E 80 15.17 -4.96 -17.87
C ASP E 80 16.26 -4.70 -16.79
N ASP E 81 16.30 -3.50 -16.21
CA ASP E 81 17.16 -3.20 -15.06
C ASP E 81 16.50 -3.71 -13.79
N ASP E 82 17.29 -4.32 -12.90
CA ASP E 82 16.81 -4.82 -11.60
C ASP E 82 16.99 -3.72 -10.55
N ILE E 83 15.90 -3.01 -10.27
CA ILE E 83 15.88 -1.90 -9.30
C ILE E 83 14.63 -2.12 -8.42
N PRO E 84 14.77 -2.84 -7.27
CA PRO E 84 13.63 -3.10 -6.35
C PRO E 84 12.88 -1.85 -5.85
N GLU E 85 13.62 -0.77 -5.58
CA GLU E 85 13.06 0.57 -5.28
C GLU E 85 12.08 1.09 -6.34
N LEU E 86 12.40 0.83 -7.61
CA LEU E 86 11.54 1.21 -8.73
C LEU E 86 10.25 0.41 -8.74
N ASP E 87 10.35 -0.90 -8.53
CA ASP E 87 9.16 -1.79 -8.45
C ASP E 87 8.20 -1.42 -7.31
N GLU E 88 8.77 -1.01 -6.17
CA GLU E 88 7.99 -0.56 -5.00
C GLU E 88 7.28 0.76 -5.26
N ALA E 89 8.01 1.74 -5.79
CA ALA E 89 7.47 3.08 -6.08
C ALA E 89 6.45 3.11 -7.22
N LEU E 90 6.60 2.19 -8.18
CA LEU E 90 5.63 1.98 -9.26
C LEU E 90 4.29 1.44 -8.75
N ASN E 91 4.35 0.48 -7.82
CA ASN E 91 3.17 -0.03 -7.09
C ASN E 91 2.17 -0.70 -8.03
N GLY E 92 2.66 -1.73 -8.73
CA GLY E 92 1.85 -2.52 -9.64
C GLY E 92 1.73 -2.03 -11.08
N THR E 93 2.06 -0.75 -11.35
CA THR E 93 2.02 -0.22 -12.71
C THR E 93 3.30 -0.64 -13.42
N THR E 94 3.16 -0.95 -14.71
CA THR E 94 4.21 -1.59 -15.50
C THR E 94 4.40 -0.93 -16.86
N ALA E 95 5.62 -1.04 -17.38
CA ALA E 95 5.98 -0.61 -18.75
C ALA E 95 6.21 -1.79 -19.71
N GLU E 96 6.31 -3.03 -19.22
CA GLU E 96 6.69 -4.18 -20.07
C GLU E 96 5.69 -4.52 -21.18
N ASN E 97 4.40 -4.36 -20.86
CA ASN E 97 3.29 -4.57 -21.82
C ASN E 97 3.09 -3.44 -22.85
N LEU E 98 3.80 -2.33 -22.70
CA LEU E 98 3.72 -1.19 -23.61
C LEU E 98 4.58 -1.42 -24.84
N LYS E 99 4.28 -0.69 -25.90
CA LYS E 99 5.07 -0.72 -27.12
C LYS E 99 6.39 0.03 -26.95
N GLU E 100 7.25 -0.11 -27.96
CA GLU E 100 8.56 0.53 -28.06
C GLU E 100 8.39 2.05 -27.90
N GLU E 101 9.37 2.66 -27.24
CA GLU E 101 9.32 4.06 -26.77
C GLU E 101 8.34 4.34 -25.62
N GLY E 102 7.62 3.32 -25.13
CA GLY E 102 6.64 3.49 -24.07
C GLY E 102 7.30 3.60 -22.72
N TYR E 103 6.59 4.18 -21.76
CA TYR E 103 7.09 4.31 -20.38
C TYR E 103 5.95 4.33 -19.36
N ALA E 104 6.33 4.10 -18.10
CA ALA E 104 5.47 4.30 -16.95
C ALA E 104 6.07 5.41 -16.06
N LEU E 105 5.20 6.27 -15.52
CA LEU E 105 5.58 7.32 -14.58
C LEU E 105 4.57 7.34 -13.43
N VAL E 106 5.08 7.29 -12.19
CA VAL E 106 4.26 7.33 -10.97
C VAL E 106 4.88 8.32 -10.02
N SER E 107 4.15 9.39 -9.70
CA SER E 107 4.51 10.35 -8.67
C SER E 107 3.54 10.12 -7.51
N ASN E 108 4.07 9.90 -6.31
CA ASN E 108 3.28 9.56 -5.12
C ASN E 108 4.12 9.74 -3.84
N ASP E 109 3.55 10.44 -2.85
CA ASP E 109 4.15 10.77 -1.53
C ASP E 109 5.68 10.87 -1.40
N GLY E 110 6.24 11.90 -2.05
CA GLY E 110 7.69 12.13 -2.08
C GLY E 110 8.55 11.15 -2.86
N LYS E 111 7.92 10.39 -3.78
CA LYS E 111 8.61 9.44 -4.67
C LYS E 111 8.13 9.57 -6.11
N ILE E 112 9.06 9.76 -7.04
CA ILE E 112 8.79 9.76 -8.49
C ILE E 112 9.52 8.57 -9.13
N ALA E 113 8.73 7.60 -9.62
CA ALA E 113 9.21 6.44 -10.38
C ALA E 113 9.09 6.73 -11.89
N ILE E 114 10.16 6.46 -12.65
CA ILE E 114 10.15 6.54 -14.13
C ILE E 114 10.72 5.24 -14.70
N GLU E 115 9.85 4.41 -15.29
CA GLU E 115 10.26 3.13 -15.90
C GLU E 115 10.00 3.10 -17.41
N GLY E 116 11.07 3.11 -18.21
CA GLY E 116 10.95 2.97 -19.66
C GLY E 116 10.82 1.52 -20.10
N LYS E 117 9.98 1.27 -21.11
CA LYS E 117 10.00 -0.01 -21.88
C LYS E 117 11.38 -0.25 -22.49
N ASP E 118 12.04 0.83 -22.87
CA ASP E 118 13.42 0.82 -23.34
C ASP E 118 14.06 2.18 -23.02
N GLY E 119 15.34 2.32 -23.36
CA GLY E 119 16.08 3.57 -23.17
C GLY E 119 15.41 4.84 -23.70
N ASP E 120 14.71 4.70 -24.84
CA ASP E 120 13.94 5.80 -25.43
C ASP E 120 12.74 6.16 -24.56
N GLY E 121 12.03 5.13 -24.08
CA GLY E 121 10.94 5.28 -23.12
C GLY E 121 11.33 6.00 -21.84
N THR E 122 12.46 5.63 -21.27
CA THR E 122 13.00 6.29 -20.07
C THR E 122 13.30 7.77 -20.31
N PHE E 123 13.89 8.06 -21.47
CA PHE E 123 14.15 9.45 -21.91
C PHE E 123 12.87 10.28 -22.02
N TYR E 124 11.84 9.69 -22.62
CA TYR E 124 10.53 10.34 -22.75
C TYR E 124 9.80 10.46 -21.42
N GLY E 125 9.97 9.49 -20.53
CA GLY E 125 9.54 9.58 -19.13
C GLY E 125 10.08 10.82 -18.44
N VAL E 126 11.36 11.11 -18.65
CA VAL E 126 12.02 12.31 -18.11
C VAL E 126 11.43 13.59 -18.72
N GLN E 127 11.13 13.58 -20.01
CA GLN E 127 10.50 14.73 -20.69
C GLN E 127 9.12 15.06 -20.12
N THR E 128 8.34 14.04 -19.80
CA THR E 128 7.04 14.22 -19.14
C THR E 128 7.20 14.77 -17.73
N PHE E 129 8.14 14.18 -16.97
CA PHE E 129 8.54 14.68 -15.64
C PHE E 129 8.92 16.17 -15.69
N LYS E 130 9.75 16.55 -16.66
CA LYS E 130 10.17 17.95 -16.84
C LYS E 130 8.98 18.91 -17.04
N GLN E 131 7.95 18.45 -17.74
CA GLN E 131 6.72 19.22 -17.96
C GLN E 131 5.80 19.21 -16.74
N LEU E 132 5.75 18.10 -15.99
CA LEU E 132 4.94 17.98 -14.77
C LEU E 132 5.31 18.91 -13.60
N VAL E 133 6.60 19.23 -13.47
CA VAL E 133 7.12 20.05 -12.36
C VAL E 133 7.01 21.54 -12.68
N LYS E 134 6.30 22.28 -11.83
CA LYS E 134 6.19 23.74 -11.92
C LYS E 134 6.44 24.35 -10.52
N GLU E 135 7.49 25.17 -10.40
CA GLU E 135 7.92 25.82 -9.13
C GLU E 135 8.19 24.79 -8.00
N SER E 136 8.90 23.73 -8.37
CA SER E 136 9.15 22.53 -7.53
C SER E 136 7.93 21.66 -7.13
N ASN E 137 6.71 22.04 -7.49
CA ASN E 137 5.50 21.28 -7.15
C ASN E 137 5.20 20.33 -8.28
N ILE E 138 4.73 19.13 -7.94
CA ILE E 138 4.38 18.10 -8.92
C ILE E 138 3.04 17.46 -8.52
N PRO E 139 2.15 17.18 -9.50
CA PRO E 139 0.94 16.42 -9.15
C PRO E 139 1.23 14.96 -8.88
N GLU E 140 0.34 14.33 -8.13
CA GLU E 140 0.42 12.90 -7.83
C GLU E 140 -0.39 12.19 -8.89
N VAL E 141 0.33 11.60 -9.85
CA VAL E 141 -0.27 10.97 -11.03
C VAL E 141 0.24 9.55 -11.28
N ASN E 142 -0.60 8.81 -11.98
CA ASN E 142 -0.30 7.50 -12.51
C ASN E 142 -0.36 7.56 -14.05
N ILE E 143 0.81 7.43 -14.69
CA ILE E 143 0.91 7.49 -16.17
C ILE E 143 1.47 6.18 -16.72
N THR E 144 0.77 5.61 -17.71
CA THR E 144 1.38 4.73 -18.72
C THR E 144 1.19 5.40 -20.07
N ASP E 145 2.24 5.41 -20.90
CA ASP E 145 2.28 6.23 -22.09
C ASP E 145 3.11 5.59 -23.19
N TYR E 146 2.70 5.86 -24.43
CA TYR E 146 3.35 5.33 -25.64
C TYR E 146 2.82 6.06 -26.90
N PRO E 147 3.59 6.05 -28.00
CA PRO E 147 3.15 6.70 -29.24
C PRO E 147 2.11 5.89 -30.03
N THR E 148 1.24 6.61 -30.73
CA THR E 148 0.31 6.03 -31.70
C THR E 148 1.12 5.61 -32.94
N VAL E 149 1.93 6.53 -33.45
CA VAL E 149 2.72 6.35 -34.67
C VAL E 149 4.20 6.16 -34.33
N SER E 150 4.80 5.15 -34.97
CA SER E 150 6.15 4.66 -34.65
C SER E 150 7.26 5.68 -34.92
N ALA E 151 7.18 6.32 -36.08
CA ALA E 151 8.11 7.37 -36.49
C ALA E 151 7.37 8.71 -36.60
N ARG E 152 7.90 9.74 -35.95
CA ARG E 152 7.23 11.03 -35.78
C ARG E 152 8.27 12.11 -35.92
N GLY E 153 8.04 13.08 -36.80
CA GLY E 153 9.03 14.13 -36.94
C GLY E 153 8.93 15.14 -38.05
N ILE E 154 10.09 15.61 -38.46
CA ILE E 154 10.27 16.71 -39.39
C ILE E 154 11.10 16.20 -40.57
N VAL E 155 10.71 16.63 -41.77
CA VAL E 155 11.55 16.52 -42.98
C VAL E 155 11.91 17.94 -43.39
N GLU E 156 13.18 18.32 -43.19
CA GLU E 156 13.68 19.57 -43.75
C GLU E 156 13.85 19.32 -45.26
N GLY E 157 12.75 19.48 -46.01
CA GLY E 157 12.65 19.17 -47.44
C GLY E 157 12.22 20.32 -48.34
N PHE E 158 12.34 21.55 -47.87
CA PHE E 158 11.80 22.75 -48.53
C PHE E 158 12.82 23.38 -49.46
N TYR E 159 12.33 24.26 -50.33
CA TYR E 159 13.17 25.17 -51.13
C TYR E 159 13.30 26.48 -50.37
N GLY E 160 14.37 27.22 -50.64
CA GLY E 160 14.76 28.42 -49.91
C GLY E 160 15.98 28.20 -49.04
N THR E 161 16.39 29.26 -48.33
CA THR E 161 17.55 29.25 -47.43
C THR E 161 17.42 28.10 -46.42
N PRO E 162 18.32 27.08 -46.49
CA PRO E 162 18.22 26.00 -45.50
C PRO E 162 18.42 26.50 -44.07
N TRP E 163 17.94 25.72 -43.10
CA TRP E 163 18.16 26.03 -41.69
C TRP E 163 19.65 26.12 -41.37
N THR E 164 20.01 27.03 -40.47
CA THR E 164 21.39 27.14 -40.01
C THR E 164 21.71 25.94 -39.13
N HIS E 165 23.00 25.72 -38.95
CA HIS E 165 23.48 24.65 -38.07
C HIS E 165 22.96 24.81 -36.64
N GLN E 166 23.01 26.04 -36.16
CA GLN E 166 22.45 26.43 -34.85
C GLN E 166 20.91 26.22 -34.77
N ASP E 167 20.17 26.55 -35.83
CA ASP E 167 18.72 26.26 -35.94
C ASP E 167 18.45 24.77 -35.74
N ARG E 168 19.20 23.94 -36.47
CA ARG E 168 19.06 22.46 -36.42
C ARG E 168 19.38 21.84 -35.06
N LEU E 169 20.42 22.34 -34.38
CA LEU E 169 20.76 21.90 -33.01
C LEU E 169 19.67 22.25 -32.02
N ASP E 170 19.17 23.49 -32.11
CA ASP E 170 18.02 23.95 -31.32
C ASP E 170 16.75 23.13 -31.60
N GLN E 171 16.48 22.88 -32.89
CA GLN E 171 15.35 22.04 -33.31
C GLN E 171 15.43 20.62 -32.74
N ILE E 172 16.62 20.01 -32.77
CA ILE E 172 16.81 18.62 -32.29
C ILE E 172 16.48 18.49 -30.79
N LYS E 173 16.98 19.43 -29.99
CA LYS E 173 16.60 19.56 -28.56
C LYS E 173 15.08 19.67 -28.38
N PHE E 174 14.47 20.59 -29.15
CA PHE E 174 13.01 20.80 -29.17
C PHE E 174 12.23 19.52 -29.53
N TYR E 175 12.73 18.75 -30.49
CA TYR E 175 12.10 17.46 -30.88
C TYR E 175 12.14 16.42 -29.77
N GLY E 176 13.29 16.31 -29.10
CA GLY E 176 13.45 15.46 -27.92
C GLY E 176 12.47 15.81 -26.82
N GLU E 177 12.41 17.10 -26.47
CA GLU E 177 11.47 17.64 -25.46
C GLU E 177 9.98 17.32 -25.69
N ASN E 178 9.59 17.22 -26.96
CA ASN E 178 8.21 16.89 -27.35
C ASN E 178 8.04 15.48 -27.94
N LYS E 179 8.98 14.58 -27.65
CA LYS E 179 8.90 13.16 -28.06
C LYS E 179 8.85 12.89 -29.58
N LEU E 180 9.42 13.79 -30.36
CA LEU E 180 9.55 13.65 -31.81
C LEU E 180 10.88 12.96 -32.07
N ASN E 181 10.85 11.83 -32.77
CA ASN E 181 12.00 10.91 -32.91
C ASN E 181 12.68 10.84 -34.28
N THR E 182 12.24 11.68 -35.24
CA THR E 182 12.71 11.61 -36.64
C THR E 182 13.03 13.01 -37.14
N TYR E 183 14.25 13.18 -37.65
CA TYR E 183 14.64 14.39 -38.36
C TYR E 183 15.30 13.98 -39.67
N ILE E 184 14.61 14.25 -40.79
CA ILE E 184 15.12 13.93 -42.11
C ILE E 184 15.81 15.16 -42.68
N TYR E 185 17.13 15.03 -42.90
CA TYR E 185 17.93 16.02 -43.59
C TYR E 185 17.72 15.84 -45.10
N ALA E 186 17.05 16.80 -45.74
CA ALA E 186 16.90 16.82 -47.21
C ALA E 186 16.62 18.19 -47.83
N PRO E 187 17.35 19.26 -47.40
CA PRO E 187 17.07 20.58 -47.97
C PRO E 187 17.36 20.63 -49.48
N LYS E 188 16.37 21.10 -50.25
CA LYS E 188 16.44 21.16 -51.72
C LYS E 188 17.63 22.00 -52.23
N ASP E 189 17.90 23.13 -51.55
CA ASP E 189 18.98 24.06 -51.93
C ASP E 189 20.36 23.80 -51.31
N ASP E 190 20.52 22.68 -50.60
CA ASP E 190 21.87 22.15 -50.29
C ASP E 190 22.37 21.51 -51.59
N PRO E 191 23.44 22.08 -52.22
CA PRO E 191 23.98 21.47 -53.47
C PRO E 191 24.39 20.00 -53.31
N TYR E 192 25.00 19.67 -52.19
CA TYR E 192 25.50 18.31 -51.93
C TYR E 192 24.39 17.27 -51.67
N HIS E 193 23.18 17.75 -51.37
CA HIS E 193 21.98 16.90 -51.24
C HIS E 193 21.36 16.48 -52.58
N ARG E 194 21.39 17.38 -53.57
CA ARG E 194 20.55 17.26 -54.77
C ARG E 194 21.22 17.65 -56.09
N GLU E 195 21.58 18.93 -56.24
CA GLU E 195 22.16 19.48 -57.48
C GLU E 195 23.48 18.78 -57.82
N LYS E 196 24.38 18.74 -56.84
CA LYS E 196 25.72 18.15 -56.92
C LYS E 196 25.78 16.96 -55.95
N TRP E 197 24.81 16.05 -56.11
CA TRP E 197 24.59 14.94 -55.17
C TRP E 197 25.72 13.91 -55.08
N ARG E 198 26.46 13.72 -56.17
CA ARG E 198 27.66 12.86 -56.19
C ARG E 198 28.81 13.39 -55.33
N GLU E 199 28.96 14.72 -55.27
CA GLU E 199 30.12 15.36 -54.62
C GLU E 199 30.11 15.19 -53.10
N PRO E 200 31.30 14.92 -52.50
CA PRO E 200 31.38 14.78 -51.04
C PRO E 200 31.28 16.12 -50.34
N TYR E 201 30.73 16.12 -49.12
CA TYR E 201 30.63 17.33 -48.30
C TYR E 201 32.05 17.79 -47.92
N PRO E 202 32.29 19.13 -47.87
CA PRO E 202 33.53 19.63 -47.26
C PRO E 202 33.70 19.18 -45.80
N GLU E 203 34.94 19.06 -45.36
CA GLU E 203 35.26 18.62 -43.98
C GLU E 203 34.53 19.46 -42.92
N SER E 204 34.52 20.79 -43.13
CA SER E 204 33.80 21.74 -42.27
C SER E 204 32.33 21.37 -42.09
N GLU E 205 31.67 21.07 -43.21
CA GLU E 205 30.28 20.62 -43.22
C GLU E 205 30.09 19.22 -42.63
N MET E 206 31.05 18.33 -42.89
CA MET E 206 31.08 16.98 -42.27
C MET E 206 31.24 17.01 -40.74
N GLN E 207 31.98 17.99 -40.22
CA GLN E 207 32.08 18.22 -38.76
C GLN E 207 30.76 18.70 -38.16
N ARG E 208 30.07 19.61 -38.85
CA ARG E 208 28.71 20.02 -38.48
C ARG E 208 27.73 18.84 -38.50
N MET E 209 27.80 17.98 -39.51
CA MET E 209 26.96 16.76 -39.59
C MET E 209 27.14 15.84 -38.38
N GLN E 210 28.39 15.61 -37.98
CA GLN E 210 28.74 14.85 -36.77
C GLN E 210 28.08 15.42 -35.51
N GLU E 211 28.16 16.74 -35.35
CA GLU E 211 27.44 17.48 -34.29
C GLU E 211 25.90 17.25 -34.27
N LEU E 212 25.28 17.29 -35.44
CA LEU E 212 23.84 17.00 -35.59
C LEU E 212 23.50 15.55 -35.27
N ILE E 213 24.39 14.63 -35.65
CA ILE E 213 24.22 13.20 -35.35
C ILE E 213 24.33 12.93 -33.84
N ASN E 214 25.31 13.59 -33.20
CA ASN E 214 25.53 13.47 -31.74
C ASN E 214 24.36 14.04 -30.94
N ALA E 215 23.94 15.25 -31.32
CA ALA E 215 22.74 15.88 -30.77
C ALA E 215 21.48 15.03 -30.99
N SER E 216 21.35 14.42 -32.18
CA SER E 216 20.19 13.54 -32.49
C SER E 216 20.13 12.32 -31.58
N ALA E 217 21.28 11.64 -31.44
CA ALA E 217 21.47 10.51 -30.50
C ALA E 217 21.18 10.87 -29.03
N GLU E 218 21.78 11.99 -28.59
CA GLU E 218 21.49 12.60 -27.27
C GLU E 218 20.01 12.81 -26.94
N ASN E 219 19.21 13.15 -27.96
CA ASN E 219 17.77 13.41 -27.82
C ASN E 219 16.82 12.32 -28.35
N LYS E 220 17.34 11.10 -28.54
CA LYS E 220 16.58 9.96 -29.11
C LYS E 220 15.91 10.21 -30.48
N VAL E 221 16.57 11.04 -31.29
CA VAL E 221 16.12 11.38 -32.65
C VAL E 221 16.94 10.53 -33.64
N ASP E 222 16.25 9.82 -34.52
CA ASP E 222 16.86 9.22 -35.72
C ASP E 222 17.18 10.32 -36.74
N PHE E 223 18.46 10.63 -36.89
CA PHE E 223 18.93 11.49 -37.98
C PHE E 223 18.88 10.68 -39.27
N VAL E 224 17.94 11.03 -40.17
CA VAL E 224 17.80 10.37 -41.46
C VAL E 224 18.56 11.21 -42.48
N PHE E 225 19.61 10.63 -43.06
CA PHE E 225 20.35 11.29 -44.13
C PHE E 225 19.63 11.06 -45.47
N GLY E 226 19.17 12.14 -46.08
CA GLY E 226 18.50 12.11 -47.37
C GLY E 226 19.48 12.35 -48.51
N ILE E 227 19.30 11.61 -49.61
CA ILE E 227 19.94 11.95 -50.92
C ILE E 227 18.84 12.07 -51.99
N SER E 228 18.98 13.06 -52.87
CA SER E 228 18.05 13.27 -54.02
C SER E 228 18.82 13.26 -55.35
N PRO E 229 19.04 12.06 -55.94
CA PRO E 229 19.86 11.92 -57.15
C PRO E 229 19.12 11.98 -58.50
N GLY E 230 17.79 12.15 -58.47
CA GLY E 230 16.93 11.98 -59.62
C GLY E 230 17.04 12.95 -60.79
N ILE E 231 17.70 14.10 -60.60
CA ILE E 231 17.87 15.11 -61.66
C ILE E 231 18.67 14.54 -62.84
N ASP E 232 19.77 13.84 -62.55
CA ASP E 232 20.69 13.33 -63.59
C ASP E 232 21.35 11.95 -63.36
N ILE E 233 20.82 11.17 -62.41
CA ILE E 233 21.34 9.83 -62.15
C ILE E 233 21.21 8.94 -63.40
N ARG E 234 22.23 8.16 -63.67
CA ARG E 234 22.27 7.22 -64.77
C ARG E 234 22.08 5.83 -64.20
N PHE E 235 21.32 5.00 -64.92
CA PHE E 235 20.86 3.69 -64.45
C PHE E 235 21.59 2.49 -65.06
N ASP E 236 21.90 2.57 -66.36
CA ASP E 236 22.40 1.42 -67.14
C ASP E 236 23.92 1.45 -67.34
N GLY E 237 24.49 0.26 -67.53
CA GLY E 237 25.89 0.10 -67.93
C GLY E 237 26.91 0.55 -66.90
N ASP E 238 28.08 0.94 -67.40
CA ASP E 238 29.19 1.42 -66.56
C ASP E 238 28.87 2.73 -65.82
N ALA E 239 28.19 3.65 -66.52
CA ALA E 239 27.68 4.89 -65.91
C ALA E 239 26.72 4.63 -64.73
N GLY E 240 25.87 3.62 -64.89
CA GLY E 240 24.96 3.14 -63.84
C GLY E 240 25.62 2.56 -62.60
N GLU E 241 26.68 1.78 -62.85
CA GLU E 241 27.55 1.25 -61.77
C GLU E 241 28.31 2.35 -61.04
N GLU E 242 28.90 3.28 -61.80
CA GLU E 242 29.59 4.47 -61.26
C GLU E 242 28.66 5.29 -60.34
N ASP E 243 27.49 5.65 -60.86
CA ASP E 243 26.51 6.45 -60.09
C ASP E 243 25.96 5.74 -58.86
N PHE E 244 25.69 4.43 -58.96
CA PHE E 244 25.23 3.66 -57.81
C PHE E 244 26.30 3.60 -56.71
N ASN E 245 27.56 3.47 -57.10
CA ASN E 245 28.69 3.55 -56.17
C ASN E 245 28.84 4.95 -55.53
N HIS E 246 28.52 6.01 -56.28
CA HIS E 246 28.45 7.37 -55.69
C HIS E 246 27.39 7.49 -54.58
N LEU E 247 26.25 6.82 -54.74
CA LEU E 247 25.21 6.75 -53.68
C LEU E 247 25.70 5.99 -52.44
N ILE E 248 26.37 4.86 -52.69
CA ILE E 248 26.96 4.03 -51.64
C ILE E 248 28.03 4.81 -50.89
N THR E 249 28.98 5.39 -51.62
CA THR E 249 30.08 6.20 -51.06
C THR E 249 29.56 7.31 -50.15
N LYS E 250 28.60 8.08 -50.66
CA LYS E 250 27.98 9.21 -49.95
C LYS E 250 27.27 8.77 -48.66
N ALA E 251 26.46 7.72 -48.76
CA ALA E 251 25.81 7.10 -47.61
C ALA E 251 26.79 6.51 -46.58
N GLU E 252 27.84 5.86 -47.08
CA GLU E 252 28.97 5.35 -46.26
C GLU E 252 29.63 6.47 -45.44
N SER E 253 29.91 7.61 -46.08
CA SER E 253 30.56 8.76 -45.39
C SER E 253 29.80 9.28 -44.16
N LEU E 254 28.47 9.23 -44.24
CA LEU E 254 27.58 9.60 -43.13
C LEU E 254 27.36 8.44 -42.16
N TYR E 255 27.30 7.21 -42.66
CA TYR E 255 27.28 6.00 -41.81
C TYR E 255 28.47 5.93 -40.84
N ASP E 256 29.65 6.26 -41.35
CA ASP E 256 30.89 6.22 -40.56
C ASP E 256 30.92 7.25 -39.40
N MET E 257 30.12 8.32 -39.50
CA MET E 257 29.91 9.28 -38.39
C MET E 257 28.74 8.97 -37.45
N GLY E 258 28.01 7.87 -37.69
CA GLY E 258 26.91 7.40 -36.83
C GLY E 258 25.50 7.29 -37.40
N VAL E 259 25.30 7.68 -38.67
CA VAL E 259 23.94 7.70 -39.27
C VAL E 259 23.48 6.26 -39.51
N ARG E 260 22.28 5.93 -39.03
CA ARG E 260 21.69 4.59 -39.20
C ARG E 260 20.27 4.59 -39.84
N SER E 261 19.87 5.74 -40.40
CA SER E 261 18.64 5.89 -41.18
C SER E 261 18.97 6.68 -42.45
N PHE E 262 18.39 6.24 -43.57
CA PHE E 262 18.70 6.81 -44.88
C PHE E 262 17.46 6.97 -45.73
N ALA E 263 17.45 8.04 -46.54
CA ALA E 263 16.37 8.28 -47.50
C ALA E 263 16.92 8.57 -48.90
N ILE E 264 16.31 7.94 -49.91
CA ILE E 264 16.58 8.25 -51.31
C ILE E 264 15.26 8.74 -51.95
N TYR E 265 15.25 10.01 -52.36
CA TYR E 265 14.03 10.68 -52.83
C TYR E 265 14.02 10.94 -54.34
N TRP E 266 12.84 10.71 -54.95
CA TRP E 266 12.59 10.91 -56.39
C TRP E 266 11.53 11.99 -56.67
N ASP E 267 11.36 12.94 -55.75
CA ASP E 267 10.34 13.99 -55.88
C ASP E 267 10.84 15.18 -56.69
N ASN E 268 9.94 15.74 -57.50
CA ASN E 268 10.12 17.01 -58.25
C ASN E 268 11.22 16.94 -59.30
N ILE E 269 11.24 15.81 -60.02
CA ILE E 269 12.21 15.55 -61.09
C ILE E 269 11.46 15.30 -62.39
N GLN E 270 12.11 15.62 -63.50
CA GLN E 270 11.60 15.29 -64.83
C GLN E 270 11.42 13.79 -65.02
N ASP E 271 12.46 13.02 -64.71
CA ASP E 271 12.48 11.59 -65.01
C ASP E 271 11.41 10.81 -64.25
N LYS E 272 10.71 9.94 -64.98
CA LYS E 272 9.69 9.04 -64.42
C LYS E 272 9.97 7.59 -64.86
N SER E 273 11.21 7.15 -64.64
CA SER E 273 11.64 5.78 -64.94
C SER E 273 11.37 4.91 -63.70
N ALA E 274 10.08 4.56 -63.55
CA ALA E 274 9.52 3.88 -62.37
C ALA E 274 10.28 2.64 -61.92
N ALA E 275 10.48 1.71 -62.86
CA ALA E 275 11.22 0.46 -62.62
C ALA E 275 12.66 0.72 -62.19
N LYS E 276 13.29 1.67 -62.88
CA LYS E 276 14.67 2.08 -62.59
C LYS E 276 14.84 2.75 -61.21
N HIS E 277 13.91 3.63 -60.85
CA HIS E 277 13.88 4.26 -59.50
C HIS E 277 13.83 3.19 -58.41
N ALA E 278 12.84 2.29 -58.54
CA ALA E 278 12.64 1.17 -57.62
C ALA E 278 13.80 0.19 -57.54
N GLN E 279 14.45 -0.05 -58.68
CA GLN E 279 15.65 -0.91 -58.76
C GLN E 279 16.86 -0.32 -58.04
N VAL E 280 17.07 1.00 -58.15
CA VAL E 280 18.11 1.70 -57.35
C VAL E 280 17.84 1.56 -55.83
N LEU E 281 16.58 1.71 -55.44
CA LEU E 281 16.17 1.54 -54.04
C LEU E 281 16.33 0.09 -53.53
N ASN E 282 15.87 -0.87 -54.31
CA ASN E 282 16.01 -2.30 -53.98
C ASN E 282 17.46 -2.77 -53.88
N ARG E 283 18.32 -2.25 -54.77
CA ARG E 283 19.76 -2.55 -54.72
C ARG E 283 20.40 -1.94 -53.48
N PHE E 284 20.11 -0.67 -53.21
CA PHE E 284 20.58 0.03 -52.01
C PHE E 284 20.09 -0.67 -50.73
N ASN E 285 18.83 -1.10 -50.73
CA ASN E 285 18.25 -1.92 -49.65
C ASN E 285 18.97 -3.26 -49.43
N GLU E 286 19.34 -3.92 -50.53
CA GLU E 286 20.10 -5.19 -50.49
C GLU E 286 21.56 -4.97 -50.07
N GLU E 287 22.25 -4.14 -50.85
CA GLU E 287 23.71 -3.94 -50.75
C GLU E 287 24.22 -3.03 -49.62
N PHE E 288 23.35 -2.20 -49.05
CA PHE E 288 23.70 -1.27 -47.95
C PHE E 288 22.87 -1.51 -46.67
N VAL E 289 21.54 -1.42 -46.76
CA VAL E 289 20.65 -1.48 -45.56
C VAL E 289 20.71 -2.84 -44.86
N LYS E 290 20.44 -3.90 -45.62
CA LYS E 290 20.58 -5.29 -45.14
C LYS E 290 22.03 -5.68 -44.86
N ALA E 291 22.95 -5.19 -45.70
CA ALA E 291 24.40 -5.35 -45.54
C ALA E 291 24.94 -4.86 -44.22
N LYS E 292 24.64 -3.63 -43.85
CA LYS E 292 25.15 -3.08 -42.59
C LYS E 292 24.53 -3.75 -41.35
N GLY E 293 23.28 -4.21 -41.46
CA GLY E 293 22.62 -4.99 -40.41
C GLY E 293 21.95 -4.21 -39.30
N ASP E 294 22.48 -3.01 -38.98
CA ASP E 294 21.98 -2.13 -37.92
C ASP E 294 21.31 -0.83 -38.47
N VAL E 295 20.86 -0.87 -39.74
CA VAL E 295 20.30 0.30 -40.44
C VAL E 295 18.79 0.14 -40.53
N LYS E 296 18.08 1.23 -40.22
CA LYS E 296 16.61 1.25 -40.19
C LYS E 296 16.05 1.18 -41.62
N PRO E 297 14.77 0.80 -41.80
CA PRO E 297 14.21 0.66 -43.15
C PRO E 297 14.44 1.87 -44.06
N LEU E 298 14.76 1.60 -45.32
CA LEU E 298 15.02 2.66 -46.31
C LEU E 298 13.76 3.47 -46.58
N ILE E 299 13.94 4.79 -46.67
CA ILE E 299 12.82 5.72 -46.85
C ILE E 299 12.92 6.23 -48.27
N THR E 300 11.77 6.33 -48.94
CA THR E 300 11.71 6.95 -50.27
C THR E 300 10.45 7.77 -50.46
N CYS E 301 10.46 8.53 -51.56
CA CYS E 301 9.31 9.26 -52.06
C CYS E 301 9.28 9.11 -53.58
N PRO E 302 8.22 8.51 -54.16
CA PRO E 302 8.20 8.40 -55.64
C PRO E 302 7.95 9.76 -56.31
N THR E 303 8.23 9.83 -57.60
CA THR E 303 7.97 11.03 -58.42
C THR E 303 6.49 11.43 -58.47
N GLU E 304 5.61 10.43 -58.57
CA GLU E 304 4.19 10.56 -58.29
C GLU E 304 4.00 10.29 -56.79
N TYR E 305 3.78 11.38 -56.03
CA TYR E 305 3.64 11.33 -54.56
C TYR E 305 2.37 11.97 -53.95
N ASP E 306 1.52 12.61 -54.74
CA ASP E 306 0.18 13.02 -54.28
C ASP E 306 -0.89 12.21 -55.04
N THR E 307 -2.03 11.98 -54.40
CA THR E 307 -3.10 11.12 -55.00
C THR E 307 -3.58 11.54 -56.40
N GLY E 308 -3.63 12.85 -56.66
CA GLY E 308 -3.90 13.38 -58.02
C GLY E 308 -2.90 12.87 -59.05
N ALA E 309 -1.62 12.92 -58.68
CA ALA E 309 -0.51 12.47 -59.54
C ALA E 309 -0.39 10.95 -59.65
N MET E 310 -0.79 10.23 -58.61
CA MET E 310 -0.62 8.78 -58.51
C MET E 310 -1.81 8.00 -59.03
N VAL E 311 -3.03 8.56 -58.88
CA VAL E 311 -4.28 7.85 -59.19
C VAL E 311 -5.02 8.56 -60.32
N SER E 312 -5.66 7.76 -61.16
CA SER E 312 -6.56 8.21 -62.23
C SER E 312 -7.73 7.21 -62.35
N ASN E 313 -8.96 7.70 -62.18
CA ASN E 313 -10.19 6.88 -62.23
C ASN E 313 -10.21 5.73 -61.20
N GLY E 314 -9.75 6.03 -59.98
CA GLY E 314 -9.64 5.04 -58.90
C GLY E 314 -8.54 3.99 -58.99
N GLN E 315 -7.73 4.01 -60.07
CA GLN E 315 -6.66 3.04 -60.32
C GLN E 315 -5.32 3.77 -60.38
N PRO E 316 -4.21 3.07 -60.01
CA PRO E 316 -2.90 3.72 -60.06
C PRO E 316 -2.47 4.01 -61.48
N ARG E 317 -1.79 5.13 -61.67
CA ARG E 317 -1.20 5.50 -62.96
C ARG E 317 0.01 4.60 -63.26
N ALA E 318 0.48 4.66 -64.49
CA ALA E 318 1.53 3.77 -65.01
C ALA E 318 2.78 3.73 -64.14
N TYR E 319 3.33 4.91 -63.84
CA TYR E 319 4.52 5.03 -62.97
C TYR E 319 4.28 4.39 -61.58
N THR E 320 3.19 4.81 -60.94
CA THR E 320 2.84 4.36 -59.58
C THR E 320 2.60 2.85 -59.49
N ARG E 321 1.93 2.30 -60.50
CA ARG E 321 1.69 0.84 -60.59
C ARG E 321 3.00 0.04 -60.68
N ILE E 322 3.90 0.52 -61.53
CA ILE E 322 5.23 -0.09 -61.74
C ILE E 322 6.07 0.04 -60.47
N PHE E 323 6.13 1.24 -59.91
CA PHE E 323 6.91 1.53 -58.69
C PHE E 323 6.44 0.63 -57.52
N ALA E 324 5.13 0.61 -57.29
CA ALA E 324 4.50 -0.19 -56.22
C ALA E 324 4.74 -1.70 -56.34
N GLU E 325 4.58 -2.23 -57.55
CA GLU E 325 4.84 -3.65 -57.83
C GLU E 325 6.35 -4.03 -57.79
N THR E 326 7.24 -3.07 -58.08
CA THR E 326 8.70 -3.30 -58.07
C THR E 326 9.33 -3.14 -56.68
N VAL E 327 9.03 -2.03 -55.99
CA VAL E 327 9.76 -1.62 -54.77
C VAL E 327 9.62 -2.64 -53.62
N ASP E 328 10.72 -2.89 -52.90
CA ASP E 328 10.77 -3.91 -51.83
C ASP E 328 9.80 -3.58 -50.66
N PRO E 329 9.03 -4.59 -50.16
CA PRO E 329 8.04 -4.38 -49.08
C PRO E 329 8.53 -3.66 -47.80
N SER E 330 9.79 -3.87 -47.44
CA SER E 330 10.41 -3.21 -46.28
C SER E 330 10.65 -1.70 -46.41
N ILE E 331 10.67 -1.18 -47.65
CA ILE E 331 10.96 0.25 -47.91
C ILE E 331 9.76 1.11 -47.51
N GLU E 332 10.02 2.20 -46.77
CA GLU E 332 9.00 3.16 -46.37
C GLU E 332 8.81 4.12 -47.52
N VAL E 333 7.58 4.17 -48.04
CA VAL E 333 7.21 5.04 -49.16
C VAL E 333 6.41 6.24 -48.62
N MET E 334 6.89 7.44 -48.91
CA MET E 334 6.24 8.70 -48.53
C MET E 334 5.26 9.18 -49.60
N TRP E 335 4.13 9.74 -49.15
CA TRP E 335 3.18 10.48 -50.01
C TRP E 335 2.59 11.65 -49.20
N THR E 336 2.11 12.67 -49.89
CA THR E 336 1.74 13.98 -49.28
C THR E 336 0.25 14.21 -49.04
N GLY E 337 -0.56 13.20 -49.35
CA GLY E 337 -2.02 13.27 -49.35
C GLY E 337 -2.65 13.44 -50.74
N PRO E 338 -3.93 13.86 -50.79
CA PRO E 338 -4.66 14.14 -52.06
C PRO E 338 -3.99 15.08 -53.07
N GLY E 339 -3.17 16.01 -52.57
CA GLY E 339 -2.38 16.96 -53.36
C GLY E 339 -1.08 17.24 -52.67
N VAL E 340 -0.26 18.08 -53.30
CA VAL E 340 1.05 18.49 -52.76
C VAL E 340 0.85 19.31 -51.48
N VAL E 341 0.04 20.35 -51.61
CA VAL E 341 -0.47 21.15 -50.47
C VAL E 341 -1.99 21.08 -50.55
N THR E 342 -2.61 20.41 -49.58
CA THR E 342 -4.04 20.10 -49.60
C THR E 342 -4.66 20.25 -48.20
N ASN E 343 -5.98 20.45 -48.18
CA ASN E 343 -6.75 20.70 -46.94
C ASN E 343 -6.72 19.53 -45.96
N GLU E 344 -6.94 18.32 -46.47
CA GLU E 344 -7.17 17.12 -45.67
C GLU E 344 -6.44 15.91 -46.21
N ILE E 345 -6.18 14.95 -45.32
CA ILE E 345 -5.97 13.56 -45.70
C ILE E 345 -7.10 12.79 -45.03
N PRO E 346 -8.21 12.53 -45.76
CA PRO E 346 -9.24 11.64 -45.20
C PRO E 346 -8.77 10.20 -45.19
N LEU E 347 -9.40 9.40 -44.35
CA LEU E 347 -9.05 7.97 -44.20
C LEU E 347 -9.16 7.17 -45.50
N SER E 348 -10.13 7.53 -46.35
CA SER E 348 -10.31 6.91 -47.68
C SER E 348 -9.11 7.08 -48.61
N ASP E 349 -8.43 8.22 -48.50
CA ASP E 349 -7.21 8.49 -49.27
C ASP E 349 -6.05 7.59 -48.83
N ALA E 350 -5.82 7.54 -47.52
CA ALA E 350 -4.82 6.66 -46.91
C ALA E 350 -5.08 5.18 -47.26
N GLN E 351 -6.34 4.76 -47.20
CA GLN E 351 -6.79 3.41 -47.63
C GLN E 351 -6.47 3.08 -49.09
N LEU E 352 -6.77 4.05 -49.96
CA LEU E 352 -6.49 3.95 -51.40
C LEU E 352 -5.01 3.74 -51.69
N ILE E 353 -4.19 4.65 -51.15
CA ILE E 353 -2.75 4.65 -51.41
C ILE E 353 -2.03 3.48 -50.72
N SER E 354 -2.37 3.22 -49.45
CA SER E 354 -1.87 2.04 -48.71
C SER E 354 -2.22 0.73 -49.42
N GLY E 355 -3.45 0.64 -49.93
CA GLY E 355 -3.92 -0.49 -50.73
C GLY E 355 -3.14 -0.71 -52.01
N ILE E 356 -2.81 0.39 -52.70
CA ILE E 356 -1.98 0.36 -53.93
C ILE E 356 -0.58 -0.19 -53.65
N TYR E 357 0.05 0.35 -52.60
CA TYR E 357 1.41 -0.06 -52.18
C TYR E 357 1.46 -1.32 -51.29
N ASP E 358 0.30 -1.81 -50.85
CA ASP E 358 0.15 -3.03 -50.04
C ASP E 358 0.96 -2.97 -48.72
N ARG E 359 0.98 -1.79 -48.11
CA ARG E 359 1.78 -1.52 -46.91
C ARG E 359 1.26 -0.30 -46.18
N ASN E 360 1.67 -0.17 -44.92
CA ASN E 360 1.48 1.09 -44.17
C ASN E 360 2.39 2.15 -44.78
N MET E 361 1.83 3.34 -44.98
CA MET E 361 2.49 4.43 -45.69
C MET E 361 3.23 5.37 -44.75
N ALA E 362 4.09 6.19 -45.34
CA ALA E 362 4.71 7.33 -44.67
C ALA E 362 4.08 8.63 -45.18
N VAL E 363 3.94 9.63 -44.30
CA VAL E 363 3.38 10.94 -44.67
C VAL E 363 4.48 12.01 -44.69
N TRP E 364 4.56 12.72 -45.82
CA TRP E 364 5.28 13.98 -45.98
C TRP E 364 4.17 15.05 -46.01
N TRP E 365 3.89 15.66 -44.86
CA TRP E 365 2.82 16.66 -44.76
C TRP E 365 3.36 18.06 -45.03
N ASN E 366 2.86 18.71 -46.08
CA ASN E 366 3.35 20.06 -46.45
C ASN E 366 2.61 21.21 -45.76
N TYR E 367 2.83 21.25 -44.45
CA TYR E 367 2.40 22.31 -43.56
C TYR E 367 3.22 22.15 -42.26
N PRO E 368 3.88 23.18 -41.75
CA PRO E 368 3.70 24.60 -42.08
C PRO E 368 4.56 25.17 -43.22
N VAL E 369 5.20 24.35 -44.06
CA VAL E 369 6.08 24.87 -45.15
C VAL E 369 5.41 25.99 -45.96
N THR E 370 6.15 27.08 -46.21
CA THR E 370 5.67 28.27 -46.91
C THR E 370 6.53 28.69 -48.13
N ASP E 371 7.39 27.81 -48.65
CA ASP E 371 8.28 28.15 -49.80
C ASP E 371 7.54 28.58 -51.10
N TYR E 372 6.36 27.98 -51.31
CA TYR E 372 5.40 28.36 -52.37
C TYR E 372 4.67 29.72 -52.19
N PHE E 373 4.68 30.28 -50.98
CA PHE E 373 3.92 31.49 -50.63
C PHE E 373 4.58 32.20 -49.42
N LYS E 374 5.81 32.64 -49.63
CA LYS E 374 6.73 33.03 -48.55
C LYS E 374 6.34 34.26 -47.73
N GLY E 375 5.46 35.10 -48.27
CA GLY E 375 4.94 36.26 -47.56
C GLY E 375 4.18 35.94 -46.28
N LYS E 376 3.49 34.81 -46.26
CA LYS E 376 2.72 34.38 -45.08
C LYS E 376 3.47 33.36 -44.23
N LEU E 377 3.28 33.46 -42.91
CA LEU E 377 3.76 32.48 -41.94
C LEU E 377 2.62 31.54 -41.63
N ALA E 378 2.88 30.23 -41.66
CA ALA E 378 1.91 29.20 -41.26
C ALA E 378 2.10 28.86 -39.78
N LEU E 379 1.27 29.49 -38.93
CA LEU E 379 1.35 29.36 -37.46
C LEU E 379 0.16 28.60 -36.85
N GLY E 380 -0.46 27.72 -37.63
CA GLY E 380 -1.63 26.96 -37.19
C GLY E 380 -1.29 25.56 -36.76
N PRO E 381 -2.28 24.83 -36.23
CA PRO E 381 -2.08 23.44 -35.84
C PRO E 381 -2.17 22.51 -37.06
N MET E 382 -1.86 21.23 -36.82
CA MET E 382 -2.18 20.17 -37.77
C MET E 382 -3.69 20.17 -37.92
N HIS E 383 -4.14 20.29 -39.16
CA HIS E 383 -5.55 20.46 -39.50
C HIS E 383 -5.90 19.67 -40.76
N GLY E 384 -7.00 18.90 -40.68
CA GLY E 384 -7.48 18.08 -41.79
C GLY E 384 -7.03 16.63 -41.84
N LEU E 385 -6.05 16.27 -40.99
CA LEU E 385 -5.49 14.92 -40.96
C LEU E 385 -6.40 14.03 -40.14
N ASP E 386 -6.88 12.94 -40.75
CA ASP E 386 -7.87 12.06 -40.14
C ASP E 386 -7.29 11.43 -38.85
N LYS E 387 -8.12 11.35 -37.82
CA LYS E 387 -7.69 10.80 -36.53
C LYS E 387 -7.57 9.26 -36.50
N GLY E 388 -8.12 8.57 -37.51
CA GLY E 388 -7.84 7.15 -37.74
C GLY E 388 -6.74 6.81 -38.75
N LEU E 389 -5.86 7.78 -39.05
CA LEU E 389 -4.84 7.65 -40.11
C LEU E 389 -3.76 6.63 -39.77
N ASN E 390 -3.51 6.44 -38.47
CA ASN E 390 -2.60 5.39 -37.96
C ASN E 390 -2.92 3.94 -38.44
N GLN E 391 -4.19 3.69 -38.81
CA GLN E 391 -4.61 2.43 -39.45
C GLN E 391 -3.85 2.08 -40.74
N TYR E 392 -3.47 3.10 -41.53
CA TYR E 392 -2.72 2.95 -42.79
C TYR E 392 -1.38 3.70 -42.86
N VAL E 393 -0.97 4.33 -41.76
CA VAL E 393 0.25 5.16 -41.70
C VAL E 393 1.03 4.75 -40.43
N ASP E 394 2.33 4.48 -40.60
CA ASP E 394 3.26 4.14 -39.50
C ASP E 394 4.44 5.12 -39.34
N PHE E 395 4.40 6.22 -40.10
CA PHE E 395 5.52 7.15 -40.25
C PHE E 395 4.88 8.49 -40.62
N PHE E 396 5.02 9.50 -39.76
CA PHE E 396 4.42 10.82 -39.98
C PHE E 396 5.47 11.90 -39.82
N THR E 397 5.67 12.70 -40.86
CA THR E 397 6.52 13.88 -40.81
C THR E 397 5.84 15.12 -41.39
N VAL E 398 6.35 16.29 -40.98
CA VAL E 398 5.93 17.59 -41.49
C VAL E 398 7.11 18.28 -42.15
N ASN E 399 6.84 18.95 -43.28
CA ASN E 399 7.80 19.82 -43.93
C ASN E 399 7.58 21.20 -43.32
N PRO E 400 8.59 21.79 -42.64
CA PRO E 400 8.43 23.07 -41.95
C PRO E 400 8.78 24.27 -42.82
N MET E 401 8.65 25.45 -42.24
CA MET E 401 9.09 26.69 -42.89
C MET E 401 10.60 26.79 -42.82
N GLU E 402 11.16 27.57 -43.74
CA GLU E 402 12.53 28.07 -43.61
C GLU E 402 12.79 28.87 -42.31
N HIS E 403 11.71 29.44 -41.78
CA HIS E 403 11.67 30.07 -40.44
C HIS E 403 11.55 28.99 -39.35
N ALA E 404 12.69 28.60 -38.77
CA ALA E 404 12.75 27.47 -37.83
C ALA E 404 12.03 27.72 -36.51
N GLU E 405 12.27 28.90 -35.91
CA GLU E 405 11.68 29.27 -34.61
C GLU E 405 10.16 29.23 -34.61
N LEU E 406 9.54 29.93 -35.56
CA LEU E 406 8.06 30.00 -35.65
C LEU E 406 7.39 28.74 -36.22
N SER E 407 8.17 27.87 -36.87
CA SER E 407 7.70 26.51 -37.21
C SER E 407 7.37 25.65 -36.00
N LYS E 408 7.98 25.96 -34.84
CA LYS E 408 7.73 25.24 -33.58
C LYS E 408 6.26 25.14 -33.15
N ILE E 409 5.47 26.19 -33.42
CA ILE E 409 4.04 26.22 -33.04
C ILE E 409 3.30 25.07 -33.70
N SER E 410 3.43 24.97 -35.02
CA SER E 410 2.79 23.91 -35.79
C SER E 410 3.39 22.52 -35.48
N ILE E 411 4.72 22.45 -35.37
CA ILE E 411 5.44 21.20 -35.02
C ILE E 411 5.00 20.64 -33.67
N HIS E 412 4.89 21.53 -32.68
CA HIS E 412 4.38 21.20 -31.34
C HIS E 412 3.07 20.41 -31.41
N THR E 413 2.16 20.86 -32.28
CA THR E 413 0.88 20.17 -32.48
C THR E 413 1.03 18.84 -33.22
N ALA E 414 1.97 18.78 -34.17
CA ALA E 414 2.32 17.53 -34.86
C ALA E 414 2.82 16.44 -33.90
N ALA E 415 3.62 16.84 -32.92
CA ALA E 415 4.02 15.92 -31.83
C ALA E 415 2.84 15.33 -31.07
N ASP E 416 1.83 16.17 -30.78
CA ASP E 416 0.61 15.70 -30.10
C ASP E 416 -0.22 14.77 -31.00
N TYR E 417 -0.47 15.21 -32.23
CA TYR E 417 -1.23 14.43 -33.22
C TYR E 417 -0.62 13.04 -33.51
N SER E 418 0.70 13.01 -33.72
CA SER E 418 1.41 11.77 -34.04
C SER E 418 1.59 10.84 -32.84
N TRP E 419 1.82 11.40 -31.64
CA TRP E 419 1.96 10.59 -30.42
C TRP E 419 0.61 10.11 -29.86
N ASN E 420 -0.38 11.00 -29.80
CA ASN E 420 -1.73 10.68 -29.28
C ASN E 420 -2.78 11.15 -30.28
N MET E 421 -2.97 10.32 -31.30
CA MET E 421 -3.84 10.66 -32.43
C MET E 421 -5.33 10.63 -32.11
N ASP E 422 -5.75 9.68 -31.30
CA ASP E 422 -7.16 9.48 -30.99
C ASP E 422 -7.79 10.62 -30.16
N ASN E 423 -6.99 11.28 -29.32
CA ASN E 423 -7.44 12.43 -28.51
C ASN E 423 -6.99 13.80 -29.04
N TYR E 424 -6.42 13.86 -30.24
CA TYR E 424 -5.92 15.10 -30.82
C TYR E 424 -7.09 16.10 -31.09
N ASP E 425 -6.95 17.30 -30.52
CA ASP E 425 -7.91 18.40 -30.67
C ASP E 425 -7.09 19.59 -31.16
N TYR E 426 -7.28 19.96 -32.43
CA TYR E 426 -6.42 20.98 -33.07
C TYR E 426 -6.45 22.35 -32.37
N ASP E 427 -7.63 22.75 -31.88
CA ASP E 427 -7.80 24.02 -31.17
C ASP E 427 -7.07 24.02 -29.81
N LYS E 428 -7.32 23.00 -29.01
CA LYS E 428 -6.64 22.83 -27.71
C LYS E 428 -5.13 22.68 -27.86
N ALA E 429 -4.72 21.84 -28.82
CA ALA E 429 -3.29 21.65 -29.16
C ALA E 429 -2.61 22.95 -29.59
N TRP E 430 -3.30 23.74 -30.41
CA TRP E 430 -2.80 25.05 -30.86
C TRP E 430 -2.59 26.02 -29.70
N ASN E 431 -3.61 26.14 -28.85
CA ASN E 431 -3.54 26.96 -27.62
C ASN E 431 -2.43 26.50 -26.67
N ARG E 432 -2.35 25.18 -26.48
CA ARG E 432 -1.32 24.55 -25.65
C ARG E 432 0.10 24.84 -26.17
N ALA E 433 0.27 24.78 -27.50
CA ALA E 433 1.56 25.08 -28.15
C ALA E 433 2.05 26.49 -27.90
N ILE E 434 1.18 27.48 -28.09
CA ILE E 434 1.55 28.89 -27.86
C ILE E 434 1.77 29.16 -26.36
N ASP E 435 0.93 28.59 -25.49
CA ASP E 435 1.11 28.70 -24.02
C ASP E 435 2.47 28.19 -23.54
N MET E 436 2.80 26.97 -23.95
CA MET E 436 4.08 26.32 -23.58
C MET E 436 5.32 27.00 -24.18
N LEU E 437 5.21 27.51 -25.41
CA LEU E 437 6.34 28.15 -26.10
C LEU E 437 6.59 29.63 -25.71
N TYR E 438 5.52 30.41 -25.53
CA TYR E 438 5.62 31.88 -25.40
C TYR E 438 5.42 32.47 -24.00
N GLY E 439 4.96 31.67 -23.03
CA GLY E 439 4.96 32.05 -21.61
C GLY E 439 4.09 33.25 -21.26
N ASP E 440 4.75 34.35 -20.85
CA ASP E 440 4.08 35.63 -20.55
C ASP E 440 3.50 36.34 -21.78
N LEU E 441 4.12 36.13 -22.95
CA LEU E 441 3.63 36.68 -24.24
C LEU E 441 2.63 35.77 -24.99
N ALA E 442 2.18 34.68 -24.36
CA ALA E 442 1.30 33.68 -24.99
C ALA E 442 -0.01 34.25 -25.50
N GLU E 443 -0.70 35.04 -24.66
CA GLU E 443 -2.00 35.63 -25.05
C GLU E 443 -1.90 36.62 -26.22
N ASP E 444 -0.88 37.47 -26.20
CA ASP E 444 -0.61 38.38 -27.33
C ASP E 444 -0.22 37.62 -28.60
N MET E 445 0.64 36.61 -28.47
CA MET E 445 1.03 35.75 -29.60
C MET E 445 -0.14 34.96 -30.18
N LYS E 446 -1.06 34.51 -29.33
CA LYS E 446 -2.33 33.92 -29.79
C LYS E 446 -3.12 34.90 -30.68
N VAL E 447 -3.24 36.16 -30.27
CA VAL E 447 -3.98 37.19 -31.05
C VAL E 447 -3.39 37.36 -32.46
N PHE E 448 -2.07 37.43 -32.55
CA PHE E 448 -1.33 37.53 -33.82
C PHE E 448 -1.44 36.25 -34.66
N ALA E 449 -1.05 35.12 -34.07
CA ALA E 449 -0.99 33.83 -34.77
C ALA E 449 -2.35 33.29 -35.23
N ASN E 450 -3.41 33.65 -34.52
CA ASN E 450 -4.81 33.35 -34.91
C ASN E 450 -5.18 33.87 -36.31
N HIS E 451 -4.56 34.98 -36.73
CA HIS E 451 -4.73 35.57 -38.08
C HIS E 451 -3.83 34.98 -39.18
N SER E 452 -2.99 33.98 -38.86
CA SER E 452 -1.95 33.46 -39.75
C SER E 452 -1.84 31.93 -39.67
N THR E 453 -3.00 31.26 -39.78
CA THR E 453 -3.11 29.80 -39.82
C THR E 453 -3.41 29.24 -41.22
N ARG E 454 -4.18 29.97 -42.04
CA ARG E 454 -4.66 29.47 -43.34
C ARG E 454 -3.66 29.78 -44.46
N MET E 455 -3.26 28.74 -45.20
CA MET E 455 -2.35 28.89 -46.35
C MET E 455 -3.17 28.69 -47.62
N ASP E 456 -3.10 29.67 -48.51
CA ASP E 456 -3.89 29.72 -49.74
C ASP E 456 -3.20 30.63 -50.73
N ASN E 457 -2.64 30.05 -51.79
CA ASN E 457 -1.95 30.80 -52.87
C ASN E 457 -2.88 31.24 -54.03
N LYS E 458 -4.19 31.03 -53.87
CA LYS E 458 -5.26 31.44 -54.80
C LYS E 458 -5.51 30.49 -55.98
N THR E 459 -4.70 29.44 -56.15
CA THR E 459 -4.85 28.46 -57.24
C THR E 459 -4.84 27.02 -56.71
N TRP E 460 -3.65 26.43 -56.59
CA TRP E 460 -3.48 24.98 -56.36
C TRP E 460 -3.15 24.59 -54.90
N ALA E 461 -2.43 25.45 -54.18
CA ALA E 461 -2.02 25.24 -52.79
C ALA E 461 -3.05 25.85 -51.83
N LYS E 462 -3.71 24.99 -51.04
CA LYS E 462 -4.57 25.44 -49.94
C LYS E 462 -4.59 24.42 -48.79
N SER E 463 -4.22 24.87 -47.59
CA SER E 463 -4.20 24.02 -46.39
C SER E 463 -4.22 24.83 -45.10
N GLY E 464 -4.73 24.21 -44.04
CA GLY E 464 -4.69 24.77 -42.69
C GLY E 464 -6.03 25.25 -42.18
N ARG E 465 -6.10 25.42 -40.86
CA ARG E 465 -7.28 26.00 -40.19
C ARG E 465 -7.50 27.41 -40.72
N GLU E 466 -8.77 27.79 -40.90
CA GLU E 466 -9.14 29.14 -41.37
C GLU E 466 -8.61 30.20 -40.41
N ASP E 467 -8.22 31.35 -40.95
CA ASP E 467 -7.78 32.48 -40.14
C ASP E 467 -8.94 33.00 -39.30
N ALA E 468 -8.63 33.38 -38.06
CA ALA E 468 -9.50 34.10 -37.12
C ALA E 468 -11.00 33.85 -37.32
N PRO E 469 -11.44 32.57 -37.15
CA PRO E 469 -12.82 32.20 -37.50
C PRO E 469 -13.92 32.88 -36.67
N GLU E 470 -13.63 33.18 -35.40
CA GLU E 470 -14.59 33.83 -34.49
C GLU E 470 -14.81 35.28 -34.93
N LEU E 471 -13.72 35.97 -35.28
CA LEU E 471 -13.79 37.33 -35.82
C LEU E 471 -14.51 37.40 -37.18
N ARG E 472 -14.21 36.45 -38.06
CA ARG E 472 -14.89 36.34 -39.37
C ARG E 472 -16.41 36.15 -39.20
N ALA E 473 -16.81 35.30 -38.27
CA ALA E 473 -18.23 35.11 -37.93
C ALA E 473 -18.92 36.43 -37.47
N LYS E 474 -18.21 37.20 -36.63
CA LYS E 474 -18.70 38.51 -36.16
C LYS E 474 -18.83 39.54 -37.28
N MET E 475 -17.84 39.58 -38.17
CA MET E 475 -17.87 40.42 -39.38
C MET E 475 -19.05 40.07 -40.28
N ASP E 476 -19.27 38.77 -40.51
CA ASP E 476 -20.44 38.30 -41.25
C ASP E 476 -21.77 38.70 -40.58
N GLU E 477 -21.82 38.58 -39.26
CA GLU E 477 -22.97 38.99 -38.45
C GLU E 477 -23.25 40.50 -38.53
N LEU E 478 -22.19 41.31 -38.65
CA LEU E 478 -22.34 42.75 -38.85
C LEU E 478 -23.12 43.06 -40.13
N TRP E 479 -22.70 42.44 -41.24
CA TRP E 479 -23.36 42.66 -42.55
C TRP E 479 -24.80 42.18 -42.55
N ASN E 480 -25.05 41.05 -41.88
CA ASN E 480 -26.42 40.52 -41.75
C ASN E 480 -27.33 41.42 -40.93
N LYS E 481 -26.80 41.93 -39.81
CA LYS E 481 -27.52 42.86 -38.93
C LYS E 481 -27.91 44.15 -39.67
N LEU E 482 -26.96 44.71 -40.42
CA LEU E 482 -27.20 45.92 -41.22
C LEU E 482 -28.29 45.73 -42.29
N SER E 483 -28.29 44.59 -43.00
CA SER E 483 -29.33 44.30 -44.02
C SER E 483 -30.71 44.02 -43.42
N SER E 484 -30.73 43.34 -42.28
CA SER E 484 -31.95 43.15 -41.48
C SER E 484 -32.43 44.40 -40.72
N LYS E 485 -31.69 45.51 -40.77
CA LYS E 485 -32.02 46.80 -40.15
C LYS E 485 -32.08 46.74 -38.61
N GLU E 486 -31.28 45.84 -38.02
CA GLU E 486 -31.11 45.74 -36.58
C GLU E 486 -30.11 46.80 -36.10
N ASP E 487 -30.15 47.06 -34.79
CA ASP E 487 -29.19 47.96 -34.16
C ASP E 487 -27.88 47.18 -34.04
N ALA E 488 -26.88 47.64 -34.80
CA ALA E 488 -25.55 47.02 -34.82
C ALA E 488 -24.54 47.65 -33.84
N SER E 489 -24.99 48.60 -32.99
CA SER E 489 -24.12 49.41 -32.11
C SER E 489 -23.22 48.60 -31.19
N ALA E 490 -23.81 47.59 -30.54
CA ALA E 490 -23.10 46.68 -29.63
C ALA E 490 -22.01 45.87 -30.35
N LEU E 491 -22.36 45.30 -31.51
CA LEU E 491 -21.43 44.55 -32.35
C LEU E 491 -20.30 45.42 -32.94
N ILE E 492 -20.65 46.63 -33.37
CA ILE E 492 -19.66 47.61 -33.86
C ILE E 492 -18.63 47.96 -32.77
N GLU E 493 -19.12 48.24 -31.56
CA GLU E 493 -18.27 48.50 -30.39
C GLU E 493 -17.36 47.31 -30.08
N GLU E 494 -17.95 46.10 -30.08
CA GLU E 494 -17.20 44.84 -29.93
C GLU E 494 -16.07 44.68 -30.97
N LEU E 495 -16.36 44.99 -32.24
CA LEU E 495 -15.35 44.93 -33.31
C LEU E 495 -14.26 46.00 -33.19
N TYR E 496 -14.61 47.21 -32.74
CA TYR E 496 -13.59 48.24 -32.40
C TYR E 496 -12.59 47.75 -31.34
N GLY E 497 -13.10 47.03 -30.34
CA GLY E 497 -12.26 46.39 -29.32
C GLY E 497 -11.35 45.28 -29.84
N GLU E 498 -11.89 44.45 -30.73
CA GLU E 498 -11.14 43.40 -31.45
C GLU E 498 -9.97 43.96 -32.26
N PHE E 499 -10.24 45.02 -33.04
CA PHE E 499 -9.21 45.67 -33.88
C PHE E 499 -8.18 46.46 -33.10
N ALA E 500 -8.59 47.03 -31.96
CA ALA E 500 -7.66 47.67 -31.01
C ALA E 500 -6.73 46.65 -30.32
N ARG E 501 -7.31 45.51 -29.94
CA ARG E 501 -6.56 44.40 -29.35
C ARG E 501 -5.49 43.80 -30.30
N MET E 502 -5.81 43.70 -31.59
CA MET E 502 -4.85 43.27 -32.63
C MET E 502 -3.61 44.15 -32.69
N GLU E 503 -3.83 45.46 -32.73
CA GLU E 503 -2.76 46.47 -32.72
C GLU E 503 -1.93 46.48 -31.42
N GLU E 504 -2.63 46.37 -30.29
CA GLU E 504 -1.99 46.34 -28.95
C GLU E 504 -1.10 45.10 -28.80
N ALA E 505 -1.66 43.92 -29.13
CA ALA E 505 -0.95 42.64 -29.06
C ALA E 505 0.30 42.60 -29.93
N CYS E 506 0.18 43.06 -31.17
CA CYS E 506 1.32 43.12 -32.10
C CYS E 506 2.42 44.10 -31.69
N ASN E 507 2.02 45.26 -31.17
CA ASN E 507 2.99 46.26 -30.63
C ASN E 507 3.74 45.77 -29.40
N ASN E 508 3.05 45.03 -28.53
CA ASN E 508 3.67 44.37 -27.38
C ASN E 508 4.64 43.24 -27.80
N LEU E 509 4.26 42.47 -28.82
CA LEU E 509 5.14 41.44 -29.41
C LEU E 509 6.40 42.03 -30.07
N LYS E 510 6.23 43.10 -30.85
CA LYS E 510 7.39 43.87 -31.40
C LYS E 510 8.38 44.36 -30.34
N ALA E 511 7.85 44.81 -29.20
CA ALA E 511 8.64 45.33 -28.08
C ALA E 511 9.32 44.23 -27.26
N ASN E 512 8.62 43.12 -27.00
CA ASN E 512 9.04 42.11 -26.02
C ASN E 512 9.36 40.69 -26.50
N LEU E 513 9.09 40.34 -27.78
CA LEU E 513 9.53 39.03 -28.32
C LEU E 513 11.07 38.94 -28.35
N PRO E 514 11.63 37.74 -28.09
CA PRO E 514 13.08 37.56 -28.29
C PRO E 514 13.44 37.63 -29.77
N GLU E 515 14.64 38.14 -30.06
CA GLU E 515 15.09 38.45 -31.44
C GLU E 515 15.04 37.24 -32.40
N VAL E 516 15.27 36.04 -31.87
CA VAL E 516 15.15 34.78 -32.63
C VAL E 516 13.75 34.57 -33.28
N ALA E 517 12.69 34.91 -32.53
CA ALA E 517 11.30 34.88 -33.01
C ALA E 517 10.94 36.13 -33.82
N LEU E 518 11.33 37.29 -33.30
CA LEU E 518 11.04 38.60 -33.93
C LEU E 518 11.64 38.80 -35.31
N GLU E 519 12.87 38.30 -35.51
CA GLU E 519 13.55 38.31 -36.83
C GLU E 519 12.73 37.63 -37.96
N GLU E 520 11.96 36.59 -37.60
CA GLU E 520 11.14 35.83 -38.55
C GLU E 520 9.75 36.42 -38.87
N CYS E 521 9.15 37.18 -37.94
CA CYS E 521 7.78 37.73 -38.08
C CYS E 521 7.59 39.26 -37.99
N SER E 522 8.67 40.06 -37.96
CA SER E 522 8.54 41.52 -37.76
C SER E 522 7.69 42.24 -38.84
N ARG E 523 7.84 41.81 -40.09
CA ARG E 523 7.05 42.34 -41.21
C ARG E 523 5.56 41.94 -41.12
N GLN E 524 5.30 40.70 -40.69
CA GLN E 524 3.93 40.18 -40.54
C GLN E 524 3.19 40.84 -39.38
N LEU E 525 3.92 41.20 -38.33
CA LEU E 525 3.38 41.98 -37.20
C LEU E 525 2.93 43.36 -37.65
N ASP E 526 3.82 44.07 -38.35
CA ASP E 526 3.50 45.36 -38.99
C ASP E 526 2.31 45.31 -39.94
N GLU E 527 2.27 44.24 -40.75
CA GLU E 527 1.16 43.95 -41.68
C GLU E 527 -0.19 43.89 -40.95
N LEU E 528 -0.27 43.10 -39.88
CA LEU E 528 -1.52 42.96 -39.11
C LEU E 528 -1.93 44.26 -38.38
N ILE E 529 -0.93 45.04 -37.95
CA ILE E 529 -1.18 46.39 -37.36
C ILE E 529 -1.81 47.32 -38.40
N THR E 530 -1.23 47.36 -39.60
CA THR E 530 -1.76 48.13 -40.74
C THR E 530 -3.19 47.71 -41.08
N LEU E 531 -3.45 46.40 -41.17
CA LEU E 531 -4.80 45.87 -41.39
C LEU E 531 -5.78 46.22 -40.28
N ALA E 532 -5.34 46.09 -39.03
CA ALA E 532 -6.14 46.50 -37.85
C ALA E 532 -6.53 47.98 -37.87
N GLN E 533 -5.60 48.84 -38.27
CA GLN E 533 -5.86 50.28 -38.46
C GLN E 533 -6.84 50.54 -39.61
N GLY E 534 -6.67 49.81 -40.72
CA GLY E 534 -7.64 49.80 -41.82
C GLY E 534 -9.02 49.25 -41.47
N ASP E 535 -9.06 48.24 -40.60
CA ASP E 535 -10.32 47.69 -40.05
C ASP E 535 -11.07 48.65 -39.13
N LYS E 536 -10.33 49.46 -38.38
CA LYS E 536 -10.90 50.52 -37.53
C LYS E 536 -11.52 51.60 -38.40
N ALA E 537 -10.76 52.09 -39.37
CA ALA E 537 -11.26 53.05 -40.38
C ALA E 537 -12.46 52.51 -41.18
N SER E 538 -12.48 51.20 -41.43
CA SER E 538 -13.61 50.53 -42.05
C SER E 538 -14.89 50.60 -41.21
N LEU E 539 -14.77 50.43 -39.89
CA LEU E 539 -15.90 50.69 -38.98
C LEU E 539 -16.33 52.15 -38.97
N ASP E 540 -15.37 53.07 -38.94
CA ASP E 540 -15.64 54.53 -39.05
C ASP E 540 -16.48 54.88 -40.30
N MET E 541 -16.15 54.27 -41.43
CA MET E 541 -16.95 54.36 -42.67
C MET E 541 -18.42 53.92 -42.50
N ILE E 542 -18.62 52.78 -41.84
CA ILE E 542 -19.96 52.23 -41.58
C ILE E 542 -20.76 53.16 -40.65
N VAL E 543 -20.13 53.58 -39.56
CA VAL E 543 -20.70 54.52 -38.57
C VAL E 543 -21.03 55.88 -39.20
N ALA E 544 -20.11 56.41 -40.02
CA ALA E 544 -20.31 57.64 -40.79
C ALA E 544 -21.55 57.60 -41.71
N GLN E 545 -21.77 56.46 -42.36
CA GLN E 545 -22.97 56.21 -43.17
C GLN E 545 -24.25 56.11 -42.34
N LEU E 546 -24.16 55.46 -41.18
CA LEU E 546 -25.28 55.39 -40.22
C LEU E 546 -25.69 56.77 -39.67
N ASN E 547 -24.70 57.63 -39.41
CA ASN E 547 -24.91 59.03 -38.97
C ASN E 547 -25.12 60.05 -40.12
N GLU E 548 -25.02 59.61 -41.38
CA GLU E 548 -25.17 60.45 -42.59
C GLU E 548 -24.15 61.60 -42.65
N ASP E 549 -22.92 61.28 -42.29
CA ASP E 549 -21.80 62.22 -42.18
C ASP E 549 -20.86 61.95 -43.36
N THR E 550 -20.95 62.82 -44.37
CA THR E 550 -20.13 62.72 -45.60
C THR E 550 -18.67 63.06 -45.35
N GLU E 551 -18.40 64.10 -44.54
CA GLU E 551 -17.04 64.51 -44.18
C GLU E 551 -16.28 63.40 -43.45
N ALA E 552 -16.94 62.82 -42.44
CA ALA E 552 -16.39 61.69 -41.66
C ALA E 552 -16.23 60.40 -42.48
N TYR E 553 -17.16 60.14 -43.40
CA TYR E 553 -17.10 58.97 -44.29
C TYR E 553 -15.89 59.03 -45.24
N GLU E 554 -15.76 60.14 -45.96
CA GLU E 554 -14.64 60.36 -46.90
C GLU E 554 -13.27 60.39 -46.23
N SER E 555 -13.21 60.89 -44.99
CA SER E 555 -11.99 60.91 -44.18
C SER E 555 -11.56 59.48 -43.79
N ALA E 556 -12.52 58.71 -43.27
CA ALA E 556 -12.35 57.29 -42.97
C ALA E 556 -12.06 56.43 -44.20
N LYS E 557 -12.67 56.76 -45.34
CA LYS E 557 -12.46 56.06 -46.61
C LYS E 557 -11.02 56.11 -47.10
N GLU E 558 -10.42 57.31 -47.08
CA GLU E 558 -9.05 57.50 -47.56
C GLU E 558 -8.02 56.75 -46.69
N ILE E 559 -8.24 56.76 -45.37
CA ILE E 559 -7.40 56.01 -44.42
C ILE E 559 -7.51 54.50 -44.69
N ALA E 560 -8.75 53.99 -44.74
CA ALA E 560 -9.02 52.57 -45.06
C ALA E 560 -8.40 52.10 -46.38
N GLN E 561 -8.48 52.95 -47.40
CA GLN E 561 -7.85 52.73 -48.71
C GLN E 561 -6.33 52.66 -48.63
N ASN E 562 -5.72 53.65 -47.95
CA ASN E 562 -4.26 53.74 -47.81
C ASN E 562 -3.65 52.57 -47.02
N LYS E 563 -4.34 52.17 -45.95
CA LYS E 563 -3.94 50.99 -45.16
C LYS E 563 -4.08 49.69 -45.96
N LEU E 564 -5.16 49.54 -46.72
CA LEU E 564 -5.35 48.38 -47.62
C LEU E 564 -4.24 48.29 -48.66
N ASN E 565 -4.00 49.40 -49.34
CA ASN E 565 -2.97 49.49 -50.41
C ASN E 565 -1.55 49.16 -49.92
N THR E 566 -1.20 49.66 -48.73
CA THR E 566 0.05 49.30 -48.05
C THR E 566 0.13 47.78 -47.78
N ALA E 567 -0.95 47.23 -47.20
CA ALA E 567 -1.04 45.80 -46.90
C ALA E 567 -0.88 44.92 -48.13
N LEU E 568 -1.58 45.29 -49.20
CA LEU E 568 -1.49 44.57 -50.48
C LEU E 568 -0.13 44.69 -51.16
N SER E 569 0.46 45.89 -51.13
CA SER E 569 1.78 46.14 -51.74
C SER E 569 2.96 45.46 -51.04
N SER E 570 2.91 45.39 -49.71
CA SER E 570 4.03 44.86 -48.92
C SER E 570 4.19 43.34 -49.09
N PHE E 571 5.42 42.86 -48.84
CA PHE E 571 5.79 41.45 -48.95
C PHE E 571 4.99 40.55 -47.99
N ALA E 572 4.83 41.02 -46.76
CA ALA E 572 4.08 40.29 -45.73
C ALA E 572 2.61 40.07 -46.11
N VAL E 573 2.10 38.88 -45.82
CA VAL E 573 0.72 38.47 -46.12
C VAL E 573 0.17 37.87 -44.83
N ILE E 574 -1.03 38.30 -44.44
CA ILE E 574 -1.70 37.78 -43.26
C ILE E 574 -3.20 38.09 -43.35
N SER E 575 -4.02 37.20 -42.79
CA SER E 575 -5.44 37.45 -42.55
C SER E 575 -6.24 37.86 -43.80
N GLU E 576 -5.95 37.20 -44.92
CA GLU E 576 -6.44 37.63 -46.25
C GLU E 576 -7.96 37.65 -46.29
N LYS E 577 -8.59 36.60 -45.76
CA LYS E 577 -10.05 36.45 -45.76
C LYS E 577 -10.79 37.09 -44.56
N VAL E 578 -10.06 37.68 -43.61
CA VAL E 578 -10.64 38.26 -42.39
C VAL E 578 -10.27 39.74 -42.33
N ALA E 579 -9.09 40.09 -41.83
CA ALA E 579 -8.71 41.49 -41.61
C ALA E 579 -8.55 42.27 -42.90
N GLN E 580 -7.95 41.65 -43.92
CA GLN E 580 -7.79 42.27 -45.23
C GLN E 580 -9.14 42.39 -45.95
N SER E 581 -9.84 41.26 -46.10
CA SER E 581 -11.14 41.19 -46.81
C SER E 581 -12.20 42.15 -46.24
N PHE E 582 -12.22 42.31 -44.92
CA PHE E 582 -13.13 43.24 -44.26
C PHE E 582 -13.02 44.68 -44.77
N ILE E 583 -11.79 45.13 -45.02
CA ILE E 583 -11.55 46.48 -45.56
C ILE E 583 -12.19 46.59 -46.96
N GLN E 584 -11.97 45.57 -47.79
CA GLN E 584 -12.55 45.52 -49.14
C GLN E 584 -14.08 45.45 -49.12
N GLU E 585 -14.61 44.64 -48.20
CA GLU E 585 -16.05 44.57 -47.94
C GLU E 585 -16.66 45.91 -47.53
N ALA E 586 -16.00 46.60 -46.60
CA ALA E 586 -16.46 47.90 -46.09
C ALA E 586 -16.38 49.04 -47.10
N LEU E 587 -15.31 49.03 -47.92
CA LEU E 587 -15.20 49.94 -49.06
C LEU E 587 -16.30 49.76 -50.12
N SER E 588 -16.76 48.53 -50.33
CA SER E 588 -17.88 48.24 -51.24
C SER E 588 -19.27 48.61 -50.67
N PHE E 589 -19.37 48.72 -49.34
CA PHE E 589 -20.66 48.81 -48.65
C PHE E 589 -21.36 50.17 -48.85
N ASP E 590 -22.63 50.09 -49.24
CA ASP E 590 -23.49 51.26 -49.43
C ASP E 590 -24.76 51.05 -48.61
N LEU E 591 -24.86 51.77 -47.49
CA LEU E 591 -26.03 51.74 -46.60
C LEU E 591 -27.34 52.20 -47.27
N THR E 592 -27.24 53.11 -48.25
CA THR E 592 -28.44 53.61 -48.98
C THR E 592 -29.13 52.56 -49.84
N LEU E 593 -28.43 51.46 -50.16
CA LEU E 593 -29.03 50.28 -50.81
C LEU E 593 -29.62 49.25 -49.85
N ILE E 594 -29.88 49.62 -48.59
CA ILE E 594 -30.66 48.81 -47.63
C ILE E 594 -31.94 49.57 -47.27
N VAL F 13 -42.95 13.35 -76.20
CA VAL F 13 -43.49 14.47 -75.33
C VAL F 13 -42.47 15.62 -75.35
N PRO F 14 -42.88 16.82 -75.86
CA PRO F 14 -41.95 17.97 -75.87
C PRO F 14 -41.76 18.61 -74.47
N ASN F 15 -41.00 19.70 -74.43
CA ASN F 15 -40.79 20.45 -73.18
C ASN F 15 -42.11 21.02 -72.67
N LEU F 16 -42.43 20.74 -71.41
CA LEU F 16 -43.63 21.23 -70.74
C LEU F 16 -43.25 22.07 -69.52
N ASN F 17 -44.03 23.13 -69.30
CA ASN F 17 -43.89 24.01 -68.14
C ASN F 17 -45.25 24.60 -67.74
N PRO F 18 -45.69 24.43 -66.49
CA PRO F 18 -45.06 23.58 -65.47
C PRO F 18 -45.10 22.08 -65.80
N THR F 19 -44.21 21.31 -65.17
CA THR F 19 -44.21 19.85 -65.28
C THR F 19 -45.59 19.37 -64.76
N PRO F 20 -46.40 18.70 -65.62
CA PRO F 20 -47.67 18.18 -65.09
C PRO F 20 -47.47 17.13 -63.98
N GLU F 21 -48.41 17.08 -63.05
CA GLU F 21 -48.31 16.22 -61.87
C GLU F 21 -48.27 14.75 -62.28
N ASN F 22 -49.24 14.35 -63.10
CA ASN F 22 -49.34 12.99 -63.63
C ASN F 22 -49.39 13.06 -65.15
N LEU F 23 -48.46 12.38 -65.82
CA LEU F 23 -48.41 12.26 -67.29
C LEU F 23 -47.99 10.85 -67.67
N GLU F 24 -48.85 10.13 -68.40
CA GLU F 24 -48.58 8.78 -68.92
C GLU F 24 -48.69 8.84 -70.44
N VAL F 25 -47.65 8.37 -71.13
CA VAL F 25 -47.68 8.19 -72.61
C VAL F 25 -48.37 6.84 -72.86
N VAL F 26 -49.37 6.83 -73.75
CA VAL F 26 -50.20 5.64 -74.04
C VAL F 26 -50.34 5.37 -75.55
N GLY F 27 -49.24 5.53 -76.30
CA GLY F 27 -49.20 5.31 -77.75
C GLY F 27 -48.22 6.22 -78.47
N GLY F 40 -67.81 21.62 -77.48
CA GLY F 40 -68.18 22.41 -76.29
C GLY F 40 -67.70 23.85 -76.24
N GLU F 41 -67.72 24.55 -77.38
CA GLU F 41 -67.26 25.97 -77.49
C GLU F 41 -68.07 26.90 -76.60
N GLU F 42 -69.38 26.87 -76.78
CA GLU F 42 -70.31 27.78 -76.11
C GLU F 42 -70.47 27.51 -74.60
N GLU F 43 -70.32 26.25 -74.16
CA GLU F 43 -70.44 25.87 -72.73
C GLU F 43 -69.14 25.99 -71.93
N ALA F 44 -67.99 25.79 -72.58
CA ALA F 44 -66.68 25.86 -71.91
C ALA F 44 -66.29 27.29 -71.53
N ASP F 45 -65.27 27.38 -70.67
CA ASP F 45 -64.71 28.63 -70.17
C ASP F 45 -64.32 29.55 -71.32
N GLU F 46 -64.84 30.78 -71.29
CA GLU F 46 -64.68 31.76 -72.36
C GLU F 46 -63.21 32.10 -72.65
N ASN F 47 -62.43 32.29 -71.58
CA ASN F 47 -61.00 32.64 -71.68
C ASN F 47 -60.15 31.49 -72.23
N ALA F 48 -60.48 30.26 -71.80
CA ALA F 48 -59.88 29.02 -72.35
C ALA F 48 -60.10 28.85 -73.86
N VAL F 49 -61.35 29.07 -74.28
CA VAL F 49 -61.75 29.02 -75.71
C VAL F 49 -61.04 30.10 -76.55
N ASN F 50 -60.98 31.34 -76.03
CA ASN F 50 -60.25 32.45 -76.70
C ASN F 50 -58.77 32.13 -76.89
N ALA F 51 -58.14 31.61 -75.83
CA ALA F 51 -56.75 31.14 -75.86
C ALA F 51 -56.51 30.02 -76.88
N LEU F 52 -57.49 29.11 -76.98
CA LEU F 52 -57.45 28.01 -77.96
C LEU F 52 -57.61 28.52 -79.40
N ARG F 53 -58.62 29.35 -79.62
CA ARG F 53 -58.87 30.01 -80.93
C ARG F 53 -57.65 30.79 -81.46
N GLU F 54 -57.02 31.56 -80.57
CA GLU F 54 -55.76 32.28 -80.85
C GLU F 54 -54.60 31.38 -81.29
N PHE F 55 -54.47 30.22 -80.66
CA PHE F 55 -53.43 29.24 -80.98
C PHE F 55 -53.65 28.56 -82.34
N LEU F 56 -54.88 28.10 -82.56
CA LEU F 56 -55.28 27.42 -83.82
C LEU F 56 -55.13 28.34 -85.03
N THR F 57 -55.66 29.56 -84.90
CA THR F 57 -55.50 30.63 -85.91
C THR F 57 -54.03 30.94 -86.22
N ALA F 58 -53.25 31.16 -85.17
CA ALA F 58 -51.80 31.40 -85.29
C ALA F 58 -51.01 30.24 -85.93
N ASN F 59 -51.49 29.00 -85.73
CA ASN F 59 -50.90 27.79 -86.33
C ASN F 59 -51.63 27.23 -87.60
N ASN F 60 -52.43 28.07 -88.28
CA ASN F 60 -53.16 27.72 -89.53
C ASN F 60 -54.00 26.44 -89.43
N ILE F 61 -54.81 26.35 -88.37
CA ILE F 61 -55.75 25.24 -88.15
C ILE F 61 -57.15 25.84 -88.12
N GLU F 62 -57.96 25.51 -89.13
CA GLU F 62 -59.33 26.00 -89.23
C GLU F 62 -60.26 25.18 -88.31
N ILE F 63 -61.30 25.84 -87.80
CA ILE F 63 -62.36 25.18 -87.00
C ILE F 63 -63.46 24.76 -87.99
N ASN F 64 -63.87 23.49 -87.90
CA ASN F 64 -64.94 22.93 -88.74
C ASN F 64 -66.31 23.50 -88.41
N SER F 65 -67.12 23.73 -89.45
CA SER F 65 -68.55 24.06 -89.30
C SER F 65 -69.36 22.79 -88.99
N GLU F 66 -69.20 21.78 -89.86
CA GLU F 66 -69.85 20.47 -89.70
C GLU F 66 -68.87 19.41 -89.18
N ASN F 67 -69.35 18.55 -88.27
CA ASN F 67 -68.50 17.65 -87.46
C ASN F 67 -68.21 16.29 -88.12
N ASP F 68 -67.10 16.21 -88.87
CA ASP F 68 -66.67 14.95 -89.53
C ASP F 68 -65.21 14.99 -90.06
N PRO F 69 -64.47 13.84 -89.96
CA PRO F 69 -63.07 13.79 -90.42
C PRO F 69 -62.94 13.84 -91.95
N GLY F 77 -64.33 21.52 -72.08
CA GLY F 77 -65.35 21.82 -71.08
C GLY F 77 -64.90 21.73 -69.63
N GLU F 78 -65.82 22.03 -68.71
CA GLU F 78 -65.64 21.88 -67.26
C GLU F 78 -66.35 20.62 -66.79
N VAL F 79 -66.02 20.18 -65.58
CA VAL F 79 -66.62 18.94 -65.00
C VAL F 79 -68.14 19.07 -64.74
N ASP F 80 -68.64 20.29 -64.57
CA ASP F 80 -70.06 20.60 -64.73
C ASP F 80 -70.41 20.71 -66.22
N THR F 94 -60.79 11.54 -65.04
CA THR F 94 -61.63 12.64 -64.57
C THR F 94 -60.84 13.78 -63.92
N ALA F 95 -61.47 14.96 -63.86
CA ALA F 95 -60.98 16.14 -63.12
C ALA F 95 -61.74 16.46 -61.82
N GLU F 96 -62.83 15.74 -61.52
CA GLU F 96 -63.75 16.01 -60.38
C GLU F 96 -63.08 15.94 -59.00
N ASN F 97 -62.25 14.91 -58.81
CA ASN F 97 -61.50 14.72 -57.55
C ASN F 97 -60.28 15.66 -57.37
N LEU F 98 -59.90 16.40 -58.42
CA LEU F 98 -58.75 17.30 -58.37
C LEU F 98 -59.03 18.61 -57.62
N LYS F 99 -57.93 19.27 -57.28
CA LYS F 99 -57.90 20.58 -56.61
C LYS F 99 -58.40 21.70 -57.53
N GLU F 100 -58.75 22.87 -56.95
CA GLU F 100 -58.94 24.13 -57.70
C GLU F 100 -57.79 24.39 -58.68
N GLU F 101 -58.14 24.92 -59.85
CA GLU F 101 -57.23 25.07 -61.01
C GLU F 101 -56.76 23.76 -61.66
N GLY F 102 -57.25 22.61 -61.20
CA GLY F 102 -56.85 21.32 -61.72
C GLY F 102 -57.58 21.01 -63.00
N TYR F 103 -57.01 20.12 -63.81
CA TYR F 103 -57.61 19.69 -65.06
C TYR F 103 -57.18 18.27 -65.44
N ALA F 104 -57.91 17.71 -66.41
CA ALA F 104 -57.58 16.46 -67.09
C ALA F 104 -57.41 16.74 -68.58
N LEU F 105 -56.47 16.05 -69.22
CA LEU F 105 -56.26 16.13 -70.68
C LEU F 105 -56.01 14.73 -71.24
N ILE F 114 -60.01 17.89 -73.17
CA ILE F 114 -59.63 18.81 -72.10
C ILE F 114 -60.82 19.06 -71.17
N GLU F 115 -60.69 18.63 -69.91
CA GLU F 115 -61.70 18.85 -68.86
C GLU F 115 -61.08 19.56 -67.65
N GLY F 116 -61.55 20.79 -67.37
CA GLY F 116 -61.14 21.53 -66.17
C GLY F 116 -62.00 21.17 -64.98
N LYS F 117 -61.39 21.13 -63.79
CA LYS F 117 -62.11 21.15 -62.49
C LYS F 117 -62.98 22.41 -62.37
N ASP F 118 -62.45 23.52 -62.87
CA ASP F 118 -63.16 24.79 -63.01
C ASP F 118 -62.68 25.48 -64.29
N GLY F 119 -63.23 26.68 -64.54
CA GLY F 119 -62.81 27.53 -65.67
C GLY F 119 -61.33 27.79 -65.78
N ASP F 120 -60.68 28.02 -64.64
CA ASP F 120 -59.21 28.20 -64.56
C ASP F 120 -58.46 26.94 -65.00
N GLY F 121 -58.95 25.78 -64.54
CA GLY F 121 -58.44 24.47 -64.96
C GLY F 121 -58.50 24.22 -66.45
N THR F 122 -59.65 24.54 -67.04
CA THR F 122 -59.87 24.44 -68.51
C THR F 122 -58.90 25.33 -69.28
N PHE F 123 -58.73 26.56 -68.81
CA PHE F 123 -57.72 27.49 -69.37
C PHE F 123 -56.32 26.86 -69.33
N TYR F 124 -55.92 26.33 -68.18
CA TYR F 124 -54.60 25.71 -68.01
C TYR F 124 -54.43 24.41 -68.81
N GLY F 125 -55.52 23.65 -68.97
CA GLY F 125 -55.60 22.54 -69.92
C GLY F 125 -55.25 22.91 -71.36
N VAL F 126 -55.75 24.07 -71.80
CA VAL F 126 -55.41 24.65 -73.13
C VAL F 126 -53.93 25.03 -73.21
N GLN F 127 -53.37 25.57 -72.13
CA GLN F 127 -51.94 25.94 -72.09
C GLN F 127 -50.99 24.75 -72.20
N THR F 128 -51.38 23.62 -71.60
CA THR F 128 -50.67 22.36 -71.76
C THR F 128 -50.76 21.83 -73.19
N PHE F 129 -51.99 21.82 -73.73
CA PHE F 129 -52.26 21.47 -75.14
C PHE F 129 -51.40 22.28 -76.11
N LYS F 130 -51.36 23.60 -75.93
CA LYS F 130 -50.49 24.51 -76.70
C LYS F 130 -49.00 24.09 -76.72
N GLN F 131 -48.52 23.67 -75.55
CA GLN F 131 -47.13 23.18 -75.39
C GLN F 131 -46.90 21.78 -75.97
N LEU F 132 -47.92 20.90 -75.88
CA LEU F 132 -47.85 19.53 -76.43
C LEU F 132 -47.71 19.43 -77.96
N VAL F 133 -48.34 20.36 -78.70
CA VAL F 133 -48.34 20.35 -80.17
C VAL F 133 -47.06 20.97 -80.71
N LYS F 134 -46.35 20.21 -81.56
CA LYS F 134 -45.17 20.69 -82.30
C LYS F 134 -45.26 20.21 -83.76
N GLU F 135 -45.30 21.16 -84.70
CA GLU F 135 -45.48 20.89 -86.15
C GLU F 135 -46.71 20.00 -86.45
N SER F 136 -47.85 20.40 -85.87
CA SER F 136 -49.14 19.65 -85.91
C SER F 136 -49.09 18.23 -85.33
N GLU F 140 -50.07 10.21 -78.11
CA GLU F 140 -51.18 10.37 -77.19
C GLU F 140 -50.76 10.22 -75.72
N VAL F 141 -51.28 11.10 -74.86
CA VAL F 141 -50.96 11.13 -73.42
C VAL F 141 -52.23 11.18 -72.56
N ASN F 142 -52.13 10.65 -71.33
CA ASN F 142 -53.18 10.74 -70.30
C ASN F 142 -52.63 11.60 -69.15
N ILE F 143 -53.20 12.80 -68.97
CA ILE F 143 -52.77 13.78 -67.95
C ILE F 143 -53.91 14.05 -66.97
N THR F 144 -53.58 14.03 -65.67
CA THR F 144 -54.30 14.75 -64.62
C THR F 144 -53.29 15.64 -63.91
N ASP F 145 -53.68 16.89 -63.63
CA ASP F 145 -52.73 17.94 -63.25
C ASP F 145 -53.39 18.97 -62.35
N TYR F 146 -52.58 19.55 -61.47
CA TYR F 146 -53.03 20.56 -60.49
C TYR F 146 -51.82 21.20 -59.80
N PRO F 147 -51.98 22.42 -59.23
CA PRO F 147 -50.86 23.08 -58.56
C PRO F 147 -50.58 22.55 -57.15
N THR F 148 -49.32 22.66 -56.73
CA THR F 148 -48.89 22.42 -55.35
C THR F 148 -49.34 23.61 -54.49
N VAL F 149 -48.92 24.81 -54.91
CA VAL F 149 -49.18 26.08 -54.21
C VAL F 149 -50.36 26.80 -54.87
N SER F 150 -51.27 27.32 -54.04
CA SER F 150 -52.54 27.92 -54.49
C SER F 150 -52.38 29.23 -55.27
N ALA F 151 -51.50 30.11 -54.78
CA ALA F 151 -51.18 31.39 -55.42
C ALA F 151 -49.70 31.39 -55.85
N ARG F 152 -49.47 31.67 -57.13
CA ARG F 152 -48.17 31.54 -57.76
C ARG F 152 -47.97 32.74 -58.67
N GLY F 153 -46.85 33.45 -58.51
CA GLY F 153 -46.62 34.59 -59.39
C GLY F 153 -45.48 35.54 -59.15
N ILE F 154 -45.72 36.80 -59.50
CA ILE F 154 -44.74 37.88 -59.49
C ILE F 154 -45.25 39.00 -58.60
N VAL F 155 -44.30 39.66 -57.93
CA VAL F 155 -44.52 40.97 -57.28
C VAL F 155 -43.56 41.94 -57.94
N GLU F 156 -44.09 42.86 -58.76
CA GLU F 156 -43.29 43.98 -59.26
C GLU F 156 -43.10 44.92 -58.08
N GLY F 157 -42.07 44.66 -57.27
CA GLY F 157 -41.82 45.35 -56.00
C GLY F 157 -40.44 45.96 -55.82
N PHE F 158 -39.75 46.20 -56.93
CA PHE F 158 -38.33 46.60 -56.94
C PHE F 158 -38.19 48.12 -56.99
N TYR F 159 -36.98 48.60 -56.71
CA TYR F 159 -36.57 49.98 -56.95
C TYR F 159 -35.92 50.07 -58.32
N GLY F 160 -35.94 51.26 -58.90
CA GLY F 160 -35.53 51.53 -60.29
C GLY F 160 -36.71 51.77 -61.21
N THR F 161 -36.41 51.97 -62.50
CA THR F 161 -37.40 52.27 -63.54
C THR F 161 -38.46 51.17 -63.58
N PRO F 162 -39.73 51.50 -63.28
CA PRO F 162 -40.76 50.45 -63.34
C PRO F 162 -40.95 49.90 -64.75
N TRP F 163 -41.54 48.71 -64.81
CA TRP F 163 -41.87 48.10 -66.10
C TRP F 163 -42.79 49.00 -66.91
N THR F 164 -42.61 48.97 -68.23
CA THR F 164 -43.49 49.72 -69.12
C THR F 164 -44.85 49.03 -69.13
N HIS F 165 -45.85 49.78 -69.60
CA HIS F 165 -47.19 49.23 -69.80
C HIS F 165 -47.15 48.01 -70.76
N GLN F 166 -46.35 48.14 -71.83
CA GLN F 166 -46.16 47.07 -72.82
C GLN F 166 -45.42 45.85 -72.25
N ASP F 167 -44.42 46.10 -71.38
CA ASP F 167 -43.78 45.02 -70.59
C ASP F 167 -44.81 44.23 -69.78
N ARG F 168 -45.69 44.94 -69.08
CA ARG F 168 -46.68 44.31 -68.19
C ARG F 168 -47.73 43.47 -68.91
N LEU F 169 -48.24 43.98 -70.05
CA LEU F 169 -49.19 43.24 -70.89
C LEU F 169 -48.59 41.95 -71.47
N ASP F 170 -47.34 42.04 -71.90
CA ASP F 170 -46.56 40.88 -72.35
C ASP F 170 -46.32 39.86 -71.21
N GLN F 171 -45.89 40.37 -70.05
CA GLN F 171 -45.70 39.56 -68.84
C GLN F 171 -46.95 38.80 -68.42
N ILE F 172 -48.11 39.46 -68.44
CA ILE F 172 -49.40 38.83 -68.06
C ILE F 172 -49.78 37.63 -68.96
N LYS F 173 -49.63 37.80 -70.27
CA LYS F 173 -49.77 36.71 -71.26
C LYS F 173 -48.84 35.54 -70.92
N PHE F 174 -47.55 35.87 -70.74
CA PHE F 174 -46.51 34.93 -70.29
C PHE F 174 -46.85 34.16 -69.00
N TYR F 175 -47.45 34.85 -68.03
CA TYR F 175 -47.89 34.21 -66.76
C TYR F 175 -49.03 33.22 -66.97
N GLY F 176 -50.00 33.62 -67.80
CA GLY F 176 -51.09 32.73 -68.23
C GLY F 176 -50.60 31.47 -68.92
N GLU F 177 -49.69 31.64 -69.88
CA GLU F 177 -49.06 30.52 -70.61
C GLU F 177 -48.34 29.50 -69.73
N ASN F 178 -47.77 29.96 -68.62
CA ASN F 178 -47.04 29.10 -67.67
C ASN F 178 -47.76 28.86 -66.34
N LYS F 179 -49.09 29.01 -66.35
CA LYS F 179 -49.95 28.72 -65.18
C LYS F 179 -49.67 29.53 -63.90
N LEU F 180 -49.08 30.71 -64.05
CA LEU F 180 -48.86 31.65 -62.94
C LEU F 180 -50.14 32.51 -62.85
N ASN F 181 -50.68 32.62 -61.64
CA ASN F 181 -52.02 33.20 -61.41
C ASN F 181 -52.05 34.49 -60.58
N THR F 182 -50.88 35.08 -60.31
CA THR F 182 -50.77 36.24 -59.42
C THR F 182 -49.78 37.25 -59.99
N TYR F 183 -50.21 38.50 -60.09
CA TYR F 183 -49.34 39.63 -60.44
C TYR F 183 -49.65 40.76 -59.47
N ILE F 184 -48.65 41.11 -58.65
CA ILE F 184 -48.81 42.16 -57.64
C ILE F 184 -48.16 43.43 -58.16
N TYR F 185 -48.98 44.47 -58.33
CA TYR F 185 -48.52 45.78 -58.74
C TYR F 185 -48.06 46.53 -57.49
N ALA F 186 -46.74 46.73 -57.36
CA ALA F 186 -46.19 47.52 -56.25
C ALA F 186 -44.79 48.15 -56.52
N PRO F 187 -44.58 48.76 -57.70
CA PRO F 187 -43.24 49.31 -57.97
C PRO F 187 -42.91 50.48 -57.04
N LYS F 188 -41.73 50.41 -56.41
CA LYS F 188 -41.29 51.37 -55.39
C LYS F 188 -41.22 52.80 -55.90
N ASP F 189 -40.77 52.97 -57.15
CA ASP F 189 -40.60 54.30 -57.77
C ASP F 189 -41.81 54.84 -58.55
N ASP F 190 -42.95 54.12 -58.51
CA ASP F 190 -44.24 54.70 -58.92
C ASP F 190 -44.66 55.64 -57.78
N PRO F 191 -44.65 56.99 -58.02
CA PRO F 191 -45.06 57.92 -56.94
C PRO F 191 -46.45 57.67 -56.38
N TYR F 192 -47.40 57.30 -57.24
CA TYR F 192 -48.78 57.05 -56.82
C TYR F 192 -48.98 55.72 -56.08
N HIS F 193 -47.98 54.83 -56.11
CA HIS F 193 -47.95 53.64 -55.26
C HIS F 193 -47.48 53.93 -53.83
N ARG F 194 -46.52 54.83 -53.65
CA ARG F 194 -45.78 54.93 -52.39
C ARG F 194 -45.54 56.36 -51.93
N GLU F 195 -44.73 57.12 -52.67
CA GLU F 195 -44.31 58.48 -52.25
C GLU F 195 -45.52 59.41 -52.07
N LYS F 196 -46.39 59.38 -53.07
CA LYS F 196 -47.61 60.18 -53.17
C LYS F 196 -48.82 59.23 -53.23
N TRP F 197 -48.86 58.33 -52.27
CA TRP F 197 -49.85 57.24 -52.21
C TRP F 197 -51.32 57.68 -52.08
N ARG F 198 -51.56 58.81 -51.42
CA ARG F 198 -52.92 59.38 -51.30
C ARG F 198 -53.47 59.85 -52.67
N GLU F 199 -52.59 60.40 -53.51
CA GLU F 199 -52.98 61.04 -54.77
C GLU F 199 -53.54 60.05 -55.82
N PRO F 200 -54.56 60.48 -56.58
CA PRO F 200 -55.12 59.59 -57.60
C PRO F 200 -54.23 59.48 -58.82
N TYR F 201 -54.26 58.33 -59.47
CA TYR F 201 -53.57 58.13 -60.74
C TYR F 201 -54.17 59.04 -61.83
N PRO F 202 -53.33 59.57 -62.75
CA PRO F 202 -53.85 60.27 -63.93
C PRO F 202 -54.72 59.38 -64.81
N GLU F 203 -55.68 59.97 -65.52
CA GLU F 203 -56.63 59.23 -66.37
C GLU F 203 -55.90 58.29 -67.33
N SER F 204 -54.81 58.78 -67.91
CA SER F 204 -53.98 57.99 -68.85
C SER F 204 -53.46 56.72 -68.22
N GLU F 205 -52.98 56.88 -66.99
CA GLU F 205 -52.51 55.76 -66.18
C GLU F 205 -53.66 54.86 -65.71
N MET F 206 -54.81 55.44 -65.35
CA MET F 206 -56.01 54.65 -65.02
C MET F 206 -56.52 53.78 -66.18
N GLN F 207 -56.46 54.33 -67.41
CA GLN F 207 -56.83 53.59 -68.63
C GLN F 207 -55.88 52.40 -68.85
N ARG F 208 -54.58 52.62 -68.64
CA ARG F 208 -53.59 51.53 -68.66
C ARG F 208 -53.83 50.47 -67.60
N MET F 209 -54.17 50.89 -66.38
CA MET F 209 -54.58 49.96 -65.30
C MET F 209 -55.76 49.08 -65.69
N GLN F 210 -56.78 49.69 -66.33
CA GLN F 210 -57.95 48.95 -66.85
C GLN F 210 -57.53 47.87 -67.84
N GLU F 211 -56.60 48.22 -68.74
CA GLU F 211 -56.01 47.26 -69.70
C GLU F 211 -55.30 46.08 -69.03
N LEU F 212 -54.48 46.37 -68.02
CA LEU F 212 -53.81 45.34 -67.23
C LEU F 212 -54.79 44.43 -66.49
N ILE F 213 -55.87 45.02 -65.97
CA ILE F 213 -56.93 44.27 -65.28
C ILE F 213 -57.67 43.33 -66.25
N ASN F 214 -58.03 43.84 -67.42
CA ASN F 214 -58.69 43.06 -68.48
C ASN F 214 -57.81 41.91 -68.98
N ALA F 215 -56.54 42.22 -69.26
CA ALA F 215 -55.53 41.22 -69.63
C ALA F 215 -55.32 40.15 -68.53
N SER F 216 -55.33 40.58 -67.27
CA SER F 216 -55.17 39.65 -66.13
C SER F 216 -56.35 38.67 -65.99
N ALA F 217 -57.57 39.18 -66.10
CA ALA F 217 -58.79 38.35 -66.16
C ALA F 217 -58.82 37.38 -67.34
N GLU F 218 -58.48 37.88 -68.53
CA GLU F 218 -58.27 37.07 -69.76
C GLU F 218 -57.33 35.87 -69.60
N ASN F 219 -56.28 36.03 -68.80
CA ASN F 219 -55.24 35.00 -68.58
C ASN F 219 -55.30 34.30 -67.23
N LYS F 220 -56.44 34.38 -66.54
CA LYS F 220 -56.65 33.81 -65.19
C LYS F 220 -55.63 34.27 -64.12
N VAL F 221 -55.16 35.51 -64.26
CA VAL F 221 -54.24 36.13 -63.33
C VAL F 221 -55.10 37.00 -62.40
N ASP F 222 -54.86 36.87 -61.09
CA ASP F 222 -55.30 37.85 -60.11
C ASP F 222 -54.36 39.06 -60.16
N PHE F 223 -54.87 40.19 -60.68
CA PHE F 223 -54.21 41.49 -60.56
C PHE F 223 -54.36 41.93 -59.11
N VAL F 224 -53.25 42.02 -58.37
CA VAL F 224 -53.22 42.49 -56.98
C VAL F 224 -52.74 43.93 -57.00
N PHE F 225 -53.63 44.85 -56.62
CA PHE F 225 -53.27 46.27 -56.51
C PHE F 225 -52.60 46.50 -55.16
N GLY F 226 -51.33 46.90 -55.19
CA GLY F 226 -50.57 47.21 -53.99
C GLY F 226 -50.61 48.69 -53.65
N ILE F 227 -50.74 49.02 -52.37
CA ILE F 227 -50.49 50.38 -51.84
C ILE F 227 -49.43 50.27 -50.75
N SER F 228 -48.50 51.24 -50.71
CA SER F 228 -47.43 51.29 -49.71
C SER F 228 -47.45 52.65 -48.98
N PRO F 229 -48.33 52.79 -47.98
CA PRO F 229 -48.54 54.09 -47.32
C PRO F 229 -47.63 54.42 -46.14
N GLY F 230 -46.73 53.52 -45.77
CA GLY F 230 -46.01 53.59 -44.50
C GLY F 230 -45.02 54.71 -44.27
N ILE F 231 -44.59 55.42 -45.33
CA ILE F 231 -43.61 56.53 -45.19
C ILE F 231 -44.17 57.64 -44.29
N ASP F 232 -45.43 58.05 -44.55
CA ASP F 232 -46.05 59.18 -43.85
C ASP F 232 -47.53 59.04 -43.49
N ILE F 233 -48.06 57.81 -43.48
CA ILE F 233 -49.43 57.58 -43.02
C ILE F 233 -49.56 57.96 -41.54
N ARG F 234 -50.68 58.59 -41.20
CA ARG F 234 -51.03 58.95 -39.81
C ARG F 234 -52.12 57.97 -39.33
N PHE F 235 -52.05 57.61 -38.05
CA PHE F 235 -52.90 56.56 -37.43
C PHE F 235 -53.97 57.02 -36.45
N ASP F 236 -53.73 58.11 -35.72
CA ASP F 236 -54.60 58.58 -34.62
C ASP F 236 -55.40 59.83 -34.97
N GLY F 237 -56.57 59.95 -34.36
CA GLY F 237 -57.40 61.16 -34.46
C GLY F 237 -57.98 61.40 -35.82
N ASP F 238 -58.22 62.67 -36.13
CA ASP F 238 -58.83 63.09 -37.41
C ASP F 238 -57.92 62.85 -38.60
N ALA F 239 -56.62 63.06 -38.42
CA ALA F 239 -55.60 62.73 -39.42
C ALA F 239 -55.59 61.22 -39.75
N GLY F 240 -55.73 60.39 -38.72
CA GLY F 240 -55.90 58.94 -38.87
C GLY F 240 -57.11 58.48 -39.64
N GLU F 241 -58.25 59.17 -39.43
CA GLU F 241 -59.47 58.94 -40.21
C GLU F 241 -59.32 59.39 -41.67
N GLU F 242 -58.76 60.59 -41.86
CA GLU F 242 -58.52 61.16 -43.21
C GLU F 242 -57.67 60.21 -44.06
N ASP F 243 -56.53 59.80 -43.49
CA ASP F 243 -55.60 58.87 -44.17
C ASP F 243 -56.17 57.49 -44.42
N PHE F 244 -56.91 56.95 -43.46
CA PHE F 244 -57.59 55.69 -43.70
C PHE F 244 -58.60 55.78 -44.86
N ASN F 245 -59.36 56.87 -44.89
CA ASN F 245 -60.31 57.11 -46.00
C ASN F 245 -59.62 57.29 -47.34
N HIS F 246 -58.41 57.87 -47.35
CA HIS F 246 -57.57 57.93 -48.55
C HIS F 246 -57.18 56.54 -49.09
N LEU F 247 -56.89 55.60 -48.19
CA LEU F 247 -56.62 54.19 -48.60
C LEU F 247 -57.84 53.54 -49.24
N ILE F 248 -58.99 53.72 -48.59
CA ILE F 248 -60.27 53.20 -49.08
C ILE F 248 -60.57 53.78 -50.47
N THR F 249 -60.46 55.10 -50.59
CA THR F 249 -60.72 55.82 -51.84
C THR F 249 -59.85 55.31 -52.99
N LYS F 250 -58.56 55.22 -52.72
CA LYS F 250 -57.57 54.71 -53.69
C LYS F 250 -57.84 53.27 -54.11
N ALA F 251 -58.10 52.41 -53.13
CA ALA F 251 -58.50 51.02 -53.39
C ALA F 251 -59.81 50.91 -54.17
N GLU F 252 -60.79 51.74 -53.77
CA GLU F 252 -62.09 51.82 -54.44
C GLU F 252 -61.93 52.16 -55.92
N SER F 253 -61.06 53.12 -56.24
CA SER F 253 -60.80 53.54 -57.63
C SER F 253 -60.39 52.39 -58.56
N LEU F 254 -59.65 51.43 -58.02
CA LEU F 254 -59.26 50.23 -58.77
C LEU F 254 -60.24 49.09 -58.67
N TYR F 255 -60.90 48.93 -57.52
CA TYR F 255 -62.07 48.05 -57.42
C TYR F 255 -63.12 48.34 -58.51
N ASP F 256 -63.38 49.62 -58.78
CA ASP F 256 -64.40 50.04 -59.76
C ASP F 256 -64.05 49.74 -61.23
N MET F 257 -62.76 49.52 -61.51
CA MET F 257 -62.28 48.98 -62.78
C MET F 257 -62.11 47.44 -62.85
N GLY F 258 -62.44 46.73 -61.76
CA GLY F 258 -62.45 45.26 -61.72
C GLY F 258 -61.45 44.55 -60.81
N VAL F 259 -60.62 45.30 -60.07
CA VAL F 259 -59.62 44.69 -59.17
C VAL F 259 -60.33 44.02 -57.99
N ARG F 260 -59.99 42.76 -57.74
CA ARG F 260 -60.54 41.99 -56.61
C ARG F 260 -59.50 41.38 -55.66
N SER F 261 -58.24 41.83 -55.78
CA SER F 261 -57.16 41.46 -54.85
C SER F 261 -56.33 42.70 -54.55
N PHE F 262 -55.97 42.88 -53.28
CA PHE F 262 -55.34 44.09 -52.78
C PHE F 262 -54.22 43.77 -51.81
N ALA F 263 -53.18 44.60 -51.82
CA ALA F 263 -52.05 44.48 -50.89
C ALA F 263 -51.72 45.83 -50.27
N ILE F 264 -51.49 45.83 -48.96
CA ILE F 264 -51.05 47.02 -48.21
C ILE F 264 -49.73 46.62 -47.55
N TYR F 265 -48.64 47.23 -48.00
CA TYR F 265 -47.27 46.85 -47.59
C TYR F 265 -46.65 47.86 -46.63
N TRP F 266 -45.87 47.33 -45.69
CA TRP F 266 -45.16 48.11 -44.66
C TRP F 266 -43.64 47.93 -44.70
N ASP F 267 -43.09 47.51 -45.85
CA ASP F 267 -41.66 47.19 -45.98
C ASP F 267 -40.83 48.43 -46.26
N ASN F 268 -39.62 48.47 -45.68
CA ASN F 268 -38.59 49.52 -45.95
C ASN F 268 -39.01 50.94 -45.53
N ILE F 269 -39.60 51.04 -44.34
CA ILE F 269 -40.06 52.33 -43.75
C ILE F 269 -39.44 52.56 -42.37
N GLN F 270 -39.33 53.83 -41.99
CA GLN F 270 -38.84 54.22 -40.66
C GLN F 270 -39.78 53.77 -39.54
N ASP F 271 -41.09 53.97 -39.72
CA ASP F 271 -42.08 53.70 -38.68
C ASP F 271 -42.28 52.21 -38.42
N LYS F 272 -42.19 51.81 -37.16
CA LYS F 272 -42.39 50.43 -36.72
C LYS F 272 -43.48 50.37 -35.63
N SER F 273 -44.63 50.98 -35.94
CA SER F 273 -45.80 50.99 -35.04
C SER F 273 -46.65 49.74 -35.31
N ALA F 274 -46.18 48.62 -34.77
CA ALA F 274 -46.69 47.27 -35.08
C ALA F 274 -48.20 47.10 -34.96
N ALA F 275 -48.73 47.50 -33.81
CA ALA F 275 -50.18 47.47 -33.53
C ALA F 275 -50.98 48.32 -34.52
N LYS F 276 -50.46 49.52 -34.79
CA LYS F 276 -51.10 50.46 -35.70
C LYS F 276 -51.09 49.97 -37.16
N HIS F 277 -49.98 49.36 -37.61
CA HIS F 277 -49.91 48.73 -38.95
C HIS F 277 -50.96 47.65 -39.12
N ALA F 278 -51.01 46.75 -38.14
CA ALA F 278 -52.00 45.66 -38.10
C ALA F 278 -53.44 46.16 -38.00
N GLN F 279 -53.66 47.22 -37.23
CA GLN F 279 -55.00 47.82 -37.07
C GLN F 279 -55.54 48.46 -38.36
N VAL F 280 -54.66 49.13 -39.11
CA VAL F 280 -54.98 49.62 -40.47
C VAL F 280 -55.41 48.45 -41.37
N LEU F 281 -54.65 47.35 -41.32
CA LEU F 281 -54.97 46.15 -42.12
C LEU F 281 -56.29 45.50 -41.71
N ASN F 282 -56.49 45.36 -40.40
CA ASN F 282 -57.73 44.77 -39.86
C ASN F 282 -58.98 45.59 -40.21
N ARG F 283 -58.84 46.91 -40.14
CA ARG F 283 -59.93 47.83 -40.48
C ARG F 283 -60.25 47.80 -41.97
N PHE F 284 -59.21 47.78 -42.80
CA PHE F 284 -59.35 47.58 -44.26
C PHE F 284 -59.97 46.22 -44.59
N ASN F 285 -59.54 45.18 -43.87
CA ASN F 285 -60.12 43.84 -43.98
C ASN F 285 -61.61 43.82 -43.63
N GLU F 286 -62.00 44.56 -42.58
CA GLU F 286 -63.40 44.67 -42.15
C GLU F 286 -64.22 45.56 -43.10
N GLU F 287 -63.82 46.82 -43.25
CA GLU F 287 -64.61 47.83 -43.95
C GLU F 287 -64.56 47.79 -45.48
N PHE F 288 -63.59 47.08 -46.05
CA PHE F 288 -63.43 46.97 -47.50
C PHE F 288 -63.53 45.53 -48.00
N VAL F 289 -62.62 44.65 -47.55
CA VAL F 289 -62.54 43.27 -48.07
C VAL F 289 -63.84 42.48 -47.77
N LYS F 290 -64.18 42.37 -46.49
CA LYS F 290 -65.42 41.72 -46.07
C LYS F 290 -66.68 42.44 -46.58
N ALA F 291 -66.65 43.78 -46.54
CA ALA F 291 -67.75 44.64 -47.03
C ALA F 291 -68.13 44.38 -48.49
N LYS F 292 -67.14 44.37 -49.37
CA LYS F 292 -67.35 44.09 -50.80
C LYS F 292 -67.82 42.66 -51.08
N GLY F 293 -67.31 41.68 -50.33
CA GLY F 293 -67.78 40.29 -50.38
C GLY F 293 -67.20 39.40 -51.47
N ASP F 294 -66.70 39.97 -52.57
CA ASP F 294 -66.07 39.24 -53.69
C ASP F 294 -64.57 39.56 -53.83
N VAL F 295 -63.95 40.01 -52.74
CA VAL F 295 -62.54 40.41 -52.71
C VAL F 295 -61.76 39.26 -52.06
N LYS F 296 -60.62 38.92 -52.65
CA LYS F 296 -59.73 37.86 -52.15
C LYS F 296 -59.02 38.33 -50.88
N PRO F 297 -58.45 37.38 -50.09
CA PRO F 297 -57.80 37.78 -48.83
C PRO F 297 -56.74 38.88 -48.99
N LEU F 298 -56.76 39.83 -48.05
CA LEU F 298 -55.85 40.96 -48.04
C LEU F 298 -54.43 40.45 -47.86
N ILE F 299 -53.51 41.05 -48.60
CA ILE F 299 -52.09 40.69 -48.58
C ILE F 299 -51.34 41.81 -47.87
N THR F 300 -50.33 41.43 -47.09
CA THR F 300 -49.43 42.41 -46.46
C THR F 300 -48.00 41.90 -46.37
N CYS F 301 -47.14 42.81 -45.97
CA CYS F 301 -45.76 42.51 -45.65
C CYS F 301 -45.38 43.40 -44.47
N PRO F 302 -44.94 42.81 -43.32
CA PRO F 302 -44.57 43.66 -42.18
C PRO F 302 -43.23 44.36 -42.40
N THR F 303 -42.96 45.38 -41.59
CA THR F 303 -41.66 46.10 -41.62
C THR F 303 -40.47 45.19 -41.27
N GLU F 304 -40.70 44.23 -40.35
CA GLU F 304 -39.81 43.11 -40.11
C GLU F 304 -40.33 41.96 -40.97
N TYR F 305 -39.66 41.73 -42.10
CA TYR F 305 -40.06 40.72 -43.10
C TYR F 305 -39.02 39.63 -43.48
N ASP F 306 -37.81 39.71 -42.95
CA ASP F 306 -36.83 38.60 -43.01
C ASP F 306 -36.54 38.08 -41.60
N THR F 307 -36.18 36.79 -41.50
CA THR F 307 -35.99 36.12 -40.20
C THR F 307 -34.97 36.80 -39.29
N GLY F 308 -33.88 37.29 -39.87
CA GLY F 308 -32.90 38.12 -39.14
C GLY F 308 -33.51 39.35 -38.46
N ALA F 309 -34.41 40.02 -39.18
CA ALA F 309 -35.15 41.18 -38.69
C ALA F 309 -36.33 40.83 -37.76
N MET F 310 -36.93 39.65 -37.97
CA MET F 310 -38.13 39.21 -37.24
C MET F 310 -37.86 38.47 -35.93
N VAL F 311 -36.79 37.67 -35.92
CA VAL F 311 -36.49 36.73 -34.83
C VAL F 311 -35.16 37.09 -34.18
N SER F 312 -35.11 36.94 -32.86
CA SER F 312 -33.89 37.06 -32.08
C SER F 312 -33.90 35.99 -30.99
N ASN F 313 -32.85 35.15 -30.98
CA ASN F 313 -32.66 34.06 -30.01
C ASN F 313 -33.79 33.00 -30.07
N GLY F 314 -34.25 32.69 -31.29
CA GLY F 314 -35.39 31.79 -31.50
C GLY F 314 -36.80 32.29 -31.15
N GLN F 315 -36.92 33.55 -30.73
CA GLN F 315 -38.20 34.17 -30.33
C GLN F 315 -38.47 35.40 -31.21
N PRO F 316 -39.77 35.71 -31.49
CA PRO F 316 -40.06 36.90 -32.29
C PRO F 316 -39.68 38.19 -31.57
N ARG F 317 -39.15 39.15 -32.33
CA ARG F 317 -38.86 40.48 -31.80
C ARG F 317 -40.16 41.24 -31.55
N ALA F 318 -40.04 42.35 -30.83
CA ALA F 318 -41.19 43.12 -30.31
C ALA F 318 -42.24 43.47 -31.39
N TYR F 319 -41.77 44.06 -32.49
CA TYR F 319 -42.64 44.42 -33.62
C TYR F 319 -43.36 43.19 -34.19
N THR F 320 -42.60 42.14 -34.52
CA THR F 320 -43.14 40.89 -35.10
C THR F 320 -44.15 40.20 -34.17
N ARG F 321 -43.86 40.17 -32.87
CA ARG F 321 -44.77 39.59 -31.86
C ARG F 321 -46.11 40.33 -31.83
N ILE F 322 -46.04 41.65 -31.76
CA ILE F 322 -47.23 42.51 -31.70
C ILE F 322 -48.03 42.43 -33.01
N PHE F 323 -47.34 42.48 -34.14
CA PHE F 323 -47.97 42.35 -35.47
C PHE F 323 -48.72 41.02 -35.62
N ALA F 324 -48.03 39.92 -35.28
CA ALA F 324 -48.58 38.55 -35.34
C ALA F 324 -49.79 38.33 -34.44
N GLU F 325 -49.73 38.84 -33.21
CA GLU F 325 -50.85 38.73 -32.26
C GLU F 325 -52.05 39.63 -32.65
N THR F 326 -51.80 40.75 -33.33
CA THR F 326 -52.84 41.72 -33.73
C THR F 326 -53.52 41.38 -35.06
N VAL F 327 -52.72 41.07 -36.08
CA VAL F 327 -53.23 40.96 -37.47
C VAL F 327 -54.25 39.83 -37.62
N ASP F 328 -55.32 40.08 -38.37
CA ASP F 328 -56.42 39.12 -38.58
C ASP F 328 -55.91 37.81 -39.24
N PRO F 329 -56.41 36.63 -38.79
CA PRO F 329 -56.01 35.32 -39.35
C PRO F 329 -56.15 35.14 -40.88
N SER F 330 -57.17 35.75 -41.47
CA SER F 330 -57.42 35.65 -42.92
C SER F 330 -56.41 36.39 -43.81
N ILE F 331 -55.69 37.37 -43.24
CA ILE F 331 -54.71 38.18 -43.97
C ILE F 331 -53.47 37.33 -44.34
N GLU F 332 -53.04 37.43 -45.61
CA GLU F 332 -51.82 36.80 -46.10
C GLU F 332 -50.65 37.68 -45.70
N VAL F 333 -49.69 37.12 -44.96
CA VAL F 333 -48.49 37.84 -44.52
C VAL F 333 -47.32 37.33 -45.35
N MET F 334 -46.58 38.25 -45.96
CA MET F 334 -45.39 37.95 -46.76
C MET F 334 -44.12 38.04 -45.92
N TRP F 335 -43.17 37.16 -46.21
CA TRP F 335 -41.79 37.29 -45.69
C TRP F 335 -40.83 36.80 -46.77
N THR F 336 -39.56 37.22 -46.69
CA THR F 336 -38.55 37.00 -47.76
C THR F 336 -37.55 35.83 -47.53
N GLY F 337 -37.75 35.05 -46.47
CA GLY F 337 -36.78 34.05 -46.00
C GLY F 337 -35.88 34.51 -44.85
N PRO F 338 -34.77 33.78 -44.59
CA PRO F 338 -33.75 34.11 -43.56
C PRO F 338 -33.13 35.52 -43.63
N GLY F 339 -33.06 36.09 -44.83
CA GLY F 339 -32.65 37.48 -45.04
C GLY F 339 -33.42 38.09 -46.22
N VAL F 340 -33.07 39.33 -46.55
CA VAL F 340 -33.73 40.07 -47.62
C VAL F 340 -33.38 39.39 -48.96
N VAL F 341 -32.08 39.22 -49.19
CA VAL F 341 -31.54 38.45 -50.31
C VAL F 341 -30.62 37.37 -49.73
N THR F 342 -31.10 36.12 -49.71
CA THR F 342 -30.36 34.97 -49.16
C THR F 342 -30.33 33.76 -50.08
N ASN F 343 -29.39 32.86 -49.77
CA ASN F 343 -29.16 31.63 -50.52
C ASN F 343 -30.36 30.70 -50.52
N GLU F 344 -30.98 30.53 -49.35
CA GLU F 344 -31.98 29.47 -49.13
C GLU F 344 -33.15 29.90 -48.28
N ILE F 345 -34.27 29.21 -48.46
CA ILE F 345 -35.30 29.10 -47.43
C ILE F 345 -35.36 27.60 -47.08
N PRO F 346 -34.64 27.18 -46.02
CA PRO F 346 -34.85 25.81 -45.52
C PRO F 346 -36.19 25.66 -44.83
N LEU F 347 -36.66 24.41 -44.74
CA LEU F 347 -37.98 24.11 -44.15
C LEU F 347 -38.13 24.59 -42.70
N SER F 348 -37.04 24.53 -41.93
CA SER F 348 -37.00 25.04 -40.55
C SER F 348 -37.33 26.54 -40.43
N ASP F 349 -36.90 27.33 -41.42
CA ASP F 349 -37.19 28.78 -41.46
C ASP F 349 -38.68 29.03 -41.65
N ALA F 350 -39.26 28.36 -42.66
CA ALA F 350 -40.70 28.40 -42.92
C ALA F 350 -41.52 27.94 -41.72
N GLN F 351 -41.07 26.86 -41.08
CA GLN F 351 -41.68 26.36 -39.83
C GLN F 351 -41.69 27.41 -38.71
N LEU F 352 -40.52 28.02 -38.49
CA LEU F 352 -40.33 29.06 -37.48
C LEU F 352 -41.29 30.24 -37.67
N ILE F 353 -41.31 30.78 -38.88
CA ILE F 353 -42.09 31.99 -39.20
C ILE F 353 -43.61 31.68 -39.27
N SER F 354 -43.97 30.57 -39.92
CA SER F 354 -45.36 30.06 -39.92
C SER F 354 -45.91 29.83 -38.52
N GLY F 355 -45.09 29.27 -37.62
CA GLY F 355 -45.45 29.07 -36.22
C GLY F 355 -45.66 30.35 -35.42
N ILE F 356 -44.79 31.36 -35.64
CA ILE F 356 -44.93 32.71 -35.04
C ILE F 356 -46.24 33.39 -35.45
N TYR F 357 -46.56 33.33 -36.74
CA TYR F 357 -47.81 33.89 -37.30
C TYR F 357 -49.04 32.98 -37.21
N ASP F 358 -48.83 31.70 -36.87
CA ASP F 358 -49.89 30.71 -36.69
C ASP F 358 -50.76 30.54 -37.96
N ARG F 359 -50.07 30.50 -39.10
CA ARG F 359 -50.73 30.43 -40.41
C ARG F 359 -49.75 30.01 -41.50
N ASN F 360 -50.28 29.54 -42.63
CA ASN F 360 -49.47 29.33 -43.82
C ASN F 360 -49.05 30.69 -44.37
N MET F 361 -47.75 30.83 -44.65
CA MET F 361 -47.13 32.10 -45.03
C MET F 361 -47.15 32.34 -46.55
N ALA F 362 -46.87 33.59 -46.91
CA ALA F 362 -46.63 34.01 -48.28
C ALA F 362 -45.16 34.37 -48.46
N VAL F 363 -44.58 34.04 -49.63
CA VAL F 363 -43.16 34.29 -49.91
C VAL F 363 -43.02 35.44 -50.91
N TRP F 364 -42.18 36.41 -50.55
CA TRP F 364 -41.68 37.46 -51.42
C TRP F 364 -40.22 37.05 -51.66
N TRP F 365 -39.95 36.34 -52.74
CA TRP F 365 -38.60 35.83 -53.01
C TRP F 365 -37.81 36.83 -53.83
N ASN F 366 -36.73 37.37 -53.28
CA ASN F 366 -35.91 38.40 -53.96
C ASN F 366 -34.84 37.84 -54.88
N TYR F 367 -35.34 37.18 -55.92
CA TYR F 367 -34.56 36.67 -57.03
C TYR F 367 -35.59 36.45 -58.15
N PRO F 368 -35.40 36.97 -59.37
CA PRO F 368 -34.14 37.50 -59.91
C PRO F 368 -33.86 38.98 -59.72
N VAL F 369 -34.59 39.71 -58.86
CA VAL F 369 -34.37 41.17 -58.69
C VAL F 369 -32.89 41.55 -58.51
N THR F 370 -32.48 42.64 -59.18
CA THR F 370 -31.10 43.11 -59.19
C THR F 370 -30.92 44.58 -58.81
N ASP F 371 -31.93 45.22 -58.21
CA ASP F 371 -31.87 46.67 -57.88
C ASP F 371 -30.72 47.09 -56.93
N TYR F 372 -30.35 46.15 -56.05
CA TYR F 372 -29.14 46.24 -55.18
C TYR F 372 -27.77 46.07 -55.86
N PHE F 373 -27.75 45.52 -57.09
CA PHE F 373 -26.50 45.17 -57.80
C PHE F 373 -26.80 45.13 -59.32
N LYS F 374 -27.13 46.30 -59.85
CA LYS F 374 -27.73 46.44 -61.20
C LYS F 374 -26.85 46.02 -62.38
N GLY F 375 -25.53 46.07 -62.19
CA GLY F 375 -24.54 45.62 -63.17
C GLY F 375 -24.73 44.20 -63.67
N LYS F 376 -25.20 43.30 -62.81
CA LYS F 376 -25.41 41.88 -63.17
C LYS F 376 -26.87 41.55 -63.43
N LEU F 377 -27.10 40.66 -64.39
CA LEU F 377 -28.40 40.09 -64.69
C LEU F 377 -28.54 38.76 -63.95
N ALA F 378 -29.67 38.53 -63.30
CA ALA F 378 -29.95 37.26 -62.62
C ALA F 378 -30.76 36.36 -63.56
N LEU F 379 -30.04 35.46 -64.24
CA LEU F 379 -30.61 34.59 -65.28
C LEU F 379 -30.68 33.10 -64.86
N GLY F 380 -30.69 32.85 -63.55
CA GLY F 380 -30.66 31.49 -63.02
C GLY F 380 -32.03 31.00 -62.61
N PRO F 381 -32.13 29.72 -62.24
CA PRO F 381 -33.40 29.16 -61.80
C PRO F 381 -33.68 29.51 -60.35
N MET F 382 -34.87 29.14 -59.89
CA MET F 382 -35.17 29.10 -58.45
C MET F 382 -34.20 28.10 -57.82
N HIS F 383 -33.49 28.57 -56.79
CA HIS F 383 -32.41 27.83 -56.16
C HIS F 383 -32.41 28.10 -54.65
N GLY F 384 -32.28 27.03 -53.87
CA GLY F 384 -32.23 27.10 -52.41
C GLY F 384 -33.57 27.02 -51.68
N LEU F 385 -34.67 26.98 -52.44
CA LEU F 385 -36.00 26.92 -51.86
C LEU F 385 -36.36 25.47 -51.62
N ASP F 386 -36.64 25.14 -50.35
CA ASP F 386 -36.92 23.78 -49.92
C ASP F 386 -38.12 23.21 -50.69
N LYS F 387 -38.01 21.96 -51.12
CA LYS F 387 -39.08 21.31 -51.90
C LYS F 387 -40.28 20.83 -51.06
N GLY F 388 -40.16 20.88 -49.72
CA GLY F 388 -41.30 20.74 -48.80
C GLY F 388 -41.90 22.03 -48.26
N LEU F 389 -41.61 23.17 -48.89
CA LEU F 389 -42.02 24.51 -48.40
C LEU F 389 -43.54 24.71 -48.41
N ASN F 390 -44.23 24.04 -49.35
CA ASN F 390 -45.70 24.00 -49.43
C ASN F 390 -46.45 23.55 -48.14
N GLN F 391 -45.75 22.83 -47.27
CA GLN F 391 -46.23 22.50 -45.93
C GLN F 391 -46.59 23.74 -45.08
N TYR F 392 -45.77 24.79 -45.19
CA TYR F 392 -45.97 26.06 -44.44
C TYR F 392 -46.26 27.30 -45.31
N VAL F 393 -46.34 27.14 -46.65
CA VAL F 393 -46.48 28.24 -47.60
C VAL F 393 -47.63 27.93 -48.57
N ASP F 394 -48.57 28.87 -48.71
CA ASP F 394 -49.73 28.75 -49.65
C ASP F 394 -49.75 29.81 -50.77
N PHE F 395 -48.67 30.59 -50.86
CA PHE F 395 -48.61 31.81 -51.68
C PHE F 395 -47.12 32.01 -51.97
N PHE F 396 -46.72 31.89 -53.24
CA PHE F 396 -45.32 32.06 -53.63
C PHE F 396 -45.19 33.08 -54.75
N THR F 397 -44.38 34.11 -54.53
CA THR F 397 -44.06 35.12 -55.56
C THR F 397 -42.58 35.43 -55.61
N VAL F 398 -42.15 35.90 -56.77
CA VAL F 398 -40.78 36.36 -57.01
C VAL F 398 -40.77 37.85 -57.33
N ASN F 399 -39.75 38.55 -56.84
CA ASN F 399 -39.49 39.93 -57.18
C ASN F 399 -38.53 39.88 -58.37
N PRO F 400 -38.95 40.39 -59.55
CA PRO F 400 -38.11 40.27 -60.74
C PRO F 400 -37.18 41.44 -60.90
N MET F 401 -36.40 41.41 -61.98
CA MET F 401 -35.57 42.54 -62.37
C MET F 401 -36.43 43.63 -63.00
N GLU F 402 -35.89 44.86 -63.01
CA GLU F 402 -36.40 45.94 -63.85
C GLU F 402 -36.39 45.61 -65.35
N HIS F 403 -35.52 44.68 -65.73
CA HIS F 403 -35.43 44.08 -67.05
C HIS F 403 -36.49 42.95 -67.17
N ALA F 404 -37.62 43.28 -67.78
CA ALA F 404 -38.80 42.38 -67.81
C ALA F 404 -38.62 41.13 -68.67
N GLU F 405 -38.04 41.31 -69.86
CA GLU F 405 -37.85 40.22 -70.84
C GLU F 405 -36.94 39.10 -70.31
N LEU F 406 -35.76 39.48 -69.82
CA LEU F 406 -34.78 38.52 -69.28
C LEU F 406 -35.14 37.92 -67.91
N SER F 407 -36.00 38.59 -67.15
CA SER F 407 -36.61 38.01 -65.94
C SER F 407 -37.46 36.76 -66.20
N LYS F 408 -37.97 36.61 -67.43
CA LYS F 408 -38.73 35.41 -67.86
C LYS F 408 -38.03 34.07 -67.61
N ILE F 409 -36.70 34.03 -67.75
CA ILE F 409 -35.92 32.80 -67.54
C ILE F 409 -36.14 32.27 -66.12
N SER F 410 -35.83 33.10 -65.13
CA SER F 410 -36.03 32.74 -63.73
C SER F 410 -37.51 32.53 -63.36
N ILE F 411 -38.39 33.38 -63.89
CA ILE F 411 -39.86 33.27 -63.69
C ILE F 411 -40.44 31.94 -64.20
N HIS F 412 -40.00 31.54 -65.38
CA HIS F 412 -40.32 30.24 -66.00
C HIS F 412 -40.11 29.07 -65.01
N THR F 413 -38.95 29.09 -64.32
CA THR F 413 -38.61 28.06 -63.34
C THR F 413 -39.46 28.16 -62.06
N ALA F 414 -39.78 29.40 -61.67
CA ALA F 414 -40.69 29.65 -60.53
C ALA F 414 -42.11 29.11 -60.76
N ALA F 415 -42.57 29.15 -62.00
CA ALA F 415 -43.82 28.48 -62.37
C ALA F 415 -43.75 26.96 -62.17
N ASP F 416 -42.63 26.34 -62.57
CA ASP F 416 -42.41 24.89 -62.34
C ASP F 416 -42.33 24.56 -60.86
N TYR F 417 -41.49 25.30 -60.14
CA TYR F 417 -41.31 25.12 -58.69
C TYR F 417 -42.62 25.24 -57.91
N SER F 418 -43.37 26.30 -58.17
CA SER F 418 -44.61 26.60 -57.44
C SER F 418 -45.77 25.66 -57.80
N TRP F 419 -45.84 25.27 -59.08
CA TRP F 419 -46.91 24.36 -59.57
C TRP F 419 -46.59 22.90 -59.19
N ASN F 420 -45.37 22.43 -59.49
CA ASN F 420 -44.93 21.04 -59.20
C ASN F 420 -43.65 21.09 -58.37
N MET F 421 -43.83 21.25 -57.05
CA MET F 421 -42.71 21.44 -56.11
C MET F 421 -41.91 20.17 -55.85
N ASP F 422 -42.60 19.05 -55.66
CA ASP F 422 -41.96 17.75 -55.38
C ASP F 422 -40.99 17.25 -56.45
N ASN F 423 -41.31 17.50 -57.73
CA ASN F 423 -40.46 17.10 -58.87
C ASN F 423 -39.57 18.22 -59.44
N TYR F 424 -39.47 19.35 -58.73
CA TYR F 424 -38.67 20.49 -59.19
C TYR F 424 -37.17 20.13 -59.22
N ASP F 425 -36.57 20.22 -60.41
CA ASP F 425 -35.13 20.05 -60.61
C ASP F 425 -34.65 21.36 -61.23
N TYR F 426 -33.89 22.14 -60.47
CA TYR F 426 -33.44 23.48 -60.89
C TYR F 426 -32.64 23.49 -62.20
N ASP F 427 -31.78 22.49 -62.40
CA ASP F 427 -30.94 22.39 -63.60
C ASP F 427 -31.76 22.09 -64.84
N LYS F 428 -32.62 21.07 -64.75
CA LYS F 428 -33.54 20.70 -65.84
C LYS F 428 -34.54 21.82 -66.17
N ALA F 429 -35.14 22.41 -65.13
CA ALA F 429 -36.04 23.58 -65.26
C ALA F 429 -35.38 24.79 -65.92
N TRP F 430 -34.14 25.09 -65.53
CA TRP F 430 -33.34 26.18 -66.13
C TRP F 430 -33.09 25.98 -67.63
N ASN F 431 -32.62 24.78 -67.98
CA ASN F 431 -32.43 24.37 -69.40
C ASN F 431 -33.72 24.42 -70.19
N ARG F 432 -34.77 23.83 -69.62
CA ARG F 432 -36.13 23.86 -70.17
C ARG F 432 -36.66 25.30 -70.41
N ALA F 433 -36.36 26.21 -69.47
CA ALA F 433 -36.75 27.64 -69.60
C ALA F 433 -36.12 28.33 -70.80
N ILE F 434 -34.80 28.18 -70.96
CA ILE F 434 -34.08 28.78 -72.08
C ILE F 434 -34.49 28.13 -73.42
N ASP F 435 -34.65 26.80 -73.44
CA ASP F 435 -35.11 26.07 -74.65
C ASP F 435 -36.45 26.59 -75.16
N MET F 436 -37.42 26.64 -74.24
CA MET F 436 -38.79 27.09 -74.55
C MET F 436 -38.90 28.57 -74.92
N LEU F 437 -38.05 29.42 -74.35
CA LEU F 437 -38.08 30.87 -74.59
C LEU F 437 -37.29 31.33 -75.81
N TYR F 438 -36.09 30.76 -76.03
CA TYR F 438 -35.14 31.27 -77.04
C TYR F 438 -35.08 30.51 -78.37
N GLY F 439 -35.67 29.31 -78.45
CA GLY F 439 -35.82 28.56 -79.71
C GLY F 439 -34.52 28.16 -80.40
N ASP F 440 -34.25 28.78 -81.55
CA ASP F 440 -33.00 28.56 -82.31
C ASP F 440 -31.75 29.11 -81.62
N LEU F 441 -31.90 30.21 -80.87
CA LEU F 441 -30.80 30.79 -80.08
C LEU F 441 -30.62 30.20 -78.66
N ALA F 442 -31.37 29.15 -78.32
CA ALA F 442 -31.35 28.53 -76.98
C ALA F 442 -29.98 28.06 -76.51
N GLU F 443 -29.25 27.35 -77.37
CA GLU F 443 -27.92 26.81 -77.03
C GLU F 443 -26.87 27.90 -76.81
N ASP F 444 -26.91 28.97 -77.62
CA ASP F 444 -26.05 30.14 -77.41
C ASP F 444 -26.44 30.94 -76.17
N MET F 445 -27.75 31.09 -75.93
CA MET F 445 -28.24 31.77 -74.72
C MET F 445 -27.91 31.02 -73.43
N LYS F 446 -27.95 29.69 -73.47
CA LYS F 446 -27.44 28.83 -72.39
C LYS F 446 -25.99 29.10 -72.04
N VAL F 447 -25.14 29.23 -73.05
CA VAL F 447 -23.70 29.53 -72.84
C VAL F 447 -23.53 30.87 -72.09
N PHE F 448 -24.26 31.89 -72.54
CA PHE F 448 -24.22 33.22 -71.90
C PHE F 448 -24.82 33.24 -70.49
N ALA F 449 -26.05 32.74 -70.37
CA ALA F 449 -26.82 32.78 -69.13
C ALA F 449 -26.24 31.91 -68.01
N ASN F 450 -25.56 30.83 -68.38
CA ASN F 450 -24.83 29.96 -67.43
C ASN F 450 -23.78 30.72 -66.59
N HIS F 451 -23.20 31.77 -67.17
CA HIS F 451 -22.28 32.69 -66.47
C HIS F 451 -22.91 33.82 -65.63
N SER F 452 -24.24 33.87 -65.53
CA SER F 452 -24.97 34.98 -64.90
C SER F 452 -26.17 34.51 -64.07
N THR F 453 -25.90 33.55 -63.18
CA THR F 453 -26.90 32.98 -62.26
C THR F 453 -26.71 33.39 -60.79
N ARG F 454 -25.47 33.64 -60.38
CA ARG F 454 -25.11 33.89 -58.99
C ARG F 454 -25.13 35.37 -58.70
N MET F 455 -25.95 35.79 -57.74
CA MET F 455 -25.97 37.17 -57.26
C MET F 455 -25.21 37.26 -55.94
N ASP F 456 -24.28 38.22 -55.86
CA ASP F 456 -23.40 38.39 -54.70
C ASP F 456 -22.86 39.82 -54.73
N ASN F 457 -23.30 40.66 -53.78
CA ASN F 457 -22.82 42.05 -53.68
C ASN F 457 -21.57 42.25 -52.80
N LYS F 458 -20.97 41.14 -52.35
CA LYS F 458 -19.72 41.09 -51.54
C LYS F 458 -19.91 41.27 -50.02
N THR F 459 -21.11 41.63 -49.55
CA THR F 459 -21.39 41.80 -48.11
C THR F 459 -22.66 41.01 -47.72
N TRP F 460 -23.83 41.64 -47.84
CA TRP F 460 -25.08 41.13 -47.23
C TRP F 460 -26.03 40.36 -48.17
N ALA F 461 -25.99 40.69 -49.47
CA ALA F 461 -26.86 40.10 -50.49
C ALA F 461 -26.10 39.00 -51.22
N LYS F 462 -26.57 37.77 -51.08
CA LYS F 462 -26.06 36.63 -51.85
C LYS F 462 -27.18 35.62 -52.08
N SER F 463 -27.40 35.26 -53.34
CA SER F 463 -28.41 34.25 -53.71
C SER F 463 -28.17 33.70 -55.12
N GLY F 464 -28.76 32.52 -55.38
CA GLY F 464 -28.76 31.89 -56.70
C GLY F 464 -27.77 30.76 -56.86
N ARG F 465 -28.01 29.97 -57.92
CA ARG F 465 -27.08 28.92 -58.35
C ARG F 465 -25.76 29.56 -58.74
N GLU F 466 -24.66 28.88 -58.42
CA GLU F 466 -23.30 29.35 -58.76
C GLU F 466 -23.15 29.51 -60.27
N ASP F 467 -22.29 30.44 -60.68
CA ASP F 467 -22.01 30.66 -62.09
C ASP F 467 -21.23 29.48 -62.64
N ALA F 468 -21.53 29.11 -63.90
CA ALA F 468 -20.79 28.13 -64.69
C ALA F 468 -20.01 27.08 -63.89
N PRO F 469 -20.74 26.23 -63.13
CA PRO F 469 -20.09 25.32 -62.18
C PRO F 469 -19.21 24.24 -62.84
N GLU F 470 -19.63 23.77 -64.02
CA GLU F 470 -18.89 22.77 -64.79
C GLU F 470 -17.54 23.35 -65.27
N LEU F 471 -17.58 24.58 -65.78
CA LEU F 471 -16.35 25.29 -66.17
C LEU F 471 -15.44 25.60 -64.99
N ARG F 472 -16.03 26.03 -63.86
CA ARG F 472 -15.27 26.28 -62.61
C ARG F 472 -14.57 25.00 -62.14
N ALA F 473 -15.27 23.87 -62.19
CA ALA F 473 -14.68 22.55 -61.87
C ALA F 473 -13.45 22.19 -62.75
N LYS F 474 -13.56 22.48 -64.05
CA LYS F 474 -12.46 22.30 -65.02
C LYS F 474 -11.27 23.24 -64.79
N MET F 475 -11.54 24.50 -64.42
CA MET F 475 -10.50 25.47 -64.02
C MET F 475 -9.74 25.03 -62.77
N ASP F 476 -10.49 24.53 -61.78
CA ASP F 476 -9.90 23.94 -60.56
C ASP F 476 -9.05 22.71 -60.90
N GLU F 477 -9.59 21.84 -61.76
CA GLU F 477 -8.87 20.66 -62.24
C GLU F 477 -7.57 20.99 -63.01
N LEU F 478 -7.55 22.11 -63.72
CA LEU F 478 -6.33 22.60 -64.36
C LEU F 478 -5.22 22.91 -63.34
N TRP F 479 -5.57 23.66 -62.29
CA TRP F 479 -4.61 24.00 -61.23
C TRP F 479 -4.10 22.76 -60.48
N ASN F 480 -5.02 21.82 -60.22
CA ASN F 480 -4.68 20.54 -59.55
C ASN F 480 -3.76 19.64 -60.38
N LYS F 481 -4.02 19.56 -61.69
CA LYS F 481 -3.15 18.85 -62.63
C LYS F 481 -1.75 19.46 -62.74
N LEU F 482 -1.68 20.79 -62.80
CA LEU F 482 -0.39 21.50 -62.85
C LEU F 482 0.47 21.29 -61.61
N SER F 483 -0.13 21.36 -60.42
CA SER F 483 0.58 21.08 -59.15
C SER F 483 1.00 19.61 -58.99
N SER F 484 0.11 18.71 -59.39
CA SER F 484 0.41 17.26 -59.49
C SER F 484 1.40 16.87 -60.62
N LYS F 485 1.76 17.82 -61.50
CA LYS F 485 2.75 17.66 -62.59
C LYS F 485 2.28 16.67 -63.66
N GLU F 486 0.96 16.61 -63.85
CA GLU F 486 0.35 15.82 -64.89
C GLU F 486 0.43 16.61 -66.19
N ASP F 487 0.25 15.89 -67.30
CA ASP F 487 0.12 16.51 -68.61
C ASP F 487 -1.27 17.16 -68.66
N ALA F 488 -1.29 18.49 -68.76
CA ALA F 488 -2.54 19.28 -68.80
C ALA F 488 -2.98 19.67 -70.23
N SER F 489 -2.34 19.11 -71.26
CA SER F 489 -2.53 19.50 -72.67
C SER F 489 -3.98 19.36 -73.17
N ALA F 490 -4.57 18.21 -72.87
CA ALA F 490 -5.98 17.91 -73.22
C ALA F 490 -6.98 18.86 -72.54
N LEU F 491 -6.76 19.14 -71.25
CA LEU F 491 -7.62 20.06 -70.48
C LEU F 491 -7.48 21.52 -70.93
N ILE F 492 -6.23 21.97 -71.17
CA ILE F 492 -5.93 23.31 -71.73
C ILE F 492 -6.63 23.50 -73.09
N GLU F 493 -6.54 22.49 -73.95
CA GLU F 493 -7.21 22.51 -75.26
C GLU F 493 -8.73 22.55 -75.13
N GLU F 494 -9.26 21.78 -74.17
CA GLU F 494 -10.69 21.82 -73.82
C GLU F 494 -11.15 23.20 -73.34
N LEU F 495 -10.33 23.85 -72.51
CA LEU F 495 -10.60 25.21 -72.00
C LEU F 495 -10.51 26.29 -73.07
N TYR F 496 -9.55 26.19 -73.99
CA TYR F 496 -9.52 27.06 -75.19
C TYR F 496 -10.83 27.01 -75.99
N GLY F 497 -11.35 25.79 -76.18
CA GLY F 497 -12.65 25.54 -76.82
C GLY F 497 -13.84 26.14 -76.09
N GLU F 498 -13.84 26.01 -74.76
CA GLU F 498 -14.82 26.67 -73.88
C GLU F 498 -14.83 28.19 -74.01
N PHE F 499 -13.65 28.80 -73.96
CA PHE F 499 -13.51 30.28 -74.05
C PHE F 499 -13.78 30.85 -75.45
N ALA F 500 -13.44 30.09 -76.48
CA ALA F 500 -13.84 30.40 -77.85
C ALA F 500 -15.37 30.35 -78.02
N ARG F 501 -15.98 29.28 -77.51
CA ARG F 501 -17.44 29.09 -77.52
C ARG F 501 -18.24 30.20 -76.82
N MET F 502 -17.69 30.73 -75.71
CA MET F 502 -18.27 31.89 -75.00
C MET F 502 -18.33 33.13 -75.88
N GLU F 503 -17.23 33.41 -76.56
CA GLU F 503 -17.13 34.54 -77.51
C GLU F 503 -18.04 34.36 -78.75
N GLU F 504 -18.03 33.15 -79.31
CA GLU F 504 -18.88 32.79 -80.47
C GLU F 504 -20.38 32.92 -80.14
N ALA F 505 -20.77 32.33 -79.01
CA ALA F 505 -22.17 32.36 -78.53
C ALA F 505 -22.69 33.76 -78.28
N CYS F 506 -21.87 34.61 -77.65
CA CYS F 506 -22.23 36.00 -77.36
C CYS F 506 -22.33 36.89 -78.60
N ASN F 507 -21.38 36.74 -79.54
CA ASN F 507 -21.43 37.44 -80.83
C ASN F 507 -22.66 37.07 -81.66
N ASN F 508 -23.03 35.79 -81.66
CA ASN F 508 -24.25 35.33 -82.33
C ASN F 508 -25.53 35.88 -81.68
N LEU F 509 -25.53 35.98 -80.36
CA LEU F 509 -26.63 36.61 -79.60
C LEU F 509 -26.76 38.11 -79.88
N LYS F 510 -25.63 38.82 -79.90
CA LYS F 510 -25.57 40.24 -80.33
C LYS F 510 -26.17 40.48 -81.72
N ALA F 511 -25.84 39.59 -82.66
CA ALA F 511 -26.29 39.68 -84.04
C ALA F 511 -27.77 39.34 -84.22
N ASN F 512 -28.24 38.28 -83.55
CA ASN F 512 -29.56 37.65 -83.82
C ASN F 512 -30.64 37.74 -82.74
N LEU F 513 -30.31 38.16 -81.51
CA LEU F 513 -31.35 38.32 -80.47
C LEU F 513 -32.33 39.42 -80.87
N PRO F 514 -33.65 39.23 -80.57
CA PRO F 514 -34.59 40.34 -80.78
C PRO F 514 -34.25 41.54 -79.89
N GLU F 515 -34.57 42.73 -80.36
CA GLU F 515 -34.18 44.00 -79.68
C GLU F 515 -34.74 44.12 -78.24
N VAL F 516 -35.91 43.54 -78.00
CA VAL F 516 -36.55 43.47 -76.67
C VAL F 516 -35.66 42.77 -75.60
N ALA F 517 -35.00 41.69 -75.99
CA ALA F 517 -34.03 40.99 -75.14
C ALA F 517 -32.66 41.68 -75.16
N LEU F 518 -32.19 42.02 -76.36
CA LEU F 518 -30.85 42.59 -76.57
C LEU F 518 -30.60 43.93 -75.87
N GLU F 519 -31.62 44.80 -75.83
CA GLU F 519 -31.52 46.09 -75.14
C GLU F 519 -31.23 45.95 -73.62
N GLU F 520 -31.72 44.86 -73.02
CA GLU F 520 -31.50 44.54 -71.59
C GLU F 520 -30.11 43.95 -71.26
N CYS F 521 -29.51 43.16 -72.17
CA CYS F 521 -28.23 42.43 -71.93
C CYS F 521 -27.00 42.77 -72.80
N SER F 522 -27.07 43.80 -73.64
CA SER F 522 -25.99 44.09 -74.61
C SER F 522 -24.63 44.35 -73.96
N ARG F 523 -24.62 45.08 -72.84
CA ARG F 523 -23.39 45.35 -72.08
C ARG F 523 -22.83 44.11 -71.38
N GLN F 524 -23.71 43.22 -70.93
CA GLN F 524 -23.32 41.96 -70.27
C GLN F 524 -22.77 40.95 -71.27
N LEU F 525 -23.31 40.94 -72.50
CA LEU F 525 -22.75 40.15 -73.60
C LEU F 525 -21.32 40.58 -73.95
N ASP F 526 -21.11 41.89 -74.06
CA ASP F 526 -19.76 42.47 -74.28
C ASP F 526 -18.77 42.17 -73.16
N GLU F 527 -19.27 42.24 -71.93
CA GLU F 527 -18.49 41.89 -70.74
C GLU F 527 -17.96 40.45 -70.80
N LEU F 528 -18.84 39.49 -71.09
CA LEU F 528 -18.45 38.07 -71.18
C LEU F 528 -17.50 37.78 -72.34
N ILE F 529 -17.64 38.52 -73.45
CA ILE F 529 -16.70 38.47 -74.59
C ILE F 529 -15.31 38.94 -74.15
N THR F 530 -15.24 40.08 -73.46
CA THR F 530 -13.98 40.62 -72.92
C THR F 530 -13.30 39.65 -71.95
N LEU F 531 -14.09 39.06 -71.04
CA LEU F 531 -13.60 38.04 -70.09
C LEU F 531 -13.12 36.77 -70.78
N ALA F 532 -13.88 36.28 -71.76
CA ALA F 532 -13.49 35.13 -72.61
C ALA F 532 -12.17 35.35 -73.36
N GLN F 533 -11.97 36.59 -73.85
CA GLN F 533 -10.70 37.00 -74.46
C GLN F 533 -9.56 37.05 -73.45
N GLY F 534 -9.85 37.57 -72.25
CA GLY F 534 -8.92 37.52 -71.12
C GLY F 534 -8.59 36.10 -70.66
N ASP F 535 -9.60 35.22 -70.67
CA ASP F 535 -9.45 33.79 -70.33
C ASP F 535 -8.57 33.02 -71.32
N LYS F 536 -8.72 33.33 -72.60
CA LYS F 536 -7.85 32.80 -73.67
C LYS F 536 -6.39 33.24 -73.46
N ALA F 537 -6.17 34.54 -73.24
CA ALA F 537 -4.84 35.09 -72.93
C ALA F 537 -4.25 34.54 -71.61
N SER F 538 -5.12 34.23 -70.65
CA SER F 538 -4.72 33.52 -69.43
C SER F 538 -4.17 32.11 -69.68
N LEU F 539 -4.78 31.35 -70.60
CA LEU F 539 -4.23 30.06 -71.06
C LEU F 539 -2.92 30.23 -71.81
N ASP F 540 -2.83 31.25 -72.66
CA ASP F 540 -1.57 31.59 -73.37
C ASP F 540 -0.41 31.87 -72.38
N MET F 541 -0.70 32.56 -71.28
CA MET F 541 0.27 32.76 -70.16
C MET F 541 0.78 31.44 -69.56
N ILE F 542 -0.14 30.51 -69.30
CA ILE F 542 0.17 29.17 -68.73
C ILE F 542 1.03 28.36 -69.71
N VAL F 543 0.57 28.29 -70.96
CA VAL F 543 1.27 27.61 -72.07
C VAL F 543 2.67 28.21 -72.31
N ALA F 544 2.78 29.55 -72.26
CA ALA F 544 4.08 30.25 -72.36
C ALA F 544 5.08 29.88 -71.24
N GLN F 545 4.56 29.69 -70.02
CA GLN F 545 5.37 29.22 -68.87
C GLN F 545 5.80 27.75 -69.00
N LEU F 546 4.88 26.89 -69.44
CA LEU F 546 5.18 25.49 -69.79
C LEU F 546 6.26 25.33 -70.89
N ASN F 547 6.21 26.19 -71.91
CA ASN F 547 7.21 26.23 -73.00
C ASN F 547 8.48 27.07 -72.70
N GLU F 548 8.54 27.74 -71.54
CA GLU F 548 9.64 28.61 -71.12
C GLU F 548 9.90 29.78 -72.09
N ASP F 549 8.79 30.37 -72.55
CA ASP F 549 8.78 31.45 -73.54
C ASP F 549 8.42 32.74 -72.77
N THR F 550 9.44 33.56 -72.53
CA THR F 550 9.28 34.85 -71.84
C THR F 550 8.55 35.88 -72.71
N GLU F 551 8.92 35.98 -73.99
CA GLU F 551 8.31 36.90 -74.95
C GLU F 551 6.79 36.66 -75.09
N ALA F 552 6.42 35.38 -75.31
CA ALA F 552 5.02 34.94 -75.38
C ALA F 552 4.24 35.10 -74.08
N TYR F 553 4.90 34.91 -72.93
CA TYR F 553 4.29 35.11 -71.61
C TYR F 553 3.90 36.58 -71.36
N GLU F 554 4.88 37.47 -71.52
CA GLU F 554 4.70 38.92 -71.34
C GLU F 554 3.69 39.55 -72.30
N SER F 555 3.64 39.02 -73.52
CA SER F 555 2.65 39.43 -74.52
C SER F 555 1.22 39.01 -74.11
N ALA F 556 1.07 37.75 -73.70
CA ALA F 556 -0.20 37.23 -73.17
C ALA F 556 -0.63 37.88 -71.83
N LYS F 557 0.35 38.21 -70.98
CA LYS F 557 0.10 38.89 -69.70
C LYS F 557 -0.54 40.27 -69.85
N GLU F 558 0.00 41.10 -70.75
CA GLU F 558 -0.53 42.47 -70.95
C GLU F 558 -1.97 42.44 -71.49
N ILE F 559 -2.27 41.50 -72.40
CA ILE F 559 -3.63 41.32 -72.94
C ILE F 559 -4.59 40.91 -71.82
N ALA F 560 -4.23 39.84 -71.10
CA ALA F 560 -5.00 39.35 -69.94
C ALA F 560 -5.26 40.42 -68.86
N GLN F 561 -4.25 41.26 -68.60
CA GLN F 561 -4.37 42.41 -67.70
C GLN F 561 -5.34 43.47 -68.23
N ASN F 562 -5.21 43.83 -69.52
CA ASN F 562 -6.08 44.84 -70.16
C ASN F 562 -7.55 44.42 -70.22
N LYS F 563 -7.80 43.17 -70.60
CA LYS F 563 -9.16 42.59 -70.63
C LYS F 563 -9.80 42.52 -69.24
N LEU F 564 -9.03 42.13 -68.22
CA LEU F 564 -9.49 42.16 -66.82
C LEU F 564 -9.86 43.57 -66.37
N ASN F 565 -8.96 44.53 -66.60
CA ASN F 565 -9.17 45.95 -66.21
C ASN F 565 -10.41 46.57 -66.85
N THR F 566 -10.64 46.27 -68.13
CA THR F 566 -11.87 46.66 -68.86
C THR F 566 -13.12 46.05 -68.20
N ALA F 567 -13.07 44.75 -67.93
CA ALA F 567 -14.18 44.02 -67.29
C ALA F 567 -14.51 44.57 -65.90
N LEU F 568 -13.48 44.82 -65.09
CA LEU F 568 -13.65 45.42 -63.74
C LEU F 568 -14.17 46.87 -63.78
N SER F 569 -13.63 47.68 -64.70
CA SER F 569 -14.02 49.09 -64.86
C SER F 569 -15.42 49.32 -65.39
N SER F 570 -15.90 48.42 -66.25
CA SER F 570 -17.21 48.59 -66.88
C SER F 570 -18.37 48.35 -65.88
N PHE F 571 -19.53 48.91 -66.23
CA PHE F 571 -20.77 48.80 -65.42
C PHE F 571 -21.25 47.36 -65.33
N ALA F 572 -21.23 46.67 -66.46
CA ALA F 572 -21.63 45.26 -66.55
C ALA F 572 -20.78 44.36 -65.61
N VAL F 573 -21.44 43.38 -65.00
CA VAL F 573 -20.83 42.43 -64.08
C VAL F 573 -21.37 41.06 -64.51
N ILE F 574 -20.46 40.10 -64.66
CA ILE F 574 -20.82 38.72 -64.98
C ILE F 574 -19.68 37.78 -64.59
N SER F 575 -20.03 36.55 -64.21
CA SER F 575 -19.05 35.46 -64.04
C SER F 575 -17.87 35.80 -63.14
N GLU F 576 -18.17 36.42 -61.99
CA GLU F 576 -17.13 36.98 -61.09
C GLU F 576 -16.17 35.92 -60.55
N LYS F 577 -16.75 34.79 -60.13
CA LYS F 577 -15.99 33.68 -59.55
C LYS F 577 -15.50 32.62 -60.56
N VAL F 578 -15.80 32.78 -61.86
CA VAL F 578 -15.42 31.82 -62.91
C VAL F 578 -14.55 32.53 -63.96
N ALA F 579 -15.16 33.26 -64.90
CA ALA F 579 -14.43 33.86 -66.03
C ALA F 579 -13.54 35.00 -65.59
N GLN F 580 -14.02 35.83 -64.68
CA GLN F 580 -13.23 36.95 -64.14
C GLN F 580 -12.11 36.47 -63.20
N SER F 581 -12.50 35.63 -62.24
CA SER F 581 -11.57 35.08 -61.25
C SER F 581 -10.40 34.31 -61.87
N PHE F 582 -10.69 33.53 -62.92
CA PHE F 582 -9.66 32.77 -63.67
C PHE F 582 -8.50 33.61 -64.21
N ILE F 583 -8.81 34.85 -64.63
CA ILE F 583 -7.79 35.78 -65.11
C ILE F 583 -6.87 36.18 -63.95
N GLN F 584 -7.48 36.51 -62.81
CA GLN F 584 -6.74 36.89 -61.58
C GLN F 584 -5.91 35.72 -61.03
N GLU F 585 -6.48 34.51 -61.10
CA GLU F 585 -5.78 33.26 -60.78
C GLU F 585 -4.56 33.03 -61.69
N ALA F 586 -4.77 33.16 -63.00
CA ALA F 586 -3.71 32.99 -63.99
C ALA F 586 -2.60 34.02 -63.90
N LEU F 587 -2.94 35.27 -63.58
CA LEU F 587 -1.95 36.34 -63.35
C LEU F 587 -1.09 36.12 -62.10
N SER F 588 -1.66 35.46 -61.08
CA SER F 588 -0.92 35.07 -59.87
C SER F 588 -0.02 33.84 -60.04
N PHE F 589 -0.31 33.01 -61.06
CA PHE F 589 0.28 31.68 -61.21
C PHE F 589 1.74 31.76 -61.64
N ASP F 590 2.60 31.05 -60.89
CA ASP F 590 4.02 30.91 -61.17
C ASP F 590 4.34 29.41 -61.25
N LEU F 591 4.62 28.94 -62.48
CA LEU F 591 4.98 27.53 -62.72
C LEU F 591 6.32 27.12 -62.08
N THR F 592 7.26 28.06 -61.92
CA THR F 592 8.57 27.78 -61.29
C THR F 592 8.47 27.39 -59.80
N LEU F 593 7.37 27.79 -59.14
CA LEU F 593 7.01 27.33 -57.78
C LEU F 593 6.22 25.99 -57.77
N ILE F 594 6.33 25.18 -58.83
CA ILE F 594 5.88 23.77 -58.83
C ILE F 594 7.10 22.90 -59.16
C2 X1A G . -13.61 39.66 31.14
C3 X1A G . -14.99 40.15 31.41
C5 X1A G . -11.24 40.04 31.28
C7 X1A G . -9.05 40.22 31.01
C8 X1A G . -9.16 38.96 30.59
N10 X1A G . -7.35 37.39 31.31
C11 X1A G . -7.70 36.14 32.03
C12 X1A G . -7.05 36.82 33.26
C16 X1A G . -5.59 36.76 33.72
C17 X1A G . -4.53 38.61 35.22
C18 X1A G . -3.28 38.58 34.60
C19 X1A G . -2.29 39.46 35.07
C24 X1A G . -5.36 40.77 37.96
C27 X1A G . -7.42 38.10 32.59
O1 X1A G . -13.48 38.58 30.58
N4 X1A G . -12.55 40.42 31.52
N6 X1A G . -10.19 40.78 31.38
C9 X1A G . -8.11 37.96 30.17
C13 X1A G . -7.70 36.63 34.62
C14 X1A G . -6.92 37.75 35.37
N15 X1A G . -5.56 37.77 34.80
C20 X1A G . -0.94 39.45 34.41
N21 X1A G . -2.49 40.30 36.06
C22 X1A G . -3.67 40.34 36.68
N23 X1A G . -4.11 41.08 37.69
N25 X1A G . -5.76 39.83 37.13
N26 X1A G . -4.69 39.51 36.27
S28 X1A G . -10.82 38.50 30.67
H3 X1A G . -15.14 41.11 30.92
H2 X1A G . -15.14 40.26 32.47
H1 X1A G . -15.72 39.44 31.01
H5 X1A G . -8.10 40.73 31.09
H8 X1A G . -7.17 35.26 31.70
H9 X1A G . -8.78 35.98 32.14
H14 X1A G . -4.93 37.02 32.91
H15 X1A G . -5.34 35.77 34.09
H16 X1A G . -3.04 37.93 33.78
H20 X1A G . -5.98 41.22 38.74
H21 X1A G . -8.36 38.46 32.97
H22 X1A G . -6.65 38.83 32.65
H4 X1A G . -12.71 41.27 31.95
H6 X1A G . -7.43 38.45 29.48
H7 X1A G . -8.60 37.15 29.64
H10 X1A G . -7.54 35.63 35.00
H11 X1A G . -8.76 36.82 34.57
H13 X1A G . -6.88 37.51 36.42
H12 X1A G . -7.42 38.72 35.25
H18 X1A G . -0.55 38.43 34.37
H17 X1A G . -0.25 40.07 34.99
H19 X1A G . -1.03 39.85 33.40
CA CA H . -23.79 57.47 -1.72
S SO4 I . -15.64 25.64 32.91
O1 SO4 I . -16.27 24.75 31.91
O2 SO4 I . -14.82 26.68 32.22
O3 SO4 I . -16.68 26.30 33.75
O4 SO4 I . -14.78 24.82 33.80
S SO4 J . 14.24 31.53 28.44
O1 SO4 J . 14.72 30.44 27.57
O2 SO4 J . 13.41 32.50 27.68
O3 SO4 J . 15.40 32.26 29.03
O4 SO4 J . 13.49 30.93 29.56
S SO4 K . -33.85 52.13 27.15
O1 SO4 K . -33.88 52.84 25.85
O2 SO4 K . -34.73 52.80 28.13
O3 SO4 K . -34.29 50.73 26.99
O4 SO4 K . -32.46 52.19 27.65
S SO4 L . -32.62 42.74 22.33
O1 SO4 L . -33.30 42.54 21.02
O2 SO4 L . -32.29 44.19 22.49
O3 SO4 L . -33.50 42.33 23.44
O4 SO4 L . -31.38 41.96 22.35
S SO4 M . -24.17 24.88 39.40
O1 SO4 M . -25.03 25.52 38.37
O2 SO4 M . -22.78 25.37 39.28
O3 SO4 M . -24.68 25.20 40.75
O4 SO4 M . -24.20 23.41 39.22
S SO4 N . 3.59 56.83 17.54
O1 SO4 N . 2.89 57.67 16.55
O2 SO4 N . 4.86 57.47 17.94
O3 SO4 N . 2.75 56.67 18.76
O4 SO4 N . 3.86 55.50 16.94
C2 X1A O . -1.87 -13.26 27.14
C3 X1A O . -2.35 -14.21 26.08
C5 X1A O . -0.24 -12.78 28.86
C7 X1A O . 1.01 -12.29 30.62
C8 X1A O . 0.30 -11.15 30.58
N10 X1A O . 1.53 -9.06 31.05
C11 X1A O . 1.45 -8.00 30.01
C12 X1A O . 2.96 -8.24 29.82
C16 X1A O . 4.11 -7.59 30.60
C17 X1A O . 6.44 -8.74 30.75
C18 X1A O . 6.73 -8.32 32.05
C19 X1A O . 7.90 -8.77 32.64
C24 X1A O . 8.55 -10.89 28.78
C27 X1A O . 2.65 -9.63 30.29
O1 X1A O . -2.53 -12.26 27.30
N4 X1A O . -0.75 -13.56 27.83
N6 X1A O . 0.71 -13.15 29.67
C9 X1A O . 0.38 -9.92 31.42
C13 X1A O . 3.53 -8.10 28.43
C14 X1A O . 4.93 -8.69 28.69
N15 X1A O . 5.28 -8.34 30.09
C20 X1A O . 8.19 -8.30 34.03
N21 X1A O . 8.76 -9.56 32.03
C22 X1A O . 8.52 -9.98 30.78
N23 X1A O . 9.19 -10.77 29.94
N25 X1A O . 7.44 -10.19 28.86
N26 X1A O . 7.35 -9.57 30.13
S28 X1A O . -0.82 -11.23 29.27
H3 X1A O . -2.40 -15.22 26.50
H2 X1A O . -1.66 -14.18 25.26
H1 X1A O . -3.34 -13.91 25.73
H5 X1A O . 1.79 -12.47 31.34
H8 X1A O . 1.21 -7.01 30.40
H9 X1A O . 0.84 -8.28 29.14
H14 X1A O . 3.98 -7.75 31.66
H15 X1A O . 4.18 -6.53 30.38
H16 X1A O . 6.07 -7.67 32.61
H20 X1A O . 8.87 -11.47 27.93
H21 X1A O . 2.48 -10.29 29.43
H22 X1A O . 3.40 -9.99 30.96
H4 X1A O . -0.29 -14.39 27.64
H6 X1A O . 0.42 -10.21 32.48
H7 X1A O . -0.53 -9.35 31.28
H10 X1A O . 3.54 -7.06 28.11
H11 X1A O . 3.03 -8.71 27.70
H13 X1A O . 5.67 -8.27 28.01
H12 X1A O . 4.88 -9.76 28.56
H18 X1A O . 8.19 -7.20 34.06
H17 X1A O . 9.17 -8.66 34.35
H19 X1A O . 7.41 -8.67 34.70
CL CL P . -19.27 -22.65 20.18
CL CL Q . -2.04 -11.03 61.01
S SO4 R . 6.18 -21.53 48.33
O1 SO4 R . 5.04 -22.32 47.79
O2 SO4 R . 6.62 -20.53 47.32
O3 SO4 R . 5.74 -20.85 49.57
O4 SO4 R . 7.31 -22.44 48.64
S SO4 S . -5.95 -1.73 11.43
O1 SO4 S . -6.60 -0.44 11.76
O2 SO4 S . -5.88 -1.86 9.95
O3 SO4 S . -6.74 -2.82 12.03
O4 SO4 S . -4.56 -1.76 11.95
S SO4 T . -19.23 -0.65 19.69
O1 SO4 T . -20.35 -0.01 18.96
O2 SO4 T . -18.03 -0.60 18.83
O3 SO4 T . -19.60 -2.05 20.04
O4 SO4 T . -18.95 0.09 20.95
S SO4 U . -13.78 -31.32 17.09
O1 SO4 U . -13.22 -31.68 15.77
O2 SO4 U . -13.88 -29.86 17.17
O3 SO4 U . -15.13 -31.90 17.26
O4 SO4 U . -12.91 -31.83 18.18
S SO4 V . 11.13 -28.06 13.49
O1 SO4 V . 11.19 -27.70 12.06
O2 SO4 V . 9.94 -27.39 14.07
O3 SO4 V . 12.34 -27.63 14.22
O4 SO4 V . 11.02 -29.53 13.62
C2 X1A W . 15.97 -59.67 33.61
C3 X1A W . 14.50 -59.74 33.87
C5 X1A W . 18.15 -60.69 33.81
C7 X1A W . 20.27 -61.31 33.97
C8 X1A W . 20.50 -60.15 33.37
N10 X1A W . 22.27 -60.11 31.61
C11 X1A W . 21.99 -59.50 30.29
C12 X1A W . 22.09 -60.95 29.74
C16 X1A W . 23.38 -61.67 29.30
C17 X1A W . 23.59 -64.26 29.29
C18 X1A W . 24.94 -64.29 29.68
C19 X1A W . 25.57 -65.53 29.88
C24 X1A W . 21.62 -67.20 28.76
C27 X1A W . 21.62 -61.35 31.11
O1 X1A W . 16.39 -58.67 33.06
N4 X1A W . 16.77 -60.71 33.97
N6 X1A W . 19.00 -61.59 34.19
C9 X1A W . 21.79 -59.53 32.89
C13 X1A W . 21.21 -61.37 28.58
C14 X1A W . 21.49 -62.91 28.67
N15 X1A W . 22.91 -63.06 29.08
C20 X1A W . 27.02 -65.54 30.30
N21 X1A W . 24.93 -66.69 29.73
C22 X1A W . 23.64 -66.68 29.35
N23 X1A W . 22.80 -67.68 29.12
N25 X1A W . 21.67 -65.89 28.76
N26 X1A W . 22.98 -65.49 29.13
S28 X1A W . 18.97 -59.39 33.08
H3 X1A W . 14.33 -60.09 34.89
H2 X1A W . 14.05 -60.43 33.17
H1 X1A W . 14.05 -58.75 33.74
H5 X1A W . 21.07 -62.00 34.23
H8 X1A W . 22.78 -58.84 29.93
H9 X1A W . 21.00 -59.06 30.19
H14 X1A W . 24.11 -61.63 30.10
H15 X1A W . 23.78 -61.25 28.39
H16 X1A W . 25.52 -63.40 29.83
H20 X1A W . 20.75 -67.79 28.53
H21 X1A W . 20.55 -61.43 31.14
H22 X1A W . 22.10 -62.22 31.48
H4 X1A W . 16.37 -61.47 34.42
H6 X1A W . 22.55 -59.67 33.66
H7 X1A W . 21.64 -58.47 32.75
H10 X1A W . 21.54 -60.91 27.65
H11 X1A W . 20.17 -61.14 28.74
H13 X1A W . 21.33 -63.38 27.72
H12 X1A W . 20.83 -63.36 29.40
H18 X1A W . 27.62 -65.04 29.55
H17 X1A W . 27.36 -66.56 30.42
H19 X1A W . 27.12 -65.01 31.26
CL CL X . -0.25 -50.03 43.22
S SO4 Y . 9.69 -38.50 27.99
O1 SO4 Y . 8.86 -37.28 28.11
O2 SO4 Y . 9.72 -38.96 26.58
O3 SO4 Y . 9.09 -39.54 28.83
O4 SO4 Y . 11.07 -38.25 28.47
S SO4 Z . 9.36 -50.04 64.26
O1 SO4 Z . 10.23 -49.89 63.07
O2 SO4 Z . 7.94 -49.99 63.84
O3 SO4 Z . 9.61 -48.95 65.23
O4 SO4 Z . 9.67 -51.35 64.86
S SO4 AA . -4.57 -59.17 46.02
O1 SO4 AA . -4.01 -58.43 44.88
O2 SO4 AA . -5.80 -59.86 45.56
O3 SO4 AA . -4.86 -58.24 47.13
O4 SO4 AA . -3.59 -60.16 46.50
S SO4 BA . 38.27 -64.47 33.83
O1 SO4 BA . 37.88 -64.61 32.42
O2 SO4 BA . 37.69 -63.21 34.34
O3 SO4 BA . 37.78 -65.62 34.63
O4 SO4 BA . 39.75 -64.44 33.96
S SO4 CA . 2.34 -79.49 31.82
O1 SO4 CA . 1.42 -79.86 30.73
O2 SO4 CA . 2.51 -78.02 31.86
O3 SO4 CA . 1.77 -79.95 33.11
O4 SO4 CA . 3.65 -80.13 31.60
S SO4 DA . 2.13 -61.07 19.52
O1 SO4 DA . 1.47 -61.72 18.36
O2 SO4 DA . 3.15 -60.10 19.06
O3 SO4 DA . 1.07 -60.37 20.31
O4 SO4 DA . 2.78 -62.12 20.35
S SO4 EA . 44.86 -55.16 51.69
O1 SO4 EA . 45.58 -55.26 50.40
O2 SO4 EA . 43.39 -55.26 51.47
O3 SO4 EA . 45.14 -53.85 52.32
O4 SO4 EA . 45.30 -56.28 52.56
C2 X1A FA . 39.66 -23.48 0.76
C3 X1A FA . 39.75 -22.01 1.03
C5 X1A FA . 40.63 -25.43 -0.32
C7 X1A FA . 41.21 -27.30 -1.38
C8 X1A FA . 40.23 -27.83 -0.64
N10 X1A FA . 40.64 -30.10 0.30
C11 X1A FA . 40.55 -30.28 1.78
C12 X1A FA . 42.09 -30.47 1.74
C16 X1A FA . 42.87 -31.77 1.54
C17 X1A FA . 45.31 -31.82 0.62
C18 X1A FA . 45.16 -32.98 -0.17
C19 X1A FA . 46.25 -33.43 -0.92
C24 X1A FA . 48.36 -29.93 0.81
C27 X1A FA . 42.02 -29.63 0.51
O1 X1A FA . 38.70 -24.05 1.24
N4 X1A FA . 40.63 -24.08 0.02
N6 X1A FA . 41.41 -26.00 -1.18
C9 X1A FA . 39.74 -29.25 -0.52
C13 X1A FA . 42.93 -29.90 2.87
C14 X1A FA . 44.32 -30.05 2.21
N15 X1A FA . 44.27 -31.29 1.39
C20 X1A FA . 46.08 -34.68 -1.75
N21 X1A FA . 47.42 -32.81 -0.93
C22 X1A FA . 47.60 -31.71 -0.19
N23 X1A FA . 48.66 -30.93 -0.02
N25 X1A FA . 47.11 -30.07 1.20
N26 X1A FA . 46.56 -31.22 0.58
S28 X1A FA . 39.55 -26.56 0.33
H3 X1A FA . 39.85 -21.49 0.08
H2 X1A FA . 40.63 -21.82 1.65
H1 X1A FA . 38.86 -21.66 1.55
H5 X1A FA . 41.81 -27.88 -2.06
H8 X1A FA . 40.01 -31.19 2.08
H9 X1A FA . 40.23 -29.39 2.31
H14 X1A FA . 42.52 -32.29 0.65
H15 X1A FA . 42.80 -32.41 2.41
H16 X1A FA . 44.24 -33.53 -0.21
H20 X1A FA . 49.03 -29.15 1.12
H21 X1A FA . 42.22 -28.60 0.78
H22 X1A FA . 42.67 -29.98 -0.27
H4 X1A FA . 41.35 -23.54 -0.33
H6 X1A FA . 39.64 -29.68 -1.52
H7 X1A FA . 38.75 -29.24 -0.05
H10 X1A FA . 42.82 -30.49 3.78
H11 X1A FA . 42.69 -28.87 3.07
H13 X1A FA . 45.08 -30.13 2.98
H12 X1A FA . 44.54 -29.18 1.58
H18 X1A FA . 45.83 -35.51 -1.11
H17 X1A FA . 47.02 -34.90 -2.28
H19 X1A FA . 45.29 -34.52 -2.48
CA CA GA . 16.85 -8.46 -26.77
CL CL HA . 21.62 -21.06 13.75
S SO4 IA . 37.02 -20.46 20.43
O1 SO4 IA . 36.74 -19.99 19.05
O2 SO4 IA . 36.08 -19.78 21.36
O3 SO4 IA . 36.82 -21.92 20.50
O4 SO4 IA . 38.42 -20.14 20.81
S SO4 JA . 35.40 -0.30 -3.39
O1 SO4 JA . 34.35 0.71 -3.11
O2 SO4 JA . 35.26 -0.78 -4.78
O3 SO4 JA . 36.73 0.32 -3.22
O4 SO4 JA . 35.25 -1.40 -2.43
S SO4 KA . 11.45 -12.15 -35.19
O1 SO4 KA . 11.50 -13.35 -36.06
O2 SO4 KA . 11.47 -10.91 -36.00
O3 SO4 KA . 10.20 -12.18 -34.38
O4 SO4 KA . 12.64 -12.15 -34.32
S SO4 LA . 41.47 -31.42 -25.87
O1 SO4 LA . 40.46 -30.57 -26.56
O2 SO4 LA . 42.44 -31.87 -26.89
O3 SO4 LA . 40.78 -32.59 -25.29
O4 SO4 LA . 42.19 -30.66 -24.82
S SO4 MA . 59.00 -9.33 0.78
O1 SO4 MA . 57.59 -9.79 0.87
O2 SO4 MA . 59.02 -7.99 0.15
O3 SO4 MA . 59.54 -9.28 2.15
O4 SO4 MA . 59.81 -10.26 -0.03
S SO4 NA . 27.69 -6.23 0.51
O1 SO4 NA . 26.27 -6.23 0.11
O2 SO4 NA . 28.51 -5.52 -0.51
O3 SO4 NA . 27.88 -5.55 1.81
O4 SO4 NA . 28.17 -7.62 0.60
S SO4 OA . 45.87 -14.73 17.32
O1 SO4 OA . 46.20 -15.20 15.96
O2 SO4 OA . 44.79 -13.71 17.28
O3 SO4 OA . 45.39 -15.87 18.14
O4 SO4 OA . 47.09 -14.14 17.91
S SO4 PA . 42.41 -52.02 -5.03
O1 SO4 PA . 43.17 -52.21 -6.29
O2 SO4 PA . 41.21 -51.19 -5.30
O3 SO4 PA . 43.29 -51.34 -4.05
O4 SO4 PA . 42.00 -53.32 -4.48
C2 X1A QA . 7.41 16.44 -51.56
C3 X1A QA . 7.49 14.99 -51.89
C5 X1A QA . 8.50 18.62 -51.54
C7 X1A QA . 9.32 20.66 -51.17
C8 X1A QA . 8.06 20.94 -50.81
N10 X1A QA . 7.15 23.18 -51.48
C11 X1A QA . 5.89 23.21 -52.27
C12 X1A QA . 6.76 23.65 -53.47
C16 X1A QA . 7.07 25.09 -53.87
C17 X1A QA . 9.24 25.67 -55.22
C18 X1A QA . 9.52 26.86 -54.51
C19 X1A QA . 10.66 27.59 -54.84
C24 X1A QA . 11.29 24.40 -57.87
C27 X1A QA . 7.90 23.02 -52.74
O1 X1A QA . 6.38 16.83 -51.04
N4 X1A QA . 8.47 17.26 -51.85
N6 X1A QA . 9.53 19.40 -51.57
C9 X1A QA . 7.41 22.23 -50.37
C13 X1A QA . 6.48 23.08 -54.86
C14 X1A QA . 7.77 23.60 -55.56
N15 X1A QA . 8.12 24.89 -54.91
C20 X1A QA . 10.95 28.86 -54.08
N21 X1A QA . 11.47 27.21 -55.80
C22 X1A QA . 11.24 26.09 -56.50
N23 X1A QA . 11.91 25.51 -57.49
N25 X1A QA . 10.22 24.24 -57.13
N26 X1A QA . 10.13 25.31 -56.21
S28 X1A QA . 7.13 19.48 -51.00
H3 X1A QA . 8.35 14.54 -51.39
H2 X1A QA . 7.58 14.86 -52.96
H1 X1A QA . 6.58 14.47 -51.55
H5 X1A QA . 10.10 21.40 -51.17
H8 X1A QA . 5.18 23.97 -51.95
H9 X1A QA . 5.44 22.23 -52.40
H14 X1A QA . 7.42 25.65 -53.03
H15 X1A QA . 6.19 25.57 -54.31
H16 X1A QA . 8.89 27.22 -53.72
H20 X1A QA . 11.61 23.73 -58.65
H21 X1A QA . 8.07 22.02 -53.15
H22 X1A QA . 8.77 23.63 -52.76
H4 X1A QA . 9.26 16.87 -52.24
H6 X1A QA . 8.04 22.69 -49.63
H7 X1A QA . 6.46 21.98 -49.90
H10 X1A QA . 5.58 23.49 -55.29
H11 X1A QA . 6.47 22.01 -54.86
H13 X1A QA . 7.58 23.76 -56.60
H12 X1A QA . 8.58 22.88 -55.44
H18 X1A QA . 10.12 29.56 -54.19
H17 X1A QA . 11.87 29.32 -54.47
H19 X1A QA . 11.09 28.63 -53.02
CA CA RA . 19.92 0.34 -18.70
S SO4 SA . -9.08 11.39 -61.27
O1 SO4 SA . -8.97 11.28 -62.75
O2 SO4 SA . -10.35 12.05 -60.89
O3 SO4 SA . -7.94 12.17 -60.74
O4 SO4 SA . -9.09 10.02 -60.68
S SO4 TA . 12.34 -7.36 -48.48
O1 SO4 TA . 12.24 -7.65 -49.93
O2 SO4 TA . 12.65 -5.93 -48.28
O3 SO4 TA . 11.06 -7.70 -47.82
O4 SO4 TA . 13.44 -8.14 -47.89
S SO4 UA . -0.78 6.96 -66.98
O1 SO4 UA . -0.51 6.73 -68.41
O2 SO4 UA . -1.53 8.22 -66.77
O3 SO4 UA . -1.58 5.83 -66.45
O4 SO4 UA . 0.52 7.04 -66.27
S SO4 VA . 4.10 -2.79 -43.40
O1 SO4 VA . 2.75 -3.05 -43.95
O2 SO4 VA . 4.58 -1.44 -43.79
O3 SO4 VA . 4.03 -2.91 -41.93
O4 SO4 VA . 5.03 -3.80 -43.93
C2 X1A WA . -39.51 43.17 -49.51
C3 X1A WA . -40.50 42.96 -48.43
C5 X1A WA . -38.48 44.63 -51.13
C7 X1A WA . -37.53 45.58 -52.91
C8 X1A WA . -36.65 44.58 -52.78
N10 X1A WA . -34.28 45.20 -53.20
C11 X1A WA . -33.19 44.82 -52.26
C12 X1A WA . -33.09 46.34 -51.98
C16 X1A WA . -32.24 47.33 -52.76
C17 X1A WA . -32.55 49.91 -52.81
C18 X1A WA . -32.07 50.09 -54.11
C19 X1A WA . -32.06 51.39 -54.66
C24 X1A WA . -33.81 52.58 -50.78
C27 X1A WA . -34.55 46.36 -52.32
O1 X1A WA . -38.85 42.20 -49.83
N4 X1A WA . -39.38 44.39 -50.11
N6 X1A WA . -38.51 45.59 -52.00
C9 X1A WA . -35.39 44.27 -53.55
C13 X1A WA . -32.73 46.81 -50.58
C14 X1A WA . -32.99 48.34 -50.79
N15 X1A WA . -32.59 48.66 -52.18
C20 X1A WA . -31.54 51.61 -56.06
N21 X1A WA . -32.51 52.44 -54.00
C22 X1A WA . -32.97 52.30 -52.76
N23 X1A WA . -33.46 53.19 -51.91
N25 X1A WA . -33.56 51.30 -50.89
N26 X1A WA . -33.00 51.06 -52.16
S28 X1A WA . -37.13 43.64 -51.41
H3 X1A WA . -41.49 43.19 -48.84
H2 X1A WA . -40.29 43.64 -47.62
H1 X1A WA . -40.48 41.93 -48.08
H5 X1A WA . -37.44 46.34 -53.67
H8 X1A WA . -32.31 44.41 -52.76
H9 X1A WA . -33.52 44.23 -51.41
H14 X1A WA . -32.49 47.29 -53.82
H15 X1A WA . -31.17 47.15 -52.61
H16 X1A WA . -31.69 49.28 -54.70
H20 X1A WA . -34.23 53.07 -49.92
H21 X1A WA . -35.15 46.21 -51.42
H22 X1A WA . -34.83 47.22 -52.87
H4 X1A WA . -39.95 45.11 -49.81
H6 X1A WA . -35.60 44.35 -54.62
H7 X1A WA . -35.08 43.26 -53.32
H10 X1A WA . -31.70 46.57 -50.35
H11 X1A WA . -33.38 46.41 -49.82
H13 X1A WA . -32.41 48.92 -50.09
H12 X1A WA . -34.04 48.57 -50.64
H18 X1A WA . -30.51 51.28 -56.11
H17 X1A WA . -31.61 52.66 -56.32
H19 X1A WA . -32.14 51.03 -56.76
CL CL XA . -60.69 37.04 -40.40
S SO4 YA . -30.35 35.63 -33.85
O1 SO4 YA . -30.01 36.56 -32.76
O2 SO4 YA . -30.96 36.40 -34.97
O3 SO4 YA . -31.32 34.61 -33.37
O4 SO4 YA . -29.12 34.96 -34.33
S SO4 ZA . -36.51 43.71 -30.01
O1 SO4 ZA . -36.18 44.75 -29.01
O2 SO4 ZA . -36.93 44.36 -31.27
O3 SO4 ZA . -37.61 42.87 -29.49
O4 SO4 ZA . -35.31 42.86 -30.28
S SO4 AB . -50.16 59.74 -36.02
O1 SO4 AB . -51.64 59.83 -35.96
O2 SO4 AB . -49.66 60.84 -36.88
O3 SO4 AB . -49.77 58.43 -36.58
O4 SO4 AB . -49.60 59.84 -34.67
S SO4 BB . -54.22 29.50 -42.75
O1 SO4 BB . -52.91 29.44 -43.42
O2 SO4 BB . -54.91 30.75 -43.12
O3 SO4 BB . -54.00 29.46 -41.28
O4 SO4 BB . -55.02 28.33 -43.19
S SO4 CB . -19.63 51.09 -69.09
O1 SO4 CB . -20.85 50.27 -69.33
O2 SO4 CB . -19.75 52.35 -69.85
O3 SO4 CB . -19.51 51.42 -67.64
O4 SO4 CB . -18.44 50.34 -69.53
#